data_2LOX
#
_entry.id   2LOX
#
loop_
_entity.id
_entity.type
_entity.pdbx_description
1 polymer 'RNA polymerase II transcription factor B subunit 1'
2 polymer 'DNA repair protein RAD2'
#
loop_
_entity_poly.entity_id
_entity_poly.type
_entity_poly.pdbx_seq_one_letter_code
_entity_poly.pdbx_strand_id
1 'polypeptide(L)'
;PSHSGAAIFEKVSGIIAINEDVSPAELTWRSTDGDKVHTVVLSTIDKLQATPASSEKMMLRLIGKVDESKKRKDNEGNEV
VPKPQRHMFSFNNRTVMDNIKMTLQQIISRYKDADGNSS
;
A
2 'polypeptide(L)' GSEILERESEKESSNDENKDDDLEVLSEELFEDVPTKSQISKEAEDNDSRKY B
#
# COMPACT_ATOMS: atom_id res chain seq x y z
N PRO A 1 -1.90 -12.95 12.92
CA PRO A 1 -2.07 -13.38 11.50
C PRO A 1 -2.61 -12.26 10.62
N SER A 2 -3.69 -11.66 11.08
CA SER A 2 -4.33 -10.56 10.35
C SER A 2 -3.37 -9.39 10.19
N HIS A 3 -2.49 -9.21 11.17
CA HIS A 3 -1.52 -8.12 11.13
C HIS A 3 -0.20 -8.57 10.50
N SER A 4 -0.29 -9.55 9.60
CA SER A 4 0.89 -10.06 8.91
C SER A 4 0.52 -10.81 7.64
N GLY A 5 1.43 -10.81 6.68
CA GLY A 5 1.22 -11.48 5.42
C GLY A 5 2.36 -11.19 4.47
N ALA A 6 2.80 -12.22 3.76
CA ALA A 6 3.92 -12.06 2.82
C ALA A 6 3.47 -11.45 1.49
N ALA A 7 4.37 -10.65 0.91
CA ALA A 7 4.09 -9.97 -0.35
C ALA A 7 5.38 -9.70 -1.14
N ILE A 8 5.23 -9.25 -2.38
CA ILE A 8 6.39 -8.96 -3.24
C ILE A 8 6.65 -7.46 -3.35
N PHE A 9 7.85 -7.03 -2.96
CA PHE A 9 8.21 -5.62 -3.04
C PHE A 9 9.44 -5.42 -3.93
N GLU A 10 9.21 -4.88 -5.12
CA GLU A 10 10.27 -4.60 -6.08
C GLU A 10 10.89 -5.89 -6.62
N LYS A 11 10.05 -6.81 -7.07
CA LYS A 11 10.50 -8.08 -7.62
C LYS A 11 11.05 -9.03 -6.55
N VAL A 12 11.12 -8.56 -5.31
CA VAL A 12 11.62 -9.38 -4.23
C VAL A 12 10.48 -9.94 -3.41
N SER A 13 10.70 -11.11 -2.84
CA SER A 13 9.68 -11.75 -2.03
C SER A 13 10.03 -11.68 -0.55
N GLY A 14 9.21 -10.96 0.21
CA GLY A 14 9.44 -10.83 1.62
C GLY A 14 8.18 -11.02 2.42
N ILE A 15 8.14 -10.46 3.62
CA ILE A 15 6.99 -10.58 4.49
C ILE A 15 6.44 -9.21 4.87
N ILE A 16 5.14 -9.05 4.74
CA ILE A 16 4.49 -7.81 5.13
C ILE A 16 3.84 -8.02 6.48
N ALA A 17 4.34 -7.33 7.48
CA ALA A 17 3.81 -7.48 8.82
C ALA A 17 3.32 -6.14 9.35
N ILE A 18 2.02 -6.07 9.58
CA ILE A 18 1.37 -4.87 10.07
C ILE A 18 1.50 -4.71 11.57
N ASN A 19 1.67 -3.46 12.00
CA ASN A 19 1.79 -3.14 13.42
C ASN A 19 0.64 -2.23 13.85
N GLU A 20 -0.42 -2.84 14.34
CA GLU A 20 -1.60 -2.09 14.78
C GLU A 20 -1.41 -1.55 16.20
N ASP A 21 -0.26 -1.86 16.80
CA ASP A 21 0.03 -1.40 18.16
C ASP A 21 0.56 0.02 18.18
N VAL A 22 0.65 0.64 17.00
CA VAL A 22 1.16 2.00 16.89
C VAL A 22 0.01 3.00 16.73
N SER A 23 0.33 4.20 16.28
CA SER A 23 -0.66 5.24 16.07
C SER A 23 0.00 6.49 15.50
N PRO A 24 -0.12 6.72 14.18
CA PRO A 24 -0.86 5.83 13.27
C PRO A 24 -0.21 4.46 13.13
N ALA A 25 -0.98 3.48 12.65
CA ALA A 25 -0.48 2.13 12.45
C ALA A 25 0.75 2.13 11.57
N GLU A 26 1.21 0.95 11.18
CA GLU A 26 2.38 0.86 10.33
C GLU A 26 2.52 -0.51 9.67
N LEU A 27 2.95 -0.49 8.42
CA LEU A 27 3.17 -1.70 7.63
C LEU A 27 4.67 -1.93 7.47
N THR A 28 5.10 -3.17 7.38
CA THR A 28 6.54 -3.45 7.25
C THR A 28 6.81 -4.68 6.39
N TRP A 29 7.25 -4.44 5.16
CA TRP A 29 7.60 -5.51 4.25
C TRP A 29 9.07 -5.84 4.37
N ARG A 30 9.38 -7.01 4.92
CA ARG A 30 10.76 -7.44 5.09
C ARG A 30 11.10 -8.58 4.14
N SER A 31 12.20 -8.47 3.43
CA SER A 31 12.62 -9.50 2.49
C SER A 31 12.59 -10.87 3.16
N THR A 32 12.45 -11.93 2.36
CA THR A 32 12.41 -13.27 2.88
C THR A 32 13.80 -13.71 3.31
N ASP A 33 14.79 -13.23 2.57
CA ASP A 33 16.18 -13.55 2.87
C ASP A 33 16.77 -12.56 3.87
N GLY A 34 16.09 -11.43 4.06
CA GLY A 34 16.57 -10.43 4.99
C GLY A 34 17.53 -9.45 4.35
N ASP A 35 17.31 -9.17 3.07
CA ASP A 35 18.18 -8.24 2.34
C ASP A 35 17.72 -6.80 2.51
N LYS A 36 16.45 -6.61 2.80
CA LYS A 36 15.90 -5.27 2.99
C LYS A 36 14.45 -5.31 3.41
N VAL A 37 13.97 -4.18 3.91
CA VAL A 37 12.60 -4.07 4.37
C VAL A 37 12.04 -2.67 4.10
N HIS A 38 10.74 -2.60 3.85
CA HIS A 38 10.09 -1.32 3.58
C HIS A 38 8.95 -1.08 4.56
N THR A 39 9.05 0.02 5.31
CA THR A 39 8.03 0.36 6.29
C THR A 39 7.02 1.35 5.71
N VAL A 40 5.76 1.21 6.11
CA VAL A 40 4.69 2.08 5.62
C VAL A 40 3.89 2.68 6.77
N VAL A 41 3.56 3.96 6.62
CA VAL A 41 2.75 4.65 7.61
C VAL A 41 1.34 4.80 7.07
N LEU A 42 0.47 3.84 7.43
CA LEU A 42 -0.92 3.83 6.96
C LEU A 42 -1.54 5.24 7.00
N SER A 43 -0.98 6.11 7.83
CA SER A 43 -1.48 7.48 7.94
C SER A 43 -0.99 8.29 6.75
N THR A 44 0.31 8.20 6.49
CA THR A 44 0.90 8.90 5.36
C THR A 44 0.33 8.33 4.07
N ILE A 45 -0.05 7.05 4.11
CA ILE A 45 -0.62 6.41 2.95
C ILE A 45 -1.85 7.16 2.45
N ASP A 46 -1.69 7.88 1.34
CA ASP A 46 -2.79 8.66 0.76
C ASP A 46 -4.04 7.79 0.59
N LYS A 47 -3.85 6.51 0.34
CA LYS A 47 -4.95 5.59 0.15
C LYS A 47 -4.45 4.16 0.05
N LEU A 48 -5.36 3.20 0.15
CA LEU A 48 -5.02 1.79 0.08
C LEU A 48 -5.50 1.17 -1.23
N GLN A 49 -4.57 0.61 -2.00
CA GLN A 49 -4.91 -0.03 -3.27
C GLN A 49 -4.72 -1.53 -3.17
N ALA A 50 -5.65 -2.28 -3.73
CA ALA A 50 -5.57 -3.73 -3.69
C ALA A 50 -6.37 -4.37 -4.82
N THR A 51 -5.82 -5.43 -5.42
CA THR A 51 -6.51 -6.10 -6.52
C THR A 51 -7.96 -6.43 -6.15
N PRO A 52 -8.89 -6.27 -7.10
CA PRO A 52 -10.32 -6.54 -6.86
C PRO A 52 -10.58 -8.01 -6.58
N ALA A 53 -11.76 -8.30 -6.02
CA ALA A 53 -12.15 -9.67 -5.70
C ALA A 53 -12.46 -10.46 -6.96
N SER A 54 -12.94 -9.78 -7.98
CA SER A 54 -13.28 -10.42 -9.24
C SER A 54 -12.02 -10.86 -9.99
N SER A 55 -10.90 -10.23 -9.65
CA SER A 55 -9.62 -10.55 -10.28
C SER A 55 -8.82 -11.51 -9.41
N GLU A 56 -8.53 -12.68 -9.96
CA GLU A 56 -7.75 -13.68 -9.24
C GLU A 56 -6.42 -13.10 -8.77
N LYS A 57 -6.02 -11.99 -9.39
CA LYS A 57 -4.77 -11.32 -9.04
C LYS A 57 -4.73 -10.99 -7.55
N MET A 58 -3.68 -11.44 -6.88
CA MET A 58 -3.53 -11.20 -5.44
C MET A 58 -2.39 -10.21 -5.18
N MET A 59 -2.75 -8.93 -5.08
CA MET A 59 -1.76 -7.88 -4.86
C MET A 59 -2.35 -6.72 -4.07
N LEU A 60 -1.58 -6.20 -3.12
CA LEU A 60 -2.01 -5.06 -2.32
C LEU A 60 -0.99 -3.92 -2.41
N ARG A 61 -1.46 -2.68 -2.29
CA ARG A 61 -0.58 -1.53 -2.37
C ARG A 61 -1.11 -0.35 -1.55
N LEU A 62 -0.21 0.54 -1.15
CA LEU A 62 -0.59 1.72 -0.38
C LEU A 62 -0.02 2.97 -1.04
N ILE A 63 -0.91 3.88 -1.45
CA ILE A 63 -0.47 5.11 -2.11
C ILE A 63 0.04 6.11 -1.08
N GLY A 64 0.93 7.01 -1.52
CA GLY A 64 1.48 8.01 -0.63
C GLY A 64 1.15 9.43 -1.06
N LYS A 65 0.81 10.27 -0.09
CA LYS A 65 0.47 11.66 -0.38
C LYS A 65 1.60 12.36 -1.12
N VAL A 66 1.30 12.89 -2.30
CA VAL A 66 2.29 13.58 -3.11
C VAL A 66 2.18 15.10 -2.96
N ASP A 67 3.26 15.80 -3.30
CA ASP A 67 3.28 17.25 -3.21
C ASP A 67 3.05 17.87 -4.58
N GLU A 68 2.03 17.38 -5.28
CA GLU A 68 1.70 17.88 -6.62
C GLU A 68 1.16 19.31 -6.55
N SER A 69 0.86 19.78 -5.35
CA SER A 69 0.33 21.14 -5.17
C SER A 69 1.24 22.17 -5.81
N LYS A 70 2.52 21.82 -5.94
CA LYS A 70 3.50 22.72 -6.55
C LYS A 70 3.36 22.73 -8.06
N LYS A 71 3.73 21.61 -8.69
CA LYS A 71 3.65 21.48 -10.15
C LYS A 71 4.13 22.75 -10.85
N ARG A 72 5.44 22.88 -10.99
CA ARG A 72 6.03 24.04 -11.64
C ARG A 72 7.28 23.67 -12.42
N LYS A 73 7.96 24.68 -12.96
CA LYS A 73 9.18 24.45 -13.73
C LYS A 73 10.41 24.78 -12.91
N ASP A 74 11.57 24.78 -13.56
CA ASP A 74 12.82 25.09 -12.87
C ASP A 74 13.42 26.39 -13.39
N ASN A 75 13.26 26.63 -14.69
CA ASN A 75 13.78 27.84 -15.33
C ASN A 75 13.74 27.72 -16.85
N GLU A 76 13.87 26.50 -17.34
CA GLU A 76 13.85 26.25 -18.78
C GLU A 76 12.46 25.81 -19.24
N GLY A 77 11.43 26.27 -18.54
CA GLY A 77 10.07 25.92 -18.90
C GLY A 77 9.81 24.43 -18.82
N ASN A 78 10.68 23.71 -18.12
CA ASN A 78 10.53 22.26 -17.96
C ASN A 78 9.29 21.95 -17.12
N GLU A 79 9.31 20.82 -16.43
CA GLU A 79 8.18 20.42 -15.59
C GLU A 79 8.65 19.51 -14.45
N VAL A 80 8.43 19.97 -13.22
CA VAL A 80 8.83 19.19 -12.05
C VAL A 80 7.68 18.35 -11.53
N VAL A 81 6.65 19.02 -11.01
CA VAL A 81 5.47 18.35 -10.46
C VAL A 81 5.83 17.01 -9.81
N PRO A 82 6.35 17.05 -8.57
CA PRO A 82 6.74 15.86 -7.83
C PRO A 82 5.76 14.71 -7.99
N LYS A 83 6.26 13.56 -8.43
CA LYS A 83 5.43 12.38 -8.63
C LYS A 83 5.04 11.76 -7.30
N PRO A 84 3.97 10.95 -7.31
CA PRO A 84 3.45 10.30 -6.10
C PRO A 84 4.20 9.00 -5.78
N GLN A 85 4.27 8.68 -4.50
CA GLN A 85 4.96 7.47 -4.04
C GLN A 85 3.97 6.47 -3.46
N ARG A 86 3.85 5.32 -4.12
CA ARG A 86 2.94 4.27 -3.67
C ARG A 86 3.69 2.97 -3.43
N HIS A 87 3.36 2.28 -2.33
CA HIS A 87 4.01 1.02 -2.01
C HIS A 87 3.22 -0.15 -2.59
N MET A 88 3.80 -0.82 -3.58
CA MET A 88 3.14 -1.95 -4.22
C MET A 88 3.66 -3.28 -3.67
N PHE A 89 2.74 -4.18 -3.36
CA PHE A 89 3.10 -5.49 -2.83
C PHE A 89 2.29 -6.59 -3.51
N SER A 90 2.99 -7.54 -4.12
CA SER A 90 2.34 -8.65 -4.81
C SER A 90 2.28 -9.88 -3.92
N PHE A 91 1.08 -10.28 -3.54
CA PHE A 91 0.90 -11.45 -2.69
C PHE A 91 0.70 -12.71 -3.53
N ASN A 92 1.22 -13.83 -3.04
CA ASN A 92 1.11 -15.10 -3.75
C ASN A 92 -0.03 -15.93 -3.17
N ASN A 93 -1.09 -15.26 -2.74
CA ASN A 93 -2.24 -15.93 -2.16
C ASN A 93 -3.32 -14.91 -1.79
N ARG A 94 -4.48 -15.03 -2.41
CA ARG A 94 -5.59 -14.13 -2.13
C ARG A 94 -5.99 -14.21 -0.67
N THR A 95 -5.54 -15.27 0.02
CA THR A 95 -5.85 -15.44 1.43
C THR A 95 -5.05 -14.46 2.26
N VAL A 96 -3.78 -14.32 1.93
CA VAL A 96 -2.90 -13.40 2.63
C VAL A 96 -3.36 -11.98 2.40
N MET A 97 -3.54 -11.64 1.12
CA MET A 97 -3.99 -10.31 0.74
C MET A 97 -5.38 -10.05 1.33
N ASP A 98 -6.20 -11.08 1.38
CA ASP A 98 -7.55 -10.96 1.92
C ASP A 98 -7.48 -10.67 3.42
N ASN A 99 -6.48 -11.26 4.06
CA ASN A 99 -6.27 -11.06 5.49
C ASN A 99 -5.55 -9.76 5.76
N ILE A 100 -4.76 -9.31 4.77
CA ILE A 100 -4.00 -8.07 4.89
C ILE A 100 -4.84 -6.87 4.47
N LYS A 101 -5.30 -6.89 3.24
CA LYS A 101 -6.11 -5.81 2.69
C LYS A 101 -7.19 -5.37 3.69
N MET A 102 -7.64 -6.31 4.51
CA MET A 102 -8.65 -6.02 5.51
C MET A 102 -8.04 -5.33 6.71
N THR A 103 -6.84 -5.78 7.09
CA THR A 103 -6.14 -5.21 8.23
C THR A 103 -5.91 -3.72 8.01
N LEU A 104 -5.19 -3.39 6.94
CA LEU A 104 -4.90 -1.99 6.63
C LEU A 104 -6.17 -1.17 6.71
N GLN A 105 -7.17 -1.57 5.92
CA GLN A 105 -8.46 -0.89 5.89
C GLN A 105 -9.08 -0.85 7.28
N GLN A 106 -8.98 -1.96 8.02
CA GLN A 106 -9.54 -2.04 9.37
C GLN A 106 -9.00 -0.90 10.23
N ILE A 107 -7.74 -0.55 9.98
CA ILE A 107 -7.09 0.52 10.72
C ILE A 107 -7.38 1.86 10.07
N ILE A 108 -7.15 1.93 8.76
CA ILE A 108 -7.40 3.16 8.00
C ILE A 108 -8.71 3.82 8.40
N SER A 109 -9.79 3.07 8.27
CA SER A 109 -11.12 3.57 8.62
C SER A 109 -11.12 4.25 9.99
N ARG A 110 -10.19 3.83 10.85
CA ARG A 110 -10.08 4.41 12.17
C ARG A 110 -9.48 5.82 12.12
N TYR A 111 -8.72 6.11 11.06
CA TYR A 111 -8.11 7.43 10.91
C TYR A 111 -9.16 8.43 10.49
N LYS A 112 -10.12 7.95 9.69
CA LYS A 112 -11.20 8.79 9.22
C LYS A 112 -12.26 8.84 10.29
N ASP A 113 -12.51 7.66 10.85
CA ASP A 113 -13.47 7.52 11.92
C ASP A 113 -12.99 8.33 13.11
N ALA A 114 -11.67 8.42 13.25
CA ALA A 114 -11.07 9.19 14.33
C ALA A 114 -10.78 10.61 13.87
N ASP A 115 -10.74 10.82 12.55
CA ASP A 115 -10.48 12.14 11.99
C ASP A 115 -11.35 13.20 12.65
N ASP B 22 9.73 -17.34 -14.90
CA ASP B 22 9.37 -16.03 -14.28
C ASP B 22 9.99 -14.87 -15.04
N LEU B 23 9.39 -14.49 -16.16
CA LEU B 23 9.90 -13.39 -16.98
C LEU B 23 8.91 -12.23 -17.00
N GLU B 24 7.62 -12.56 -17.06
CA GLU B 24 6.58 -11.55 -17.09
C GLU B 24 5.19 -12.20 -17.09
N VAL B 25 4.60 -12.31 -15.90
CA VAL B 25 3.28 -12.90 -15.76
C VAL B 25 2.46 -12.19 -14.70
N LEU B 26 2.23 -10.89 -14.91
CA LEU B 26 1.47 -10.08 -13.96
C LEU B 26 0.42 -9.26 -14.69
N SER B 27 -0.14 -8.27 -14.00
CA SER B 27 -1.16 -7.40 -14.57
C SER B 27 -1.44 -6.21 -13.67
N GLU B 28 -0.74 -5.11 -13.91
CA GLU B 28 -0.92 -3.90 -13.10
C GLU B 28 -1.92 -2.95 -13.74
N GLU B 29 -2.73 -3.48 -14.63
CA GLU B 29 -3.74 -2.70 -15.32
C GLU B 29 -5.14 -3.00 -14.78
N LEU B 30 -5.29 -4.15 -14.14
CA LEU B 30 -6.58 -4.55 -13.58
C LEU B 30 -6.65 -4.27 -12.08
N PHE B 31 -5.77 -3.38 -11.60
CA PHE B 31 -5.75 -3.04 -10.18
C PHE B 31 -6.87 -2.06 -9.83
N GLU B 32 -7.48 -2.25 -8.67
CA GLU B 32 -8.57 -1.41 -8.22
C GLU B 32 -8.29 -0.85 -6.83
N ASP B 33 -9.11 0.09 -6.39
CA ASP B 33 -8.96 0.70 -5.07
C ASP B 33 -9.99 0.15 -4.09
N VAL B 34 -9.53 -0.24 -2.91
CA VAL B 34 -10.40 -0.78 -1.89
C VAL B 34 -11.23 0.32 -1.22
N PRO B 35 -12.39 -0.02 -0.66
CA PRO B 35 -13.26 0.96 0.01
C PRO B 35 -12.69 1.46 1.33
N THR B 36 -12.62 2.78 1.47
CA THR B 36 -12.11 3.40 2.69
C THR B 36 -12.95 4.60 3.09
N LYS B 37 -13.43 4.60 4.33
CA LYS B 37 -14.26 5.69 4.84
C LYS B 37 -13.64 7.05 4.52
N SER B 38 -14.47 8.08 4.48
CA SER B 38 -14.00 9.43 4.18
C SER B 38 -13.38 9.50 2.80
N GLN B 39 -13.38 10.69 2.21
CA GLN B 39 -12.80 10.89 0.89
C GLN B 39 -12.22 12.30 0.76
N ILE B 40 -10.97 12.46 1.18
CA ILE B 40 -10.30 13.75 1.11
C ILE B 40 -9.45 13.85 -0.16
N SER B 41 -10.00 13.41 -1.27
CA SER B 41 -9.31 13.45 -2.55
C SER B 41 -9.48 14.81 -3.22
N PRO A 1 -3.59 -14.77 10.39
CA PRO A 1 -2.62 -13.66 10.22
C PRO A 1 -3.27 -12.41 9.62
N SER A 2 -3.75 -11.53 10.48
CA SER A 2 -4.40 -10.30 10.02
C SER A 2 -3.42 -9.13 10.01
N HIS A 3 -2.53 -9.10 11.00
CA HIS A 3 -1.53 -8.05 11.11
C HIS A 3 -0.23 -8.45 10.43
N SER A 4 -0.27 -9.54 9.65
CA SER A 4 0.93 -10.00 8.95
C SER A 4 0.56 -10.83 7.72
N GLY A 5 1.46 -10.83 6.74
CA GLY A 5 1.25 -11.56 5.52
C GLY A 5 2.48 -11.49 4.64
N ALA A 6 2.43 -12.11 3.48
CA ALA A 6 3.58 -12.08 2.57
C ALA A 6 3.21 -11.47 1.23
N ALA A 7 4.01 -10.50 0.79
CA ALA A 7 3.76 -9.81 -0.48
C ALA A 7 5.06 -9.51 -1.22
N ILE A 8 4.92 -9.05 -2.47
CA ILE A 8 6.08 -8.72 -3.29
C ILE A 8 6.33 -7.22 -3.31
N PHE A 9 7.51 -6.80 -2.90
CA PHE A 9 7.86 -5.39 -2.88
C PHE A 9 9.07 -5.08 -3.77
N GLU A 10 8.81 -4.47 -4.91
CA GLU A 10 9.86 -4.09 -5.86
C GLU A 10 10.52 -5.31 -6.49
N LYS A 11 9.69 -6.19 -7.05
CA LYS A 11 10.19 -7.40 -7.69
C LYS A 11 10.72 -8.42 -6.68
N VAL A 12 10.75 -8.04 -5.40
CA VAL A 12 11.23 -8.95 -4.37
C VAL A 12 10.08 -9.54 -3.60
N SER A 13 10.27 -10.76 -3.15
CA SER A 13 9.23 -11.44 -2.39
C SER A 13 9.68 -11.71 -0.96
N GLY A 14 9.02 -11.05 -0.02
CA GLY A 14 9.35 -11.22 1.37
C GLY A 14 8.13 -11.43 2.23
N ILE A 15 7.95 -10.55 3.21
CA ILE A 15 6.80 -10.63 4.10
C ILE A 15 6.29 -9.24 4.44
N ILE A 16 4.98 -9.10 4.42
CA ILE A 16 4.35 -7.86 4.79
C ILE A 16 3.85 -8.04 6.21
N ALA A 17 3.96 -7.02 7.03
CA ALA A 17 3.52 -7.16 8.39
C ALA A 17 3.06 -5.84 8.97
N ILE A 18 1.78 -5.80 9.28
CA ILE A 18 1.14 -4.62 9.82
C ILE A 18 1.28 -4.53 11.34
N ASN A 19 1.67 -3.36 11.82
CA ASN A 19 1.83 -3.13 13.24
C ASN A 19 0.76 -2.18 13.74
N GLU A 20 -0.35 -2.73 14.22
CA GLU A 20 -1.44 -1.92 14.74
C GLU A 20 -1.19 -1.47 16.17
N ASP A 21 -0.04 -1.85 16.72
CA ASP A 21 0.31 -1.48 18.08
C ASP A 21 0.90 -0.07 18.14
N VAL A 22 0.99 0.58 16.98
CA VAL A 22 1.55 1.93 16.92
C VAL A 22 0.43 2.98 16.81
N SER A 23 0.80 4.17 16.39
CA SER A 23 -0.16 5.27 16.24
C SER A 23 0.51 6.48 15.62
N PRO A 24 0.33 6.71 14.31
CA PRO A 24 -0.50 5.88 13.44
C PRO A 24 0.12 4.50 13.20
N ALA A 25 -0.67 3.58 12.67
CA ALA A 25 -0.20 2.23 12.38
C ALA A 25 0.94 2.25 11.37
N GLU A 26 1.49 1.08 11.09
CA GLU A 26 2.58 0.97 10.13
C GLU A 26 2.78 -0.47 9.68
N LEU A 27 2.95 -0.67 8.37
CA LEU A 27 3.16 -2.00 7.82
C LEU A 27 4.62 -2.13 7.37
N THR A 28 5.28 -3.19 7.81
CA THR A 28 6.68 -3.41 7.47
C THR A 28 6.88 -4.63 6.57
N TRP A 29 7.25 -4.38 5.31
CA TRP A 29 7.49 -5.44 4.37
C TRP A 29 8.96 -5.82 4.41
N ARG A 30 9.25 -7.03 4.87
CA ARG A 30 10.63 -7.50 4.95
C ARG A 30 10.87 -8.65 3.98
N SER A 31 11.98 -8.61 3.25
CA SER A 31 12.31 -9.67 2.30
C SER A 31 12.21 -11.03 2.96
N THR A 32 12.25 -12.09 2.17
CA THR A 32 12.15 -13.45 2.70
C THR A 32 13.48 -13.84 3.32
N ASP A 33 14.55 -13.44 2.66
CA ASP A 33 15.90 -13.74 3.12
C ASP A 33 16.37 -12.71 4.14
N GLY A 34 15.66 -11.59 4.22
CA GLY A 34 16.03 -10.54 5.16
C GLY A 34 17.06 -9.58 4.59
N ASP A 35 16.97 -9.35 3.28
CA ASP A 35 17.92 -8.44 2.62
C ASP A 35 17.49 -6.99 2.76
N LYS A 36 16.19 -6.78 2.87
CA LYS A 36 15.65 -5.42 3.01
C LYS A 36 14.21 -5.44 3.50
N VAL A 37 13.80 -4.33 4.09
CA VAL A 37 12.46 -4.20 4.63
C VAL A 37 11.96 -2.77 4.48
N HIS A 38 10.76 -2.63 3.95
CA HIS A 38 10.16 -1.31 3.74
C HIS A 38 9.03 -1.06 4.74
N THR A 39 9.16 0.01 5.52
CA THR A 39 8.15 0.36 6.51
C THR A 39 7.18 1.39 5.95
N VAL A 40 5.89 1.11 6.09
CA VAL A 40 4.85 2.02 5.60
C VAL A 40 3.99 2.55 6.73
N VAL A 41 3.65 3.83 6.65
CA VAL A 41 2.79 4.45 7.65
C VAL A 41 1.39 4.61 7.07
N LEU A 42 0.52 3.66 7.36
CA LEU A 42 -0.85 3.67 6.85
C LEU A 42 -1.47 5.08 6.91
N SER A 43 -0.97 5.91 7.82
CA SER A 43 -1.47 7.27 7.96
C SER A 43 -0.95 8.12 6.82
N THR A 44 0.36 8.04 6.58
CA THR A 44 0.96 8.78 5.50
C THR A 44 0.41 8.27 4.18
N ILE A 45 0.00 7.00 4.17
CA ILE A 45 -0.57 6.40 2.98
C ILE A 45 -1.80 7.19 2.52
N ASP A 46 -1.64 7.95 1.44
CA ASP A 46 -2.74 8.75 0.90
C ASP A 46 -4.02 7.92 0.79
N LYS A 47 -3.86 6.64 0.49
CA LYS A 47 -5.00 5.74 0.36
C LYS A 47 -4.53 4.28 0.20
N LEU A 48 -5.44 3.35 0.42
CA LEU A 48 -5.13 1.93 0.31
C LEU A 48 -5.78 1.32 -0.92
N GLN A 49 -4.96 0.68 -1.77
CA GLN A 49 -5.47 0.05 -2.99
C GLN A 49 -5.15 -1.44 -2.98
N ALA A 50 -6.05 -2.24 -3.53
CA ALA A 50 -5.86 -3.68 -3.59
C ALA A 50 -6.69 -4.30 -4.71
N THR A 51 -6.18 -5.38 -5.31
CA THR A 51 -6.89 -6.03 -6.40
C THR A 51 -8.08 -6.84 -5.87
N PRO A 52 -9.17 -6.91 -6.66
CA PRO A 52 -10.37 -7.66 -6.27
C PRO A 52 -10.20 -9.16 -6.44
N ALA A 53 -11.08 -9.93 -5.80
CA ALA A 53 -11.03 -11.39 -5.87
C ALA A 53 -11.03 -11.88 -7.32
N SER A 54 -11.56 -11.05 -8.22
CA SER A 54 -11.62 -11.40 -9.63
C SER A 54 -10.22 -11.39 -10.27
N SER A 55 -9.27 -10.76 -9.59
CA SER A 55 -7.90 -10.67 -10.08
C SER A 55 -7.19 -12.01 -9.95
N GLU A 56 -6.73 -12.55 -11.07
CA GLU A 56 -6.01 -13.82 -11.08
C GLU A 56 -4.70 -13.71 -10.29
N LYS A 57 -4.32 -12.48 -9.95
CA LYS A 57 -3.10 -12.25 -9.19
C LYS A 57 -3.30 -11.18 -8.12
N MET A 58 -3.79 -11.62 -6.95
CA MET A 58 -4.04 -10.72 -5.84
C MET A 58 -2.86 -9.79 -5.57
N MET A 59 -3.14 -8.51 -5.36
CA MET A 59 -2.12 -7.51 -5.11
C MET A 59 -2.64 -6.39 -4.23
N LEU A 60 -1.81 -5.95 -3.28
CA LEU A 60 -2.20 -4.86 -2.39
C LEU A 60 -1.23 -3.68 -2.56
N ARG A 61 -1.76 -2.47 -2.50
CA ARG A 61 -0.94 -1.28 -2.67
C ARG A 61 -1.39 -0.14 -1.75
N LEU A 62 -0.44 0.69 -1.36
CA LEU A 62 -0.72 1.84 -0.50
C LEU A 62 -0.15 3.11 -1.12
N ILE A 63 -1.02 4.05 -1.45
CA ILE A 63 -0.59 5.31 -2.06
C ILE A 63 0.01 6.23 -1.01
N GLY A 64 1.02 7.01 -1.41
CA GLY A 64 1.66 7.92 -0.50
C GLY A 64 1.32 9.37 -0.80
N LYS A 65 1.29 10.19 0.25
CA LYS A 65 0.98 11.61 0.10
C LYS A 65 1.96 12.28 -0.86
N VAL A 66 1.44 12.74 -1.99
CA VAL A 66 2.25 13.40 -3.00
C VAL A 66 2.07 14.92 -2.94
N ASP A 67 3.05 15.65 -3.50
CA ASP A 67 2.99 17.10 -3.52
C ASP A 67 2.54 17.60 -4.89
N GLU A 68 1.58 16.90 -5.49
CA GLU A 68 1.06 17.27 -6.80
C GLU A 68 0.28 18.58 -6.73
N SER A 69 -0.21 18.91 -5.54
CA SER A 69 -0.98 20.13 -5.35
C SER A 69 -0.15 21.36 -5.68
N LYS A 70 1.17 21.20 -5.69
CA LYS A 70 2.08 22.30 -6.00
C LYS A 70 2.25 22.46 -7.50
N LYS A 71 2.88 21.48 -8.14
CA LYS A 71 3.10 21.51 -9.57
C LYS A 71 3.94 22.73 -9.96
N ARG A 72 5.25 22.54 -10.01
CA ARG A 72 6.16 23.62 -10.38
C ARG A 72 6.45 23.61 -11.87
N LYS A 73 7.30 24.55 -12.30
CA LYS A 73 7.68 24.65 -13.71
C LYS A 73 9.19 24.78 -13.85
N ASP A 74 9.64 25.15 -15.04
CA ASP A 74 11.06 25.30 -15.30
C ASP A 74 11.34 26.57 -16.12
N ASN A 75 12.61 26.79 -16.44
CA ASN A 75 13.00 27.97 -17.21
C ASN A 75 12.27 28.03 -18.55
N GLU A 76 11.80 26.87 -19.00
CA GLU A 76 11.09 26.80 -20.28
C GLU A 76 9.60 26.55 -20.05
N GLY A 77 9.06 27.11 -18.97
CA GLY A 77 7.66 26.94 -18.67
C GLY A 77 7.26 25.47 -18.57
N ASN A 78 8.22 24.62 -18.26
CA ASN A 78 7.98 23.19 -18.14
C ASN A 78 7.08 22.89 -16.94
N GLU A 79 6.95 21.61 -16.62
CA GLU A 79 6.14 21.19 -15.49
C GLU A 79 6.85 20.12 -14.67
N VAL A 80 7.05 20.40 -13.39
CA VAL A 80 7.72 19.46 -12.49
C VAL A 80 6.74 18.53 -11.81
N VAL A 81 5.87 19.11 -10.98
CA VAL A 81 4.86 18.36 -10.25
C VAL A 81 5.35 16.96 -9.86
N PRO A 82 6.18 16.88 -8.79
CA PRO A 82 6.72 15.62 -8.30
C PRO A 82 5.70 14.49 -8.28
N LYS A 83 6.03 13.39 -8.95
CA LYS A 83 5.14 12.23 -9.01
C LYS A 83 4.85 11.68 -7.62
N PRO A 84 3.77 10.89 -7.49
CA PRO A 84 3.35 10.31 -6.22
C PRO A 84 4.09 9.02 -5.91
N GLN A 85 4.20 8.71 -4.62
CA GLN A 85 4.88 7.49 -4.18
C GLN A 85 3.90 6.49 -3.59
N ARG A 86 3.74 5.36 -4.27
CA ARG A 86 2.83 4.31 -3.82
C ARG A 86 3.59 3.02 -3.54
N HIS A 87 3.13 2.26 -2.54
CA HIS A 87 3.77 1.00 -2.19
C HIS A 87 3.05 -0.15 -2.86
N MET A 88 3.72 -0.81 -3.81
CA MET A 88 3.13 -1.93 -4.53
C MET A 88 3.49 -3.26 -3.88
N PHE A 89 2.47 -3.99 -3.43
CA PHE A 89 2.67 -5.28 -2.81
C PHE A 89 1.89 -6.37 -3.55
N SER A 90 2.60 -7.33 -4.12
CA SER A 90 1.97 -8.42 -4.85
C SER A 90 1.92 -9.68 -4.00
N PHE A 91 0.72 -10.11 -3.66
CA PHE A 91 0.53 -11.30 -2.84
C PHE A 91 0.32 -12.55 -3.71
N ASN A 92 0.70 -13.69 -3.17
CA ASN A 92 0.56 -14.96 -3.89
C ASN A 92 -0.52 -15.82 -3.23
N ASN A 93 -1.49 -15.16 -2.60
CA ASN A 93 -2.59 -15.86 -1.94
C ASN A 93 -3.65 -14.88 -1.48
N ARG A 94 -4.82 -14.96 -2.11
CA ARG A 94 -5.93 -14.07 -1.76
C ARG A 94 -6.26 -14.17 -0.28
N THR A 95 -5.83 -15.26 0.36
CA THR A 95 -6.08 -15.47 1.76
C THR A 95 -5.26 -14.50 2.59
N VAL A 96 -3.98 -14.38 2.28
CA VAL A 96 -3.10 -13.47 3.00
C VAL A 96 -3.52 -12.03 2.73
N MET A 97 -3.77 -11.74 1.45
CA MET A 97 -4.20 -10.42 1.05
C MET A 97 -5.56 -10.10 1.67
N ASP A 98 -6.41 -11.12 1.78
CA ASP A 98 -7.72 -10.95 2.37
C ASP A 98 -7.59 -10.54 3.84
N ASN A 99 -6.55 -11.06 4.48
CA ASN A 99 -6.28 -10.74 5.88
C ASN A 99 -5.54 -9.41 5.99
N ILE A 100 -4.68 -9.14 5.02
CA ILE A 100 -3.91 -7.90 5.00
C ILE A 100 -4.77 -6.73 4.57
N LYS A 101 -5.31 -6.84 3.36
CA LYS A 101 -6.17 -5.80 2.80
C LYS A 101 -7.29 -5.42 3.76
N MET A 102 -7.71 -6.39 4.58
CA MET A 102 -8.78 -6.16 5.53
C MET A 102 -8.24 -5.50 6.80
N THR A 103 -7.05 -5.92 7.21
CA THR A 103 -6.44 -5.36 8.40
C THR A 103 -6.01 -3.92 8.15
N LEU A 104 -5.44 -3.67 6.97
CA LEU A 104 -5.01 -2.33 6.60
C LEU A 104 -6.18 -1.35 6.73
N GLN A 105 -7.28 -1.71 6.09
CA GLN A 105 -8.49 -0.88 6.12
C GLN A 105 -9.02 -0.71 7.54
N GLN A 106 -9.09 -1.82 8.28
CA GLN A 106 -9.59 -1.79 9.66
C GLN A 106 -8.94 -0.66 10.44
N ILE A 107 -7.69 -0.38 10.13
CA ILE A 107 -6.95 0.69 10.79
C ILE A 107 -7.22 2.02 10.11
N ILE A 108 -7.04 2.03 8.78
CA ILE A 108 -7.27 3.24 7.99
C ILE A 108 -8.55 3.95 8.41
N SER A 109 -9.64 3.23 8.35
CA SER A 109 -10.94 3.77 8.72
C SER A 109 -10.88 4.50 10.05
N ARG A 110 -9.93 4.12 10.89
CA ARG A 110 -9.76 4.75 12.19
C ARG A 110 -9.11 6.13 12.06
N TYR A 111 -8.36 6.33 10.97
CA TYR A 111 -7.71 7.61 10.74
C TYR A 111 -8.74 8.63 10.31
N LYS A 112 -9.74 8.16 9.58
CA LYS A 112 -10.83 9.02 9.12
C LYS A 112 -11.82 9.15 10.24
N ASP A 113 -12.08 8.01 10.86
CA ASP A 113 -12.99 7.95 11.99
C ASP A 113 -12.43 8.80 13.11
N ALA A 114 -11.11 8.86 13.19
CA ALA A 114 -10.43 9.66 14.19
C ALA A 114 -10.12 11.05 13.65
N ASP A 115 -10.14 11.19 12.33
CA ASP A 115 -9.85 12.47 11.68
C ASP A 115 -10.68 13.60 12.31
N ASP B 22 7.50 -6.79 -16.87
CA ASP B 22 6.79 -6.30 -15.67
C ASP B 22 7.77 -5.77 -14.62
N LEU B 23 8.26 -4.56 -14.81
CA LEU B 23 9.21 -3.95 -13.89
C LEU B 23 8.76 -2.55 -13.49
N GLU B 24 7.45 -2.38 -13.33
CA GLU B 24 6.89 -1.08 -12.95
C GLU B 24 5.38 -1.19 -12.74
N VAL B 25 4.99 -1.70 -11.57
CA VAL B 25 3.58 -1.84 -11.24
C VAL B 25 2.91 -2.88 -12.15
N LEU B 26 2.83 -4.11 -11.67
CA LEU B 26 2.22 -5.19 -12.44
C LEU B 26 0.75 -4.90 -12.73
N SER B 27 0.42 -4.74 -14.01
CA SER B 27 -0.94 -4.47 -14.43
C SER B 27 -1.58 -3.37 -13.59
N GLU B 28 -1.31 -2.12 -13.96
CA GLU B 28 -1.86 -0.97 -13.24
C GLU B 28 -3.15 -0.47 -13.88
N GLU B 29 -3.75 -1.34 -14.68
CA GLU B 29 -4.99 -1.00 -15.38
C GLU B 29 -6.19 -1.71 -14.75
N LEU B 30 -5.92 -2.73 -13.94
CA LEU B 30 -6.98 -3.48 -13.28
C LEU B 30 -6.86 -3.41 -11.76
N PHE B 31 -6.13 -2.41 -11.27
CA PHE B 31 -5.95 -2.24 -9.84
C PHE B 31 -7.12 -1.48 -9.22
N GLU B 32 -7.78 -2.10 -8.25
CA GLU B 32 -8.91 -1.49 -7.58
C GLU B 32 -8.47 -0.77 -6.31
N ASP B 33 -9.29 0.17 -5.84
CA ASP B 33 -8.98 0.92 -4.63
C ASP B 33 -9.96 0.59 -3.52
N VAL B 34 -9.53 -0.24 -2.58
CA VAL B 34 -10.38 -0.63 -1.46
C VAL B 34 -10.86 0.60 -0.67
N PRO B 35 -12.17 0.68 -0.37
CA PRO B 35 -12.74 1.81 0.36
C PRO B 35 -12.23 1.89 1.79
N THR B 36 -12.24 3.10 2.34
CA THR B 36 -11.77 3.32 3.71
C THR B 36 -12.69 4.31 4.44
N LYS B 37 -13.34 3.84 5.50
CA LYS B 37 -14.24 4.68 6.28
C LYS B 37 -14.84 3.90 7.44
N SER B 38 -15.44 4.62 8.38
CA SER B 38 -16.07 3.99 9.54
C SER B 38 -17.56 3.75 9.31
N GLN B 39 -18.21 3.18 10.31
CA GLN B 39 -19.64 2.89 10.22
C GLN B 39 -20.16 2.29 11.51
N ILE B 40 -20.61 3.14 12.43
CA ILE B 40 -21.13 2.69 13.70
C ILE B 40 -20.05 2.00 14.53
N SER B 41 -18.82 2.50 14.43
CA SER B 41 -17.70 1.92 15.15
C SER B 41 -16.46 2.81 15.03
N PRO A 1 -4.07 -14.26 12.07
CA PRO A 1 -2.96 -13.47 11.45
C PRO A 1 -3.49 -12.36 10.54
N SER A 2 -3.87 -11.24 11.14
CA SER A 2 -4.39 -10.11 10.38
C SER A 2 -3.33 -9.02 10.23
N HIS A 3 -2.54 -8.82 11.28
CA HIS A 3 -1.48 -7.81 11.27
C HIS A 3 -0.22 -8.32 10.57
N SER A 4 -0.35 -9.38 9.79
CA SER A 4 0.79 -9.94 9.06
C SER A 4 0.35 -10.64 7.79
N GLY A 5 1.26 -10.70 6.82
CA GLY A 5 0.98 -11.34 5.55
C GLY A 5 2.11 -11.10 4.58
N ALA A 6 2.48 -12.12 3.81
CA ALA A 6 3.58 -11.99 2.87
C ALA A 6 3.14 -11.35 1.54
N ALA A 7 4.06 -10.57 0.95
CA ALA A 7 3.80 -9.90 -0.30
C ALA A 7 5.10 -9.55 -1.03
N ILE A 8 4.99 -9.08 -2.28
CA ILE A 8 6.17 -8.73 -3.08
C ILE A 8 6.42 -7.24 -3.10
N PHE A 9 7.64 -6.83 -2.77
CA PHE A 9 8.00 -5.41 -2.80
C PHE A 9 9.22 -5.19 -3.68
N GLU A 10 8.99 -4.57 -4.85
CA GLU A 10 10.05 -4.26 -5.80
C GLU A 10 10.64 -5.53 -6.43
N LYS A 11 9.77 -6.40 -6.91
CA LYS A 11 10.19 -7.65 -7.56
C LYS A 11 10.72 -8.66 -6.54
N VAL A 12 10.85 -8.26 -5.28
CA VAL A 12 11.33 -9.16 -4.25
C VAL A 12 10.19 -9.70 -3.43
N SER A 13 10.32 -10.94 -3.02
CA SER A 13 9.29 -11.58 -2.22
C SER A 13 9.66 -11.54 -0.74
N GLY A 14 8.87 -10.82 0.03
CA GLY A 14 9.11 -10.72 1.46
C GLY A 14 7.83 -10.83 2.25
N ILE A 15 7.91 -10.56 3.54
CA ILE A 15 6.75 -10.63 4.40
C ILE A 15 6.25 -9.25 4.77
N ILE A 16 4.93 -9.07 4.71
CA ILE A 16 4.34 -7.82 5.10
C ILE A 16 3.81 -8.01 6.49
N ALA A 17 3.94 -7.01 7.33
CA ALA A 17 3.48 -7.14 8.69
C ALA A 17 3.07 -5.80 9.27
N ILE A 18 1.79 -5.71 9.61
CA ILE A 18 1.22 -4.50 10.16
C ILE A 18 1.48 -4.37 11.65
N ASN A 19 1.72 -3.14 12.08
CA ASN A 19 1.95 -2.84 13.48
C ASN A 19 0.88 -1.91 14.02
N GLU A 20 -0.17 -2.49 14.58
CA GLU A 20 -1.28 -1.71 15.13
C GLU A 20 -0.95 -1.18 16.53
N ASP A 21 0.23 -1.51 17.03
CA ASP A 21 0.66 -1.06 18.34
C ASP A 21 1.22 0.36 18.29
N VAL A 22 1.22 0.95 17.10
CA VAL A 22 1.75 2.30 16.93
C VAL A 22 0.60 3.30 16.79
N SER A 23 0.91 4.48 16.27
CA SER A 23 -0.07 5.52 16.08
C SER A 23 0.54 6.73 15.39
N PRO A 24 0.31 6.89 14.07
CA PRO A 24 -0.50 5.96 13.27
C PRO A 24 0.18 4.62 13.05
N ALA A 25 -0.62 3.61 12.69
CA ALA A 25 -0.11 2.27 12.44
C ALA A 25 1.01 2.29 11.41
N GLU A 26 1.57 1.11 11.15
CA GLU A 26 2.64 0.99 10.17
C GLU A 26 2.83 -0.47 9.75
N LEU A 27 2.98 -0.69 8.45
CA LEU A 27 3.19 -2.04 7.94
C LEU A 27 4.63 -2.18 7.46
N THR A 28 5.30 -3.25 7.89
CA THR A 28 6.70 -3.47 7.54
C THR A 28 6.89 -4.70 6.65
N TRP A 29 7.29 -4.46 5.40
CA TRP A 29 7.54 -5.53 4.46
C TRP A 29 9.00 -5.94 4.54
N ARG A 30 9.26 -7.13 5.06
CA ARG A 30 10.62 -7.63 5.18
C ARG A 30 10.89 -8.72 4.16
N SER A 31 12.01 -8.59 3.44
CA SER A 31 12.36 -9.58 2.42
C SER A 31 12.28 -10.99 3.00
N THR A 32 12.05 -11.98 2.14
CA THR A 32 11.95 -13.37 2.56
C THR A 32 13.34 -13.88 2.93
N ASP A 33 14.33 -13.39 2.20
CA ASP A 33 15.71 -13.78 2.43
C ASP A 33 16.36 -12.90 3.48
N GLY A 34 15.76 -11.74 3.75
CA GLY A 34 16.30 -10.84 4.74
C GLY A 34 17.30 -9.87 4.14
N ASP A 35 17.09 -9.49 2.88
CA ASP A 35 17.97 -8.57 2.18
C ASP A 35 17.57 -7.11 2.43
N LYS A 36 16.31 -6.89 2.74
CA LYS A 36 15.81 -5.54 2.99
C LYS A 36 14.36 -5.54 3.43
N VAL A 37 13.92 -4.41 3.94
CA VAL A 37 12.56 -4.25 4.43
C VAL A 37 12.02 -2.86 4.12
N HIS A 38 10.70 -2.74 4.04
CA HIS A 38 10.06 -1.46 3.76
C HIS A 38 8.96 -1.18 4.78
N THR A 39 9.11 -0.08 5.51
CA THR A 39 8.12 0.31 6.51
C THR A 39 7.13 1.33 5.93
N VAL A 40 5.85 1.05 6.09
CA VAL A 40 4.81 1.93 5.59
C VAL A 40 3.96 2.50 6.72
N VAL A 41 3.62 3.77 6.60
CA VAL A 41 2.78 4.43 7.59
C VAL A 41 1.37 4.58 7.03
N LEU A 42 0.51 3.63 7.37
CA LEU A 42 -0.87 3.63 6.88
C LEU A 42 -1.50 5.03 6.94
N SER A 43 -0.97 5.89 7.80
CA SER A 43 -1.47 7.25 7.92
C SER A 43 -0.97 8.09 6.76
N THR A 44 0.33 7.99 6.50
CA THR A 44 0.92 8.72 5.40
C THR A 44 0.34 8.19 4.10
N ILE A 45 -0.07 6.92 4.11
CA ILE A 45 -0.66 6.31 2.94
C ILE A 45 -1.88 7.11 2.47
N ASP A 46 -1.75 7.76 1.31
CA ASP A 46 -2.83 8.55 0.76
C ASP A 46 -4.11 7.73 0.64
N LYS A 47 -3.95 6.43 0.39
CA LYS A 47 -5.08 5.53 0.25
C LYS A 47 -4.61 4.08 0.16
N LEU A 48 -5.55 3.15 0.36
CA LEU A 48 -5.23 1.73 0.30
C LEU A 48 -5.85 1.11 -0.96
N GLN A 49 -4.99 0.59 -1.85
CA GLN A 49 -5.46 -0.02 -3.08
C GLN A 49 -5.17 -1.52 -3.08
N ALA A 50 -6.03 -2.29 -3.72
CA ALA A 50 -5.86 -3.74 -3.76
C ALA A 50 -6.59 -4.34 -4.96
N THR A 51 -6.10 -5.46 -5.47
CA THR A 51 -6.73 -6.12 -6.61
C THR A 51 -8.06 -6.76 -6.22
N PRO A 52 -8.97 -6.92 -7.20
CA PRO A 52 -10.30 -7.51 -6.95
C PRO A 52 -10.23 -9.03 -6.78
N ALA A 53 -11.29 -9.60 -6.22
CA ALA A 53 -11.36 -11.03 -5.99
C ALA A 53 -11.19 -11.82 -7.29
N SER A 54 -11.52 -11.17 -8.41
CA SER A 54 -11.40 -11.82 -9.72
C SER A 54 -10.04 -11.53 -10.36
N SER A 55 -9.09 -11.10 -9.53
CA SER A 55 -7.74 -10.79 -10.01
C SER A 55 -6.92 -12.06 -10.20
N GLU A 56 -6.40 -12.24 -11.41
CA GLU A 56 -5.58 -13.40 -11.72
C GLU A 56 -4.32 -13.40 -10.84
N LYS A 57 -4.03 -12.25 -10.22
CA LYS A 57 -2.86 -12.12 -9.36
C LYS A 57 -3.15 -11.19 -8.18
N MET A 58 -3.33 -11.77 -7.01
CA MET A 58 -3.61 -11.01 -5.81
C MET A 58 -2.52 -9.97 -5.55
N MET A 59 -2.94 -8.72 -5.36
CA MET A 59 -1.99 -7.63 -5.10
C MET A 59 -2.60 -6.55 -4.24
N LEU A 60 -1.81 -6.05 -3.29
CA LEU A 60 -2.23 -4.98 -2.40
C LEU A 60 -1.28 -3.79 -2.53
N ARG A 61 -1.83 -2.58 -2.48
CA ARG A 61 -1.00 -1.38 -2.62
C ARG A 61 -1.46 -0.25 -1.71
N LEU A 62 -0.51 0.59 -1.31
CA LEU A 62 -0.79 1.75 -0.47
C LEU A 62 -0.20 3.00 -1.11
N ILE A 63 -1.06 3.93 -1.50
CA ILE A 63 -0.60 5.16 -2.13
C ILE A 63 -0.03 6.12 -1.10
N GLY A 64 0.83 7.03 -1.55
CA GLY A 64 1.45 8.00 -0.64
C GLY A 64 0.93 9.40 -0.87
N LYS A 65 0.68 10.11 0.23
CA LYS A 65 0.18 11.48 0.15
C LYS A 65 1.24 12.42 -0.42
N VAL A 66 0.96 12.98 -1.59
CA VAL A 66 1.88 13.91 -2.24
C VAL A 66 1.68 15.33 -1.74
N ASP A 67 2.66 16.18 -1.98
CA ASP A 67 2.59 17.58 -1.57
C ASP A 67 2.96 18.51 -2.72
N GLU A 68 2.31 18.30 -3.86
CA GLU A 68 2.56 19.12 -5.05
C GLU A 68 2.16 20.57 -4.81
N SER A 69 1.37 20.82 -3.78
CA SER A 69 0.92 22.16 -3.46
C SER A 69 1.65 22.71 -2.24
N LYS A 70 2.91 22.31 -2.09
CA LYS A 70 3.72 22.75 -0.96
C LYS A 70 5.12 23.16 -1.41
N LYS A 71 5.69 22.38 -2.33
CA LYS A 71 7.03 22.66 -2.85
C LYS A 71 8.06 22.55 -1.74
N ARG A 72 8.69 21.38 -1.64
CA ARG A 72 9.71 21.14 -0.62
C ARG A 72 11.12 21.36 -1.18
N LYS A 73 11.93 22.08 -0.43
CA LYS A 73 13.30 22.37 -0.85
C LYS A 73 14.15 21.10 -0.85
N ASP A 74 15.13 21.05 -1.75
CA ASP A 74 16.02 19.91 -1.86
C ASP A 74 17.28 20.12 -1.06
N ASN A 75 17.76 21.36 -1.04
CA ASN A 75 18.96 21.73 -0.29
C ASN A 75 19.47 23.10 -0.73
N GLU A 76 19.19 23.47 -1.98
CA GLU A 76 19.63 24.75 -2.52
C GLU A 76 18.44 25.63 -2.88
N GLY A 77 17.34 25.48 -2.15
CA GLY A 77 16.16 26.27 -2.42
C GLY A 77 15.69 26.16 -3.87
N ASN A 78 15.96 25.00 -4.48
CA ASN A 78 15.57 24.78 -5.87
C ASN A 78 14.09 24.43 -5.99
N GLU A 79 13.40 24.38 -4.85
CA GLU A 79 11.99 24.08 -4.84
C GLU A 79 11.68 22.76 -5.54
N VAL A 80 11.32 21.75 -4.74
CA VAL A 80 11.00 20.44 -5.30
C VAL A 80 9.54 20.07 -5.06
N VAL A 81 8.94 19.42 -6.05
CA VAL A 81 7.55 19.00 -5.96
C VAL A 81 7.44 17.49 -5.88
N PRO A 82 7.59 16.91 -4.67
CA PRO A 82 7.52 15.47 -4.47
C PRO A 82 6.36 14.83 -5.22
N LYS A 83 6.59 13.63 -5.74
CA LYS A 83 5.57 12.90 -6.48
C LYS A 83 4.73 12.04 -5.56
N PRO A 84 3.57 11.57 -6.05
CA PRO A 84 2.65 10.74 -5.29
C PRO A 84 3.10 9.27 -5.25
N GLN A 85 4.04 8.98 -4.36
CA GLN A 85 4.57 7.63 -4.22
C GLN A 85 3.46 6.63 -3.91
N ARG A 86 3.82 5.34 -3.90
CA ARG A 86 2.86 4.28 -3.62
C ARG A 86 3.60 2.97 -3.37
N HIS A 87 3.19 2.25 -2.33
CA HIS A 87 3.81 0.98 -1.99
C HIS A 87 3.02 -0.19 -2.58
N MET A 88 3.62 -0.86 -3.56
CA MET A 88 2.97 -1.98 -4.21
C MET A 88 3.36 -3.30 -3.57
N PHE A 89 2.38 -4.18 -3.39
CA PHE A 89 2.62 -5.47 -2.77
C PHE A 89 1.89 -6.57 -3.54
N SER A 90 2.66 -7.50 -4.10
CA SER A 90 2.07 -8.61 -4.85
C SER A 90 1.82 -9.81 -3.93
N PHE A 91 0.55 -10.14 -3.75
CA PHE A 91 0.17 -11.26 -2.90
C PHE A 91 0.05 -12.55 -3.70
N ASN A 92 0.59 -13.63 -3.15
CA ASN A 92 0.54 -14.94 -3.78
C ASN A 92 -0.54 -15.81 -3.14
N ASN A 93 -1.59 -15.16 -2.66
CA ASN A 93 -2.70 -15.86 -2.00
C ASN A 93 -3.80 -14.89 -1.63
N ARG A 94 -4.99 -15.12 -2.16
CA ARG A 94 -6.14 -14.28 -1.87
C ARG A 94 -6.45 -14.27 -0.38
N THR A 95 -5.89 -15.26 0.34
CA THR A 95 -6.11 -15.36 1.78
C THR A 95 -5.30 -14.31 2.51
N VAL A 96 -4.01 -14.23 2.20
CA VAL A 96 -3.14 -13.24 2.83
C VAL A 96 -3.56 -11.85 2.40
N MET A 97 -3.90 -11.72 1.13
CA MET A 97 -4.33 -10.43 0.60
C MET A 97 -5.68 -10.04 1.20
N ASP A 98 -6.55 -11.02 1.38
CA ASP A 98 -7.86 -10.78 1.98
C ASP A 98 -7.70 -10.34 3.43
N ASN A 99 -6.61 -10.76 4.04
CA ASN A 99 -6.32 -10.41 5.43
C ASN A 99 -5.70 -9.02 5.51
N ILE A 100 -4.49 -8.87 4.95
CA ILE A 100 -3.79 -7.60 4.95
C ILE A 100 -4.72 -6.48 4.47
N LYS A 101 -5.25 -6.65 3.26
CA LYS A 101 -6.15 -5.67 2.67
C LYS A 101 -7.23 -5.25 3.68
N MET A 102 -7.70 -6.22 4.44
CA MET A 102 -8.73 -5.97 5.44
C MET A 102 -8.13 -5.32 6.69
N THR A 103 -6.99 -5.84 7.12
CA THR A 103 -6.32 -5.32 8.29
C THR A 103 -6.02 -3.83 8.12
N LEU A 104 -5.35 -3.49 7.02
CA LEU A 104 -5.00 -2.09 6.75
C LEU A 104 -6.25 -1.23 6.90
N GLN A 105 -7.31 -1.60 6.19
CA GLN A 105 -8.57 -0.87 6.24
C GLN A 105 -9.09 -0.76 7.67
N GLN A 106 -9.07 -1.89 8.40
CA GLN A 106 -9.54 -1.92 9.78
C GLN A 106 -8.90 -0.79 10.57
N ILE A 107 -7.65 -0.50 10.24
CA ILE A 107 -6.90 0.56 10.90
C ILE A 107 -7.18 1.90 10.24
N ILE A 108 -7.03 1.93 8.92
CA ILE A 108 -7.29 3.15 8.14
C ILE A 108 -8.54 3.86 8.61
N SER A 109 -9.65 3.13 8.58
CA SER A 109 -10.94 3.67 9.00
C SER A 109 -10.81 4.41 10.33
N ARG A 110 -9.86 4.00 11.15
CA ARG A 110 -9.64 4.61 12.45
C ARG A 110 -9.01 6.00 12.31
N TYR A 111 -8.31 6.22 11.20
CA TYR A 111 -7.67 7.50 10.96
C TYR A 111 -8.72 8.53 10.57
N LYS A 112 -9.73 8.07 9.84
CA LYS A 112 -10.82 8.93 9.41
C LYS A 112 -11.80 9.04 10.54
N ASP A 113 -12.06 7.89 11.15
CA ASP A 113 -12.94 7.81 12.29
C ASP A 113 -12.38 8.66 13.42
N ALA A 114 -11.05 8.73 13.46
CA ALA A 114 -10.37 9.52 14.46
C ALA A 114 -10.08 10.93 13.95
N ASP A 115 -10.08 11.07 12.62
CA ASP A 115 -9.84 12.36 11.99
C ASP A 115 -10.89 12.67 10.93
N ASP B 22 11.99 -11.72 -22.04
CA ASP B 22 11.01 -12.31 -21.09
C ASP B 22 10.86 -11.43 -19.84
N LEU B 23 9.82 -10.61 -19.83
CA LEU B 23 9.56 -9.73 -18.71
C LEU B 23 8.23 -8.99 -18.88
N GLU B 24 7.14 -9.62 -18.44
CA GLU B 24 5.82 -9.03 -18.55
C GLU B 24 4.76 -9.92 -17.89
N VAL B 25 4.45 -9.62 -16.64
CA VAL B 25 3.46 -10.39 -15.89
C VAL B 25 2.76 -9.52 -14.85
N LEU B 26 2.45 -8.29 -15.23
CA LEU B 26 1.77 -7.36 -14.33
C LEU B 26 0.58 -6.70 -15.02
N SER B 27 -0.16 -5.90 -14.26
CA SER B 27 -1.34 -5.21 -14.80
C SER B 27 -1.97 -4.32 -13.74
N GLU B 28 -1.61 -3.03 -13.77
CA GLU B 28 -2.14 -2.07 -12.81
C GLU B 28 -3.37 -1.35 -13.37
N GLU B 29 -3.98 -1.96 -14.37
CA GLU B 29 -5.17 -1.40 -15.00
C GLU B 29 -6.44 -2.03 -14.44
N LEU B 30 -6.27 -3.03 -13.57
CA LEU B 30 -7.42 -3.71 -12.97
C LEU B 30 -7.40 -3.59 -11.45
N PHE B 31 -6.66 -2.60 -10.94
CA PHE B 31 -6.57 -2.38 -9.51
C PHE B 31 -7.77 -1.61 -8.98
N GLU B 32 -8.48 -2.20 -8.04
CA GLU B 32 -9.66 -1.56 -7.46
C GLU B 32 -9.33 -0.94 -6.11
N ASP B 33 -9.90 0.23 -5.84
CA ASP B 33 -9.66 0.94 -4.59
C ASP B 33 -10.57 0.39 -3.48
N VAL B 34 -9.96 -0.25 -2.49
CA VAL B 34 -10.71 -0.82 -1.38
C VAL B 34 -11.53 0.26 -0.66
N PRO B 35 -12.64 -0.13 -0.01
CA PRO B 35 -13.50 0.80 0.71
C PRO B 35 -12.86 1.31 2.00
N THR B 36 -12.84 2.63 2.16
CA THR B 36 -12.25 3.23 3.35
C THR B 36 -13.10 4.41 3.83
N LYS B 37 -13.26 4.52 5.15
CA LYS B 37 -14.05 5.60 5.74
C LYS B 37 -13.54 6.96 5.28
N SER B 38 -14.35 8.00 5.51
CA SER B 38 -13.98 9.36 5.13
C SER B 38 -14.95 10.37 5.71
N GLN B 39 -16.22 10.01 5.72
CA GLN B 39 -17.26 10.88 6.25
C GLN B 39 -17.37 12.17 5.44
N ILE B 40 -18.57 12.49 5.00
CA ILE B 40 -18.80 13.69 4.21
C ILE B 40 -19.73 14.66 4.95
N SER B 41 -19.47 14.86 6.23
CA SER B 41 -20.28 15.75 7.05
C SER B 41 -19.52 17.03 7.38
N PRO A 1 -3.73 -14.33 11.64
CA PRO A 1 -2.70 -13.63 10.83
C PRO A 1 -3.29 -12.44 10.07
N SER A 2 -3.93 -11.55 10.80
CA SER A 2 -4.53 -10.37 10.21
C SER A 2 -3.54 -9.21 10.15
N HIS A 3 -2.63 -9.18 11.11
CA HIS A 3 -1.62 -8.13 11.18
C HIS A 3 -0.33 -8.56 10.48
N SER A 4 -0.43 -9.50 9.55
CA SER A 4 0.73 -9.99 8.82
C SER A 4 0.33 -10.69 7.53
N GLY A 5 1.28 -10.79 6.63
CA GLY A 5 1.05 -11.42 5.34
C GLY A 5 2.19 -11.17 4.38
N ALA A 6 2.61 -12.20 3.66
CA ALA A 6 3.72 -12.06 2.74
C ALA A 6 3.30 -11.44 1.41
N ALA A 7 4.19 -10.60 0.86
CA ALA A 7 3.92 -9.92 -0.40
C ALA A 7 5.20 -9.68 -1.19
N ILE A 8 5.06 -9.22 -2.43
CA ILE A 8 6.22 -8.97 -3.29
C ILE A 8 6.52 -7.48 -3.40
N PHE A 9 7.73 -7.07 -3.04
CA PHE A 9 8.13 -5.68 -3.13
C PHE A 9 9.37 -5.51 -4.00
N GLU A 10 9.18 -4.96 -5.19
CA GLU A 10 10.27 -4.71 -6.13
C GLU A 10 10.85 -6.02 -6.68
N LYS A 11 9.97 -6.91 -7.12
CA LYS A 11 10.39 -8.19 -7.68
C LYS A 11 10.91 -9.16 -6.61
N VAL A 12 10.98 -8.71 -5.36
CA VAL A 12 11.44 -9.55 -4.28
C VAL A 12 10.26 -10.06 -3.47
N SER A 13 10.43 -11.25 -2.92
CA SER A 13 9.38 -11.85 -2.11
C SER A 13 9.78 -11.89 -0.65
N GLY A 14 9.05 -11.13 0.17
CA GLY A 14 9.35 -11.10 1.58
C GLY A 14 8.11 -11.29 2.42
N ILE A 15 7.98 -10.52 3.49
CA ILE A 15 6.84 -10.61 4.38
C ILE A 15 6.30 -9.24 4.75
N ILE A 16 4.99 -9.08 4.63
CA ILE A 16 4.36 -7.83 5.00
C ILE A 16 3.72 -8.02 6.37
N ALA A 17 4.21 -7.29 7.36
CA ALA A 17 3.67 -7.43 8.69
C ALA A 17 3.23 -6.08 9.23
N ILE A 18 1.94 -5.98 9.48
CA ILE A 18 1.32 -4.77 9.97
C ILE A 18 1.47 -4.62 11.48
N ASN A 19 1.68 -3.40 11.93
CA ASN A 19 1.83 -3.11 13.34
C ASN A 19 0.72 -2.18 13.82
N GLU A 20 -0.35 -2.76 14.33
CA GLU A 20 -1.49 -1.99 14.82
C GLU A 20 -1.24 -1.45 16.23
N ASP A 21 -0.08 -1.76 16.79
CA ASP A 21 0.27 -1.32 18.13
C ASP A 21 0.84 0.10 18.13
N VAL A 22 0.91 0.71 16.94
CA VAL A 22 1.43 2.06 16.82
C VAL A 22 0.30 3.08 16.71
N SER A 23 0.65 4.28 16.25
CA SER A 23 -0.33 5.35 16.08
C SER A 23 0.34 6.58 15.45
N PRO A 24 0.14 6.79 14.14
CA PRO A 24 -0.67 5.91 13.29
C PRO A 24 -0.05 4.54 13.10
N ALA A 25 -0.87 3.57 12.68
CA ALA A 25 -0.38 2.21 12.46
C ALA A 25 0.82 2.21 11.52
N GLU A 26 1.28 1.02 11.15
CA GLU A 26 2.42 0.92 10.25
C GLU A 26 2.51 -0.45 9.59
N LEU A 27 2.95 -0.43 8.34
CA LEU A 27 3.14 -1.63 7.54
C LEU A 27 4.64 -1.87 7.38
N THR A 28 5.05 -3.14 7.27
CA THR A 28 6.47 -3.43 7.13
C THR A 28 6.73 -4.66 6.28
N TRP A 29 7.18 -4.43 5.05
CA TRP A 29 7.50 -5.51 4.15
C TRP A 29 8.98 -5.87 4.27
N ARG A 30 9.26 -7.05 4.83
CA ARG A 30 10.64 -7.49 5.01
C ARG A 30 10.95 -8.66 4.09
N SER A 31 12.06 -8.56 3.36
CA SER A 31 12.46 -9.63 2.45
C SER A 31 12.43 -10.98 3.15
N THR A 32 12.30 -12.05 2.38
CA THR A 32 12.25 -13.39 2.93
C THR A 32 13.63 -13.82 3.37
N ASP A 33 14.63 -13.38 2.62
CA ASP A 33 16.01 -13.70 2.92
C ASP A 33 16.60 -12.69 3.91
N GLY A 34 15.92 -11.56 4.07
CA GLY A 34 16.39 -10.54 5.00
C GLY A 34 17.38 -9.59 4.34
N ASP A 35 17.17 -9.32 3.06
CA ASP A 35 18.05 -8.42 2.32
C ASP A 35 17.61 -6.97 2.45
N LYS A 36 16.33 -6.75 2.74
CA LYS A 36 15.80 -5.40 2.90
C LYS A 36 14.35 -5.43 3.32
N VAL A 37 13.88 -4.28 3.81
CA VAL A 37 12.52 -4.14 4.28
C VAL A 37 11.99 -2.74 4.00
N HIS A 38 10.68 -2.64 3.76
CA HIS A 38 10.04 -1.36 3.49
C HIS A 38 8.91 -1.10 4.48
N THR A 39 9.03 -0.02 5.24
CA THR A 39 8.01 0.34 6.22
C THR A 39 7.03 1.35 5.65
N VAL A 40 5.77 1.25 6.08
CA VAL A 40 4.72 2.15 5.61
C VAL A 40 3.91 2.73 6.76
N VAL A 41 3.59 4.01 6.66
CA VAL A 41 2.78 4.66 7.67
C VAL A 41 1.37 4.84 7.12
N LEU A 42 0.49 3.89 7.45
CA LEU A 42 -0.89 3.91 6.98
C LEU A 42 -1.51 5.30 7.02
N SER A 43 -0.96 6.18 7.86
CA SER A 43 -1.45 7.54 7.97
C SER A 43 -0.95 8.35 6.78
N THR A 44 0.35 8.24 6.50
CA THR A 44 0.95 8.93 5.39
C THR A 44 0.37 8.39 4.10
N ILE A 45 -0.05 7.12 4.13
CA ILE A 45 -0.65 6.48 2.96
C ILE A 45 -1.85 7.29 2.47
N ASP A 46 -1.70 7.95 1.33
CA ASP A 46 -2.78 8.75 0.75
C ASP A 46 -4.04 7.91 0.60
N LYS A 47 -3.86 6.62 0.34
CA LYS A 47 -4.99 5.72 0.16
C LYS A 47 -4.51 4.27 0.08
N LEU A 48 -5.43 3.33 0.25
CA LEU A 48 -5.10 1.91 0.20
C LEU A 48 -5.65 1.27 -1.07
N GLN A 49 -4.75 0.75 -1.90
CA GLN A 49 -5.15 0.09 -3.14
C GLN A 49 -4.92 -1.41 -3.02
N ALA A 50 -5.85 -2.20 -3.54
CA ALA A 50 -5.75 -3.64 -3.47
C ALA A 50 -6.57 -4.32 -4.56
N THR A 51 -6.04 -5.42 -5.09
CA THR A 51 -6.73 -6.16 -6.15
C THR A 51 -8.11 -6.63 -5.70
N PRO A 52 -9.09 -6.63 -6.62
CA PRO A 52 -10.46 -7.06 -6.33
C PRO A 52 -10.61 -8.58 -6.36
N ALA A 53 -11.70 -9.07 -5.77
CA ALA A 53 -11.96 -10.50 -5.72
C ALA A 53 -11.93 -11.12 -7.13
N SER A 54 -12.16 -10.30 -8.14
CA SER A 54 -12.16 -10.78 -9.52
C SER A 54 -10.78 -10.62 -10.16
N SER A 55 -9.75 -10.45 -9.34
CA SER A 55 -8.39 -10.29 -9.82
C SER A 55 -7.74 -11.63 -10.11
N GLU A 56 -7.24 -11.81 -11.33
CA GLU A 56 -6.57 -13.03 -11.71
C GLU A 56 -5.39 -13.31 -10.77
N LYS A 57 -4.95 -12.26 -10.08
CA LYS A 57 -3.85 -12.38 -9.13
C LYS A 57 -4.09 -11.51 -7.90
N MET A 58 -3.31 -11.74 -6.85
CA MET A 58 -3.45 -10.99 -5.62
C MET A 58 -2.39 -9.90 -5.51
N MET A 59 -2.85 -8.67 -5.28
CA MET A 59 -1.94 -7.54 -5.17
C MET A 59 -2.50 -6.46 -4.23
N LEU A 60 -1.63 -5.91 -3.39
CA LEU A 60 -2.01 -4.85 -2.46
C LEU A 60 -1.07 -3.66 -2.61
N ARG A 61 -1.59 -2.46 -2.37
CA ARG A 61 -0.76 -1.26 -2.50
C ARG A 61 -1.26 -0.11 -1.62
N LEU A 62 -0.33 0.75 -1.22
CA LEU A 62 -0.65 1.92 -0.40
C LEU A 62 -0.09 3.18 -1.06
N ILE A 63 -0.97 4.09 -1.45
CA ILE A 63 -0.55 5.33 -2.09
C ILE A 63 0.01 6.32 -1.08
N GLY A 64 0.85 7.25 -1.56
CA GLY A 64 1.45 8.24 -0.68
C GLY A 64 1.14 9.65 -1.14
N LYS A 65 0.63 10.47 -0.23
CA LYS A 65 0.29 11.86 -0.55
C LYS A 65 1.52 12.61 -1.06
N VAL A 66 1.38 13.21 -2.24
CA VAL A 66 2.47 13.96 -2.85
C VAL A 66 2.27 15.46 -2.69
N ASP A 67 3.36 16.22 -2.85
CA ASP A 67 3.30 17.67 -2.72
C ASP A 67 3.78 18.35 -4.01
N GLU A 68 3.19 17.96 -5.13
CA GLU A 68 3.55 18.52 -6.42
C GLU A 68 3.26 20.02 -6.48
N SER A 69 2.47 20.51 -5.54
CA SER A 69 2.13 21.93 -5.49
C SER A 69 3.37 22.81 -5.51
N LYS A 70 4.49 22.25 -5.06
CA LYS A 70 5.75 22.97 -5.03
C LYS A 70 6.33 23.09 -6.43
N LYS A 71 6.77 21.97 -6.99
CA LYS A 71 7.34 21.94 -8.34
C LYS A 71 8.30 23.11 -8.56
N ARG A 72 9.53 22.97 -8.07
CA ARG A 72 10.52 24.03 -8.23
C ARG A 72 11.93 23.44 -8.32
N LYS A 73 12.92 24.32 -8.39
CA LYS A 73 14.32 23.89 -8.48
C LYS A 73 15.06 24.14 -7.17
N ASP A 74 16.37 23.93 -7.20
CA ASP A 74 17.20 24.13 -6.01
C ASP A 74 18.03 25.39 -6.14
N ASN A 75 18.57 25.61 -7.32
CA ASN A 75 19.39 26.79 -7.60
C ASN A 75 20.12 26.65 -8.94
N GLU A 76 20.45 25.41 -9.29
CA GLU A 76 21.15 25.14 -10.54
C GLU A 76 20.17 24.68 -11.63
N GLY A 77 19.01 25.31 -11.67
CA GLY A 77 18.01 24.96 -12.66
C GLY A 77 17.58 23.51 -12.57
N ASN A 78 17.83 22.89 -11.43
CA ASN A 78 17.47 21.49 -11.22
C ASN A 78 15.95 21.32 -11.32
N GLU A 79 15.43 20.25 -10.70
CA GLU A 79 14.00 20.00 -10.73
C GLU A 79 13.60 19.02 -9.62
N VAL A 80 12.81 19.51 -8.66
CA VAL A 80 12.37 18.68 -7.55
C VAL A 80 10.99 18.09 -7.80
N VAL A 81 9.98 18.95 -7.79
CA VAL A 81 8.60 18.54 -8.01
C VAL A 81 8.32 17.16 -7.43
N PRO A 82 8.28 17.05 -6.09
CA PRO A 82 8.04 15.81 -5.38
C PRO A 82 6.97 14.95 -6.04
N LYS A 83 7.29 13.69 -6.28
CA LYS A 83 6.37 12.75 -6.91
C LYS A 83 5.62 11.94 -5.86
N PRO A 84 4.53 11.29 -6.27
CA PRO A 84 3.68 10.48 -5.39
C PRO A 84 4.26 9.09 -5.15
N GLN A 85 4.69 8.85 -3.92
CA GLN A 85 5.27 7.56 -3.55
C GLN A 85 4.19 6.56 -3.16
N ARG A 86 4.04 5.51 -3.96
CA ARG A 86 3.05 4.47 -3.71
C ARG A 86 3.73 3.14 -3.42
N HIS A 87 3.31 2.48 -2.34
CA HIS A 87 3.90 1.20 -1.96
C HIS A 87 3.06 0.06 -2.53
N MET A 88 3.62 -0.66 -3.49
CA MET A 88 2.91 -1.77 -4.13
C MET A 88 3.49 -3.11 -3.68
N PHE A 89 2.61 -4.05 -3.39
CA PHE A 89 3.02 -5.38 -2.96
C PHE A 89 2.19 -6.46 -3.65
N SER A 90 2.87 -7.43 -4.24
CA SER A 90 2.20 -8.52 -4.92
C SER A 90 2.07 -9.74 -4.02
N PHE A 91 0.85 -10.10 -3.67
CA PHE A 91 0.61 -11.24 -2.80
C PHE A 91 0.40 -12.52 -3.61
N ASN A 92 0.87 -13.63 -3.05
CA ASN A 92 0.74 -14.92 -3.70
C ASN A 92 -0.29 -15.78 -2.98
N ASN A 93 -1.25 -15.13 -2.33
CA ASN A 93 -2.29 -15.83 -1.60
C ASN A 93 -3.44 -14.89 -1.25
N ARG A 94 -4.58 -15.12 -1.89
CA ARG A 94 -5.76 -14.30 -1.64
C ARG A 94 -6.15 -14.35 -0.18
N THR A 95 -5.75 -15.42 0.49
CA THR A 95 -6.03 -15.58 1.90
C THR A 95 -5.16 -14.64 2.71
N VAL A 96 -3.89 -14.56 2.35
CA VAL A 96 -2.96 -13.68 3.02
C VAL A 96 -3.36 -12.24 2.76
N MET A 97 -3.55 -11.90 1.50
CA MET A 97 -3.96 -10.56 1.11
C MET A 97 -5.31 -10.23 1.75
N ASP A 98 -6.17 -11.23 1.84
CA ASP A 98 -7.49 -11.05 2.43
C ASP A 98 -7.35 -10.63 3.89
N ASN A 99 -6.30 -11.14 4.53
CA ASN A 99 -6.03 -10.81 5.93
C ASN A 99 -5.31 -9.47 6.03
N ILE A 100 -4.61 -9.11 4.97
CA ILE A 100 -3.86 -7.85 4.94
C ILE A 100 -4.77 -6.70 4.52
N LYS A 101 -5.33 -6.81 3.32
CA LYS A 101 -6.21 -5.78 2.79
C LYS A 101 -7.34 -5.47 3.77
N MET A 102 -7.70 -6.47 4.59
CA MET A 102 -8.76 -6.30 5.57
C MET A 102 -8.23 -5.60 6.82
N THR A 103 -7.02 -5.96 7.23
CA THR A 103 -6.42 -5.36 8.40
C THR A 103 -5.95 -3.95 8.08
N LEU A 104 -5.52 -3.75 6.85
CA LEU A 104 -5.05 -2.45 6.40
C LEU A 104 -6.17 -1.41 6.51
N GLN A 105 -7.28 -1.66 5.82
CA GLN A 105 -8.41 -0.74 5.86
C GLN A 105 -9.06 -0.73 7.24
N GLN A 106 -9.04 -1.88 7.92
CA GLN A 106 -9.63 -1.98 9.25
C GLN A 106 -9.05 -0.90 10.16
N ILE A 107 -7.78 -0.59 9.94
CA ILE A 107 -7.09 0.43 10.69
C ILE A 107 -7.34 1.80 10.08
N ILE A 108 -7.11 1.91 8.79
CA ILE A 108 -7.33 3.17 8.05
C ILE A 108 -8.63 3.81 8.46
N SER A 109 -9.71 3.06 8.31
CA SER A 109 -11.04 3.53 8.66
C SER A 109 -11.05 4.18 10.05
N ARG A 110 -10.11 3.75 10.89
CA ARG A 110 -10.00 4.28 12.25
C ARG A 110 -9.43 5.70 12.23
N TYR A 111 -8.69 6.05 11.19
CA TYR A 111 -8.10 7.38 11.09
C TYR A 111 -9.17 8.37 10.67
N LYS A 112 -10.08 7.90 9.81
CA LYS A 112 -11.17 8.73 9.34
C LYS A 112 -12.23 8.75 10.40
N ASP A 113 -12.47 7.56 10.94
CA ASP A 113 -13.43 7.39 12.02
C ASP A 113 -12.97 8.19 13.21
N ALA A 114 -11.67 8.33 13.35
CA ALA A 114 -11.08 9.08 14.44
C ALA A 114 -10.84 10.53 14.01
N ASP A 115 -10.80 10.77 12.70
CA ASP A 115 -10.58 12.11 12.16
C ASP A 115 -11.59 13.10 12.74
N ASP B 22 -0.96 -11.08 -19.94
CA ASP B 22 -0.35 -10.20 -18.90
C ASP B 22 1.06 -10.66 -18.54
N LEU B 23 2.05 -10.08 -19.21
CA LEU B 23 3.45 -10.43 -18.95
C LEU B 23 4.37 -9.26 -19.28
N GLU B 24 4.52 -8.35 -18.32
CA GLU B 24 5.37 -7.18 -18.50
C GLU B 24 5.45 -6.36 -17.23
N VAL B 25 6.14 -6.89 -16.22
CA VAL B 25 6.28 -6.20 -14.94
C VAL B 25 4.92 -5.92 -14.31
N LEU B 26 4.04 -6.91 -14.36
CA LEU B 26 2.70 -6.76 -13.79
C LEU B 26 1.93 -5.64 -14.48
N SER B 27 0.88 -5.16 -13.83
CA SER B 27 0.06 -4.09 -14.38
C SER B 27 -0.86 -3.53 -13.29
N GLU B 28 -0.40 -2.46 -12.64
CA GLU B 28 -1.18 -1.84 -11.56
C GLU B 28 -2.20 -0.85 -12.11
N GLU B 29 -2.52 -0.99 -13.38
CA GLU B 29 -3.49 -0.12 -14.04
C GLU B 29 -4.80 -0.87 -14.28
N LEU B 30 -4.94 -2.05 -13.68
CA LEU B 30 -6.15 -2.85 -13.85
C LEU B 30 -6.85 -3.12 -12.52
N PHE B 31 -6.10 -3.09 -11.44
CA PHE B 31 -6.66 -3.34 -10.11
C PHE B 31 -7.42 -2.13 -9.59
N GLU B 32 -8.24 -2.34 -8.55
CA GLU B 32 -9.03 -1.27 -7.98
C GLU B 32 -8.53 -0.91 -6.59
N ASP B 33 -9.06 0.18 -6.04
CA ASP B 33 -8.66 0.65 -4.72
C ASP B 33 -9.75 0.38 -3.68
N VAL B 34 -9.41 -0.39 -2.66
CA VAL B 34 -10.35 -0.72 -1.60
C VAL B 34 -10.74 0.53 -0.82
N PRO B 35 -12.05 0.84 -0.71
CA PRO B 35 -12.53 2.02 0.01
C PRO B 35 -12.25 1.96 1.50
N THR B 36 -12.20 3.12 2.14
CA THR B 36 -11.93 3.21 3.57
C THR B 36 -12.86 4.23 4.23
N LYS B 37 -13.71 3.75 5.13
CA LYS B 37 -14.65 4.62 5.84
C LYS B 37 -15.50 3.81 6.81
N SER B 38 -15.58 4.29 8.05
CA SER B 38 -16.37 3.62 9.08
C SER B 38 -15.84 2.22 9.35
N GLN B 39 -15.98 1.76 10.60
CA GLN B 39 -15.51 0.44 10.98
C GLN B 39 -16.03 0.06 12.36
N ILE B 40 -16.64 -1.12 12.46
CA ILE B 40 -17.18 -1.60 13.72
C ILE B 40 -17.76 -3.00 13.57
N SER B 41 -16.95 -4.00 13.92
CA SER B 41 -17.38 -5.40 13.82
C SER B 41 -17.80 -5.93 15.19
N PRO A 1 -3.51 -13.70 12.72
CA PRO A 1 -2.70 -13.55 11.49
C PRO A 1 -3.26 -12.46 10.56
N SER A 2 -3.68 -11.34 11.17
CA SER A 2 -4.23 -10.23 10.40
C SER A 2 -3.20 -9.12 10.25
N HIS A 3 -2.41 -8.90 11.28
CA HIS A 3 -1.37 -7.87 11.27
C HIS A 3 -0.11 -8.36 10.57
N SER A 4 -0.21 -9.44 9.79
CA SER A 4 0.93 -9.99 9.07
C SER A 4 0.50 -10.70 7.81
N GLY A 5 1.41 -10.75 6.83
CA GLY A 5 1.14 -11.38 5.57
C GLY A 5 2.27 -11.14 4.59
N ALA A 6 2.64 -12.15 3.83
CA ALA A 6 3.75 -12.02 2.89
C ALA A 6 3.31 -11.38 1.57
N ALA A 7 4.19 -10.55 1.02
CA ALA A 7 3.93 -9.85 -0.24
C ALA A 7 5.23 -9.55 -0.98
N ILE A 8 5.12 -9.08 -2.23
CA ILE A 8 6.29 -8.76 -3.04
C ILE A 8 6.56 -7.26 -3.10
N PHE A 9 7.78 -6.87 -2.77
CA PHE A 9 8.17 -5.47 -2.81
C PHE A 9 9.45 -5.27 -3.62
N GLU A 10 9.31 -4.65 -4.78
CA GLU A 10 10.43 -4.37 -5.68
C GLU A 10 11.02 -5.65 -6.26
N LYS A 11 10.16 -6.50 -6.81
CA LYS A 11 10.59 -7.75 -7.43
C LYS A 11 11.08 -8.76 -6.39
N VAL A 12 11.14 -8.35 -5.13
CA VAL A 12 11.59 -9.25 -4.08
C VAL A 12 10.41 -9.80 -3.30
N SER A 13 10.57 -11.01 -2.80
CA SER A 13 9.51 -11.65 -2.05
C SER A 13 9.91 -11.79 -0.58
N GLY A 14 9.20 -11.07 0.28
CA GLY A 14 9.47 -11.13 1.70
C GLY A 14 8.21 -11.33 2.51
N ILE A 15 8.08 -10.53 3.56
CA ILE A 15 6.90 -10.61 4.42
C ILE A 15 6.38 -9.23 4.76
N ILE A 16 5.07 -9.08 4.69
CA ILE A 16 4.45 -7.82 5.06
C ILE A 16 3.90 -8.01 6.46
N ALA A 17 4.02 -7.00 7.29
CA ALA A 17 3.55 -7.13 8.64
C ALA A 17 3.12 -5.80 9.21
N ILE A 18 1.85 -5.73 9.55
CA ILE A 18 1.24 -4.52 10.09
C ILE A 18 1.50 -4.38 11.58
N ASN A 19 1.72 -3.13 12.00
CA ASN A 19 1.95 -2.84 13.40
C ASN A 19 0.88 -1.89 13.93
N GLU A 20 -0.17 -2.46 14.49
CA GLU A 20 -1.28 -1.67 15.02
C GLU A 20 -0.96 -1.14 16.43
N ASP A 21 0.22 -1.46 16.93
CA ASP A 21 0.65 -1.02 18.25
C ASP A 21 1.21 0.41 18.20
N VAL A 22 1.22 0.99 17.00
CA VAL A 22 1.73 2.35 16.84
C VAL A 22 0.59 3.35 16.69
N SER A 23 0.90 4.54 16.19
CA SER A 23 -0.10 5.57 15.99
C SER A 23 0.51 6.78 15.30
N PRO A 24 0.29 6.92 13.97
CA PRO A 24 -0.52 6.00 13.18
C PRO A 24 0.15 4.64 12.99
N ALA A 25 -0.63 3.66 12.53
CA ALA A 25 -0.12 2.31 12.31
C ALA A 25 1.01 2.32 11.30
N GLU A 26 1.57 1.13 11.06
CA GLU A 26 2.66 1.00 10.10
C GLU A 26 2.84 -0.46 9.69
N LEU A 27 3.00 -0.69 8.38
CA LEU A 27 3.22 -2.04 7.87
C LEU A 27 4.66 -2.17 7.41
N THR A 28 5.34 -3.22 7.88
CA THR A 28 6.75 -3.44 7.53
C THR A 28 6.95 -4.67 6.65
N TRP A 29 7.37 -4.43 5.41
CA TRP A 29 7.63 -5.51 4.48
C TRP A 29 9.10 -5.91 4.59
N ARG A 30 9.35 -7.09 5.12
CA ARG A 30 10.72 -7.57 5.27
C ARG A 30 11.02 -8.72 4.31
N SER A 31 12.13 -8.62 3.59
CA SER A 31 12.51 -9.66 2.64
C SER A 31 12.46 -11.04 3.30
N THR A 32 12.37 -12.08 2.49
CA THR A 32 12.31 -13.44 3.01
C THR A 32 13.68 -13.88 3.48
N ASP A 33 14.69 -13.47 2.72
CA ASP A 33 16.07 -13.79 3.03
C ASP A 33 16.66 -12.79 4.02
N GLY A 34 15.96 -11.68 4.23
CA GLY A 34 16.44 -10.67 5.16
C GLY A 34 17.44 -9.73 4.52
N ASP A 35 17.23 -9.43 3.24
CA ASP A 35 18.12 -8.54 2.50
C ASP A 35 17.70 -7.07 2.67
N LYS A 36 16.43 -6.85 2.96
CA LYS A 36 15.92 -5.50 3.13
C LYS A 36 14.46 -5.50 3.56
N VAL A 37 14.01 -4.36 4.05
CA VAL A 37 12.65 -4.21 4.53
C VAL A 37 12.11 -2.82 4.21
N HIS A 38 10.79 -2.71 4.12
CA HIS A 38 10.15 -1.43 3.84
C HIS A 38 9.03 -1.15 4.82
N THR A 39 9.15 -0.06 5.57
CA THR A 39 8.15 0.32 6.55
C THR A 39 7.18 1.34 5.96
N VAL A 40 5.88 1.06 6.09
CA VAL A 40 4.85 1.93 5.57
C VAL A 40 4.00 2.52 6.68
N VAL A 41 3.64 3.79 6.52
CA VAL A 41 2.80 4.47 7.50
C VAL A 41 1.38 4.58 6.95
N LEU A 42 0.52 3.63 7.31
CA LEU A 42 -0.87 3.61 6.84
C LEU A 42 -1.51 5.00 6.89
N SER A 43 -0.95 5.89 7.72
CA SER A 43 -1.46 7.24 7.83
C SER A 43 -1.00 8.07 6.64
N THR A 44 0.29 7.97 6.33
CA THR A 44 0.85 8.67 5.20
C THR A 44 0.21 8.12 3.92
N ILE A 45 -0.20 6.86 3.98
CA ILE A 45 -0.85 6.22 2.86
C ILE A 45 -2.09 7.02 2.43
N ASP A 46 -1.97 7.77 1.34
CA ASP A 46 -3.07 8.58 0.84
C ASP A 46 -4.31 7.74 0.53
N LYS A 47 -4.11 6.43 0.34
CA LYS A 47 -5.22 5.55 0.04
C LYS A 47 -4.80 4.09 0.05
N LEU A 48 -5.76 3.20 0.20
CA LEU A 48 -5.51 1.76 0.22
C LEU A 48 -6.03 1.11 -1.06
N GLN A 49 -5.14 0.47 -1.81
CA GLN A 49 -5.52 -0.18 -3.06
C GLN A 49 -5.16 -1.66 -3.05
N ALA A 50 -5.99 -2.47 -3.69
CA ALA A 50 -5.75 -3.91 -3.74
C ALA A 50 -6.48 -4.52 -4.94
N THR A 51 -5.93 -5.61 -5.50
CA THR A 51 -6.55 -6.26 -6.65
C THR A 51 -7.98 -6.68 -6.32
N PRO A 52 -8.92 -6.49 -7.28
CA PRO A 52 -10.33 -6.84 -7.08
C PRO A 52 -10.53 -8.35 -7.00
N ALA A 53 -11.70 -8.75 -6.50
CA ALA A 53 -12.03 -10.16 -6.36
C ALA A 53 -12.17 -10.83 -7.72
N SER A 54 -12.64 -10.06 -8.70
CA SER A 54 -12.82 -10.57 -10.07
C SER A 54 -11.47 -10.82 -10.74
N SER A 55 -10.43 -10.17 -10.23
CA SER A 55 -9.09 -10.30 -10.78
C SER A 55 -8.33 -11.41 -10.08
N GLU A 56 -7.99 -12.46 -10.82
CA GLU A 56 -7.24 -13.58 -10.26
C GLU A 56 -5.94 -13.10 -9.63
N LYS A 57 -5.51 -11.90 -10.00
CA LYS A 57 -4.28 -11.32 -9.47
C LYS A 57 -4.48 -10.89 -8.01
N MET A 58 -3.59 -11.36 -7.14
CA MET A 58 -3.66 -11.02 -5.72
C MET A 58 -2.54 -10.06 -5.34
N MET A 59 -2.86 -8.77 -5.31
CA MET A 59 -1.88 -7.75 -4.98
C MET A 59 -2.49 -6.61 -4.17
N LEU A 60 -1.71 -6.10 -3.23
CA LEU A 60 -2.15 -4.99 -2.39
C LEU A 60 -1.25 -3.78 -2.59
N ARG A 61 -1.82 -2.58 -2.51
CA ARG A 61 -1.07 -1.35 -2.72
C ARG A 61 -1.51 -0.23 -1.79
N LEU A 62 -0.56 0.60 -1.37
CA LEU A 62 -0.85 1.73 -0.51
C LEU A 62 -0.25 3.00 -1.12
N ILE A 63 -1.10 3.89 -1.62
CA ILE A 63 -0.63 5.14 -2.22
C ILE A 63 -0.22 6.14 -1.15
N GLY A 64 0.66 7.06 -1.52
CA GLY A 64 1.12 8.07 -0.58
C GLY A 64 0.60 9.46 -0.91
N LYS A 65 1.13 10.46 -0.23
CA LYS A 65 0.72 11.85 -0.46
C LYS A 65 1.88 12.68 -0.99
N VAL A 66 1.60 13.51 -1.99
CA VAL A 66 2.63 14.36 -2.58
C VAL A 66 2.50 15.80 -2.09
N ASP A 67 3.57 16.57 -2.22
CA ASP A 67 3.57 17.96 -1.78
C ASP A 67 4.24 18.86 -2.80
N GLU A 68 4.02 18.58 -4.08
CA GLU A 68 4.60 19.37 -5.17
C GLU A 68 6.08 19.66 -4.91
N SER A 69 6.75 18.76 -4.21
CA SER A 69 8.16 18.91 -3.89
C SER A 69 9.03 18.06 -4.80
N LYS A 70 8.44 17.01 -5.36
CA LYS A 70 9.17 16.12 -6.26
C LYS A 70 9.78 16.89 -7.43
N LYS A 71 8.97 17.15 -8.45
CA LYS A 71 9.44 17.88 -9.62
C LYS A 71 10.67 17.21 -10.24
N ARG A 72 10.43 16.30 -11.16
CA ARG A 72 11.53 15.59 -11.83
C ARG A 72 11.43 15.74 -13.34
N LYS A 73 12.56 16.03 -13.97
CA LYS A 73 12.59 16.20 -15.43
C LYS A 73 12.48 14.85 -16.13
N ASP A 74 11.88 14.85 -17.32
CA ASP A 74 11.71 13.63 -18.09
C ASP A 74 12.70 13.57 -19.25
N ASN A 75 13.04 14.73 -19.77
CA ASN A 75 13.99 14.83 -20.88
C ASN A 75 13.99 16.23 -21.48
N GLU A 76 12.84 16.89 -21.42
CA GLU A 76 12.71 18.24 -21.97
C GLU A 76 12.65 19.28 -20.85
N GLY A 77 13.14 18.91 -19.67
CA GLY A 77 13.14 19.82 -18.53
C GLY A 77 11.75 20.39 -18.26
N ASN A 78 10.73 19.55 -18.43
CA ASN A 78 9.35 19.97 -18.18
C ASN A 78 8.98 19.87 -16.72
N GLU A 79 9.95 19.49 -15.89
CA GLU A 79 9.74 19.35 -14.46
C GLU A 79 8.40 18.68 -14.14
N VAL A 80 8.34 17.38 -14.35
CA VAL A 80 7.13 16.62 -14.08
C VAL A 80 6.95 16.37 -12.58
N VAL A 81 5.70 16.16 -12.17
CA VAL A 81 5.39 15.89 -10.78
C VAL A 81 4.93 14.45 -10.61
N PRO A 82 5.88 13.50 -10.57
CA PRO A 82 5.59 12.08 -10.41
C PRO A 82 4.49 11.81 -9.38
N LYS A 83 3.83 10.67 -9.52
CA LYS A 83 2.75 10.29 -8.61
C LYS A 83 3.14 10.53 -7.16
N PRO A 84 2.15 10.53 -6.26
CA PRO A 84 2.36 10.77 -4.83
C PRO A 84 2.83 9.53 -4.07
N GLN A 85 3.81 8.85 -4.64
CA GLN A 85 4.36 7.65 -4.01
C GLN A 85 3.28 6.58 -3.83
N ARG A 86 3.69 5.32 -3.87
CA ARG A 86 2.76 4.21 -3.71
C ARG A 86 3.52 2.91 -3.50
N HIS A 87 3.15 2.18 -2.44
CA HIS A 87 3.82 0.92 -2.13
C HIS A 87 3.05 -0.24 -2.76
N MET A 88 3.65 -0.87 -3.77
CA MET A 88 3.02 -1.99 -4.45
C MET A 88 3.45 -3.31 -3.87
N PHE A 89 2.49 -4.06 -3.34
CA PHE A 89 2.75 -5.36 -2.74
C PHE A 89 2.03 -6.46 -3.52
N SER A 90 2.80 -7.37 -4.12
CA SER A 90 2.23 -8.46 -4.87
C SER A 90 2.10 -9.71 -4.01
N PHE A 91 0.85 -10.12 -3.77
CA PHE A 91 0.58 -11.28 -2.94
C PHE A 91 0.53 -12.55 -3.78
N ASN A 92 0.95 -13.66 -3.19
CA ASN A 92 0.94 -14.95 -3.86
C ASN A 92 -0.13 -15.84 -3.25
N ASN A 93 -1.19 -15.22 -2.74
CA ASN A 93 -2.29 -15.94 -2.12
C ASN A 93 -3.41 -14.98 -1.73
N ARG A 94 -4.57 -15.18 -2.33
CA ARG A 94 -5.73 -14.33 -2.03
C ARG A 94 -6.09 -14.40 -0.56
N THR A 95 -5.55 -15.40 0.14
CA THR A 95 -5.83 -15.55 1.56
C THR A 95 -5.06 -14.51 2.36
N VAL A 96 -3.77 -14.40 2.10
CA VAL A 96 -2.93 -13.42 2.79
C VAL A 96 -3.39 -12.02 2.42
N MET A 97 -3.66 -11.81 1.14
CA MET A 97 -4.11 -10.52 0.66
C MET A 97 -5.48 -10.19 1.27
N ASP A 98 -6.31 -11.21 1.42
CA ASP A 98 -7.62 -11.03 2.00
C ASP A 98 -7.50 -10.56 3.44
N ASN A 99 -6.39 -10.96 4.08
CA ASN A 99 -6.11 -10.57 5.45
C ASN A 99 -5.50 -9.17 5.49
N ILE A 100 -4.31 -9.02 4.93
CA ILE A 100 -3.63 -7.73 4.90
C ILE A 100 -4.58 -6.62 4.44
N LYS A 101 -5.13 -6.79 3.25
CA LYS A 101 -6.04 -5.81 2.68
C LYS A 101 -7.14 -5.41 3.66
N MET A 102 -7.60 -6.37 4.47
CA MET A 102 -8.65 -6.08 5.44
C MET A 102 -8.05 -5.47 6.71
N THR A 103 -6.92 -6.00 7.15
CA THR A 103 -6.27 -5.49 8.34
C THR A 103 -5.97 -4.01 8.19
N LEU A 104 -5.34 -3.65 7.08
CA LEU A 104 -5.01 -2.26 6.81
C LEU A 104 -6.27 -1.41 6.95
N GLN A 105 -7.32 -1.82 6.24
CA GLN A 105 -8.59 -1.11 6.28
C GLN A 105 -9.11 -0.98 7.71
N GLN A 106 -9.09 -2.09 8.45
CA GLN A 106 -9.56 -2.09 9.84
C GLN A 106 -8.93 -0.94 10.62
N ILE A 107 -7.68 -0.64 10.28
CA ILE A 107 -6.94 0.43 10.92
C ILE A 107 -7.25 1.76 10.25
N ILE A 108 -7.10 1.79 8.93
CA ILE A 108 -7.35 2.99 8.14
C ILE A 108 -8.62 3.69 8.59
N SER A 109 -9.72 2.96 8.55
CA SER A 109 -11.02 3.50 8.96
C SER A 109 -10.92 4.23 10.29
N ARG A 110 -9.95 3.82 11.10
CA ARG A 110 -9.72 4.44 12.40
C ARG A 110 -9.13 5.83 12.25
N TYR A 111 -8.43 6.07 11.14
CA TYR A 111 -7.83 7.37 10.89
C TYR A 111 -8.91 8.37 10.48
N LYS A 112 -9.90 7.86 9.77
CA LYS A 112 -11.02 8.68 9.33
C LYS A 112 -11.99 8.78 10.47
N ASP A 113 -12.21 7.63 11.08
CA ASP A 113 -13.09 7.53 12.23
C ASP A 113 -12.55 8.40 13.35
N ALA A 114 -11.24 8.51 13.40
CA ALA A 114 -10.57 9.33 14.39
C ALA A 114 -10.33 10.74 13.85
N ASP A 115 -10.36 10.87 12.53
CA ASP A 115 -10.15 12.17 11.88
C ASP A 115 -11.03 13.25 12.52
N ASP B 22 1.85 -16.82 -18.14
CA ASP B 22 1.54 -15.71 -19.07
C ASP B 22 0.91 -14.53 -18.33
N LEU B 23 1.75 -13.56 -17.97
CA LEU B 23 1.27 -12.37 -17.26
C LEU B 23 1.49 -11.10 -18.07
N GLU B 24 2.42 -11.16 -19.03
CA GLU B 24 2.73 -10.01 -19.87
C GLU B 24 3.12 -8.80 -19.03
N VAL B 25 4.41 -8.73 -18.69
CA VAL B 25 4.94 -7.63 -17.88
C VAL B 25 4.01 -7.28 -16.71
N LEU B 26 3.53 -8.32 -16.03
CA LEU B 26 2.64 -8.13 -14.89
C LEU B 26 1.33 -7.48 -15.33
N SER B 27 0.23 -7.92 -14.73
CA SER B 27 -1.09 -7.39 -15.06
C SER B 27 -1.65 -6.57 -13.90
N GLU B 28 -0.97 -5.47 -13.57
CA GLU B 28 -1.40 -4.60 -12.48
C GLU B 28 -2.27 -3.46 -12.98
N GLU B 29 -2.82 -3.64 -14.17
CA GLU B 29 -3.68 -2.63 -14.77
C GLU B 29 -5.14 -2.80 -14.34
N LEU B 30 -5.38 -3.73 -13.42
CA LEU B 30 -6.72 -3.99 -12.92
C LEU B 30 -6.80 -3.76 -11.41
N PHE B 31 -5.85 -3.01 -10.87
CA PHE B 31 -5.82 -2.73 -9.44
C PHE B 31 -7.05 -1.93 -9.03
N GLU B 32 -7.80 -2.46 -8.08
CA GLU B 32 -9.00 -1.79 -7.58
C GLU B 32 -8.72 -1.08 -6.26
N ASP B 33 -9.37 0.07 -6.07
CA ASP B 33 -9.19 0.85 -4.84
C ASP B 33 -10.09 0.33 -3.73
N VAL B 34 -9.48 -0.18 -2.67
CA VAL B 34 -10.23 -0.72 -1.54
C VAL B 34 -11.09 0.38 -0.89
N PRO B 35 -12.35 0.06 -0.55
CA PRO B 35 -13.27 1.02 0.07
C PRO B 35 -12.80 1.46 1.45
N THR B 36 -12.74 2.76 1.66
CA THR B 36 -12.30 3.31 2.95
C THR B 36 -13.38 4.22 3.54
N LYS B 37 -13.30 4.44 4.85
CA LYS B 37 -14.27 5.29 5.54
C LYS B 37 -13.92 6.76 5.36
N SER B 38 -14.89 7.63 5.63
CA SER B 38 -14.69 9.07 5.51
C SER B 38 -15.92 9.83 5.95
N GLN B 39 -15.92 11.14 5.70
CA GLN B 39 -17.05 11.99 6.07
C GLN B 39 -18.17 11.90 5.02
N ILE B 40 -19.17 12.75 5.18
CA ILE B 40 -20.30 12.77 4.26
C ILE B 40 -20.35 14.09 3.49
N SER B 41 -19.18 14.67 3.23
CA SER B 41 -19.10 15.94 2.51
C SER B 41 -17.76 16.06 1.80
N PRO A 1 -3.51 -13.69 12.48
CA PRO A 1 -2.80 -13.57 11.17
C PRO A 1 -3.37 -12.45 10.31
N SER A 2 -3.68 -11.32 10.94
CA SER A 2 -4.23 -10.18 10.24
C SER A 2 -3.18 -9.07 10.10
N HIS A 3 -2.37 -8.90 11.13
CA HIS A 3 -1.32 -7.88 11.13
C HIS A 3 -0.03 -8.42 10.50
N SER A 4 -0.14 -9.48 9.71
CA SER A 4 1.02 -10.06 9.05
C SER A 4 0.62 -10.86 7.81
N GLY A 5 1.39 -10.68 6.75
CA GLY A 5 1.13 -11.35 5.49
C GLY A 5 2.26 -11.13 4.52
N ALA A 6 2.64 -12.18 3.80
CA ALA A 6 3.75 -12.07 2.86
C ALA A 6 3.32 -11.46 1.53
N ALA A 7 4.22 -10.65 0.95
CA ALA A 7 3.94 -9.97 -0.32
C ALA A 7 5.24 -9.62 -1.04
N ILE A 8 5.12 -9.17 -2.29
CA ILE A 8 6.28 -8.80 -3.10
C ILE A 8 6.46 -7.28 -3.12
N PHE A 9 7.66 -6.81 -2.77
CA PHE A 9 7.95 -5.39 -2.78
C PHE A 9 9.05 -5.06 -3.78
N GLU A 10 8.67 -4.41 -4.87
CA GLU A 10 9.62 -4.00 -5.89
C GLU A 10 10.39 -5.19 -6.47
N LYS A 11 9.66 -6.17 -6.97
CA LYS A 11 10.25 -7.37 -7.56
C LYS A 11 10.89 -8.29 -6.53
N VAL A 12 10.96 -7.87 -5.26
CA VAL A 12 11.54 -8.71 -4.24
C VAL A 12 10.47 -9.37 -3.41
N SER A 13 10.77 -10.55 -2.91
CA SER A 13 9.83 -11.28 -2.10
C SER A 13 10.21 -11.24 -0.63
N GLY A 14 9.20 -11.20 0.23
CA GLY A 14 9.45 -11.15 1.66
C GLY A 14 8.17 -11.31 2.46
N ILE A 15 8.07 -10.58 3.55
CA ILE A 15 6.90 -10.63 4.40
C ILE A 15 6.40 -9.24 4.75
N ILE A 16 5.10 -9.07 4.68
CA ILE A 16 4.48 -7.81 5.05
C ILE A 16 3.93 -8.00 6.44
N ALA A 17 4.03 -7.00 7.28
CA ALA A 17 3.55 -7.14 8.63
C ALA A 17 3.11 -5.81 9.21
N ILE A 18 1.83 -5.75 9.55
CA ILE A 18 1.24 -4.54 10.09
C ILE A 18 1.49 -4.40 11.58
N ASN A 19 1.70 -3.16 12.01
CA ASN A 19 1.92 -2.85 13.41
C ASN A 19 0.84 -1.91 13.92
N GLU A 20 -0.22 -2.47 14.47
CA GLU A 20 -1.33 -1.68 14.99
C GLU A 20 -1.04 -1.17 16.40
N ASP A 21 0.14 -1.50 16.92
CA ASP A 21 0.53 -1.07 18.26
C ASP A 21 1.09 0.35 18.23
N VAL A 22 1.12 0.96 17.05
CA VAL A 22 1.63 2.31 16.90
C VAL A 22 0.49 3.31 16.75
N SER A 23 0.80 4.49 16.25
CA SER A 23 -0.19 5.53 16.05
C SER A 23 0.43 6.74 15.34
N PRO A 24 0.20 6.88 14.03
CA PRO A 24 -0.61 5.94 13.23
C PRO A 24 0.08 4.60 13.03
N ALA A 25 -0.68 3.61 12.58
CA ALA A 25 -0.16 2.27 12.34
C ALA A 25 0.96 2.30 11.31
N GLU A 26 1.53 1.13 11.05
CA GLU A 26 2.60 1.01 10.08
C GLU A 26 2.81 -0.44 9.67
N LEU A 27 2.99 -0.68 8.38
CA LEU A 27 3.23 -2.03 7.88
C LEU A 27 4.69 -2.17 7.45
N THR A 28 5.37 -3.19 7.96
CA THR A 28 6.77 -3.41 7.65
C THR A 28 6.99 -4.63 6.77
N TRP A 29 7.40 -4.39 5.53
CA TRP A 29 7.66 -5.46 4.59
C TRP A 29 9.13 -5.85 4.66
N ARG A 30 9.40 -7.06 5.13
CA ARG A 30 10.76 -7.55 5.23
C ARG A 30 11.05 -8.59 4.15
N SER A 31 12.19 -8.46 3.49
CA SER A 31 12.56 -9.41 2.43
C SER A 31 12.42 -10.84 2.94
N THR A 32 12.45 -11.80 2.02
CA THR A 32 12.33 -13.20 2.40
C THR A 32 13.63 -13.70 2.98
N ASP A 33 14.72 -13.31 2.32
CA ASP A 33 16.05 -13.68 2.76
C ASP A 33 16.57 -12.75 3.84
N GLY A 34 15.89 -11.61 4.01
CA GLY A 34 16.31 -10.64 5.02
C GLY A 34 17.34 -9.67 4.48
N ASP A 35 17.23 -9.33 3.21
CA ASP A 35 18.16 -8.41 2.57
C ASP A 35 17.76 -6.96 2.81
N LYS A 36 16.49 -6.73 3.08
CA LYS A 36 15.98 -5.38 3.32
C LYS A 36 14.52 -5.40 3.71
N VAL A 37 14.07 -4.27 4.26
CA VAL A 37 12.70 -4.13 4.72
C VAL A 37 12.21 -2.70 4.51
N HIS A 38 10.92 -2.57 4.21
CA HIS A 38 10.31 -1.25 4.00
C HIS A 38 9.16 -1.03 4.96
N THR A 39 9.24 0.05 5.74
CA THR A 39 8.19 0.38 6.70
C THR A 39 7.22 1.40 6.11
N VAL A 40 5.94 1.06 6.15
CA VAL A 40 4.90 1.94 5.62
C VAL A 40 4.01 2.48 6.74
N VAL A 41 3.65 3.74 6.62
CA VAL A 41 2.76 4.38 7.59
C VAL A 41 1.37 4.51 6.99
N LEU A 42 0.50 3.55 7.29
CA LEU A 42 -0.87 3.55 6.78
C LEU A 42 -1.49 4.94 6.81
N SER A 43 -1.01 5.79 7.71
CA SER A 43 -1.51 7.16 7.83
C SER A 43 -1.00 7.99 6.68
N THR A 44 0.31 7.89 6.42
CA THR A 44 0.90 8.62 5.32
C THR A 44 0.34 8.09 4.01
N ILE A 45 -0.07 6.82 4.04
CA ILE A 45 -0.67 6.20 2.86
C ILE A 45 -1.89 6.99 2.41
N ASP A 46 -1.73 7.83 1.39
CA ASP A 46 -2.82 8.64 0.87
C ASP A 46 -4.08 7.79 0.65
N LYS A 47 -3.89 6.51 0.37
CA LYS A 47 -5.01 5.60 0.15
C LYS A 47 -4.51 4.16 0.02
N LEU A 48 -5.40 3.22 0.30
CA LEU A 48 -5.06 1.80 0.23
C LEU A 48 -5.74 1.13 -0.98
N GLN A 49 -4.94 0.54 -1.86
CA GLN A 49 -5.46 -0.12 -3.04
C GLN A 49 -5.11 -1.61 -3.03
N ALA A 50 -5.94 -2.42 -3.67
CA ALA A 50 -5.71 -3.86 -3.73
C ALA A 50 -6.43 -4.47 -4.93
N THR A 51 -5.88 -5.56 -5.48
CA THR A 51 -6.49 -6.22 -6.62
C THR A 51 -7.92 -6.63 -6.31
N PRO A 52 -8.84 -6.51 -7.30
CA PRO A 52 -10.25 -6.88 -7.12
C PRO A 52 -10.46 -8.38 -7.00
N ALA A 53 -11.63 -8.78 -6.49
CA ALA A 53 -11.95 -10.18 -6.33
C ALA A 53 -12.14 -10.87 -7.68
N SER A 54 -12.61 -10.11 -8.67
CA SER A 54 -12.84 -10.64 -10.00
C SER A 54 -11.52 -10.93 -10.70
N SER A 55 -10.46 -10.28 -10.25
CA SER A 55 -9.14 -10.48 -10.83
C SER A 55 -8.36 -11.53 -10.06
N GLU A 56 -8.03 -12.62 -10.74
CA GLU A 56 -7.27 -13.70 -10.12
C GLU A 56 -5.97 -13.16 -9.52
N LYS A 57 -5.55 -11.99 -9.98
CA LYS A 57 -4.33 -11.37 -9.48
C LYS A 57 -4.53 -10.88 -8.04
N MET A 58 -3.69 -11.38 -7.14
CA MET A 58 -3.76 -11.01 -5.73
C MET A 58 -2.61 -10.07 -5.36
N MET A 59 -2.93 -8.78 -5.23
CA MET A 59 -1.93 -7.79 -4.88
C MET A 59 -2.52 -6.63 -4.09
N LEU A 60 -1.74 -6.12 -3.13
CA LEU A 60 -2.19 -5.00 -2.32
C LEU A 60 -1.22 -3.82 -2.48
N ARG A 61 -1.77 -2.62 -2.55
CA ARG A 61 -0.95 -1.42 -2.73
C ARG A 61 -1.39 -0.30 -1.79
N LEU A 62 -0.43 0.53 -1.39
CA LEU A 62 -0.70 1.67 -0.52
C LEU A 62 -0.13 2.94 -1.13
N ILE A 63 -1.00 3.85 -1.53
CA ILE A 63 -0.56 5.10 -2.13
C ILE A 63 -0.06 6.06 -1.07
N GLY A 64 0.96 6.85 -1.42
CA GLY A 64 1.52 7.79 -0.47
C GLY A 64 1.09 9.23 -0.76
N LYS A 65 0.90 10.01 0.29
CA LYS A 65 0.50 11.40 0.16
C LYS A 65 1.49 12.18 -0.71
N VAL A 66 1.01 12.69 -1.84
CA VAL A 66 1.85 13.44 -2.76
C VAL A 66 1.64 14.94 -2.60
N ASP A 67 2.62 15.73 -3.06
CA ASP A 67 2.54 17.18 -2.97
C ASP A 67 2.67 17.81 -4.35
N GLU A 68 2.00 17.23 -5.33
CA GLU A 68 2.04 17.73 -6.70
C GLU A 68 1.57 19.18 -6.77
N SER A 69 0.80 19.60 -5.77
CA SER A 69 0.28 20.96 -5.71
C SER A 69 1.41 21.99 -5.75
N LYS A 70 2.61 21.55 -5.37
CA LYS A 70 3.77 22.43 -5.36
C LYS A 70 4.16 22.84 -6.78
N LYS A 71 4.59 21.86 -7.57
CA LYS A 71 5.00 22.10 -8.95
C LYS A 71 5.84 23.37 -9.08
N ARG A 72 7.12 23.25 -8.76
CA ARG A 72 8.04 24.38 -8.83
C ARG A 72 9.21 24.08 -9.77
N LYS A 73 9.93 25.13 -10.18
CA LYS A 73 11.07 24.97 -11.06
C LYS A 73 12.35 25.41 -10.38
N ASP A 74 13.48 24.86 -10.85
CA ASP A 74 14.77 25.20 -10.28
C ASP A 74 15.36 26.44 -10.95
N ASN A 75 16.46 26.95 -10.38
CA ASN A 75 17.11 28.13 -10.92
C ASN A 75 17.57 27.90 -12.36
N GLU A 76 17.70 26.65 -12.75
CA GLU A 76 18.14 26.29 -14.09
C GLU A 76 16.94 25.95 -14.97
N GLY A 77 15.81 26.59 -14.71
CA GLY A 77 14.61 26.35 -15.50
C GLY A 77 14.17 24.90 -15.43
N ASN A 78 14.56 24.20 -14.37
CA ASN A 78 14.20 22.81 -14.20
C ASN A 78 12.75 22.67 -13.70
N GLU A 79 12.40 21.46 -13.27
CA GLU A 79 11.05 21.21 -12.78
C GLU A 79 11.07 20.16 -11.67
N VAL A 80 10.47 20.50 -10.52
CA VAL A 80 10.42 19.59 -9.40
C VAL A 80 9.13 18.80 -9.37
N VAL A 81 8.01 19.50 -9.17
CA VAL A 81 6.69 18.89 -9.13
C VAL A 81 6.72 17.50 -8.52
N PRO A 82 6.81 17.43 -7.17
CA PRO A 82 6.86 16.15 -6.45
C PRO A 82 5.86 15.13 -6.97
N LYS A 83 6.37 13.96 -7.36
CA LYS A 83 5.52 12.89 -7.89
C LYS A 83 4.92 12.07 -6.76
N PRO A 84 3.82 11.35 -7.05
CA PRO A 84 3.11 10.52 -6.07
C PRO A 84 3.75 9.14 -5.93
N GLN A 85 4.04 8.77 -4.68
CA GLN A 85 4.64 7.47 -4.40
C GLN A 85 3.57 6.46 -3.98
N ARG A 86 3.86 5.18 -4.18
CA ARG A 86 2.92 4.12 -3.81
C ARG A 86 3.67 2.83 -3.53
N HIS A 87 3.21 2.08 -2.52
CA HIS A 87 3.85 0.82 -2.17
C HIS A 87 3.11 -0.35 -2.80
N MET A 88 3.75 -1.00 -3.77
CA MET A 88 3.14 -2.13 -4.45
C MET A 88 3.54 -3.45 -3.81
N PHE A 89 2.56 -4.12 -3.21
CA PHE A 89 2.80 -5.40 -2.57
C PHE A 89 2.03 -6.51 -3.26
N SER A 90 2.76 -7.48 -3.83
CA SER A 90 2.13 -8.59 -4.54
C SER A 90 2.07 -9.82 -3.65
N PHE A 91 0.86 -10.25 -3.31
CA PHE A 91 0.66 -11.42 -2.47
C PHE A 91 0.43 -12.66 -3.32
N ASN A 92 1.13 -13.74 -2.96
CA ASN A 92 1.00 -15.01 -3.68
C ASN A 92 -0.04 -15.91 -3.01
N ASN A 93 -1.17 -15.31 -2.63
CA ASN A 93 -2.25 -16.04 -1.98
C ASN A 93 -3.38 -15.09 -1.59
N ARG A 94 -4.50 -15.19 -2.28
CA ARG A 94 -5.65 -14.34 -2.02
C ARG A 94 -6.03 -14.41 -0.54
N THR A 95 -5.61 -15.47 0.14
CA THR A 95 -5.90 -15.63 1.54
C THR A 95 -5.13 -14.61 2.37
N VAL A 96 -3.85 -14.44 2.05
CA VAL A 96 -3.03 -13.47 2.76
C VAL A 96 -3.52 -12.07 2.47
N MET A 97 -3.71 -11.79 1.19
CA MET A 97 -4.19 -10.48 0.77
C MET A 97 -5.60 -10.24 1.31
N ASP A 98 -6.41 -11.29 1.38
CA ASP A 98 -7.76 -11.18 1.89
C ASP A 98 -7.73 -10.88 3.39
N ASN A 99 -6.74 -11.45 4.06
CA ASN A 99 -6.56 -11.24 5.49
C ASN A 99 -5.83 -9.94 5.77
N ILE A 100 -4.97 -9.54 4.83
CA ILE A 100 -4.20 -8.31 4.95
C ILE A 100 -5.00 -7.09 4.52
N LYS A 101 -5.43 -7.09 3.27
CA LYS A 101 -6.21 -5.97 2.72
C LYS A 101 -7.29 -5.52 3.70
N MET A 102 -7.77 -6.44 4.52
CA MET A 102 -8.79 -6.13 5.51
C MET A 102 -8.18 -5.46 6.73
N THR A 103 -7.02 -5.95 7.14
CA THR A 103 -6.33 -5.40 8.28
C THR A 103 -6.04 -3.91 8.07
N LEU A 104 -5.31 -3.60 7.01
CA LEU A 104 -4.99 -2.22 6.70
C LEU A 104 -6.24 -1.36 6.79
N GLN A 105 -7.30 -1.82 6.12
CA GLN A 105 -8.58 -1.11 6.11
C GLN A 105 -9.10 -0.91 7.53
N GLN A 106 -9.14 -1.98 8.32
CA GLN A 106 -9.64 -1.90 9.69
C GLN A 106 -8.96 -0.77 10.45
N ILE A 107 -7.70 -0.50 10.09
CA ILE A 107 -6.94 0.56 10.73
C ILE A 107 -7.23 1.91 10.06
N ILE A 108 -7.07 1.93 8.74
CA ILE A 108 -7.31 3.15 7.96
C ILE A 108 -8.57 3.87 8.42
N SER A 109 -9.67 3.16 8.39
CA SER A 109 -10.96 3.72 8.79
C SER A 109 -10.85 4.45 10.13
N ARG A 110 -9.89 4.05 10.94
CA ARG A 110 -9.67 4.67 12.23
C ARG A 110 -9.00 6.04 12.08
N TYR A 111 -8.29 6.23 10.98
CA TYR A 111 -7.63 7.51 10.71
C TYR A 111 -8.68 8.54 10.30
N LYS A 112 -9.70 8.07 9.61
CA LYS A 112 -10.79 8.93 9.17
C LYS A 112 -11.75 9.08 10.31
N ASP A 113 -12.00 7.94 10.94
CA ASP A 113 -12.88 7.89 12.10
C ASP A 113 -12.29 8.75 13.20
N ALA A 114 -10.96 8.79 13.24
CA ALA A 114 -10.25 9.60 14.21
C ALA A 114 -9.95 10.99 13.66
N ASP A 115 -10.00 11.12 12.33
CA ASP A 115 -9.74 12.39 11.66
C ASP A 115 -10.53 13.52 12.31
N ASP B 22 5.85 -8.14 -15.44
CA ASP B 22 5.50 -9.33 -16.26
C ASP B 22 6.57 -10.41 -16.14
N LEU B 23 7.07 -10.62 -14.93
CA LEU B 23 8.10 -11.62 -14.68
C LEU B 23 7.46 -12.96 -14.29
N GLU B 24 6.32 -12.90 -13.63
CA GLU B 24 5.61 -14.10 -13.19
C GLU B 24 4.29 -13.75 -12.52
N VAL B 25 3.20 -13.77 -13.29
CA VAL B 25 1.89 -13.46 -12.77
C VAL B 25 1.83 -12.01 -12.28
N LEU B 26 1.59 -11.09 -13.20
CA LEU B 26 1.51 -9.67 -12.87
C LEU B 26 0.45 -8.97 -13.73
N SER B 27 -0.20 -7.97 -13.15
CA SER B 27 -1.23 -7.22 -13.86
C SER B 27 -1.60 -5.96 -13.09
N GLU B 28 -0.92 -4.86 -13.41
CA GLU B 28 -1.17 -3.58 -12.76
C GLU B 28 -2.16 -2.73 -13.55
N GLU B 29 -2.90 -3.39 -14.42
CA GLU B 29 -3.90 -2.72 -15.25
C GLU B 29 -5.31 -2.95 -14.73
N LEU B 30 -5.47 -4.00 -13.92
CA LEU B 30 -6.77 -4.33 -13.35
C LEU B 30 -6.79 -4.05 -11.85
N PHE B 31 -5.87 -3.22 -11.38
CA PHE B 31 -5.79 -2.88 -9.97
C PHE B 31 -6.99 -2.04 -9.54
N GLU B 32 -7.68 -2.49 -8.50
CA GLU B 32 -8.85 -1.78 -8.00
C GLU B 32 -8.50 -0.97 -6.76
N ASP B 33 -9.43 -0.13 -6.32
CA ASP B 33 -9.22 0.70 -5.14
C ASP B 33 -10.10 0.24 -3.98
N VAL B 34 -9.46 -0.16 -2.88
CA VAL B 34 -10.20 -0.62 -1.71
C VAL B 34 -10.98 0.52 -1.06
N PRO B 35 -12.25 0.28 -0.69
CA PRO B 35 -13.10 1.30 -0.08
C PRO B 35 -12.66 1.64 1.35
N THR B 36 -12.48 2.94 1.60
CA THR B 36 -12.06 3.41 2.92
C THR B 36 -13.04 4.44 3.47
N LYS B 37 -13.12 4.55 4.79
CA LYS B 37 -14.01 5.49 5.43
C LYS B 37 -13.70 6.92 5.00
N SER B 38 -14.74 7.75 4.90
CA SER B 38 -14.58 9.14 4.49
C SER B 38 -15.90 9.90 4.61
N GLN B 39 -16.02 10.71 5.66
CA GLN B 39 -17.22 11.48 5.88
C GLN B 39 -17.04 12.93 5.42
N ILE B 40 -18.12 13.69 5.43
CA ILE B 40 -18.09 15.08 5.01
C ILE B 40 -19.14 15.91 5.73
N SER B 41 -19.44 15.52 6.96
CA SER B 41 -20.44 16.22 7.76
C SER B 41 -21.81 16.20 7.08
N PRO A 1 -2.19 -13.30 11.92
CA PRO A 1 -2.45 -13.54 10.48
C PRO A 1 -3.09 -12.34 9.80
N SER A 2 -3.85 -11.58 10.57
CA SER A 2 -4.53 -10.39 10.05
C SER A 2 -3.56 -9.22 9.97
N HIS A 3 -2.63 -9.15 10.92
CA HIS A 3 -1.65 -8.07 10.96
C HIS A 3 -0.34 -8.51 10.33
N SER A 4 -0.41 -9.48 9.41
CA SER A 4 0.78 -9.97 8.73
C SER A 4 0.40 -10.70 7.44
N GLY A 5 1.35 -10.74 6.51
CA GLY A 5 1.13 -11.40 5.24
C GLY A 5 2.29 -11.14 4.30
N ALA A 6 2.71 -12.19 3.60
CA ALA A 6 3.83 -12.08 2.68
C ALA A 6 3.42 -11.47 1.35
N ALA A 7 4.27 -10.58 0.83
CA ALA A 7 4.00 -9.89 -0.43
C ALA A 7 5.30 -9.60 -1.18
N ILE A 8 5.16 -9.13 -2.43
CA ILE A 8 6.32 -8.81 -3.26
C ILE A 8 6.59 -7.30 -3.29
N PHE A 9 7.83 -6.93 -3.04
CA PHE A 9 8.20 -5.51 -3.07
C PHE A 9 9.36 -5.26 -4.03
N GLU A 10 9.05 -4.59 -5.13
CA GLU A 10 10.06 -4.26 -6.13
C GLU A 10 10.70 -5.52 -6.73
N LYS A 11 9.86 -6.49 -7.08
CA LYS A 11 10.32 -7.74 -7.67
C LYS A 11 10.91 -8.70 -6.64
N VAL A 12 11.01 -8.27 -5.38
CA VAL A 12 11.55 -9.13 -4.34
C VAL A 12 10.43 -9.74 -3.53
N SER A 13 10.68 -10.93 -3.01
CA SER A 13 9.69 -11.63 -2.22
C SER A 13 10.03 -11.58 -0.74
N GLY A 14 9.17 -10.93 0.03
CA GLY A 14 9.39 -10.82 1.46
C GLY A 14 8.11 -11.01 2.25
N ILE A 15 8.10 -10.50 3.48
CA ILE A 15 6.94 -10.62 4.34
C ILE A 15 6.41 -9.25 4.74
N ILE A 16 5.10 -9.07 4.60
CA ILE A 16 4.48 -7.82 4.99
C ILE A 16 3.82 -8.02 6.34
N ALA A 17 4.32 -7.35 7.35
CA ALA A 17 3.76 -7.50 8.67
C ALA A 17 3.31 -6.15 9.22
N ILE A 18 2.01 -6.05 9.43
CA ILE A 18 1.39 -4.82 9.93
C ILE A 18 1.44 -4.74 11.45
N ASN A 19 1.65 -3.52 11.94
CA ASN A 19 1.72 -3.27 13.38
C ASN A 19 0.60 -2.33 13.79
N GLU A 20 -0.50 -2.89 14.28
CA GLU A 20 -1.64 -2.10 14.72
C GLU A 20 -1.46 -1.59 16.15
N ASP A 21 -0.35 -1.97 16.78
CA ASP A 21 -0.06 -1.56 18.15
C ASP A 21 0.56 -0.16 18.19
N VAL A 22 0.72 0.46 17.03
CA VAL A 22 1.30 1.79 16.96
C VAL A 22 0.21 2.86 16.85
N SER A 23 0.60 4.05 16.43
CA SER A 23 -0.34 5.16 16.28
C SER A 23 0.36 6.36 15.63
N PRO A 24 0.17 6.56 14.31
CA PRO A 24 -0.67 5.69 13.47
C PRO A 24 -0.06 4.33 13.22
N ALA A 25 -0.88 3.39 12.76
CA ALA A 25 -0.43 2.03 12.47
C ALA A 25 0.75 2.05 11.51
N GLU A 26 1.20 0.86 11.11
CA GLU A 26 2.32 0.78 10.18
C GLU A 26 2.44 -0.59 9.53
N LEU A 27 2.90 -0.58 8.29
CA LEU A 27 3.11 -1.79 7.50
C LEU A 27 4.61 -2.03 7.38
N THR A 28 5.03 -3.28 7.28
CA THR A 28 6.46 -3.56 7.18
C THR A 28 6.76 -4.77 6.30
N TRP A 29 7.20 -4.50 5.08
CA TRP A 29 7.56 -5.55 4.15
C TRP A 29 9.05 -5.87 4.29
N ARG A 30 9.36 -7.07 4.74
CA ARG A 30 10.76 -7.48 4.91
C ARG A 30 11.08 -8.63 3.96
N SER A 31 12.23 -8.55 3.30
CA SER A 31 12.64 -9.59 2.36
C SER A 31 12.53 -10.97 3.01
N THR A 32 12.43 -12.01 2.19
CA THR A 32 12.32 -13.36 2.71
C THR A 32 13.66 -13.81 3.28
N ASP A 33 14.72 -13.36 2.63
CA ASP A 33 16.07 -13.69 3.05
C ASP A 33 16.57 -12.70 4.11
N GLY A 34 15.91 -11.55 4.19
CA GLY A 34 16.30 -10.53 5.17
C GLY A 34 17.33 -9.58 4.61
N ASP A 35 17.25 -9.30 3.31
CA ASP A 35 18.18 -8.39 2.66
C ASP A 35 17.73 -6.95 2.78
N LYS A 36 16.44 -6.74 3.02
CA LYS A 36 15.90 -5.40 3.15
C LYS A 36 14.41 -5.43 3.51
N VAL A 37 13.94 -4.32 4.07
CA VAL A 37 12.57 -4.20 4.50
C VAL A 37 12.07 -2.77 4.31
N HIS A 38 10.81 -2.64 3.87
CA HIS A 38 10.21 -1.34 3.65
C HIS A 38 9.03 -1.13 4.60
N THR A 39 9.08 -0.03 5.35
CA THR A 39 8.01 0.28 6.30
C THR A 39 7.02 1.28 5.72
N VAL A 40 5.75 1.13 6.09
CA VAL A 40 4.69 2.01 5.60
C VAL A 40 3.85 2.55 6.75
N VAL A 41 3.54 3.83 6.69
CA VAL A 41 2.70 4.45 7.70
C VAL A 41 1.32 4.65 7.12
N LEU A 42 0.41 3.70 7.38
CA LEU A 42 -0.95 3.76 6.87
C LEU A 42 -1.53 5.17 6.95
N SER A 43 -1.02 5.96 7.89
CA SER A 43 -1.46 7.34 8.05
C SER A 43 -0.92 8.18 6.90
N THR A 44 0.38 8.08 6.67
CA THR A 44 1.01 8.80 5.58
C THR A 44 0.47 8.26 4.26
N ILE A 45 0.07 6.99 4.27
CA ILE A 45 -0.49 6.37 3.07
C ILE A 45 -1.69 7.17 2.58
N ASP A 46 -1.49 7.94 1.51
CA ASP A 46 -2.55 8.77 0.95
C ASP A 46 -3.79 7.95 0.61
N LYS A 47 -3.61 6.70 0.23
CA LYS A 47 -4.73 5.84 -0.13
C LYS A 47 -4.40 4.37 0.01
N LEU A 48 -5.45 3.57 0.04
CA LEU A 48 -5.32 2.12 0.16
C LEU A 48 -5.77 1.45 -1.15
N GLN A 49 -4.88 0.68 -1.78
CA GLN A 49 -5.20 0.01 -3.02
C GLN A 49 -4.94 -1.50 -2.92
N ALA A 50 -5.87 -2.29 -3.44
CA ALA A 50 -5.74 -3.73 -3.40
C ALA A 50 -6.58 -4.39 -4.50
N THR A 51 -6.04 -5.44 -5.12
CA THR A 51 -6.74 -6.14 -6.19
C THR A 51 -8.07 -6.72 -5.68
N PRO A 52 -9.07 -6.82 -6.57
CA PRO A 52 -10.39 -7.36 -6.21
C PRO A 52 -10.39 -8.88 -6.15
N ALA A 53 -11.41 -9.44 -5.52
CA ALA A 53 -11.53 -10.89 -5.39
C ALA A 53 -11.70 -11.55 -6.75
N SER A 54 -12.29 -10.83 -7.70
CA SER A 54 -12.51 -11.36 -9.04
C SER A 54 -11.20 -11.48 -9.80
N SER A 55 -10.16 -10.81 -9.32
CA SER A 55 -8.84 -10.85 -9.96
C SER A 55 -8.19 -12.20 -9.76
N GLU A 56 -7.85 -12.85 -10.87
CA GLU A 56 -7.20 -14.16 -10.82
C GLU A 56 -5.90 -14.06 -10.02
N LYS A 57 -5.41 -12.83 -9.84
CA LYS A 57 -4.19 -12.59 -9.09
C LYS A 57 -4.48 -11.71 -7.87
N MET A 58 -3.51 -11.63 -6.97
CA MET A 58 -3.68 -10.81 -5.76
C MET A 58 -2.53 -9.83 -5.59
N MET A 59 -2.88 -8.57 -5.37
CA MET A 59 -1.90 -7.52 -5.19
C MET A 59 -2.44 -6.42 -4.28
N LEU A 60 -1.59 -5.93 -3.38
CA LEU A 60 -1.99 -4.86 -2.47
C LEU A 60 -1.09 -3.64 -2.68
N ARG A 61 -1.63 -2.46 -2.44
CA ARG A 61 -0.87 -1.23 -2.62
C ARG A 61 -1.33 -0.12 -1.69
N LEU A 62 -0.38 0.74 -1.30
CA LEU A 62 -0.67 1.88 -0.44
C LEU A 62 -0.11 3.15 -1.05
N ILE A 63 -0.99 4.10 -1.34
CA ILE A 63 -0.56 5.35 -1.95
C ILE A 63 0.07 6.27 -0.92
N GLY A 64 0.92 7.19 -1.38
CA GLY A 64 1.58 8.11 -0.48
C GLY A 64 1.20 9.56 -0.73
N LYS A 65 1.15 10.34 0.34
CA LYS A 65 0.79 11.76 0.23
C LYS A 65 1.84 12.52 -0.57
N VAL A 66 1.42 13.11 -1.68
CA VAL A 66 2.33 13.88 -2.53
C VAL A 66 2.22 15.37 -2.25
N ASP A 67 3.26 16.12 -2.65
CA ASP A 67 3.28 17.56 -2.42
C ASP A 67 3.28 18.31 -3.75
N GLU A 68 2.48 17.83 -4.70
CA GLU A 68 2.37 18.46 -6.01
C GLU A 68 1.78 19.86 -5.90
N SER A 69 1.07 20.12 -4.80
CA SER A 69 0.44 21.42 -4.58
C SER A 69 1.40 22.37 -3.86
N LYS A 70 2.37 21.79 -3.16
CA LYS A 70 3.36 22.59 -2.43
C LYS A 70 4.49 23.04 -3.35
N LYS A 71 4.93 22.13 -4.22
CA LYS A 71 6.00 22.42 -5.16
C LYS A 71 7.30 22.76 -4.43
N ARG A 72 8.13 21.75 -4.22
CA ARG A 72 9.40 21.93 -3.52
C ARG A 72 10.30 22.89 -4.30
N LYS A 73 11.52 23.07 -3.80
CA LYS A 73 12.48 23.97 -4.45
C LYS A 73 13.89 23.40 -4.38
N ASP A 74 14.87 24.20 -4.77
CA ASP A 74 16.26 23.76 -4.74
C ASP A 74 17.12 24.73 -3.93
N ASN A 75 17.28 25.93 -4.45
CA ASN A 75 18.08 26.96 -3.78
C ASN A 75 18.12 28.24 -4.61
N GLU A 76 18.09 28.08 -5.93
CA GLU A 76 18.12 29.21 -6.84
C GLU A 76 16.72 29.60 -7.27
N GLY A 77 15.77 29.52 -6.34
CA GLY A 77 14.39 29.86 -6.65
C GLY A 77 13.71 28.83 -7.54
N ASN A 78 14.38 27.69 -7.75
CA ASN A 78 13.83 26.63 -8.58
C ASN A 78 12.52 26.12 -8.00
N GLU A 79 11.99 25.05 -8.60
CA GLU A 79 10.73 24.47 -8.14
C GLU A 79 10.67 22.99 -8.51
N VAL A 80 10.20 22.16 -7.57
CA VAL A 80 10.08 20.73 -7.80
C VAL A 80 8.68 20.23 -7.46
N VAL A 81 8.22 19.24 -8.23
CA VAL A 81 6.90 18.66 -8.00
C VAL A 81 7.03 17.15 -7.79
N PRO A 82 7.60 16.74 -6.64
CA PRO A 82 7.79 15.33 -6.31
C PRO A 82 6.57 14.48 -6.64
N LYS A 83 6.79 13.44 -7.44
CA LYS A 83 5.70 12.54 -7.84
C LYS A 83 5.06 11.89 -6.62
N PRO A 84 3.87 11.31 -6.80
CA PRO A 84 3.11 10.66 -5.74
C PRO A 84 3.60 9.24 -5.47
N GLN A 85 4.30 9.08 -4.35
CA GLN A 85 4.84 7.77 -3.97
C GLN A 85 3.70 6.78 -3.69
N ARG A 86 4.00 5.49 -3.90
CA ARG A 86 3.02 4.44 -3.67
C ARG A 86 3.73 3.12 -3.39
N HIS A 87 3.23 2.38 -2.40
CA HIS A 87 3.83 1.09 -2.04
C HIS A 87 3.06 -0.05 -2.70
N MET A 88 3.71 -0.72 -3.65
CA MET A 88 3.09 -1.84 -4.35
C MET A 88 3.56 -3.17 -3.79
N PHE A 89 2.62 -3.97 -3.33
CA PHE A 89 2.94 -5.28 -2.76
C PHE A 89 2.15 -6.38 -3.47
N SER A 90 2.86 -7.29 -4.12
CA SER A 90 2.22 -8.40 -4.84
C SER A 90 2.18 -9.65 -3.98
N PHE A 91 0.98 -10.08 -3.63
CA PHE A 91 0.80 -11.28 -2.82
C PHE A 91 0.64 -12.52 -3.69
N ASN A 92 0.91 -13.68 -3.10
CA ASN A 92 0.80 -14.94 -3.82
C ASN A 92 -0.29 -15.82 -3.21
N ASN A 93 -1.30 -15.17 -2.65
CA ASN A 93 -2.41 -15.87 -2.01
C ASN A 93 -3.49 -14.89 -1.59
N ARG A 94 -4.67 -15.02 -2.20
CA ARG A 94 -5.79 -14.15 -1.89
C ARG A 94 -6.16 -14.25 -0.41
N THR A 95 -5.68 -15.29 0.25
CA THR A 95 -5.96 -15.48 1.67
C THR A 95 -5.14 -14.51 2.51
N VAL A 96 -3.88 -14.36 2.15
CA VAL A 96 -2.99 -13.43 2.85
C VAL A 96 -3.44 -12.01 2.59
N MET A 97 -3.67 -11.71 1.32
CA MET A 97 -4.11 -10.38 0.93
C MET A 97 -5.47 -10.09 1.56
N ASP A 98 -6.31 -11.11 1.66
CA ASP A 98 -7.63 -10.96 2.25
C ASP A 98 -7.51 -10.56 3.71
N ASN A 99 -6.46 -11.05 4.36
CA ASN A 99 -6.20 -10.73 5.76
C ASN A 99 -5.50 -9.39 5.89
N ILE A 100 -4.71 -9.04 4.87
CA ILE A 100 -3.98 -7.79 4.86
C ILE A 100 -4.88 -6.63 4.45
N LYS A 101 -5.44 -6.72 3.25
CA LYS A 101 -6.32 -5.68 2.74
C LYS A 101 -7.43 -5.38 3.75
N MET A 102 -7.78 -6.39 4.54
CA MET A 102 -8.82 -6.24 5.55
C MET A 102 -8.27 -5.58 6.80
N THR A 103 -6.98 -5.79 7.08
CA THR A 103 -6.37 -5.20 8.26
C THR A 103 -5.98 -3.76 7.98
N LEU A 104 -5.43 -3.53 6.79
CA LEU A 104 -5.02 -2.17 6.40
C LEU A 104 -6.21 -1.23 6.48
N GLN A 105 -7.30 -1.61 5.84
CA GLN A 105 -8.52 -0.82 5.84
C GLN A 105 -9.08 -0.66 7.25
N GLN A 106 -9.17 -1.78 7.97
CA GLN A 106 -9.69 -1.77 9.35
C GLN A 106 -9.06 -0.64 10.16
N ILE A 107 -7.80 -0.35 9.86
CA ILE A 107 -7.07 0.69 10.55
C ILE A 107 -7.33 2.05 9.91
N ILE A 108 -7.14 2.11 8.59
CA ILE A 108 -7.36 3.34 7.83
C ILE A 108 -8.61 4.06 8.27
N SER A 109 -9.74 3.37 8.15
CA SER A 109 -11.03 3.93 8.53
C SER A 109 -10.96 4.60 9.90
N ARG A 110 -10.01 4.16 10.72
CA ARG A 110 -9.83 4.71 12.06
C ARG A 110 -9.19 6.10 12.00
N TYR A 111 -8.43 6.36 10.94
CA TYR A 111 -7.78 7.66 10.79
C TYR A 111 -8.80 8.70 10.37
N LYS A 112 -9.78 8.26 9.58
CA LYS A 112 -10.84 9.14 9.12
C LYS A 112 -11.85 9.25 10.22
N ASP A 113 -12.14 8.10 10.79
CA ASP A 113 -13.08 8.01 11.90
C ASP A 113 -12.54 8.81 13.07
N ALA A 114 -11.21 8.84 13.17
CA ALA A 114 -10.54 9.59 14.22
C ALA A 114 -10.21 11.01 13.74
N ASP A 115 -10.21 11.21 12.43
CA ASP A 115 -9.91 12.51 11.84
C ASP A 115 -10.76 13.61 12.50
N ASP B 22 2.08 -14.51 -24.99
CA ASP B 22 1.66 -14.81 -23.59
C ASP B 22 2.87 -14.97 -22.68
N LEU B 23 3.24 -13.89 -22.00
CA LEU B 23 4.38 -13.91 -21.09
C LEU B 23 3.92 -13.95 -19.64
N GLU B 24 2.87 -13.19 -19.34
CA GLU B 24 2.33 -13.14 -17.98
C GLU B 24 3.36 -12.61 -17.00
N VAL B 25 3.36 -11.30 -16.78
CA VAL B 25 4.30 -10.67 -15.87
C VAL B 25 3.65 -9.51 -15.12
N LEU B 26 2.89 -9.83 -14.08
CA LEU B 26 2.21 -8.82 -13.28
C LEU B 26 1.21 -8.04 -14.13
N SER B 27 0.17 -7.51 -13.49
CA SER B 27 -0.84 -6.74 -14.18
C SER B 27 -1.51 -5.76 -13.21
N GLU B 28 -0.91 -4.58 -13.08
CA GLU B 28 -1.43 -3.56 -12.18
C GLU B 28 -2.45 -2.66 -12.88
N GLU B 29 -2.99 -3.15 -13.98
CA GLU B 29 -3.99 -2.42 -14.75
C GLU B 29 -5.38 -3.03 -14.55
N LEU B 30 -5.49 -3.97 -13.61
CA LEU B 30 -6.76 -4.63 -13.33
C LEU B 30 -7.20 -4.43 -11.88
N PHE B 31 -6.26 -4.04 -11.03
CA PHE B 31 -6.55 -3.82 -9.61
C PHE B 31 -7.15 -2.44 -9.39
N GLU B 32 -7.94 -2.31 -8.32
CA GLU B 32 -8.59 -1.04 -7.99
C GLU B 32 -8.28 -0.62 -6.56
N ASP B 33 -8.67 0.60 -6.22
CA ASP B 33 -8.44 1.14 -4.88
C ASP B 33 -9.35 0.46 -3.86
N VAL B 34 -8.87 0.34 -2.63
CA VAL B 34 -9.63 -0.29 -1.55
C VAL B 34 -10.64 0.71 -0.96
N PRO B 35 -11.84 0.22 -0.57
CA PRO B 35 -12.88 1.07 0.00
C PRO B 35 -12.54 1.59 1.39
N THR B 36 -12.65 2.91 1.56
CA THR B 36 -12.36 3.56 2.84
C THR B 36 -13.59 4.33 3.31
N LYS B 37 -13.39 5.31 4.20
CA LYS B 37 -14.50 6.11 4.71
C LYS B 37 -15.41 6.58 3.58
N SER B 38 -16.67 6.86 3.92
CA SER B 38 -17.64 7.33 2.93
C SER B 38 -18.83 7.98 3.61
N GLN B 39 -19.33 9.05 3.02
CA GLN B 39 -20.47 9.78 3.56
C GLN B 39 -21.33 10.37 2.44
N ILE B 40 -22.60 9.98 2.41
CA ILE B 40 -23.52 10.48 1.40
C ILE B 40 -23.09 10.04 0.01
N SER B 41 -23.49 8.84 -0.38
CA SER B 41 -23.13 8.30 -1.69
C SER B 41 -24.34 7.63 -2.35
N PRO A 1 -3.35 -14.80 11.18
CA PRO A 1 -2.38 -13.72 10.86
C PRO A 1 -3.06 -12.55 10.14
N SER A 2 -3.55 -11.59 10.92
CA SER A 2 -4.21 -10.42 10.36
C SER A 2 -3.26 -9.25 10.25
N HIS A 3 -2.38 -9.11 11.24
CA HIS A 3 -1.40 -8.03 11.26
C HIS A 3 -0.10 -8.44 10.56
N SER A 4 -0.16 -9.52 9.78
CA SER A 4 1.01 -9.99 9.06
C SER A 4 0.61 -10.74 7.79
N GLY A 5 1.52 -10.76 6.83
CA GLY A 5 1.26 -11.42 5.57
C GLY A 5 2.39 -11.20 4.58
N ALA A 6 2.75 -12.23 3.84
CA ALA A 6 3.85 -12.11 2.89
C ALA A 6 3.40 -11.52 1.56
N ALA A 7 4.28 -10.72 0.95
CA ALA A 7 3.99 -10.07 -0.32
C ALA A 7 5.27 -9.77 -1.09
N ILE A 8 5.14 -9.34 -2.34
CA ILE A 8 6.29 -9.03 -3.18
C ILE A 8 6.55 -7.53 -3.28
N PHE A 9 7.75 -7.11 -2.91
CA PHE A 9 8.11 -5.69 -2.99
C PHE A 9 9.36 -5.49 -3.85
N GLU A 10 9.18 -4.92 -5.02
CA GLU A 10 10.28 -4.64 -5.95
C GLU A 10 10.89 -5.93 -6.51
N LYS A 11 10.03 -6.80 -7.03
CA LYS A 11 10.47 -8.06 -7.62
C LYS A 11 11.01 -9.03 -6.55
N VAL A 12 11.05 -8.60 -5.30
CA VAL A 12 11.53 -9.45 -4.22
C VAL A 12 10.37 -10.00 -3.42
N SER A 13 10.56 -11.19 -2.90
CA SER A 13 9.53 -11.83 -2.10
C SER A 13 9.94 -11.91 -0.63
N GLY A 14 9.24 -11.17 0.20
CA GLY A 14 9.53 -11.17 1.61
C GLY A 14 8.28 -11.36 2.45
N ILE A 15 8.15 -10.54 3.49
CA ILE A 15 7.00 -10.61 4.37
C ILE A 15 6.46 -9.24 4.68
N ILE A 16 5.15 -9.09 4.63
CA ILE A 16 4.52 -7.84 4.99
C ILE A 16 3.99 -8.02 6.39
N ALA A 17 4.10 -7.01 7.21
CA ALA A 17 3.63 -7.14 8.57
C ALA A 17 3.17 -5.80 9.12
N ILE A 18 1.88 -5.76 9.46
CA ILE A 18 1.26 -4.56 9.97
C ILE A 18 1.39 -4.47 11.49
N ASN A 19 1.60 -3.25 11.97
CA ASN A 19 1.75 -3.00 13.39
C ASN A 19 0.66 -2.04 13.88
N GLU A 20 -0.43 -2.60 14.37
CA GLU A 20 -1.55 -1.81 14.87
C GLU A 20 -1.29 -1.32 16.29
N ASP A 21 -0.14 -1.68 16.85
CA ASP A 21 0.22 -1.29 18.21
C ASP A 21 0.81 0.12 18.23
N VAL A 22 0.91 0.75 17.07
CA VAL A 22 1.47 2.10 16.97
C VAL A 22 0.36 3.14 16.84
N SER A 23 0.72 4.32 16.39
CA SER A 23 -0.23 5.41 16.22
C SER A 23 0.44 6.61 15.55
N PRO A 24 0.23 6.81 14.24
CA PRO A 24 -0.60 5.93 13.41
C PRO A 24 0.06 4.58 13.13
N ALA A 25 -0.76 3.59 12.76
CA ALA A 25 -0.26 2.26 12.46
C ALA A 25 0.87 2.30 11.44
N GLU A 26 1.46 1.13 11.18
CA GLU A 26 2.54 1.04 10.22
C GLU A 26 2.77 -0.41 9.80
N LEU A 27 2.96 -0.61 8.50
CA LEU A 27 3.22 -1.94 7.97
C LEU A 27 4.68 -2.04 7.55
N THR A 28 5.26 -3.24 7.65
CA THR A 28 6.67 -3.41 7.29
C THR A 28 6.91 -4.66 6.45
N TRP A 29 7.31 -4.45 5.20
CA TRP A 29 7.61 -5.53 4.29
C TRP A 29 9.09 -5.87 4.38
N ARG A 30 9.40 -7.04 4.94
CA ARG A 30 10.78 -7.47 5.08
C ARG A 30 11.08 -8.64 4.16
N SER A 31 12.18 -8.55 3.42
CA SER A 31 12.57 -9.61 2.49
C SER A 31 12.55 -10.97 3.20
N THR A 32 12.45 -12.04 2.43
CA THR A 32 12.42 -13.38 3.00
C THR A 32 13.81 -13.77 3.45
N ASP A 33 14.79 -13.35 2.68
CA ASP A 33 16.19 -13.63 2.98
C ASP A 33 16.76 -12.61 3.96
N GLY A 34 16.06 -11.49 4.12
CA GLY A 34 16.51 -10.46 5.03
C GLY A 34 17.48 -9.50 4.37
N ASP A 35 17.26 -9.23 3.08
CA ASP A 35 18.12 -8.33 2.33
C ASP A 35 17.68 -6.88 2.50
N LYS A 36 16.41 -6.68 2.78
CA LYS A 36 15.87 -5.33 2.97
C LYS A 36 14.41 -5.36 3.38
N VAL A 37 13.94 -4.23 3.88
CA VAL A 37 12.57 -4.11 4.35
C VAL A 37 12.02 -2.71 4.07
N HIS A 38 10.73 -2.64 3.80
CA HIS A 38 10.08 -1.36 3.53
C HIS A 38 8.96 -1.10 4.53
N THR A 39 9.07 -0.01 5.28
CA THR A 39 8.07 0.35 6.27
C THR A 39 7.07 1.35 5.70
N VAL A 40 5.81 1.20 6.09
CA VAL A 40 4.75 2.09 5.61
C VAL A 40 3.90 2.61 6.75
N VAL A 41 3.52 3.87 6.68
CA VAL A 41 2.67 4.47 7.67
C VAL A 41 1.26 4.62 7.10
N LEU A 42 0.41 3.64 7.42
CA LEU A 42 -0.96 3.61 6.92
C LEU A 42 -1.61 5.00 6.96
N SER A 43 -1.12 5.86 7.85
CA SER A 43 -1.64 7.21 7.99
C SER A 43 -1.16 8.06 6.82
N THR A 44 0.13 8.00 6.56
CA THR A 44 0.72 8.73 5.46
C THR A 44 0.16 8.17 4.16
N ILE A 45 -0.22 6.89 4.18
CA ILE A 45 -0.78 6.26 3.00
C ILE A 45 -2.03 7.02 2.52
N ASP A 46 -1.88 7.73 1.40
CA ASP A 46 -2.99 8.50 0.84
C ASP A 46 -4.23 7.64 0.67
N LYS A 47 -4.02 6.35 0.42
CA LYS A 47 -5.12 5.42 0.23
C LYS A 47 -4.61 3.98 0.14
N LEU A 48 -5.53 3.04 0.31
CA LEU A 48 -5.19 1.62 0.24
C LEU A 48 -5.74 0.98 -1.03
N GLN A 49 -4.87 0.51 -1.91
CA GLN A 49 -5.28 -0.12 -3.15
C GLN A 49 -4.99 -1.61 -3.12
N ALA A 50 -5.86 -2.41 -3.72
CA ALA A 50 -5.68 -3.84 -3.74
C ALA A 50 -6.44 -4.48 -4.91
N THR A 51 -5.91 -5.59 -5.44
CA THR A 51 -6.55 -6.27 -6.55
C THR A 51 -7.97 -6.71 -6.18
N PRO A 52 -8.95 -6.47 -7.07
CA PRO A 52 -10.34 -6.86 -6.83
C PRO A 52 -10.56 -8.37 -6.93
N ALA A 53 -11.67 -8.84 -6.40
CA ALA A 53 -12.00 -10.26 -6.43
C ALA A 53 -12.00 -10.79 -7.85
N SER A 54 -12.38 -9.94 -8.80
CA SER A 54 -12.43 -10.31 -10.21
C SER A 54 -11.02 -10.49 -10.78
N SER A 55 -10.03 -9.98 -10.06
CA SER A 55 -8.63 -10.09 -10.50
C SER A 55 -8.11 -11.50 -10.27
N GLU A 56 -7.69 -12.16 -11.35
CA GLU A 56 -7.14 -13.50 -11.27
C GLU A 56 -5.90 -13.53 -10.40
N LYS A 57 -5.36 -12.34 -10.11
CA LYS A 57 -4.16 -12.24 -9.29
C LYS A 57 -4.47 -11.56 -7.96
N MET A 58 -3.49 -11.51 -7.06
CA MET A 58 -3.66 -10.90 -5.76
C MET A 58 -2.52 -9.94 -5.45
N MET A 59 -2.84 -8.65 -5.35
CA MET A 59 -1.83 -7.63 -5.07
C MET A 59 -2.40 -6.52 -4.20
N LEU A 60 -1.61 -6.08 -3.22
CA LEU A 60 -2.03 -5.00 -2.34
C LEU A 60 -1.08 -3.81 -2.46
N ARG A 61 -1.64 -2.61 -2.43
CA ARG A 61 -0.84 -1.40 -2.57
C ARG A 61 -1.32 -0.28 -1.66
N LEU A 62 -0.39 0.58 -1.24
CA LEU A 62 -0.72 1.72 -0.39
C LEU A 62 -0.15 3.00 -0.99
N ILE A 63 -1.03 3.89 -1.42
CA ILE A 63 -0.59 5.15 -2.02
C ILE A 63 -0.10 6.13 -0.96
N GLY A 64 0.75 7.07 -1.37
CA GLY A 64 1.28 8.04 -0.45
C GLY A 64 0.91 9.46 -0.82
N LYS A 65 0.97 10.37 0.16
CA LYS A 65 0.64 11.77 -0.07
C LYS A 65 1.52 12.37 -1.15
N VAL A 66 0.90 12.74 -2.27
CA VAL A 66 1.64 13.33 -3.39
C VAL A 66 1.48 14.85 -3.41
N ASP A 67 2.41 15.52 -4.10
CA ASP A 67 2.38 16.97 -4.20
C ASP A 67 1.80 17.41 -5.54
N GLU A 68 0.71 16.76 -5.94
CA GLU A 68 0.05 17.07 -7.20
C GLU A 68 -0.61 18.44 -7.16
N SER A 69 -0.71 19.02 -5.97
CA SER A 69 -1.32 20.33 -5.80
C SER A 69 -0.66 21.38 -6.69
N LYS A 70 0.60 21.11 -7.05
CA LYS A 70 1.35 22.02 -7.91
C LYS A 70 0.87 21.91 -9.35
N LYS A 71 1.16 20.78 -9.98
CA LYS A 71 0.77 20.53 -11.38
C LYS A 71 1.01 21.77 -12.24
N ARG A 72 2.25 21.94 -12.68
CA ARG A 72 2.62 23.07 -13.53
C ARG A 72 3.36 22.62 -14.78
N LYS A 73 3.52 23.54 -15.73
CA LYS A 73 4.21 23.24 -16.98
C LYS A 73 5.72 23.29 -16.79
N ASP A 74 6.45 23.31 -17.89
CA ASP A 74 7.91 23.35 -17.84
C ASP A 74 8.42 24.70 -18.31
N ASN A 75 7.91 25.14 -19.45
CA ASN A 75 8.31 26.43 -20.03
C ASN A 75 7.79 26.57 -21.46
N GLU A 76 7.69 25.44 -22.14
CA GLU A 76 7.21 25.43 -23.53
C GLU A 76 5.74 25.01 -23.59
N GLY A 77 5.24 24.41 -22.53
CA GLY A 77 3.86 23.98 -22.50
C GLY A 77 3.69 22.58 -21.91
N ASN A 78 4.80 21.91 -21.65
CA ASN A 78 4.76 20.55 -21.10
C ASN A 78 4.00 20.54 -19.77
N GLU A 79 4.14 19.44 -19.03
CA GLU A 79 3.46 19.30 -17.75
C GLU A 79 4.32 18.50 -16.77
N VAL A 80 4.48 19.02 -15.56
CA VAL A 80 5.28 18.35 -14.55
C VAL A 80 4.41 17.50 -13.62
N VAL A 81 3.55 18.17 -12.84
CA VAL A 81 2.65 17.50 -11.91
C VAL A 81 3.30 16.25 -11.30
N PRO A 82 4.14 16.44 -10.27
CA PRO A 82 4.83 15.33 -9.61
C PRO A 82 3.93 14.12 -9.38
N LYS A 83 4.41 12.95 -9.80
CA LYS A 83 3.65 11.71 -9.64
C LYS A 83 3.57 11.30 -8.17
N PRO A 84 2.59 10.47 -7.83
CA PRO A 84 2.37 10.00 -6.47
C PRO A 84 3.22 8.77 -6.14
N GLN A 85 3.57 8.62 -4.86
CA GLN A 85 4.38 7.50 -4.40
C GLN A 85 3.52 6.47 -3.68
N ARG A 86 3.41 5.28 -4.28
CA ARG A 86 2.61 4.21 -3.70
C ARG A 86 3.46 2.96 -3.50
N HIS A 87 3.17 2.20 -2.44
CA HIS A 87 3.91 0.98 -2.17
C HIS A 87 3.12 -0.23 -2.65
N MET A 88 3.62 -0.88 -3.69
CA MET A 88 2.94 -2.04 -4.26
C MET A 88 3.47 -3.35 -3.68
N PHE A 89 2.55 -4.24 -3.35
CA PHE A 89 2.90 -5.54 -2.81
C PHE A 89 2.13 -6.65 -3.51
N SER A 90 2.85 -7.53 -4.20
CA SER A 90 2.22 -8.64 -4.91
C SER A 90 2.02 -9.83 -4.00
N PHE A 91 0.76 -10.19 -3.76
CA PHE A 91 0.43 -11.31 -2.89
C PHE A 91 0.31 -12.61 -3.68
N ASN A 92 0.87 -13.69 -3.13
CA ASN A 92 0.82 -14.99 -3.76
C ASN A 92 -0.25 -15.87 -3.11
N ASN A 93 -1.30 -15.22 -2.61
CA ASN A 93 -2.40 -15.91 -1.95
C ASN A 93 -3.48 -14.94 -1.55
N ARG A 94 -4.68 -15.15 -2.09
CA ARG A 94 -5.81 -14.29 -1.79
C ARG A 94 -6.14 -14.32 -0.30
N THR A 95 -5.60 -15.31 0.41
CA THR A 95 -5.83 -15.44 1.83
C THR A 95 -5.01 -14.40 2.60
N VAL A 96 -3.73 -14.31 2.26
CA VAL A 96 -2.85 -13.35 2.91
C VAL A 96 -3.28 -11.94 2.55
N MET A 97 -3.60 -11.73 1.28
CA MET A 97 -4.04 -10.43 0.81
C MET A 97 -5.37 -10.07 1.45
N ASP A 98 -6.22 -11.07 1.62
CA ASP A 98 -7.53 -10.86 2.25
C ASP A 98 -7.36 -10.44 3.70
N ASN A 99 -6.25 -10.87 4.29
CA ASN A 99 -5.94 -10.55 5.68
C ASN A 99 -5.32 -9.14 5.78
N ILE A 100 -4.28 -8.91 4.99
CA ILE A 100 -3.61 -7.61 4.99
C ILE A 100 -4.56 -6.53 4.51
N LYS A 101 -5.06 -6.70 3.29
CA LYS A 101 -5.99 -5.74 2.70
C LYS A 101 -7.11 -5.37 3.67
N MET A 102 -7.54 -6.34 4.46
CA MET A 102 -8.62 -6.12 5.42
C MET A 102 -8.10 -5.52 6.71
N THR A 103 -6.92 -5.96 7.15
CA THR A 103 -6.35 -5.48 8.39
C THR A 103 -5.89 -4.02 8.24
N LEU A 104 -5.53 -3.63 7.03
CA LEU A 104 -5.10 -2.26 6.79
C LEU A 104 -6.30 -1.34 6.91
N GLN A 105 -7.41 -1.77 6.31
CA GLN A 105 -8.65 -1.00 6.32
C GLN A 105 -9.22 -0.80 7.73
N GLN A 106 -9.34 -1.88 8.50
CA GLN A 106 -9.89 -1.77 9.86
C GLN A 106 -9.20 -0.65 10.62
N ILE A 107 -7.94 -0.42 10.29
CA ILE A 107 -7.16 0.63 10.92
C ILE A 107 -7.40 1.97 10.24
N ILE A 108 -7.24 1.98 8.92
CA ILE A 108 -7.45 3.20 8.12
C ILE A 108 -8.70 3.94 8.58
N SER A 109 -9.81 3.24 8.55
CA SER A 109 -11.09 3.80 8.95
C SER A 109 -10.97 4.56 10.27
N ARG A 110 -10.02 4.14 11.10
CA ARG A 110 -9.80 4.78 12.40
C ARG A 110 -9.13 6.14 12.22
N TYR A 111 -8.42 6.32 11.11
CA TYR A 111 -7.73 7.58 10.86
C TYR A 111 -8.76 8.62 10.44
N LYS A 112 -9.78 8.17 9.73
CA LYS A 112 -10.85 9.05 9.28
C LYS A 112 -11.83 9.21 10.42
N ASP A 113 -12.09 8.08 11.06
CA ASP A 113 -12.97 8.04 12.21
C ASP A 113 -12.38 8.90 13.31
N ALA A 114 -11.05 8.94 13.34
CA ALA A 114 -10.34 9.74 14.32
C ALA A 114 -10.03 11.12 13.76
N ASP A 115 -10.08 11.25 12.44
CA ASP A 115 -9.79 12.52 11.78
C ASP A 115 -10.62 13.65 12.39
N ASP B 22 -0.79 -10.89 -17.77
CA ASP B 22 0.32 -9.88 -17.67
C ASP B 22 0.83 -9.49 -19.05
N LEU B 23 0.14 -8.53 -19.68
CA LEU B 23 0.52 -8.05 -20.99
C LEU B 23 1.94 -7.46 -20.97
N GLU B 24 2.18 -6.59 -19.99
CA GLU B 24 3.50 -5.96 -19.86
C GLU B 24 3.54 -5.08 -18.62
N VAL B 25 3.74 -5.70 -17.46
CA VAL B 25 3.82 -4.97 -16.20
C VAL B 25 2.48 -4.30 -15.88
N LEU B 26 1.66 -4.99 -15.09
CA LEU B 26 0.36 -4.46 -14.70
C LEU B 26 0.43 -3.76 -13.35
N SER B 27 -0.62 -3.02 -13.01
CA SER B 27 -0.67 -2.30 -11.75
C SER B 27 -1.98 -1.53 -11.60
N GLU B 28 -2.09 -0.45 -12.35
CA GLU B 28 -3.30 0.38 -12.32
C GLU B 28 -4.28 -0.02 -13.41
N GLU B 29 -4.12 -1.23 -13.92
CA GLU B 29 -4.99 -1.74 -14.97
C GLU B 29 -6.16 -2.53 -14.39
N LEU B 30 -5.86 -3.39 -13.45
CA LEU B 30 -6.89 -4.22 -12.82
C LEU B 30 -6.95 -3.98 -11.30
N PHE B 31 -6.43 -2.84 -10.87
CA PHE B 31 -6.42 -2.51 -9.44
C PHE B 31 -7.70 -1.77 -9.05
N GLU B 32 -8.20 -2.08 -7.87
CA GLU B 32 -9.41 -1.44 -7.36
C GLU B 32 -9.18 -0.90 -5.95
N ASP B 33 -9.50 0.38 -5.76
CA ASP B 33 -9.31 1.02 -4.46
C ASP B 33 -10.29 0.46 -3.44
N VAL B 34 -9.76 -0.31 -2.49
CA VAL B 34 -10.59 -0.90 -1.44
C VAL B 34 -11.34 0.18 -0.65
N PRO B 35 -12.62 -0.05 -0.33
CA PRO B 35 -13.43 0.92 0.41
C PRO B 35 -12.77 1.34 1.73
N THR B 36 -12.65 2.64 1.93
CA THR B 36 -12.04 3.18 3.15
C THR B 36 -12.81 4.40 3.64
N LYS B 37 -13.40 4.29 4.82
CA LYS B 37 -14.17 5.39 5.40
C LYS B 37 -14.71 5.01 6.78
N SER B 38 -15.09 6.02 7.55
CA SER B 38 -15.63 5.80 8.89
C SER B 38 -17.11 6.16 8.94
N GLN B 39 -17.55 7.00 8.02
CA GLN B 39 -18.95 7.42 7.97
C GLN B 39 -19.35 8.10 9.27
N ILE B 40 -19.29 9.43 9.28
CA ILE B 40 -19.66 10.21 10.46
C ILE B 40 -20.43 11.46 10.08
N SER B 41 -21.18 11.37 8.99
CA SER B 41 -21.99 12.50 8.52
C SER B 41 -23.15 12.01 7.66
N PRO A 1 -4.39 -15.04 10.30
CA PRO A 1 -3.51 -13.89 10.62
C PRO A 1 -3.71 -12.73 9.65
N SER A 2 -4.16 -11.59 10.17
CA SER A 2 -4.39 -10.41 9.36
C SER A 2 -3.29 -9.38 9.56
N HIS A 3 -2.82 -9.27 10.80
CA HIS A 3 -1.76 -8.32 11.13
C HIS A 3 -0.48 -8.62 10.37
N SER A 4 -0.39 -9.79 9.75
CA SER A 4 0.79 -10.17 8.99
C SER A 4 0.40 -10.85 7.69
N GLY A 5 1.37 -10.90 6.76
CA GLY A 5 1.12 -11.51 5.47
C GLY A 5 2.26 -11.26 4.53
N ALA A 6 2.64 -12.28 3.76
CA ALA A 6 3.75 -12.14 2.83
C ALA A 6 3.33 -11.53 1.51
N ALA A 7 4.18 -10.67 0.97
CA ALA A 7 3.92 -9.99 -0.29
C ALA A 7 5.21 -9.69 -1.05
N ILE A 8 5.08 -9.23 -2.30
CA ILE A 8 6.25 -8.92 -3.13
C ILE A 8 6.51 -7.42 -3.19
N PHE A 9 7.72 -7.01 -2.83
CA PHE A 9 8.09 -5.60 -2.89
C PHE A 9 9.35 -5.40 -3.73
N GLU A 10 9.16 -4.80 -4.90
CA GLU A 10 10.28 -4.51 -5.81
C GLU A 10 10.87 -5.78 -6.40
N LYS A 11 10.02 -6.66 -6.91
CA LYS A 11 10.46 -7.92 -7.51
C LYS A 11 10.97 -8.91 -6.47
N VAL A 12 11.04 -8.49 -5.20
CA VAL A 12 11.50 -9.36 -4.15
C VAL A 12 10.34 -9.92 -3.36
N SER A 13 10.50 -11.13 -2.86
CA SER A 13 9.46 -11.76 -2.09
C SER A 13 9.86 -11.89 -0.63
N GLY A 14 9.16 -11.17 0.22
CA GLY A 14 9.45 -11.21 1.64
C GLY A 14 8.19 -11.41 2.46
N ILE A 15 8.05 -10.61 3.51
CA ILE A 15 6.89 -10.69 4.39
C ILE A 15 6.36 -9.32 4.73
N ILE A 16 5.05 -9.17 4.67
CA ILE A 16 4.41 -7.93 5.04
C ILE A 16 3.88 -8.12 6.44
N ALA A 17 4.00 -7.11 7.27
CA ALA A 17 3.51 -7.24 8.63
C ALA A 17 3.08 -5.91 9.19
N ILE A 18 1.80 -5.84 9.51
CA ILE A 18 1.18 -4.63 10.02
C ILE A 18 1.40 -4.45 11.51
N ASN A 19 1.59 -3.19 11.92
CA ASN A 19 1.81 -2.85 13.32
C ASN A 19 0.80 -1.79 13.76
N GLU A 20 -0.12 -2.18 14.65
CA GLU A 20 -1.14 -1.27 15.14
C GLU A 20 -0.78 -0.73 16.52
N ASP A 21 0.34 -1.20 17.07
CA ASP A 21 0.79 -0.75 18.38
C ASP A 21 1.37 0.67 18.27
N VAL A 22 1.46 1.16 17.04
CA VAL A 22 2.00 2.49 16.79
C VAL A 22 0.89 3.52 16.78
N SER A 23 1.14 4.67 16.16
CA SER A 23 0.16 5.74 16.07
C SER A 23 0.74 6.93 15.30
N PRO A 24 0.41 7.05 14.00
CA PRO A 24 -0.46 6.12 13.29
C PRO A 24 0.19 4.75 13.05
N ALA A 25 -0.63 3.77 12.70
CA ALA A 25 -0.13 2.42 12.43
C ALA A 25 0.93 2.42 11.36
N GLU A 26 1.50 1.24 11.12
CA GLU A 26 2.53 1.08 10.11
C GLU A 26 2.73 -0.38 9.74
N LEU A 27 2.90 -0.65 8.45
CA LEU A 27 3.12 -2.01 7.99
C LEU A 27 4.59 -2.15 7.58
N THR A 28 5.18 -3.32 7.78
CA THR A 28 6.59 -3.53 7.44
C THR A 28 6.82 -4.75 6.57
N TRP A 29 7.24 -4.52 5.33
CA TRP A 29 7.53 -5.59 4.40
C TRP A 29 9.01 -5.96 4.51
N ARG A 30 9.30 -7.13 5.04
CA ARG A 30 10.68 -7.58 5.19
C ARG A 30 10.98 -8.74 4.24
N SER A 31 12.09 -8.64 3.52
CA SER A 31 12.49 -9.69 2.58
C SER A 31 12.43 -11.06 3.26
N THR A 32 12.35 -12.11 2.46
CA THR A 32 12.30 -13.47 3.00
C THR A 32 13.68 -13.88 3.47
N ASP A 33 14.68 -13.45 2.73
CA ASP A 33 16.07 -13.74 3.06
C ASP A 33 16.62 -12.74 4.06
N GLY A 34 15.94 -11.62 4.23
CA GLY A 34 16.39 -10.60 5.15
C GLY A 34 17.37 -9.64 4.52
N ASP A 35 17.17 -9.36 3.23
CA ASP A 35 18.05 -8.44 2.51
C ASP A 35 17.62 -6.99 2.69
N LYS A 36 16.34 -6.79 2.96
CA LYS A 36 15.82 -5.44 3.16
C LYS A 36 14.35 -5.47 3.57
N VAL A 37 13.88 -4.34 4.06
CA VAL A 37 12.52 -4.20 4.52
C VAL A 37 11.98 -2.80 4.23
N HIS A 38 10.68 -2.72 3.95
CA HIS A 38 10.04 -1.44 3.67
C HIS A 38 8.91 -1.17 4.66
N THR A 39 9.02 -0.07 5.39
CA THR A 39 8.02 0.29 6.37
C THR A 39 7.03 1.29 5.79
N VAL A 40 5.75 1.10 6.09
CA VAL A 40 4.70 1.99 5.58
C VAL A 40 3.85 2.56 6.72
N VAL A 41 3.50 3.84 6.58
CA VAL A 41 2.67 4.49 7.57
C VAL A 41 1.25 4.63 7.01
N LEU A 42 0.40 3.66 7.35
CA LEU A 42 -0.99 3.64 6.87
C LEU A 42 -1.63 5.03 6.92
N SER A 43 -1.13 5.89 7.79
CA SER A 43 -1.65 7.25 7.91
C SER A 43 -1.16 8.10 6.75
N THR A 44 0.15 8.03 6.50
CA THR A 44 0.73 8.76 5.40
C THR A 44 0.17 8.22 4.10
N ILE A 45 -0.22 6.95 4.11
CA ILE A 45 -0.80 6.31 2.95
C ILE A 45 -2.03 7.07 2.48
N ASP A 46 -1.91 7.75 1.34
CA ASP A 46 -3.02 8.52 0.78
C ASP A 46 -4.28 7.66 0.66
N LYS A 47 -4.07 6.37 0.40
CA LYS A 47 -5.19 5.44 0.26
C LYS A 47 -4.68 4.00 0.15
N LEU A 48 -5.58 3.05 0.34
CA LEU A 48 -5.22 1.64 0.27
C LEU A 48 -5.81 1.00 -1.00
N GLN A 49 -4.93 0.55 -1.89
CA GLN A 49 -5.37 -0.09 -3.14
C GLN A 49 -5.07 -1.57 -3.11
N ALA A 50 -5.94 -2.37 -3.71
CA ALA A 50 -5.76 -3.81 -3.74
C ALA A 50 -6.52 -4.43 -4.91
N THR A 51 -5.95 -5.49 -5.49
CA THR A 51 -6.59 -6.16 -6.62
C THR A 51 -7.97 -6.71 -6.23
N PRO A 52 -8.94 -6.65 -7.15
CA PRO A 52 -10.30 -7.13 -6.90
C PRO A 52 -10.39 -8.65 -6.93
N ALA A 53 -11.47 -9.20 -6.39
CA ALA A 53 -11.68 -10.64 -6.35
C ALA A 53 -11.82 -11.21 -7.76
N SER A 54 -12.31 -10.39 -8.67
CA SER A 54 -12.49 -10.81 -10.06
C SER A 54 -11.15 -10.96 -10.77
N SER A 55 -10.11 -10.35 -10.20
CA SER A 55 -8.77 -10.41 -10.78
C SER A 55 -7.95 -11.49 -10.10
N GLU A 56 -7.57 -12.51 -10.87
CA GLU A 56 -6.78 -13.60 -10.35
C GLU A 56 -5.45 -13.08 -9.78
N LYS A 57 -5.09 -11.85 -10.16
CA LYS A 57 -3.85 -11.24 -9.69
C LYS A 57 -4.06 -10.63 -8.30
N MET A 58 -3.64 -11.35 -7.27
CA MET A 58 -3.78 -10.88 -5.91
C MET A 58 -2.63 -9.95 -5.53
N MET A 59 -2.93 -8.67 -5.36
CA MET A 59 -1.93 -7.68 -5.02
C MET A 59 -2.50 -6.55 -4.17
N LEU A 60 -1.72 -6.08 -3.21
CA LEU A 60 -2.14 -4.98 -2.35
C LEU A 60 -1.19 -3.80 -2.50
N ARG A 61 -1.72 -2.58 -2.45
CA ARG A 61 -0.90 -1.39 -2.59
C ARG A 61 -1.39 -0.25 -1.69
N LEU A 62 -0.46 0.60 -1.29
CA LEU A 62 -0.79 1.75 -0.45
C LEU A 62 -0.22 3.02 -1.07
N ILE A 63 -1.10 3.92 -1.46
CA ILE A 63 -0.67 5.17 -2.09
C ILE A 63 -0.14 6.15 -1.04
N GLY A 64 0.71 7.08 -1.46
CA GLY A 64 1.26 8.04 -0.54
C GLY A 64 0.93 9.47 -0.93
N LYS A 65 0.71 10.32 0.08
CA LYS A 65 0.37 11.72 -0.15
C LYS A 65 1.46 12.41 -0.96
N VAL A 66 1.09 12.97 -2.11
CA VAL A 66 2.05 13.66 -2.97
C VAL A 66 2.04 15.15 -2.71
N ASP A 67 3.12 15.81 -3.10
CA ASP A 67 3.24 17.25 -2.94
C ASP A 67 3.12 17.95 -4.29
N GLU A 68 2.03 17.67 -4.98
CA GLU A 68 1.78 18.25 -6.30
C GLU A 68 1.08 19.61 -6.19
N SER A 69 1.50 20.42 -5.23
CA SER A 69 0.92 21.74 -5.02
C SER A 69 1.90 22.85 -5.41
N LYS A 70 3.19 22.49 -5.46
CA LYS A 70 4.22 23.46 -5.81
C LYS A 70 4.32 23.63 -7.33
N LYS A 71 4.51 22.50 -8.03
CA LYS A 71 4.61 22.52 -9.48
C LYS A 71 5.81 23.37 -9.93
N ARG A 72 6.94 22.72 -10.13
CA ARG A 72 8.16 23.40 -10.55
C ARG A 72 8.32 23.33 -12.07
N LYS A 73 9.46 23.81 -12.56
CA LYS A 73 9.74 23.79 -13.99
C LYS A 73 11.10 23.16 -14.26
N ASP A 74 11.50 23.14 -15.53
CA ASP A 74 12.79 22.56 -15.92
C ASP A 74 13.79 23.66 -16.25
N ASN A 75 13.31 24.68 -16.92
CA ASN A 75 14.14 25.82 -17.33
C ASN A 75 13.43 26.67 -18.38
N GLU A 76 12.61 26.02 -19.18
CA GLU A 76 11.87 26.70 -20.23
C GLU A 76 10.39 26.80 -19.89
N GLY A 77 10.10 27.08 -18.62
CA GLY A 77 8.72 27.19 -18.19
C GLY A 77 8.00 25.84 -18.20
N ASN A 78 8.76 24.76 -18.36
CA ASN A 78 8.19 23.42 -18.39
C ASN A 78 7.39 23.15 -17.11
N GLU A 79 7.08 21.88 -16.87
CA GLU A 79 6.32 21.50 -15.69
C GLU A 79 6.92 20.26 -15.03
N VAL A 80 7.31 20.41 -13.77
CA VAL A 80 7.91 19.31 -13.02
C VAL A 80 6.86 18.52 -12.25
N VAL A 81 6.20 19.20 -11.30
CA VAL A 81 5.17 18.60 -10.47
C VAL A 81 5.56 17.17 -10.07
N PRO A 82 6.18 17.02 -8.87
CA PRO A 82 6.61 15.71 -8.38
C PRO A 82 5.51 14.66 -8.43
N LYS A 83 5.85 13.47 -8.93
CA LYS A 83 4.88 12.39 -9.05
C LYS A 83 4.50 11.85 -7.67
N PRO A 84 3.37 11.14 -7.59
CA PRO A 84 2.86 10.57 -6.34
C PRO A 84 3.52 9.25 -5.99
N GLN A 85 3.70 9.01 -4.69
CA GLN A 85 4.33 7.78 -4.22
C GLN A 85 3.28 6.73 -3.87
N ARG A 86 3.69 5.47 -3.87
CA ARG A 86 2.79 4.37 -3.55
C ARG A 86 3.58 3.08 -3.31
N HIS A 87 3.17 2.32 -2.29
CA HIS A 87 3.85 1.07 -1.96
C HIS A 87 3.05 -0.12 -2.51
N MET A 88 3.61 -0.77 -3.51
CA MET A 88 2.95 -1.93 -4.13
C MET A 88 3.40 -3.24 -3.50
N PHE A 89 2.46 -4.16 -3.36
CA PHE A 89 2.75 -5.46 -2.78
C PHE A 89 2.00 -6.57 -3.54
N SER A 90 2.74 -7.47 -4.16
CA SER A 90 2.14 -8.57 -4.91
C SER A 90 1.96 -9.78 -4.01
N PHE A 91 0.69 -10.14 -3.79
CA PHE A 91 0.38 -11.29 -2.94
C PHE A 91 0.27 -12.57 -3.75
N ASN A 92 0.85 -13.65 -3.22
CA ASN A 92 0.82 -14.95 -3.89
C ASN A 92 -0.26 -15.83 -3.26
N ASN A 93 -1.32 -15.20 -2.76
CA ASN A 93 -2.42 -15.91 -2.13
C ASN A 93 -3.52 -14.95 -1.74
N ARG A 94 -4.70 -15.12 -2.36
CA ARG A 94 -5.84 -14.27 -2.06
C ARG A 94 -6.19 -14.30 -0.58
N THR A 95 -5.67 -15.30 0.13
CA THR A 95 -5.93 -15.43 1.55
C THR A 95 -5.13 -14.40 2.33
N VAL A 96 -3.84 -14.32 2.04
CA VAL A 96 -2.97 -13.36 2.70
C VAL A 96 -3.38 -11.95 2.32
N MET A 97 -3.69 -11.76 1.04
CA MET A 97 -4.11 -10.46 0.55
C MET A 97 -5.46 -10.09 1.15
N ASP A 98 -6.34 -11.08 1.31
CA ASP A 98 -7.64 -10.84 1.90
C ASP A 98 -7.48 -10.47 3.37
N ASN A 99 -6.37 -10.89 3.96
CA ASN A 99 -6.07 -10.61 5.35
C ASN A 99 -5.48 -9.21 5.49
N ILE A 100 -4.31 -9.01 4.89
CA ILE A 100 -3.64 -7.71 4.93
C ILE A 100 -4.57 -6.60 4.46
N LYS A 101 -5.14 -6.78 3.27
CA LYS A 101 -6.06 -5.82 2.69
C LYS A 101 -7.16 -5.46 3.68
N MET A 102 -7.51 -6.41 4.55
CA MET A 102 -8.54 -6.20 5.54
C MET A 102 -7.96 -5.49 6.76
N THR A 103 -6.83 -5.99 7.24
CA THR A 103 -6.15 -5.41 8.38
C THR A 103 -5.91 -3.93 8.19
N LEU A 104 -5.20 -3.60 7.11
CA LEU A 104 -4.90 -2.21 6.80
C LEU A 104 -6.16 -1.35 6.92
N GLN A 105 -7.20 -1.78 6.23
CA GLN A 105 -8.48 -1.08 6.25
C GLN A 105 -9.03 -0.97 7.67
N GLN A 106 -8.99 -2.07 8.42
CA GLN A 106 -9.49 -2.09 9.80
C GLN A 106 -8.87 -0.94 10.58
N ILE A 107 -7.63 -0.60 10.24
CA ILE A 107 -6.91 0.48 10.90
C ILE A 107 -7.23 1.82 10.23
N ILE A 108 -7.08 1.85 8.92
CA ILE A 108 -7.36 3.05 8.12
C ILE A 108 -8.63 3.74 8.59
N SER A 109 -9.72 3.00 8.56
CA SER A 109 -11.02 3.51 8.97
C SER A 109 -10.92 4.26 10.30
N ARG A 110 -9.94 3.87 11.10
CA ARG A 110 -9.73 4.49 12.41
C ARG A 110 -9.12 5.89 12.26
N TYR A 111 -8.44 6.13 11.15
CA TYR A 111 -7.82 7.44 10.90
C TYR A 111 -8.89 8.44 10.51
N LYS A 112 -9.90 7.93 9.79
CA LYS A 112 -11.01 8.77 9.36
C LYS A 112 -11.99 8.87 10.49
N ASP A 113 -12.21 7.72 11.11
CA ASP A 113 -13.09 7.63 12.26
C ASP A 113 -12.54 8.50 13.37
N ALA A 114 -11.22 8.59 13.42
CA ALA A 114 -10.54 9.41 14.41
C ALA A 114 -10.28 10.81 13.86
N ASP A 115 -10.34 10.96 12.55
CA ASP A 115 -10.11 12.25 11.90
C ASP A 115 -10.97 13.33 12.53
N ASP B 22 4.19 -4.55 -26.92
CA ASP B 22 5.30 -4.74 -25.95
C ASP B 22 5.45 -3.52 -25.04
N LEU B 23 4.61 -3.45 -24.00
CA LEU B 23 4.65 -2.35 -23.06
C LEU B 23 4.86 -2.85 -21.64
N GLU B 24 4.06 -3.83 -21.23
CA GLU B 24 4.17 -4.39 -19.90
C GLU B 24 3.93 -3.34 -18.83
N VAL B 25 2.68 -3.21 -18.40
CA VAL B 25 2.30 -2.24 -17.38
C VAL B 25 1.31 -2.83 -16.38
N LEU B 26 1.82 -3.65 -15.46
CA LEU B 26 0.99 -4.28 -14.45
C LEU B 26 1.04 -3.49 -13.14
N SER B 27 -0.07 -2.85 -12.80
CA SER B 27 -0.15 -2.06 -11.57
C SER B 27 -1.55 -1.47 -11.40
N GLU B 28 -1.81 -0.37 -12.09
CA GLU B 28 -3.09 0.30 -12.01
C GLU B 28 -4.03 -0.15 -13.13
N GLU B 29 -3.72 -1.30 -13.70
CA GLU B 29 -4.53 -1.85 -14.77
C GLU B 29 -5.57 -2.82 -14.23
N LEU B 30 -5.17 -3.60 -13.25
CA LEU B 30 -6.07 -4.58 -12.64
C LEU B 30 -6.24 -4.31 -11.14
N PHE B 31 -5.93 -3.09 -10.72
CA PHE B 31 -6.06 -2.72 -9.32
C PHE B 31 -7.36 -1.97 -9.06
N GLU B 32 -7.80 -1.97 -7.80
CA GLU B 32 -9.03 -1.29 -7.41
C GLU B 32 -8.95 -0.79 -5.97
N ASP B 33 -9.22 0.49 -5.78
CA ASP B 33 -9.18 1.09 -4.45
C ASP B 33 -10.18 0.41 -3.51
N VAL B 34 -9.68 -0.10 -2.40
CA VAL B 34 -10.53 -0.76 -1.42
C VAL B 34 -11.36 0.25 -0.64
N PRO B 35 -12.61 -0.11 -0.25
CA PRO B 35 -13.49 0.78 0.50
C PRO B 35 -12.85 1.27 1.80
N THR B 36 -12.86 2.59 1.99
CA THR B 36 -12.29 3.19 3.19
C THR B 36 -13.17 4.32 3.72
N LYS B 37 -13.69 4.14 4.92
CA LYS B 37 -14.56 5.15 5.53
C LYS B 37 -15.00 4.72 6.92
N SER B 38 -15.54 5.66 7.69
CA SER B 38 -16.00 5.38 9.04
C SER B 38 -17.46 5.79 9.22
N GLN B 39 -18.27 5.58 8.19
CA GLN B 39 -19.68 5.94 8.24
C GLN B 39 -20.40 5.51 6.96
N ILE B 40 -21.57 4.89 7.12
CA ILE B 40 -22.35 4.43 5.99
C ILE B 40 -23.85 4.49 6.30
N SER B 41 -24.32 5.65 6.72
CA SER B 41 -25.73 5.84 7.05
C SER B 41 -26.15 4.89 8.17
N PRO A 1 -3.51 -13.78 12.65
CA PRO A 1 -2.73 -13.66 11.38
C PRO A 1 -3.27 -12.56 10.47
N SER A 2 -3.64 -11.43 11.08
CA SER A 2 -4.17 -10.30 10.33
C SER A 2 -3.14 -9.17 10.25
N HIS A 3 -2.31 -9.05 11.29
CA HIS A 3 -1.29 -8.02 11.33
C HIS A 3 -0.01 -8.46 10.61
N SER A 4 -0.11 -9.53 9.83
CA SER A 4 1.05 -10.02 9.08
C SER A 4 0.62 -10.78 7.83
N GLY A 5 1.48 -10.74 6.82
CA GLY A 5 1.20 -11.42 5.57
C GLY A 5 2.32 -11.18 4.58
N ALA A 6 2.71 -12.20 3.85
CA ALA A 6 3.79 -12.09 2.89
C ALA A 6 3.35 -11.50 1.56
N ALA A 7 4.24 -10.73 0.94
CA ALA A 7 3.96 -10.07 -0.34
C ALA A 7 5.24 -9.79 -1.11
N ILE A 8 5.09 -9.36 -2.37
CA ILE A 8 6.25 -9.07 -3.23
C ILE A 8 6.52 -7.57 -3.33
N PHE A 9 7.72 -7.15 -2.96
CA PHE A 9 8.09 -5.75 -3.06
C PHE A 9 9.34 -5.56 -3.91
N GLU A 10 9.14 -4.98 -5.10
CA GLU A 10 10.23 -4.72 -6.04
C GLU A 10 10.83 -6.01 -6.59
N LYS A 11 9.96 -6.89 -7.07
CA LYS A 11 10.40 -8.17 -7.65
C LYS A 11 10.92 -9.13 -6.59
N VAL A 12 10.99 -8.69 -5.33
CA VAL A 12 11.47 -9.53 -4.26
C VAL A 12 10.31 -10.07 -3.45
N SER A 13 10.49 -11.25 -2.92
CA SER A 13 9.45 -11.89 -2.12
C SER A 13 9.87 -11.96 -0.66
N GLY A 14 9.17 -11.21 0.17
CA GLY A 14 9.47 -11.19 1.59
C GLY A 14 8.23 -11.37 2.43
N ILE A 15 8.11 -10.55 3.47
CA ILE A 15 6.97 -10.62 4.36
C ILE A 15 6.43 -9.24 4.68
N ILE A 16 5.12 -9.09 4.62
CA ILE A 16 4.50 -7.83 5.00
C ILE A 16 3.97 -8.02 6.39
N ALA A 17 4.07 -7.00 7.21
CA ALA A 17 3.62 -7.12 8.57
C ALA A 17 3.15 -5.79 9.13
N ILE A 18 1.88 -5.76 9.49
CA ILE A 18 1.25 -4.56 10.02
C ILE A 18 1.44 -4.44 11.52
N ASN A 19 1.65 -3.22 11.98
CA ASN A 19 1.83 -2.94 13.40
C ASN A 19 0.73 -2.01 13.90
N GLU A 20 -0.34 -2.58 14.42
CA GLU A 20 -1.46 -1.79 14.92
C GLU A 20 -1.17 -1.28 16.34
N ASP A 21 0.00 -1.61 16.88
CA ASP A 21 0.38 -1.18 18.21
C ASP A 21 0.94 0.25 18.19
N VAL A 22 0.98 0.85 17.01
CA VAL A 22 1.50 2.22 16.88
C VAL A 22 0.35 3.21 16.73
N SER A 23 0.68 4.40 16.25
CA SER A 23 -0.30 5.45 16.04
C SER A 23 0.33 6.68 15.39
N PRO A 24 0.14 6.86 14.07
CA PRO A 24 -0.65 5.94 13.24
C PRO A 24 0.03 4.60 13.02
N ALA A 25 -0.77 3.60 12.62
CA ALA A 25 -0.25 2.26 12.38
C ALA A 25 0.90 2.28 11.40
N GLU A 26 1.47 1.11 11.13
CA GLU A 26 2.57 0.99 10.19
C GLU A 26 2.79 -0.45 9.75
N LEU A 27 2.96 -0.64 8.44
CA LEU A 27 3.19 -1.97 7.90
C LEU A 27 4.65 -2.07 7.45
N THR A 28 5.25 -3.24 7.62
CA THR A 28 6.66 -3.43 7.25
C THR A 28 6.89 -4.68 6.41
N TRP A 29 7.29 -4.47 5.15
CA TRP A 29 7.58 -5.56 4.26
C TRP A 29 9.06 -5.91 4.34
N ARG A 30 9.37 -7.07 4.91
CA ARG A 30 10.76 -7.49 5.05
C ARG A 30 11.05 -8.67 4.12
N SER A 31 12.14 -8.58 3.38
CA SER A 31 12.52 -9.65 2.46
C SER A 31 12.51 -11.00 3.16
N THR A 32 12.39 -12.07 2.40
CA THR A 32 12.36 -13.41 2.97
C THR A 32 13.75 -13.81 3.42
N ASP A 33 14.74 -13.39 2.64
CA ASP A 33 16.13 -13.67 2.95
C ASP A 33 16.70 -12.65 3.92
N GLY A 34 16.01 -11.53 4.08
CA GLY A 34 16.46 -10.49 4.98
C GLY A 34 17.44 -9.54 4.32
N ASP A 35 17.22 -9.27 3.04
CA ASP A 35 18.09 -8.37 2.28
C ASP A 35 17.65 -6.92 2.44
N LYS A 36 16.37 -6.71 2.73
CA LYS A 36 15.83 -5.37 2.89
C LYS A 36 14.37 -5.40 3.32
N VAL A 37 13.91 -4.27 3.80
CA VAL A 37 12.55 -4.13 4.28
C VAL A 37 12.00 -2.74 3.99
N HIS A 38 10.69 -2.67 3.75
CA HIS A 38 10.03 -1.40 3.46
C HIS A 38 8.92 -1.12 4.47
N THR A 39 9.04 -0.03 5.20
CA THR A 39 8.04 0.34 6.19
C THR A 39 7.06 1.35 5.63
N VAL A 40 5.78 1.19 5.98
CA VAL A 40 4.74 2.08 5.49
C VAL A 40 3.91 2.66 6.64
N VAL A 41 3.56 3.92 6.52
CA VAL A 41 2.74 4.59 7.53
C VAL A 41 1.32 4.72 6.99
N LEU A 42 0.48 3.74 7.32
CA LEU A 42 -0.92 3.72 6.87
C LEU A 42 -1.57 5.10 6.93
N SER A 43 -1.05 5.97 7.81
CA SER A 43 -1.57 7.32 7.94
C SER A 43 -1.12 8.16 6.76
N THR A 44 0.18 8.13 6.48
CA THR A 44 0.73 8.85 5.36
C THR A 44 0.16 8.29 4.07
N ILE A 45 -0.21 7.01 4.11
CA ILE A 45 -0.79 6.36 2.95
C ILE A 45 -2.03 7.10 2.47
N ASP A 46 -1.91 7.76 1.31
CA ASP A 46 -3.03 8.52 0.75
C ASP A 46 -4.28 7.67 0.66
N LYS A 47 -4.10 6.38 0.41
CA LYS A 47 -5.24 5.46 0.30
C LYS A 47 -4.76 4.01 0.26
N LEU A 48 -5.69 3.09 0.47
CA LEU A 48 -5.39 1.67 0.47
C LEU A 48 -5.97 1.00 -0.79
N GLN A 49 -5.10 0.44 -1.62
CA GLN A 49 -5.54 -0.22 -2.84
C GLN A 49 -5.20 -1.71 -2.79
N ALA A 50 -6.04 -2.53 -3.40
CA ALA A 50 -5.83 -3.96 -3.41
C ALA A 50 -6.54 -4.62 -4.59
N THR A 51 -5.87 -5.56 -5.26
CA THR A 51 -6.46 -6.25 -6.40
C THR A 51 -7.80 -6.89 -6.02
N PRO A 52 -8.89 -6.52 -6.70
CA PRO A 52 -10.22 -7.07 -6.43
C PRO A 52 -10.33 -8.53 -6.80
N ALA A 53 -11.36 -9.20 -6.28
CA ALA A 53 -11.58 -10.61 -6.57
C ALA A 53 -11.57 -10.89 -8.07
N SER A 54 -12.00 -9.91 -8.85
CA SER A 54 -12.04 -10.03 -10.30
C SER A 54 -10.63 -10.03 -10.89
N SER A 55 -9.66 -9.55 -10.10
CA SER A 55 -8.28 -9.50 -10.53
C SER A 55 -7.60 -10.84 -10.36
N GLU A 56 -7.12 -11.41 -11.48
CA GLU A 56 -6.44 -12.69 -11.43
C GLU A 56 -5.15 -12.60 -10.64
N LYS A 57 -4.73 -11.38 -10.31
CA LYS A 57 -3.50 -11.16 -9.55
C LYS A 57 -3.81 -10.64 -8.16
N MET A 58 -3.62 -11.48 -7.15
CA MET A 58 -3.87 -11.09 -5.76
C MET A 58 -2.73 -10.22 -5.24
N MET A 59 -3.00 -8.92 -5.09
CA MET A 59 -2.00 -7.99 -4.61
C MET A 59 -2.61 -6.84 -3.82
N LEU A 60 -1.81 -6.24 -2.94
CA LEU A 60 -2.26 -5.09 -2.15
C LEU A 60 -1.32 -3.91 -2.37
N ARG A 61 -1.86 -2.70 -2.27
CA ARG A 61 -1.07 -1.48 -2.48
C ARG A 61 -1.53 -0.34 -1.58
N LEU A 62 -0.58 0.54 -1.24
CA LEU A 62 -0.87 1.70 -0.41
C LEU A 62 -0.35 2.97 -1.08
N ILE A 63 -1.25 3.88 -1.43
CA ILE A 63 -0.86 5.12 -2.08
C ILE A 63 -0.26 6.10 -1.08
N GLY A 64 0.56 7.03 -1.56
CA GLY A 64 1.17 8.00 -0.69
C GLY A 64 0.85 9.42 -1.11
N LYS A 65 1.19 10.38 -0.24
CA LYS A 65 0.92 11.78 -0.53
C LYS A 65 2.15 12.45 -1.15
N VAL A 66 1.99 12.94 -2.38
CA VAL A 66 3.08 13.61 -3.08
C VAL A 66 3.34 14.99 -2.48
N ASP A 67 4.53 15.53 -2.73
CA ASP A 67 4.89 16.84 -2.19
C ASP A 67 5.40 17.77 -3.29
N GLU A 68 4.80 17.64 -4.47
CA GLU A 68 5.17 18.47 -5.62
C GLU A 68 6.69 18.66 -5.71
N SER A 69 7.44 17.66 -5.26
CA SER A 69 8.90 17.72 -5.28
C SER A 69 9.45 17.06 -6.54
N LYS A 70 8.70 16.11 -7.07
CA LYS A 70 9.12 15.40 -8.28
C LYS A 70 9.31 16.37 -9.44
N LYS A 71 8.20 16.79 -10.04
CA LYS A 71 8.24 17.72 -11.17
C LYS A 71 9.11 17.17 -12.30
N ARG A 72 8.49 16.42 -13.21
CA ARG A 72 9.21 15.84 -14.33
C ARG A 72 8.72 16.43 -15.64
N LYS A 73 9.64 17.00 -16.41
CA LYS A 73 9.30 17.61 -17.70
C LYS A 73 9.05 16.53 -18.75
N ASP A 74 8.35 16.91 -19.82
CA ASP A 74 8.04 15.98 -20.91
C ASP A 74 9.02 16.14 -22.05
N ASN A 75 9.00 17.31 -22.66
CA ASN A 75 9.88 17.60 -23.79
C ASN A 75 9.69 19.03 -24.28
N GLU A 76 8.45 19.49 -24.22
CA GLU A 76 8.12 20.84 -24.66
C GLU A 76 8.20 21.84 -23.50
N GLY A 77 9.22 21.69 -22.66
CA GLY A 77 9.39 22.58 -21.53
C GLY A 77 8.20 22.55 -20.58
N ASN A 78 7.37 21.51 -20.68
CA ASN A 78 6.21 21.38 -19.82
C ASN A 78 6.55 20.61 -18.55
N GLU A 79 6.40 21.26 -17.41
CA GLU A 79 6.70 20.64 -16.12
C GLU A 79 5.47 19.91 -15.58
N VAL A 80 5.59 18.59 -15.47
CA VAL A 80 4.49 17.76 -14.97
C VAL A 80 4.80 17.17 -13.61
N VAL A 81 3.81 17.16 -12.73
CA VAL A 81 3.96 16.61 -11.39
C VAL A 81 3.46 15.16 -11.35
N PRO A 82 4.36 14.19 -11.62
CA PRO A 82 4.00 12.77 -11.62
C PRO A 82 3.15 12.38 -10.41
N LYS A 83 2.32 11.36 -10.60
CA LYS A 83 1.44 10.86 -9.53
C LYS A 83 2.21 10.70 -8.22
N PRO A 84 1.47 10.53 -7.11
CA PRO A 84 2.03 10.36 -5.77
C PRO A 84 2.59 8.97 -5.54
N GLN A 85 3.64 8.87 -4.73
CA GLN A 85 4.27 7.59 -4.42
C GLN A 85 3.22 6.56 -4.00
N ARG A 86 3.55 5.28 -4.16
CA ARG A 86 2.64 4.20 -3.80
C ARG A 86 3.41 2.92 -3.48
N HIS A 87 2.99 2.22 -2.43
CA HIS A 87 3.64 0.97 -2.04
C HIS A 87 2.81 -0.21 -2.49
N MET A 88 3.33 -0.96 -3.47
CA MET A 88 2.62 -2.12 -4.00
C MET A 88 3.30 -3.43 -3.58
N PHE A 89 2.50 -4.36 -3.08
CA PHE A 89 3.02 -5.64 -2.65
C PHE A 89 2.19 -6.78 -3.23
N SER A 90 2.81 -7.61 -4.06
CA SER A 90 2.11 -8.73 -4.69
C SER A 90 2.07 -9.94 -3.77
N PHE A 91 0.88 -10.31 -3.34
CA PHE A 91 0.70 -11.45 -2.45
C PHE A 91 0.46 -12.73 -3.26
N ASN A 92 1.13 -13.81 -2.85
CA ASN A 92 0.99 -15.09 -3.54
C ASN A 92 -0.09 -15.95 -2.86
N ASN A 93 -1.21 -15.31 -2.53
CA ASN A 93 -2.32 -16.00 -1.88
C ASN A 93 -3.41 -15.00 -1.52
N ARG A 94 -4.57 -15.13 -2.17
CA ARG A 94 -5.68 -14.23 -1.91
C ARG A 94 -6.07 -14.24 -0.43
N THR A 95 -5.62 -15.26 0.29
CA THR A 95 -5.92 -15.37 1.71
C THR A 95 -5.11 -14.34 2.49
N VAL A 96 -3.83 -14.25 2.16
CA VAL A 96 -2.94 -13.30 2.82
C VAL A 96 -3.38 -11.90 2.49
N MET A 97 -3.58 -11.65 1.20
CA MET A 97 -4.00 -10.34 0.73
C MET A 97 -5.38 -9.99 1.29
N ASP A 98 -6.25 -10.98 1.40
CA ASP A 98 -7.58 -10.76 1.93
C ASP A 98 -7.53 -10.54 3.44
N ASN A 99 -6.56 -11.18 4.08
CA ASN A 99 -6.38 -11.05 5.51
C ASN A 99 -5.64 -9.76 5.84
N ILE A 100 -4.82 -9.30 4.90
CA ILE A 100 -4.07 -8.07 5.08
C ILE A 100 -4.90 -6.85 4.68
N LYS A 101 -5.46 -6.90 3.48
CA LYS A 101 -6.29 -5.79 2.99
C LYS A 101 -7.33 -5.38 4.02
N MET A 102 -7.73 -6.34 4.85
CA MET A 102 -8.72 -6.08 5.89
C MET A 102 -8.06 -5.38 7.06
N THR A 103 -6.84 -5.81 7.40
CA THR A 103 -6.10 -5.23 8.49
C THR A 103 -5.89 -3.74 8.24
N LEU A 104 -5.20 -3.43 7.16
CA LEU A 104 -4.93 -2.04 6.80
C LEU A 104 -6.22 -1.22 6.92
N GLN A 105 -7.24 -1.66 6.21
CA GLN A 105 -8.54 -1.00 6.23
C GLN A 105 -9.07 -0.88 7.66
N GLN A 106 -8.98 -1.97 8.42
CA GLN A 106 -9.47 -1.97 9.80
C GLN A 106 -8.87 -0.81 10.58
N ILE A 107 -7.63 -0.48 10.26
CA ILE A 107 -6.94 0.62 10.91
C ILE A 107 -7.25 1.95 10.21
N ILE A 108 -7.09 1.96 8.90
CA ILE A 108 -7.36 3.14 8.10
C ILE A 108 -8.63 3.84 8.54
N SER A 109 -9.73 3.10 8.52
CA SER A 109 -11.03 3.63 8.92
C SER A 109 -10.94 4.40 10.23
N ARG A 110 -9.98 4.01 11.06
CA ARG A 110 -9.77 4.66 12.35
C ARG A 110 -9.16 6.04 12.19
N TYR A 111 -8.46 6.26 11.08
CA TYR A 111 -7.85 7.55 10.81
C TYR A 111 -8.91 8.55 10.41
N LYS A 112 -9.90 8.06 9.67
CA LYS A 112 -11.00 8.89 9.22
C LYS A 112 -12.00 8.99 10.35
N ASP A 113 -12.23 7.83 10.95
CA ASP A 113 -13.13 7.74 12.09
C ASP A 113 -12.61 8.61 13.21
N ALA A 114 -11.28 8.75 13.26
CA ALA A 114 -10.64 9.58 14.26
C ALA A 114 -10.46 11.00 13.75
N ASP A 115 -10.48 11.16 12.42
CA ASP A 115 -10.33 12.47 11.81
C ASP A 115 -11.67 13.19 11.69
N ASP B 22 9.94 -6.21 -18.57
CA ASP B 22 8.68 -6.58 -19.27
C ASP B 22 7.47 -6.42 -18.35
N LEU B 23 7.46 -5.35 -17.58
CA LEU B 23 6.36 -5.08 -16.65
C LEU B 23 5.36 -4.11 -17.25
N GLU B 24 5.88 -3.05 -17.87
CA GLU B 24 5.03 -2.04 -18.50
C GLU B 24 4.13 -1.38 -17.47
N VAL B 25 4.73 -0.95 -16.35
CA VAL B 25 3.98 -0.30 -15.27
C VAL B 25 2.67 -1.02 -14.98
N LEU B 26 2.72 -2.34 -15.00
CA LEU B 26 1.54 -3.16 -14.73
C LEU B 26 1.24 -3.20 -13.23
N SER B 27 0.16 -2.53 -12.83
CA SER B 27 -0.23 -2.49 -11.42
C SER B 27 -1.50 -1.67 -11.24
N GLU B 28 -1.59 -0.57 -11.98
CA GLU B 28 -2.76 0.31 -11.91
C GLU B 28 -3.79 -0.03 -12.97
N GLU B 29 -3.68 -1.24 -13.50
CA GLU B 29 -4.60 -1.70 -14.54
C GLU B 29 -5.67 -2.63 -13.97
N LEU B 30 -5.29 -3.43 -13.00
CA LEU B 30 -6.22 -4.37 -12.38
C LEU B 30 -6.35 -4.12 -10.89
N PHE B 31 -5.99 -2.91 -10.44
CA PHE B 31 -6.07 -2.56 -9.04
C PHE B 31 -7.31 -1.70 -8.76
N GLU B 32 -7.87 -1.84 -7.56
CA GLU B 32 -9.04 -1.09 -7.17
C GLU B 32 -8.94 -0.64 -5.71
N ASP B 33 -9.11 0.66 -5.48
CA ASP B 33 -9.03 1.21 -4.14
C ASP B 33 -10.08 0.58 -3.23
N VAL B 34 -9.62 -0.27 -2.30
CA VAL B 34 -10.52 -0.94 -1.37
C VAL B 34 -11.35 0.08 -0.59
N PRO B 35 -12.52 -0.36 -0.06
CA PRO B 35 -13.41 0.53 0.70
C PRO B 35 -12.74 1.13 1.92
N THR B 36 -12.88 2.44 2.09
CA THR B 36 -12.29 3.14 3.22
C THR B 36 -13.25 4.19 3.77
N LYS B 37 -13.36 4.25 5.10
CA LYS B 37 -14.25 5.20 5.75
C LYS B 37 -13.89 6.63 5.36
N SER B 38 -14.80 7.56 5.65
CA SER B 38 -14.57 8.96 5.34
C SER B 38 -15.73 9.83 5.84
N GLN B 39 -15.41 10.79 6.70
CA GLN B 39 -16.41 11.69 7.25
C GLN B 39 -15.93 13.13 7.22
N ILE B 40 -16.88 14.06 7.13
CA ILE B 40 -16.55 15.48 7.09
C ILE B 40 -17.52 16.29 7.97
N SER B 41 -18.00 15.67 9.04
CA SER B 41 -18.92 16.33 9.95
C SER B 41 -18.87 15.70 11.34
N PRO A 1 -3.54 -14.49 10.60
CA PRO A 1 -2.62 -13.34 10.80
C PRO A 1 -3.08 -12.10 10.03
N SER A 2 -3.97 -11.33 10.65
CA SER A 2 -4.49 -10.11 10.03
C SER A 2 -3.43 -9.02 10.00
N HIS A 3 -2.56 -9.01 11.00
CA HIS A 3 -1.50 -8.01 11.09
C HIS A 3 -0.22 -8.50 10.39
N SER A 4 -0.34 -9.55 9.58
CA SER A 4 0.81 -10.08 8.85
C SER A 4 0.39 -10.76 7.56
N GLY A 5 1.30 -10.80 6.61
CA GLY A 5 1.04 -11.41 5.32
C GLY A 5 2.18 -11.17 4.37
N ALA A 6 2.56 -12.18 3.60
CA ALA A 6 3.67 -12.05 2.67
C ALA A 6 3.25 -11.40 1.35
N ALA A 7 4.16 -10.61 0.80
CA ALA A 7 3.92 -9.89 -0.46
C ALA A 7 5.24 -9.56 -1.17
N ILE A 8 5.14 -9.08 -2.40
CA ILE A 8 6.34 -8.73 -3.19
C ILE A 8 6.58 -7.23 -3.21
N PHE A 9 7.81 -6.83 -2.88
CA PHE A 9 8.17 -5.42 -2.92
C PHE A 9 9.44 -5.21 -3.75
N GLU A 10 9.27 -4.60 -4.91
CA GLU A 10 10.38 -4.30 -5.82
C GLU A 10 10.96 -5.57 -6.44
N LYS A 11 10.08 -6.41 -6.99
CA LYS A 11 10.50 -7.65 -7.63
C LYS A 11 11.00 -8.68 -6.61
N VAL A 12 11.09 -8.29 -5.35
CA VAL A 12 11.55 -9.19 -4.30
C VAL A 12 10.39 -9.73 -3.51
N SER A 13 10.51 -10.98 -3.10
CA SER A 13 9.47 -11.62 -2.33
C SER A 13 9.81 -11.62 -0.85
N GLY A 14 9.02 -10.88 -0.08
CA GLY A 14 9.23 -10.80 1.35
C GLY A 14 7.94 -10.92 2.11
N ILE A 15 7.99 -10.61 3.41
CA ILE A 15 6.82 -10.69 4.25
C ILE A 15 6.31 -9.31 4.61
N ILE A 16 5.01 -9.13 4.53
CA ILE A 16 4.40 -7.88 4.92
C ILE A 16 3.83 -8.08 6.30
N ALA A 17 3.94 -7.08 7.15
CA ALA A 17 3.44 -7.23 8.49
C ALA A 17 3.02 -5.89 9.07
N ILE A 18 1.73 -5.80 9.37
CA ILE A 18 1.14 -4.59 9.90
C ILE A 18 1.27 -4.53 11.42
N ASN A 19 1.51 -3.32 11.93
CA ASN A 19 1.66 -3.11 13.36
C ASN A 19 0.60 -2.14 13.88
N GLU A 20 -0.48 -2.70 14.40
CA GLU A 20 -1.58 -1.90 14.94
C GLU A 20 -1.25 -1.38 16.34
N ASP A 21 -0.07 -1.73 16.86
CA ASP A 21 0.35 -1.30 18.18
C ASP A 21 0.93 0.11 18.14
N VAL A 22 0.97 0.71 16.96
CA VAL A 22 1.50 2.07 16.81
C VAL A 22 0.37 3.08 16.72
N SER A 23 0.70 4.27 16.24
CA SER A 23 -0.29 5.33 16.09
C SER A 23 0.35 6.56 15.42
N PRO A 24 0.13 6.75 14.11
CA PRO A 24 -0.69 5.84 13.28
C PRO A 24 -0.04 4.47 13.09
N ALA A 25 -0.83 3.52 12.61
CA ALA A 25 -0.34 2.16 12.36
C ALA A 25 0.85 2.17 11.40
N GLU A 26 1.40 0.99 11.15
CA GLU A 26 2.54 0.87 10.23
C GLU A 26 2.73 -0.56 9.78
N LEU A 27 2.93 -0.74 8.48
CA LEU A 27 3.17 -2.07 7.92
C LEU A 27 4.62 -2.18 7.49
N THR A 28 5.22 -3.34 7.72
CA THR A 28 6.64 -3.55 7.40
C THR A 28 6.86 -4.77 6.51
N TRP A 29 7.28 -4.52 5.27
CA TRP A 29 7.56 -5.59 4.34
C TRP A 29 9.03 -5.98 4.43
N ARG A 30 9.30 -7.16 4.96
CA ARG A 30 10.66 -7.64 5.09
C ARG A 30 10.95 -8.75 4.09
N SER A 31 12.06 -8.63 3.37
CA SER A 31 12.42 -9.63 2.37
C SER A 31 12.35 -11.03 2.97
N THR A 32 12.18 -12.03 2.10
CA THR A 32 12.09 -13.42 2.56
C THR A 32 13.47 -13.91 2.95
N ASP A 33 14.48 -13.43 2.25
CA ASP A 33 15.85 -13.80 2.51
C ASP A 33 16.47 -12.89 3.58
N GLY A 34 15.83 -11.75 3.82
CA GLY A 34 16.34 -10.82 4.81
C GLY A 34 17.35 -9.85 4.22
N ASP A 35 17.15 -9.48 2.97
CA ASP A 35 18.05 -8.56 2.29
C ASP A 35 17.64 -7.11 2.52
N LYS A 36 16.37 -6.89 2.79
CA LYS A 36 15.86 -5.54 3.03
C LYS A 36 14.39 -5.56 3.42
N VAL A 37 13.94 -4.42 3.95
CA VAL A 37 12.57 -4.29 4.40
C VAL A 37 12.04 -2.88 4.09
N HIS A 38 10.72 -2.77 3.99
CA HIS A 38 10.09 -1.49 3.70
C HIS A 38 8.95 -1.22 4.68
N THR A 39 9.08 -0.13 5.42
CA THR A 39 8.07 0.25 6.41
C THR A 39 7.10 1.27 5.82
N VAL A 40 5.82 1.10 6.11
CA VAL A 40 4.80 2.00 5.60
C VAL A 40 3.94 2.57 6.73
N VAL A 41 3.59 3.84 6.61
CA VAL A 41 2.74 4.48 7.59
C VAL A 41 1.33 4.62 7.02
N LEU A 42 0.48 3.65 7.34
CA LEU A 42 -0.90 3.65 6.85
C LEU A 42 -1.54 5.03 6.91
N SER A 43 -1.05 5.88 7.81
CA SER A 43 -1.55 7.23 7.95
C SER A 43 -1.05 8.09 6.80
N THR A 44 0.25 8.03 6.55
CA THR A 44 0.84 8.77 5.46
C THR A 44 0.29 8.23 4.15
N ILE A 45 -0.09 6.96 4.15
CA ILE A 45 -0.66 6.33 2.97
C ILE A 45 -1.89 7.12 2.48
N ASP A 46 -1.71 7.88 1.41
CA ASP A 46 -2.79 8.69 0.84
C ASP A 46 -4.07 7.86 0.69
N LYS A 47 -3.91 6.57 0.44
CA LYS A 47 -5.05 5.67 0.28
C LYS A 47 -4.60 4.22 0.18
N LEU A 48 -5.52 3.29 0.40
CA LEU A 48 -5.21 1.87 0.34
C LEU A 48 -5.83 1.23 -0.90
N GLN A 49 -5.01 0.62 -1.73
CA GLN A 49 -5.48 -0.03 -2.95
C GLN A 49 -5.13 -1.51 -2.93
N ALA A 50 -6.01 -2.32 -3.51
CA ALA A 50 -5.79 -3.77 -3.54
C ALA A 50 -6.55 -4.42 -4.69
N THR A 51 -5.91 -5.36 -5.37
CA THR A 51 -6.56 -6.04 -6.49
C THR A 51 -7.83 -6.77 -6.03
N PRO A 52 -8.88 -6.77 -6.87
CA PRO A 52 -10.16 -7.42 -6.54
C PRO A 52 -10.06 -8.94 -6.57
N ALA A 53 -11.04 -9.60 -5.96
CA ALA A 53 -11.07 -11.06 -5.93
C ALA A 53 -11.25 -11.65 -7.32
N SER A 54 -11.85 -10.87 -8.22
CA SER A 54 -12.08 -11.32 -9.59
C SER A 54 -10.77 -11.40 -10.36
N SER A 55 -9.73 -10.73 -9.85
CA SER A 55 -8.43 -10.72 -10.49
C SER A 55 -7.46 -11.64 -9.75
N GLU A 56 -7.07 -12.73 -10.41
CA GLU A 56 -6.15 -13.69 -9.82
C GLU A 56 -4.85 -13.01 -9.40
N LYS A 57 -4.60 -11.82 -9.95
CA LYS A 57 -3.40 -11.06 -9.63
C LYS A 57 -3.47 -10.49 -8.21
N MET A 58 -3.34 -11.38 -7.23
CA MET A 58 -3.38 -10.96 -5.83
C MET A 58 -2.30 -9.93 -5.53
N MET A 59 -2.72 -8.68 -5.36
CA MET A 59 -1.78 -7.60 -5.09
C MET A 59 -2.39 -6.49 -4.23
N LEU A 60 -1.62 -6.00 -3.27
CA LEU A 60 -2.08 -4.92 -2.40
C LEU A 60 -1.17 -3.70 -2.58
N ARG A 61 -1.74 -2.50 -2.49
CA ARG A 61 -0.95 -1.29 -2.68
C ARG A 61 -1.41 -0.17 -1.74
N LEU A 62 -0.47 0.66 -1.33
CA LEU A 62 -0.77 1.80 -0.47
C LEU A 62 -0.17 3.07 -1.07
N ILE A 63 -1.04 4.01 -1.46
CA ILE A 63 -0.57 5.26 -2.06
C ILE A 63 -0.02 6.20 -1.00
N GLY A 64 0.85 7.12 -1.41
CA GLY A 64 1.43 8.06 -0.48
C GLY A 64 1.08 9.50 -0.81
N LYS A 65 0.98 10.34 0.23
CA LYS A 65 0.66 11.74 0.03
C LYS A 65 1.69 12.42 -0.85
N VAL A 66 1.25 12.90 -2.01
CA VAL A 66 2.14 13.57 -2.95
C VAL A 66 2.01 15.08 -2.85
N ASP A 67 3.03 15.78 -3.33
CA ASP A 67 3.05 17.22 -3.32
C ASP A 67 2.90 17.76 -4.74
N GLU A 68 1.81 17.36 -5.39
CA GLU A 68 1.54 17.78 -6.75
C GLU A 68 0.76 19.09 -6.80
N SER A 69 1.04 19.97 -5.84
CA SER A 69 0.37 21.27 -5.78
C SER A 69 1.02 22.27 -6.72
N LYS A 70 2.26 21.99 -7.12
CA LYS A 70 3.00 22.86 -8.02
C LYS A 70 2.57 22.65 -9.46
N LYS A 71 3.06 21.57 -10.07
CA LYS A 71 2.72 21.26 -11.46
C LYS A 71 3.13 22.40 -12.38
N ARG A 72 4.34 22.34 -12.93
CA ARG A 72 4.84 23.37 -13.82
C ARG A 72 5.91 22.82 -14.76
N LYS A 73 6.46 23.69 -15.60
CA LYS A 73 7.50 23.29 -16.54
C LYS A 73 8.87 23.27 -15.86
N ASP A 74 9.90 22.94 -16.63
CA ASP A 74 11.26 22.89 -16.09
C ASP A 74 12.13 23.97 -16.72
N ASN A 75 11.91 24.23 -18.00
CA ASN A 75 12.66 25.24 -18.73
C ASN A 75 12.41 25.14 -20.22
N GLU A 76 12.19 23.92 -20.69
CA GLU A 76 11.93 23.68 -22.11
C GLU A 76 10.45 23.38 -22.35
N GLY A 77 9.58 24.09 -21.64
CA GLY A 77 8.16 23.89 -21.78
C GLY A 77 7.72 22.49 -21.38
N ASN A 78 8.58 21.78 -20.66
CA ASN A 78 8.28 20.43 -20.21
C ASN A 78 7.24 20.45 -19.09
N GLU A 79 7.09 19.32 -18.41
CA GLU A 79 6.13 19.22 -17.31
C GLU A 79 6.72 18.43 -16.15
N VAL A 80 7.03 19.13 -15.06
CA VAL A 80 7.61 18.49 -13.88
C VAL A 80 6.54 17.78 -13.06
N VAL A 81 5.61 18.57 -12.50
CA VAL A 81 4.52 18.04 -11.68
C VAL A 81 4.95 16.79 -10.92
N PRO A 82 5.59 16.99 -9.75
CA PRO A 82 6.07 15.87 -8.91
C PRO A 82 5.06 14.72 -8.82
N LYS A 83 5.52 13.52 -9.17
CA LYS A 83 4.67 12.34 -9.12
C LYS A 83 4.50 11.83 -7.70
N PRO A 84 3.48 11.00 -7.47
CA PRO A 84 3.17 10.43 -6.16
C PRO A 84 4.00 9.19 -5.86
N GLN A 85 3.92 8.72 -4.62
CA GLN A 85 4.66 7.53 -4.19
C GLN A 85 3.73 6.52 -3.55
N ARG A 86 3.59 5.36 -4.20
CA ARG A 86 2.73 4.30 -3.70
C ARG A 86 3.53 3.01 -3.48
N HIS A 87 3.16 2.26 -2.45
CA HIS A 87 3.85 1.01 -2.14
C HIS A 87 3.09 -0.17 -2.74
N MET A 88 3.68 -0.81 -3.74
CA MET A 88 3.06 -1.95 -4.40
C MET A 88 3.51 -3.27 -3.78
N PHE A 89 2.55 -4.07 -3.34
CA PHE A 89 2.82 -5.35 -2.72
C PHE A 89 2.11 -6.47 -3.48
N SER A 90 2.88 -7.38 -4.08
CA SER A 90 2.30 -8.49 -4.82
C SER A 90 2.12 -9.71 -3.92
N PHE A 91 0.87 -10.09 -3.71
CA PHE A 91 0.56 -11.24 -2.86
C PHE A 91 0.33 -12.50 -3.69
N ASN A 92 0.78 -13.64 -3.16
CA ASN A 92 0.63 -14.90 -3.85
C ASN A 92 -0.46 -15.76 -3.18
N ASN A 93 -1.52 -15.11 -2.74
CA ASN A 93 -2.62 -15.80 -2.07
C ASN A 93 -3.72 -14.83 -1.67
N ARG A 94 -4.93 -15.07 -2.15
CA ARG A 94 -6.07 -14.22 -1.83
C ARG A 94 -6.39 -14.30 -0.35
N THR A 95 -5.83 -15.31 0.32
CA THR A 95 -6.06 -15.50 1.74
C THR A 95 -5.25 -14.48 2.53
N VAL A 96 -4.01 -14.28 2.11
CA VAL A 96 -3.14 -13.31 2.77
C VAL A 96 -3.74 -11.93 2.63
N MET A 97 -4.07 -11.56 1.39
CA MET A 97 -4.68 -10.27 1.12
C MET A 97 -5.88 -10.08 2.03
N ASP A 98 -6.69 -11.12 2.13
CA ASP A 98 -7.87 -11.08 2.98
C ASP A 98 -7.48 -10.66 4.40
N ASN A 99 -6.25 -10.99 4.76
CA ASN A 99 -5.72 -10.66 6.08
C ASN A 99 -5.19 -9.23 6.11
N ILE A 100 -4.29 -8.91 5.17
CA ILE A 100 -3.69 -7.58 5.09
C ILE A 100 -4.69 -6.53 4.62
N LYS A 101 -5.22 -6.72 3.41
CA LYS A 101 -6.17 -5.80 2.83
C LYS A 101 -7.29 -5.45 3.82
N MET A 102 -7.69 -6.42 4.63
CA MET A 102 -8.74 -6.22 5.60
C MET A 102 -8.22 -5.59 6.89
N THR A 103 -6.95 -5.85 7.22
CA THR A 103 -6.38 -5.30 8.42
C THR A 103 -6.03 -3.83 8.22
N LEU A 104 -5.41 -3.51 7.09
CA LEU A 104 -5.05 -2.13 6.79
C LEU A 104 -6.28 -1.23 6.91
N GLN A 105 -7.33 -1.60 6.20
CA GLN A 105 -8.58 -0.86 6.21
C GLN A 105 -9.12 -0.72 7.63
N GLN A 106 -9.16 -1.82 8.38
CA GLN A 106 -9.65 -1.81 9.75
C GLN A 106 -9.04 -0.66 10.52
N ILE A 107 -7.77 -0.38 10.22
CA ILE A 107 -7.04 0.70 10.86
C ILE A 107 -7.31 2.02 10.13
N ILE A 108 -7.12 1.98 8.81
CA ILE A 108 -7.35 3.17 7.96
C ILE A 108 -8.62 3.89 8.36
N SER A 109 -9.72 3.16 8.29
CA SER A 109 -11.03 3.71 8.64
C SER A 109 -10.98 4.47 9.96
N ARG A 110 -10.04 4.08 10.82
CA ARG A 110 -9.88 4.73 12.11
C ARG A 110 -9.23 6.10 11.96
N TYR A 111 -8.48 6.30 10.88
CA TYR A 111 -7.83 7.58 10.62
C TYR A 111 -8.86 8.59 10.18
N LYS A 112 -9.83 8.13 9.40
CA LYS A 112 -10.90 8.97 8.91
C LYS A 112 -11.91 9.11 10.01
N ASP A 113 -12.19 7.99 10.64
CA ASP A 113 -13.12 7.94 11.76
C ASP A 113 -12.58 8.82 12.88
N ALA A 114 -11.25 8.89 12.95
CA ALA A 114 -10.59 9.71 13.96
C ALA A 114 -10.31 11.11 13.41
N ASP A 115 -10.31 11.23 12.08
CA ASP A 115 -10.05 12.51 11.44
C ASP A 115 -11.00 13.59 11.96
N ASP B 22 9.25 -3.36 -12.53
CA ASP B 22 8.50 -2.20 -12.00
C ASP B 22 8.46 -1.05 -13.01
N LEU B 23 7.55 -1.17 -13.98
CA LEU B 23 7.42 -0.15 -15.01
C LEU B 23 6.27 -0.50 -15.95
N GLU B 24 5.07 -0.06 -15.60
CA GLU B 24 3.88 -0.31 -16.41
C GLU B 24 3.64 -1.82 -16.57
N VAL B 25 3.03 -2.42 -15.57
CA VAL B 25 2.74 -3.85 -15.59
C VAL B 25 1.50 -4.17 -14.77
N LEU B 26 0.33 -4.02 -15.39
CA LEU B 26 -0.94 -4.29 -14.73
C LEU B 26 -0.99 -3.68 -13.34
N SER B 27 -0.43 -2.48 -13.22
CA SER B 27 -0.40 -1.77 -11.94
C SER B 27 -1.71 -1.04 -11.68
N GLU B 28 -1.85 0.12 -12.30
CA GLU B 28 -3.06 0.93 -12.14
C GLU B 28 -4.08 0.66 -13.24
N GLU B 29 -3.92 -0.48 -13.89
CA GLU B 29 -4.82 -0.88 -14.97
C GLU B 29 -6.00 -1.68 -14.45
N LEU B 30 -5.71 -2.65 -13.61
CA LEU B 30 -6.75 -3.50 -13.02
C LEU B 30 -6.76 -3.43 -11.50
N PHE B 31 -6.17 -2.36 -10.95
CA PHE B 31 -6.13 -2.18 -9.51
C PHE B 31 -7.32 -1.38 -9.02
N GLU B 32 -8.02 -1.92 -8.02
CA GLU B 32 -9.19 -1.25 -7.45
C GLU B 32 -8.91 -0.81 -6.02
N ASP B 33 -9.28 0.43 -5.70
CA ASP B 33 -9.07 0.97 -4.37
C ASP B 33 -10.10 0.44 -3.39
N VAL B 34 -9.66 -0.38 -2.44
CA VAL B 34 -10.55 -0.95 -1.44
C VAL B 34 -11.25 0.16 -0.65
N PRO B 35 -12.59 0.11 -0.55
CA PRO B 35 -13.37 1.12 0.18
C PRO B 35 -12.84 1.35 1.59
N THR B 36 -12.72 2.62 1.97
CA THR B 36 -12.25 3.00 3.30
C THR B 36 -13.35 3.70 4.09
N LYS B 37 -13.77 3.09 5.19
CA LYS B 37 -14.81 3.66 6.03
C LYS B 37 -14.38 5.01 6.61
N SER B 38 -15.18 6.03 6.36
CA SER B 38 -14.89 7.37 6.85
C SER B 38 -16.15 8.09 7.28
N GLN B 39 -16.86 8.63 6.30
CA GLN B 39 -18.10 9.36 6.56
C GLN B 39 -19.31 8.42 6.49
N ILE B 40 -20.46 8.91 6.94
CA ILE B 40 -21.68 8.11 6.93
C ILE B 40 -22.87 8.95 6.50
N SER B 41 -22.62 9.94 5.65
CA SER B 41 -23.68 10.82 5.17
C SER B 41 -23.22 11.60 3.95
N PRO A 1 -3.65 -14.32 11.96
CA PRO A 1 -2.84 -13.84 10.81
C PRO A 1 -3.50 -12.66 10.10
N SER A 2 -3.82 -11.62 10.87
CA SER A 2 -4.46 -10.43 10.32
C SER A 2 -3.47 -9.27 10.27
N HIS A 3 -2.54 -9.24 11.21
CA HIS A 3 -1.54 -8.18 11.27
C HIS A 3 -0.25 -8.60 10.58
N SER A 4 -0.35 -9.56 9.66
CA SER A 4 0.81 -10.04 8.93
C SER A 4 0.41 -10.75 7.64
N GLY A 5 1.36 -10.86 6.72
CA GLY A 5 1.12 -11.50 5.45
C GLY A 5 2.24 -11.21 4.48
N ALA A 6 2.70 -12.23 3.76
CA ALA A 6 3.80 -12.07 2.83
C ALA A 6 3.35 -11.45 1.50
N ALA A 7 4.26 -10.69 0.89
CA ALA A 7 3.97 -10.01 -0.38
C ALA A 7 5.25 -9.75 -1.17
N ILE A 8 5.10 -9.31 -2.42
CA ILE A 8 6.24 -9.02 -3.28
C ILE A 8 6.51 -7.51 -3.38
N PHE A 9 7.70 -7.09 -2.98
CA PHE A 9 8.07 -5.68 -3.06
C PHE A 9 9.29 -5.48 -3.95
N GLU A 10 9.04 -4.93 -5.14
CA GLU A 10 10.11 -4.65 -6.11
C GLU A 10 10.73 -5.93 -6.66
N LYS A 11 9.88 -6.85 -7.11
CA LYS A 11 10.34 -8.12 -7.67
C LYS A 11 10.89 -9.06 -6.61
N VAL A 12 10.95 -8.61 -5.36
CA VAL A 12 11.46 -9.45 -4.28
C VAL A 12 10.31 -10.00 -3.46
N SER A 13 10.54 -11.17 -2.88
CA SER A 13 9.51 -11.80 -2.07
C SER A 13 9.87 -11.73 -0.61
N GLY A 14 9.06 -10.99 0.15
CA GLY A 14 9.30 -10.84 1.57
C GLY A 14 8.04 -11.03 2.38
N ILE A 15 8.04 -10.50 3.60
CA ILE A 15 6.88 -10.61 4.47
C ILE A 15 6.34 -9.25 4.86
N ILE A 16 5.03 -9.09 4.73
CA ILE A 16 4.39 -7.85 5.11
C ILE A 16 3.76 -8.04 6.47
N ALA A 17 4.26 -7.32 7.45
CA ALA A 17 3.73 -7.45 8.79
C ALA A 17 3.28 -6.10 9.33
N ILE A 18 1.97 -6.02 9.56
CA ILE A 18 1.35 -4.79 10.04
C ILE A 18 1.48 -4.63 11.55
N ASN A 19 1.68 -3.40 11.98
CA ASN A 19 1.81 -3.09 13.40
C ASN A 19 0.70 -2.14 13.83
N GLU A 20 -0.39 -2.71 14.33
CA GLU A 20 -1.54 -1.92 14.77
C GLU A 20 -1.34 -1.41 16.20
N ASP A 21 -0.19 -1.74 16.80
CA ASP A 21 0.11 -1.31 18.16
C ASP A 21 0.69 0.11 18.18
N VAL A 22 0.78 0.73 17.01
CA VAL A 22 1.32 2.09 16.92
C VAL A 22 0.19 3.11 16.77
N SER A 23 0.54 4.31 16.32
CA SER A 23 -0.43 5.38 16.14
C SER A 23 0.25 6.60 15.52
N PRO A 24 0.10 6.80 14.20
CA PRO A 24 -0.69 5.93 13.32
C PRO A 24 -0.06 4.54 13.18
N ALA A 25 -0.84 3.59 12.67
CA ALA A 25 -0.36 2.24 12.47
C ALA A 25 0.87 2.22 11.58
N GLU A 26 1.30 1.03 11.18
CA GLU A 26 2.47 0.93 10.32
C GLU A 26 2.57 -0.44 9.65
N LEU A 27 3.00 -0.43 8.40
CA LEU A 27 3.18 -1.64 7.61
C LEU A 27 4.68 -1.89 7.44
N THR A 28 5.09 -3.14 7.35
CA THR A 28 6.52 -3.45 7.20
C THR A 28 6.77 -4.68 6.35
N TRP A 29 7.21 -4.46 5.11
CA TRP A 29 7.52 -5.54 4.21
C TRP A 29 9.00 -5.89 4.33
N ARG A 30 9.29 -7.06 4.88
CA ARG A 30 10.67 -7.50 5.05
C ARG A 30 10.99 -8.64 4.09
N SER A 31 12.10 -8.52 3.38
CA SER A 31 12.51 -9.56 2.42
C SER A 31 12.48 -10.93 3.09
N THR A 32 12.30 -11.98 2.29
CA THR A 32 12.27 -13.33 2.81
C THR A 32 13.66 -13.77 3.21
N ASP A 33 14.63 -13.29 2.46
CA ASP A 33 16.03 -13.61 2.72
C ASP A 33 16.63 -12.63 3.73
N GLY A 34 15.96 -11.50 3.93
CA GLY A 34 16.46 -10.50 4.87
C GLY A 34 17.44 -9.54 4.22
N ASP A 35 17.22 -9.24 2.95
CA ASP A 35 18.09 -8.34 2.21
C ASP A 35 17.63 -6.88 2.34
N LYS A 36 16.35 -6.69 2.64
CA LYS A 36 15.81 -5.34 2.78
C LYS A 36 14.35 -5.38 3.23
N VAL A 37 13.89 -4.25 3.73
CA VAL A 37 12.53 -4.13 4.23
C VAL A 37 11.97 -2.73 3.95
N HIS A 38 10.67 -2.66 3.67
CA HIS A 38 10.01 -1.40 3.39
C HIS A 38 8.92 -1.12 4.41
N THR A 39 9.05 -0.01 5.13
CA THR A 39 8.06 0.36 6.13
C THR A 39 7.05 1.35 5.57
N VAL A 40 5.80 1.23 6.00
CA VAL A 40 4.74 2.10 5.53
C VAL A 40 3.96 2.72 6.69
N VAL A 41 3.65 4.01 6.55
CA VAL A 41 2.87 4.70 7.56
C VAL A 41 1.44 4.87 7.06
N LEU A 42 0.58 3.92 7.42
CA LEU A 42 -0.82 3.93 7.00
C LEU A 42 -1.43 5.34 7.04
N SER A 43 -0.85 6.21 7.86
CA SER A 43 -1.32 7.58 7.96
C SER A 43 -0.87 8.37 6.75
N THR A 44 0.42 8.28 6.45
CA THR A 44 0.98 8.95 5.30
C THR A 44 0.38 8.37 4.03
N ILE A 45 -0.02 7.08 4.11
CA ILE A 45 -0.63 6.42 2.96
C ILE A 45 -1.86 7.20 2.48
N ASP A 46 -1.74 7.81 1.31
CA ASP A 46 -2.86 8.58 0.74
C ASP A 46 -4.12 7.73 0.67
N LYS A 47 -3.95 6.45 0.34
CA LYS A 47 -5.06 5.53 0.25
C LYS A 47 -4.58 4.08 0.18
N LEU A 48 -5.51 3.14 0.32
CA LEU A 48 -5.16 1.72 0.28
C LEU A 48 -5.68 1.08 -1.00
N GLN A 49 -4.76 0.61 -1.84
CA GLN A 49 -5.14 -0.03 -3.10
C GLN A 49 -4.91 -1.53 -3.01
N ALA A 50 -5.80 -2.30 -3.60
CA ALA A 50 -5.69 -3.76 -3.56
C ALA A 50 -6.43 -4.40 -4.72
N THR A 51 -5.83 -5.42 -5.32
CA THR A 51 -6.45 -6.12 -6.44
C THR A 51 -7.83 -6.66 -6.06
N PRO A 52 -8.81 -6.59 -6.98
CA PRO A 52 -10.17 -7.08 -6.73
C PRO A 52 -10.26 -8.60 -6.78
N ALA A 53 -11.35 -9.14 -6.25
CA ALA A 53 -11.55 -10.58 -6.24
C ALA A 53 -11.67 -11.13 -7.65
N SER A 54 -12.18 -10.30 -8.56
CA SER A 54 -12.33 -10.71 -9.96
C SER A 54 -10.98 -10.83 -10.66
N SER A 55 -9.96 -10.21 -10.08
CA SER A 55 -8.62 -10.26 -10.63
C SER A 55 -7.81 -11.38 -10.02
N GLU A 56 -7.44 -12.35 -10.84
CA GLU A 56 -6.64 -13.49 -10.38
C GLU A 56 -5.33 -13.01 -9.75
N LYS A 57 -4.96 -11.77 -10.04
CA LYS A 57 -3.74 -11.19 -9.49
C LYS A 57 -3.99 -10.61 -8.11
N MET A 58 -3.72 -11.40 -7.08
CA MET A 58 -3.91 -10.96 -5.70
C MET A 58 -2.74 -10.10 -5.23
N MET A 59 -3.00 -8.79 -5.09
CA MET A 59 -1.96 -7.86 -4.66
C MET A 59 -2.54 -6.68 -3.88
N LEU A 60 -1.73 -6.13 -2.99
CA LEU A 60 -2.15 -4.97 -2.20
C LEU A 60 -1.16 -3.82 -2.38
N ARG A 61 -1.64 -2.59 -2.22
CA ARG A 61 -0.79 -1.41 -2.37
C ARG A 61 -1.27 -0.24 -1.53
N LEU A 62 -0.33 0.63 -1.13
CA LEU A 62 -0.67 1.81 -0.35
C LEU A 62 -0.10 3.05 -1.03
N ILE A 63 -0.97 3.96 -1.43
CA ILE A 63 -0.55 5.18 -2.11
C ILE A 63 0.03 6.18 -1.11
N GLY A 64 0.87 7.08 -1.61
CA GLY A 64 1.48 8.08 -0.74
C GLY A 64 1.14 9.50 -1.18
N LYS A 65 0.62 10.30 -0.25
CA LYS A 65 0.26 11.69 -0.56
C LYS A 65 1.49 12.49 -0.95
N VAL A 66 1.41 13.17 -2.09
CA VAL A 66 2.51 13.99 -2.58
C VAL A 66 2.32 15.45 -2.20
N ASP A 67 3.41 16.22 -2.25
CA ASP A 67 3.37 17.64 -1.92
C ASP A 67 3.67 18.48 -3.15
N GLU A 68 2.80 18.40 -4.16
CA GLU A 68 2.97 19.17 -5.39
C GLU A 68 2.90 20.67 -5.12
N SER A 69 2.35 21.04 -3.97
CA SER A 69 2.23 22.45 -3.60
C SER A 69 3.59 23.13 -3.58
N LYS A 70 4.64 22.34 -3.43
CA LYS A 70 6.00 22.86 -3.40
C LYS A 70 6.48 23.26 -4.79
N LYS A 71 6.68 22.26 -5.65
CA LYS A 71 7.12 22.50 -7.01
C LYS A 71 8.42 23.30 -7.03
N ARG A 72 9.54 22.59 -7.00
CA ARG A 72 10.85 23.23 -7.01
C ARG A 72 11.42 23.29 -8.43
N LYS A 73 12.62 23.86 -8.55
CA LYS A 73 13.27 23.98 -9.85
C LYS A 73 14.73 23.55 -9.76
N ASP A 74 15.49 23.84 -10.81
CA ASP A 74 16.90 23.47 -10.84
C ASP A 74 17.74 24.64 -11.36
N ASN A 75 19.04 24.40 -11.54
CA ASN A 75 19.96 25.42 -12.02
C ASN A 75 19.52 25.96 -13.37
N GLU A 76 18.72 25.18 -14.09
CA GLU A 76 18.24 25.58 -15.41
C GLU A 76 16.74 25.87 -15.36
N GLY A 77 16.27 26.40 -14.23
CA GLY A 77 14.87 26.71 -14.09
C GLY A 77 13.98 25.51 -14.33
N ASN A 78 14.52 24.31 -14.15
CA ASN A 78 13.78 23.08 -14.35
C ASN A 78 12.59 22.99 -13.39
N GLU A 79 11.97 21.82 -13.33
CA GLU A 79 10.83 21.60 -12.46
C GLU A 79 10.95 20.27 -11.73
N VAL A 80 11.10 20.32 -10.41
CA VAL A 80 11.23 19.12 -9.60
C VAL A 80 9.86 18.56 -9.21
N VAL A 81 9.10 19.37 -8.48
CA VAL A 81 7.77 18.99 -8.02
C VAL A 81 7.69 17.50 -7.68
N PRO A 82 8.01 17.14 -6.43
CA PRO A 82 7.98 15.75 -5.96
C PRO A 82 6.77 14.99 -6.47
N LYS A 83 6.98 13.73 -6.84
CA LYS A 83 5.90 12.87 -7.33
C LYS A 83 5.28 12.06 -6.21
N PRO A 84 4.09 11.51 -6.45
CA PRO A 84 3.36 10.70 -5.47
C PRO A 84 3.84 9.26 -5.42
N GLN A 85 4.44 8.88 -4.30
CA GLN A 85 4.95 7.53 -4.12
C GLN A 85 3.83 6.56 -3.81
N ARG A 86 4.07 5.27 -4.06
CA ARG A 86 3.08 4.24 -3.81
C ARG A 86 3.74 2.91 -3.48
N HIS A 87 3.32 2.29 -2.38
CA HIS A 87 3.88 1.01 -1.96
C HIS A 87 3.04 -0.15 -2.48
N MET A 88 3.58 -0.91 -3.42
CA MET A 88 2.86 -2.04 -4.00
C MET A 88 3.47 -3.37 -3.53
N PHE A 89 2.60 -4.30 -3.14
CA PHE A 89 3.04 -5.61 -2.68
C PHE A 89 2.20 -6.71 -3.30
N SER A 90 2.83 -7.56 -4.10
CA SER A 90 2.13 -8.66 -4.75
C SER A 90 2.08 -9.89 -3.84
N PHE A 91 0.87 -10.25 -3.42
CA PHE A 91 0.70 -11.41 -2.55
C PHE A 91 0.47 -12.68 -3.36
N ASN A 92 1.04 -13.78 -2.90
CA ASN A 92 0.91 -15.07 -3.59
C ASN A 92 -0.19 -15.91 -2.92
N ASN A 93 -1.27 -15.24 -2.52
CA ASN A 93 -2.39 -15.91 -1.89
C ASN A 93 -3.46 -14.90 -1.50
N ARG A 94 -4.63 -15.03 -2.10
CA ARG A 94 -5.75 -14.14 -1.81
C ARG A 94 -6.09 -14.17 -0.32
N THR A 95 -5.64 -15.22 0.36
CA THR A 95 -5.89 -15.35 1.79
C THR A 95 -5.06 -14.34 2.57
N VAL A 96 -3.81 -14.20 2.16
CA VAL A 96 -2.90 -13.25 2.80
C VAL A 96 -3.39 -11.85 2.54
N MET A 97 -3.60 -11.54 1.27
CA MET A 97 -4.09 -10.23 0.87
C MET A 97 -5.46 -9.95 1.50
N ASP A 98 -6.28 -10.99 1.58
CA ASP A 98 -7.61 -10.86 2.17
C ASP A 98 -7.49 -10.59 3.66
N ASN A 99 -6.46 -11.15 4.27
CA ASN A 99 -6.22 -10.95 5.70
C ASN A 99 -5.51 -9.63 5.94
N ILE A 100 -4.67 -9.24 4.99
CA ILE A 100 -3.93 -7.98 5.07
C ILE A 100 -4.81 -6.82 4.69
N LYS A 101 -5.31 -6.85 3.45
CA LYS A 101 -6.18 -5.79 2.95
C LYS A 101 -7.30 -5.50 3.94
N MET A 102 -7.68 -6.52 4.70
CA MET A 102 -8.74 -6.38 5.69
C MET A 102 -8.22 -5.71 6.95
N THR A 103 -6.95 -5.96 7.26
CA THR A 103 -6.34 -5.36 8.44
C THR A 103 -5.80 -3.98 8.10
N LEU A 104 -5.52 -3.75 6.83
CA LEU A 104 -4.99 -2.48 6.38
C LEU A 104 -6.07 -1.40 6.41
N GLN A 105 -7.25 -1.74 5.91
CA GLN A 105 -8.37 -0.80 5.86
C GLN A 105 -9.08 -0.69 7.22
N GLN A 106 -9.13 -1.78 7.98
CA GLN A 106 -9.79 -1.75 9.29
C GLN A 106 -9.18 -0.66 10.15
N ILE A 107 -7.87 -0.50 10.01
CA ILE A 107 -7.14 0.52 10.76
C ILE A 107 -7.38 1.90 10.16
N ILE A 108 -7.18 2.02 8.86
CA ILE A 108 -7.41 3.29 8.17
C ILE A 108 -8.70 3.95 8.62
N SER A 109 -9.78 3.21 8.51
CA SER A 109 -11.10 3.69 8.91
C SER A 109 -11.06 4.34 10.28
N ARG A 110 -10.12 3.90 11.11
CA ARG A 110 -9.97 4.46 12.44
C ARG A 110 -9.36 5.85 12.40
N TYR A 111 -8.63 6.15 11.34
CA TYR A 111 -8.01 7.46 11.18
C TYR A 111 -9.07 8.48 10.81
N LYS A 112 -10.03 8.05 10.01
CA LYS A 112 -11.12 8.90 9.58
C LYS A 112 -12.13 8.94 10.69
N ASP A 113 -12.38 7.77 11.23
CA ASP A 113 -13.30 7.61 12.35
C ASP A 113 -12.78 8.41 13.53
N ALA A 114 -11.45 8.52 13.61
CA ALA A 114 -10.81 9.27 14.67
C ALA A 114 -10.55 10.71 14.22
N ASP A 115 -10.56 10.93 12.90
CA ASP A 115 -10.32 12.25 12.35
C ASP A 115 -11.26 13.28 12.97
N ASP B 22 7.28 -11.53 -11.29
CA ASP B 22 8.59 -10.91 -11.60
C ASP B 22 8.69 -10.50 -13.06
N LEU B 23 8.12 -9.34 -13.39
CA LEU B 23 8.15 -8.84 -14.76
C LEU B 23 8.00 -7.33 -14.78
N GLU B 24 8.55 -6.66 -13.77
CA GLU B 24 8.48 -5.21 -13.66
C GLU B 24 7.04 -4.73 -13.59
N VAL B 25 6.53 -4.58 -12.37
CA VAL B 25 5.16 -4.14 -12.16
C VAL B 25 4.15 -5.16 -12.68
N LEU B 26 3.68 -6.02 -11.79
CA LEU B 26 2.73 -7.06 -12.16
C LEU B 26 1.36 -6.45 -12.46
N SER B 27 1.30 -5.66 -13.54
CA SER B 27 0.05 -5.02 -13.94
C SER B 27 -0.50 -4.13 -12.83
N GLU B 28 -0.01 -2.90 -12.77
CA GLU B 28 -0.44 -1.94 -11.76
C GLU B 28 -1.59 -1.07 -12.27
N GLU B 29 -2.24 -1.53 -13.31
CA GLU B 29 -3.35 -0.80 -13.91
C GLU B 29 -4.69 -1.46 -13.57
N LEU B 30 -4.64 -2.71 -13.12
CA LEU B 30 -5.85 -3.43 -12.77
C LEU B 30 -6.07 -3.44 -11.26
N PHE B 31 -5.43 -2.50 -10.57
CA PHE B 31 -5.55 -2.39 -9.12
C PHE B 31 -6.84 -1.68 -8.74
N GLU B 32 -7.49 -2.16 -7.68
CA GLU B 32 -8.73 -1.58 -7.20
C GLU B 32 -8.53 -0.89 -5.85
N ASP B 33 -8.93 0.37 -5.76
CA ASP B 33 -8.79 1.13 -4.53
C ASP B 33 -9.85 0.73 -3.51
N VAL B 34 -9.44 -0.01 -2.49
CA VAL B 34 -10.36 -0.46 -1.46
C VAL B 34 -11.03 0.73 -0.76
N PRO B 35 -12.32 0.59 -0.38
CA PRO B 35 -13.06 1.66 0.28
C PRO B 35 -12.65 1.84 1.74
N THR B 36 -12.55 3.10 2.17
CA THR B 36 -12.18 3.40 3.54
C THR B 36 -13.05 4.52 4.12
N LYS B 37 -13.82 4.18 5.15
CA LYS B 37 -14.70 5.15 5.80
C LYS B 37 -15.46 4.50 6.95
N SER B 38 -15.12 4.88 8.17
CA SER B 38 -15.77 4.34 9.37
C SER B 38 -15.72 2.81 9.37
N GLN B 39 -16.73 2.18 8.78
CA GLN B 39 -16.81 0.73 8.71
C GLN B 39 -16.44 0.08 10.04
N ILE B 40 -17.42 -0.08 10.91
CA ILE B 40 -17.21 -0.69 12.23
C ILE B 40 -15.93 -0.19 12.88
N SER B 41 -15.59 1.07 12.62
CA SER B 41 -14.39 1.67 13.19
C SER B 41 -14.43 1.65 14.70
N PRO A 1 -3.39 -13.75 12.63
CA PRO A 1 -2.40 -13.30 11.61
C PRO A 1 -2.96 -12.20 10.71
N SER A 2 -3.69 -11.27 11.31
CA SER A 2 -4.30 -10.17 10.55
C SER A 2 -3.27 -9.06 10.32
N HIS A 3 -2.43 -8.82 11.30
CA HIS A 3 -1.41 -7.78 11.21
C HIS A 3 -0.14 -8.31 10.54
N SER A 4 -0.28 -9.34 9.71
CA SER A 4 0.85 -9.91 9.00
C SER A 4 0.41 -10.65 7.75
N GLY A 5 1.30 -10.68 6.76
CA GLY A 5 1.02 -11.33 5.49
C GLY A 5 2.14 -11.12 4.51
N ALA A 6 2.48 -12.15 3.76
CA ALA A 6 3.58 -12.05 2.81
C ALA A 6 3.15 -11.42 1.49
N ALA A 7 3.99 -10.52 0.98
CA ALA A 7 3.72 -9.81 -0.27
C ALA A 7 5.02 -9.55 -1.04
N ILE A 8 4.89 -9.08 -2.28
CA ILE A 8 6.06 -8.81 -3.12
C ILE A 8 6.36 -7.31 -3.19
N PHE A 9 7.61 -6.95 -2.90
CA PHE A 9 8.03 -5.55 -2.97
C PHE A 9 9.28 -5.39 -3.82
N GLU A 10 9.11 -4.77 -4.99
CA GLU A 10 10.21 -4.52 -5.91
C GLU A 10 10.76 -5.81 -6.52
N LYS A 11 9.86 -6.66 -6.99
CA LYS A 11 10.26 -7.93 -7.60
C LYS A 11 10.76 -8.94 -6.57
N VAL A 12 10.89 -8.52 -5.31
CA VAL A 12 11.35 -9.41 -4.27
C VAL A 12 10.18 -9.94 -3.46
N SER A 13 10.33 -11.15 -2.97
CA SER A 13 9.29 -11.77 -2.18
C SER A 13 9.69 -11.90 -0.73
N GLY A 14 9.01 -11.15 0.12
CA GLY A 14 9.30 -11.19 1.54
C GLY A 14 8.05 -11.36 2.37
N ILE A 15 7.94 -10.57 3.43
CA ILE A 15 6.78 -10.62 4.29
C ILE A 15 6.28 -9.24 4.64
N ILE A 16 4.97 -9.06 4.59
CA ILE A 16 4.37 -7.81 4.97
C ILE A 16 3.85 -7.99 6.37
N ALA A 17 3.98 -6.99 7.21
CA ALA A 17 3.53 -7.13 8.57
C ALA A 17 3.11 -5.80 9.17
N ILE A 18 1.84 -5.74 9.54
CA ILE A 18 1.26 -4.53 10.11
C ILE A 18 1.54 -4.41 11.60
N ASN A 19 1.76 -3.18 12.03
CA ASN A 19 2.03 -2.89 13.43
C ASN A 19 0.93 -1.99 13.99
N GLU A 20 -0.09 -2.61 14.58
CA GLU A 20 -1.21 -1.87 15.15
C GLU A 20 -0.88 -1.34 16.54
N ASP A 21 0.33 -1.64 17.02
CA ASP A 21 0.77 -1.20 18.33
C ASP A 21 1.29 0.23 18.29
N VAL A 22 1.27 0.84 17.10
CA VAL A 22 1.75 2.21 16.94
C VAL A 22 0.58 3.18 16.81
N SER A 23 0.87 4.38 16.33
CA SER A 23 -0.16 5.39 16.15
C SER A 23 0.44 6.62 15.46
N PRO A 24 0.19 6.80 14.15
CA PRO A 24 -0.62 5.87 13.35
C PRO A 24 0.07 4.53 13.11
N ALA A 25 -0.72 3.53 12.73
CA ALA A 25 -0.18 2.19 12.46
C ALA A 25 0.94 2.24 11.45
N GLU A 26 1.51 1.07 11.17
CA GLU A 26 2.60 0.98 10.20
C GLU A 26 2.79 -0.47 9.75
N LEU A 27 2.96 -0.66 8.44
CA LEU A 27 3.18 -1.99 7.89
C LEU A 27 4.63 -2.11 7.44
N THR A 28 5.24 -3.27 7.71
CA THR A 28 6.64 -3.47 7.35
C THR A 28 6.85 -4.70 6.47
N TRP A 29 7.26 -4.47 5.23
CA TRP A 29 7.52 -5.55 4.31
C TRP A 29 9.00 -5.93 4.39
N ARG A 30 9.27 -7.11 4.93
CA ARG A 30 10.64 -7.58 5.07
C ARG A 30 10.91 -8.75 4.11
N SER A 31 12.01 -8.66 3.37
CA SER A 31 12.38 -9.73 2.44
C SER A 31 12.32 -11.09 3.12
N THR A 32 12.19 -12.14 2.33
CA THR A 32 12.13 -13.50 2.87
C THR A 32 13.51 -13.92 3.32
N ASP A 33 14.50 -13.52 2.56
CA ASP A 33 15.89 -13.84 2.87
C ASP A 33 16.48 -12.84 3.86
N GLY A 34 15.80 -11.70 4.04
CA GLY A 34 16.28 -10.69 4.97
C GLY A 34 17.28 -9.75 4.32
N ASP A 35 17.08 -9.46 3.04
CA ASP A 35 17.96 -8.57 2.31
C ASP A 35 17.56 -7.11 2.49
N LYS A 36 16.29 -6.88 2.78
CA LYS A 36 15.79 -5.53 2.97
C LYS A 36 14.33 -5.53 3.39
N VAL A 37 13.88 -4.39 3.90
CA VAL A 37 12.52 -4.24 4.37
C VAL A 37 12.00 -2.83 4.12
N HIS A 38 10.70 -2.72 3.87
CA HIS A 38 10.08 -1.42 3.61
C HIS A 38 8.94 -1.16 4.60
N THR A 39 9.06 -0.06 5.34
CA THR A 39 8.05 0.30 6.33
C THR A 39 7.07 1.32 5.74
N VAL A 40 5.79 1.15 6.06
CA VAL A 40 4.75 2.05 5.56
C VAL A 40 3.91 2.61 6.69
N VAL A 41 3.57 3.88 6.59
CA VAL A 41 2.71 4.52 7.58
C VAL A 41 1.30 4.67 7.02
N LEU A 42 0.44 3.71 7.36
CA LEU A 42 -0.94 3.70 6.88
C LEU A 42 -1.57 5.09 6.94
N SER A 43 -1.05 5.95 7.81
CA SER A 43 -1.54 7.31 7.95
C SER A 43 -1.06 8.16 6.78
N THR A 44 0.24 8.09 6.51
CA THR A 44 0.82 8.81 5.41
C THR A 44 0.24 8.29 4.11
N ILE A 45 -0.17 7.02 4.13
CA ILE A 45 -0.77 6.40 2.96
C ILE A 45 -1.98 7.21 2.48
N ASP A 46 -1.83 7.91 1.36
CA ASP A 46 -2.90 8.72 0.81
C ASP A 46 -4.19 7.91 0.63
N LYS A 47 -4.03 6.60 0.41
CA LYS A 47 -5.18 5.72 0.23
C LYS A 47 -4.76 4.27 0.18
N LEU A 48 -5.72 3.37 0.36
CA LEU A 48 -5.46 1.94 0.34
C LEU A 48 -6.04 1.30 -0.92
N GLN A 49 -5.19 0.64 -1.70
CA GLN A 49 -5.63 -0.01 -2.94
C GLN A 49 -5.27 -1.49 -2.94
N ALA A 50 -6.11 -2.30 -3.55
CA ALA A 50 -5.87 -3.74 -3.63
C ALA A 50 -6.63 -4.34 -4.81
N THR A 51 -6.04 -5.35 -5.46
CA THR A 51 -6.69 -6.00 -6.60
C THR A 51 -7.91 -6.80 -6.16
N PRO A 52 -8.91 -6.92 -7.05
CA PRO A 52 -10.15 -7.66 -6.75
C PRO A 52 -9.94 -9.17 -6.79
N ALA A 53 -10.89 -9.91 -6.21
CA ALA A 53 -10.82 -11.36 -6.18
C ALA A 53 -10.89 -11.96 -7.58
N SER A 54 -11.46 -11.22 -8.51
CA SER A 54 -11.60 -11.68 -9.90
C SER A 54 -10.24 -11.69 -10.60
N SER A 55 -9.29 -10.95 -10.04
CA SER A 55 -7.95 -10.88 -10.62
C SER A 55 -7.18 -12.17 -10.38
N GLU A 56 -6.72 -12.79 -11.47
CA GLU A 56 -5.96 -14.03 -11.37
C GLU A 56 -4.75 -13.83 -10.47
N LYS A 57 -4.38 -12.57 -10.25
CA LYS A 57 -3.24 -12.24 -9.39
C LYS A 57 -3.64 -11.19 -8.34
N MET A 58 -3.53 -11.58 -7.08
CA MET A 58 -3.89 -10.70 -5.98
C MET A 58 -2.72 -9.78 -5.59
N MET A 59 -3.03 -8.49 -5.40
CA MET A 59 -2.01 -7.51 -5.04
C MET A 59 -2.60 -6.39 -4.20
N LEU A 60 -1.83 -5.92 -3.23
CA LEU A 60 -2.25 -4.82 -2.37
C LEU A 60 -1.32 -3.63 -2.55
N ARG A 61 -1.88 -2.42 -2.46
CA ARG A 61 -1.10 -1.21 -2.64
C ARG A 61 -1.55 -0.08 -1.70
N LEU A 62 -0.59 0.75 -1.32
CA LEU A 62 -0.88 1.90 -0.46
C LEU A 62 -0.30 3.17 -1.09
N ILE A 63 -1.17 4.10 -1.45
CA ILE A 63 -0.73 5.35 -2.07
C ILE A 63 -0.15 6.30 -1.03
N GLY A 64 0.70 7.21 -1.48
CA GLY A 64 1.32 8.15 -0.57
C GLY A 64 0.94 9.59 -0.88
N LYS A 65 1.32 10.50 0.02
CA LYS A 65 1.02 11.91 -0.16
C LYS A 65 2.21 12.66 -0.76
N VAL A 66 1.96 13.39 -1.85
CA VAL A 66 3.01 14.15 -2.51
C VAL A 66 3.00 15.61 -2.07
N ASP A 67 4.12 16.29 -2.30
CA ASP A 67 4.25 17.70 -1.93
C ASP A 67 4.34 18.58 -3.17
N GLU A 68 3.21 18.79 -3.82
CA GLU A 68 3.15 19.61 -5.02
C GLU A 68 3.55 21.05 -4.72
N SER A 69 3.52 21.42 -3.44
CA SER A 69 3.88 22.78 -3.04
C SER A 69 5.30 23.14 -3.49
N LYS A 70 6.11 22.11 -3.72
CA LYS A 70 7.48 22.32 -4.17
C LYS A 70 7.52 23.01 -5.52
N LYS A 71 7.02 22.32 -6.54
CA LYS A 71 6.99 22.87 -7.89
C LYS A 71 8.40 23.23 -8.36
N ARG A 72 9.05 22.29 -9.03
CA ARG A 72 10.40 22.51 -9.53
C ARG A 72 10.41 22.60 -11.06
N LYS A 73 11.52 23.07 -11.61
CA LYS A 73 11.65 23.19 -13.06
C LYS A 73 12.99 22.64 -13.53
N ASP A 74 13.33 22.92 -14.79
CA ASP A 74 14.59 22.45 -15.36
C ASP A 74 15.27 23.55 -16.16
N ASN A 75 16.40 23.21 -16.78
CA ASN A 75 17.14 24.18 -17.59
C ASN A 75 16.29 24.75 -18.72
N GLU A 76 15.23 24.02 -19.08
CA GLU A 76 14.34 24.46 -20.14
C GLU A 76 13.01 24.97 -19.58
N GLY A 77 13.07 25.51 -18.36
CA GLY A 77 11.87 26.02 -17.73
C GLY A 77 10.75 24.99 -17.68
N ASN A 78 11.12 23.72 -17.69
CA ASN A 78 10.14 22.64 -17.64
C ASN A 78 9.39 22.63 -16.30
N GLU A 79 8.73 21.53 -16.01
CA GLU A 79 7.97 21.40 -14.77
C GLU A 79 8.20 20.02 -14.14
N VAL A 80 8.78 20.01 -12.95
CA VAL A 80 9.06 18.77 -12.26
C VAL A 80 7.86 18.31 -11.42
N VAL A 81 7.47 19.15 -10.46
CA VAL A 81 6.34 18.86 -9.59
C VAL A 81 6.39 17.41 -9.10
N PRO A 82 6.88 17.18 -7.88
CA PRO A 82 6.99 15.83 -7.30
C PRO A 82 5.73 15.00 -7.51
N LYS A 83 5.91 13.69 -7.62
CA LYS A 83 4.78 12.78 -7.81
C LYS A 83 4.46 12.02 -6.53
N PRO A 84 3.25 11.45 -6.46
CA PRO A 84 2.78 10.70 -5.29
C PRO A 84 3.29 9.26 -5.28
N GLN A 85 4.17 8.96 -4.32
CA GLN A 85 4.74 7.63 -4.21
C GLN A 85 3.70 6.64 -3.69
N ARG A 86 3.76 5.41 -4.20
CA ARG A 86 2.82 4.37 -3.79
C ARG A 86 3.57 3.08 -3.46
N HIS A 87 3.07 2.35 -2.46
CA HIS A 87 3.70 1.10 -2.06
C HIS A 87 2.99 -0.08 -2.71
N MET A 88 3.69 -0.74 -3.64
CA MET A 88 3.13 -1.87 -4.36
C MET A 88 3.50 -3.19 -3.69
N PHE A 89 2.47 -3.99 -3.38
CA PHE A 89 2.68 -5.29 -2.75
C PHE A 89 1.92 -6.37 -3.50
N SER A 90 2.65 -7.33 -4.07
CA SER A 90 2.03 -8.43 -4.80
C SER A 90 1.91 -9.66 -3.92
N PHE A 91 0.68 -10.06 -3.62
CA PHE A 91 0.44 -11.23 -2.79
C PHE A 91 0.23 -12.48 -3.62
N ASN A 92 0.80 -13.59 -3.17
CA ASN A 92 0.67 -14.87 -3.85
C ASN A 92 -0.41 -15.73 -3.21
N ASN A 93 -1.44 -15.08 -2.68
CA ASN A 93 -2.55 -15.77 -2.03
C ASN A 93 -3.63 -14.80 -1.61
N ARG A 94 -4.80 -14.91 -2.25
CA ARG A 94 -5.92 -14.04 -1.94
C ARG A 94 -6.27 -14.12 -0.46
N THR A 95 -5.83 -15.18 0.19
CA THR A 95 -6.10 -15.37 1.60
C THR A 95 -5.30 -14.39 2.44
N VAL A 96 -4.01 -14.27 2.14
CA VAL A 96 -3.16 -13.33 2.87
C VAL A 96 -3.59 -11.91 2.55
N MET A 97 -3.82 -11.65 1.26
CA MET A 97 -4.26 -10.33 0.82
C MET A 97 -5.62 -10.02 1.42
N ASP A 98 -6.47 -11.04 1.50
CA ASP A 98 -7.80 -10.87 2.08
C ASP A 98 -7.70 -10.40 3.51
N ASN A 99 -6.62 -10.80 4.17
CA ASN A 99 -6.36 -10.42 5.55
C ASN A 99 -5.75 -9.02 5.60
N ILE A 100 -4.56 -8.89 5.03
CA ILE A 100 -3.85 -7.61 5.00
C ILE A 100 -4.78 -6.50 4.53
N LYS A 101 -5.29 -6.65 3.32
CA LYS A 101 -6.19 -5.65 2.73
C LYS A 101 -7.30 -5.28 3.72
N MET A 102 -7.67 -6.24 4.57
CA MET A 102 -8.70 -6.02 5.56
C MET A 102 -8.12 -5.36 6.80
N THR A 103 -6.98 -5.87 7.26
CA THR A 103 -6.32 -5.33 8.43
C THR A 103 -6.01 -3.84 8.23
N LEU A 104 -5.34 -3.52 7.12
CA LEU A 104 -5.01 -2.15 6.82
C LEU A 104 -6.25 -1.26 6.96
N GLN A 105 -7.31 -1.66 6.26
CA GLN A 105 -8.57 -0.94 6.28
C GLN A 105 -9.09 -0.81 7.72
N GLN A 106 -9.09 -1.91 8.46
CA GLN A 106 -9.56 -1.91 9.84
C GLN A 106 -8.90 -0.79 10.63
N ILE A 107 -7.66 -0.50 10.29
CA ILE A 107 -6.91 0.56 10.94
C ILE A 107 -7.19 1.89 10.28
N ILE A 108 -7.05 1.93 8.95
CA ILE A 108 -7.30 3.14 8.18
C ILE A 108 -8.56 3.85 8.65
N SER A 109 -9.66 3.12 8.62
CA SER A 109 -10.95 3.66 9.04
C SER A 109 -10.83 4.40 10.38
N ARG A 110 -9.88 3.97 11.19
CA ARG A 110 -9.66 4.58 12.50
C ARG A 110 -9.04 5.98 12.35
N TYR A 111 -8.35 6.21 11.24
CA TYR A 111 -7.72 7.50 10.99
C TYR A 111 -8.78 8.51 10.61
N LYS A 112 -9.79 8.03 9.89
CA LYS A 112 -10.89 8.87 9.46
C LYS A 112 -11.87 8.97 10.60
N ASP A 113 -12.09 7.81 11.21
CA ASP A 113 -12.98 7.71 12.36
C ASP A 113 -12.42 8.57 13.48
N ALA A 114 -11.10 8.66 13.52
CA ALA A 114 -10.43 9.47 14.52
C ALA A 114 -10.17 10.87 13.99
N ASP A 115 -10.22 11.02 12.67
CA ASP A 115 -10.00 12.32 12.04
C ASP A 115 -10.87 13.40 12.68
N ASP B 22 9.37 -15.14 -16.53
CA ASP B 22 9.43 -14.29 -15.31
C ASP B 22 10.37 -13.10 -15.51
N LEU B 23 10.31 -12.50 -16.69
CA LEU B 23 11.15 -11.35 -17.01
C LEU B 23 10.34 -10.05 -16.97
N GLU B 24 9.06 -10.15 -17.30
CA GLU B 24 8.17 -8.99 -17.30
C GLU B 24 6.74 -9.39 -17.62
N VAL B 25 5.98 -9.71 -16.59
CA VAL B 25 4.59 -10.11 -16.76
C VAL B 25 3.73 -9.60 -15.61
N LEU B 26 3.34 -8.33 -15.68
CA LEU B 26 2.52 -7.71 -14.64
C LEU B 26 1.32 -7.00 -15.26
N SER B 27 0.19 -7.03 -14.54
CA SER B 27 -1.03 -6.38 -15.00
C SER B 27 -1.72 -5.65 -13.87
N GLU B 28 -1.21 -4.48 -13.51
CA GLU B 28 -1.78 -3.69 -12.43
C GLU B 28 -2.77 -2.66 -12.96
N GLU B 29 -3.24 -2.89 -14.17
CA GLU B 29 -4.20 -2.00 -14.81
C GLU B 29 -5.61 -2.20 -14.25
N LEU B 30 -5.83 -3.34 -13.60
CA LEU B 30 -7.13 -3.65 -13.02
C LEU B 30 -7.12 -3.49 -11.50
N PHE B 31 -6.15 -2.73 -10.99
CA PHE B 31 -6.04 -2.51 -9.56
C PHE B 31 -7.30 -1.84 -9.02
N GLU B 32 -7.94 -2.49 -8.05
CA GLU B 32 -9.15 -1.97 -7.44
C GLU B 32 -8.82 -1.13 -6.21
N ASP B 33 -9.58 -0.07 -6.00
CA ASP B 33 -9.37 0.82 -4.86
C ASP B 33 -10.24 0.40 -3.67
N VAL B 34 -9.59 -0.14 -2.64
CA VAL B 34 -10.31 -0.57 -1.45
C VAL B 34 -11.09 0.58 -0.83
N PRO B 35 -12.35 0.34 -0.43
CA PRO B 35 -13.19 1.38 0.18
C PRO B 35 -12.77 1.72 1.61
N THR B 36 -12.57 3.01 1.87
CA THR B 36 -12.16 3.47 3.20
C THR B 36 -13.23 4.37 3.81
N LYS B 37 -13.28 4.41 5.14
CA LYS B 37 -14.25 5.23 5.84
C LYS B 37 -14.09 6.70 5.47
N SER B 38 -15.14 7.48 5.70
CA SER B 38 -15.11 8.91 5.38
C SER B 38 -14.82 9.14 3.90
N GLN B 39 -14.56 10.39 3.54
CA GLN B 39 -14.26 10.75 2.16
C GLN B 39 -15.44 10.41 1.25
N ILE B 40 -16.45 11.28 1.24
CA ILE B 40 -17.63 11.08 0.42
C ILE B 40 -17.68 12.08 -0.73
N SER B 41 -16.50 12.48 -1.21
CA SER B 41 -16.41 13.43 -2.30
C SER B 41 -17.07 14.77 -1.93
N PRO A 1 -1.72 -13.02 12.69
CA PRO A 1 -2.10 -13.49 11.32
C PRO A 1 -2.70 -12.37 10.49
N SER A 2 -3.68 -11.68 11.06
CA SER A 2 -4.37 -10.58 10.39
C SER A 2 -3.43 -9.39 10.24
N HIS A 3 -2.51 -9.23 11.18
CA HIS A 3 -1.56 -8.12 11.15
C HIS A 3 -0.25 -8.54 10.46
N SER A 4 -0.34 -9.54 9.59
CA SER A 4 0.83 -10.01 8.87
C SER A 4 0.44 -10.71 7.57
N GLY A 5 1.39 -10.81 6.66
CA GLY A 5 1.16 -11.44 5.38
C GLY A 5 2.30 -11.16 4.42
N ALA A 6 2.73 -12.19 3.70
CA ALA A 6 3.85 -12.03 2.77
C ALA A 6 3.41 -11.45 1.43
N ALA A 7 4.32 -10.69 0.82
CA ALA A 7 4.04 -10.04 -0.46
C ALA A 7 5.34 -9.72 -1.21
N ILE A 8 5.22 -9.29 -2.47
CA ILE A 8 6.38 -8.96 -3.28
C ILE A 8 6.61 -7.45 -3.37
N PHE A 9 7.80 -7.01 -2.97
CA PHE A 9 8.13 -5.59 -3.03
C PHE A 9 9.33 -5.36 -3.96
N GLU A 10 9.05 -4.83 -5.14
CA GLU A 10 10.10 -4.53 -6.13
C GLU A 10 10.74 -5.80 -6.67
N LYS A 11 9.91 -6.71 -7.18
CA LYS A 11 10.40 -7.96 -7.76
C LYS A 11 10.93 -8.92 -6.69
N VAL A 12 10.99 -8.47 -5.44
CA VAL A 12 11.46 -9.32 -4.36
C VAL A 12 10.32 -9.83 -3.52
N SER A 13 10.49 -11.04 -3.02
CA SER A 13 9.47 -11.65 -2.19
C SER A 13 9.80 -11.49 -0.72
N GLY A 14 8.97 -10.73 -0.01
CA GLY A 14 9.20 -10.51 1.40
C GLY A 14 7.94 -10.68 2.22
N ILE A 15 8.05 -10.44 3.52
CA ILE A 15 6.92 -10.57 4.42
C ILE A 15 6.38 -9.21 4.83
N ILE A 16 5.08 -9.04 4.71
CA ILE A 16 4.44 -7.80 5.11
C ILE A 16 3.81 -8.00 6.47
N ALA A 17 4.32 -7.32 7.46
CA ALA A 17 3.79 -7.46 8.81
C ALA A 17 3.34 -6.12 9.34
N ILE A 18 2.03 -6.01 9.55
CA ILE A 18 1.42 -4.77 10.03
C ILE A 18 1.53 -4.64 11.54
N ASN A 19 1.74 -3.41 12.00
CA ASN A 19 1.86 -3.13 13.41
C ASN A 19 0.73 -2.20 13.86
N GLU A 20 -0.35 -2.78 14.36
CA GLU A 20 -1.50 -2.01 14.82
C GLU A 20 -1.29 -1.48 16.23
N ASP A 21 -0.13 -1.77 16.82
CA ASP A 21 0.18 -1.31 18.17
C ASP A 21 0.71 0.12 18.16
N VAL A 22 0.78 0.73 16.98
CA VAL A 22 1.27 2.10 16.86
C VAL A 22 0.10 3.08 16.71
N SER A 23 0.41 4.27 16.22
CA SER A 23 -0.60 5.31 16.02
C SER A 23 0.04 6.56 15.43
N PRO A 24 -0.09 6.77 14.11
CA PRO A 24 -0.82 5.87 13.21
C PRO A 24 -0.15 4.49 13.09
N ALA A 25 -0.92 3.51 12.64
CA ALA A 25 -0.40 2.15 12.46
C ALA A 25 0.83 2.16 11.55
N GLU A 26 1.29 0.98 11.17
CA GLU A 26 2.45 0.88 10.30
C GLU A 26 2.56 -0.50 9.66
N LEU A 27 2.98 -0.49 8.40
CA LEU A 27 3.18 -1.72 7.63
C LEU A 27 4.68 -1.94 7.45
N THR A 28 5.12 -3.19 7.40
CA THR A 28 6.54 -3.48 7.25
C THR A 28 6.81 -4.68 6.38
N TRP A 29 7.24 -4.44 5.15
CA TRP A 29 7.56 -5.50 4.23
C TRP A 29 9.04 -5.85 4.33
N ARG A 30 9.33 -7.04 4.86
CA ARG A 30 10.72 -7.47 5.01
C ARG A 30 11.02 -8.61 4.03
N SER A 31 12.10 -8.47 3.28
CA SER A 31 12.49 -9.50 2.32
C SER A 31 12.48 -10.88 2.97
N THR A 32 12.33 -11.91 2.15
CA THR A 32 12.32 -13.28 2.67
C THR A 32 13.71 -13.68 3.10
N ASP A 33 14.69 -13.21 2.35
CA ASP A 33 16.09 -13.50 2.64
C ASP A 33 16.63 -12.56 3.71
N GLY A 34 15.94 -11.45 3.93
CA GLY A 34 16.38 -10.49 4.94
C GLY A 34 17.41 -9.52 4.41
N ASP A 35 17.29 -9.17 3.14
CA ASP A 35 18.22 -8.25 2.51
C ASP A 35 17.75 -6.80 2.60
N LYS A 36 16.44 -6.62 2.79
CA LYS A 36 15.87 -5.28 2.88
C LYS A 36 14.42 -5.32 3.32
N VAL A 37 13.93 -4.18 3.80
CA VAL A 37 12.58 -4.06 4.29
C VAL A 37 12.02 -2.67 3.99
N HIS A 38 10.71 -2.61 3.77
CA HIS A 38 10.03 -1.35 3.48
C HIS A 38 8.92 -1.08 4.49
N THR A 39 9.02 0.03 5.21
CA THR A 39 8.03 0.38 6.21
C THR A 39 7.00 1.36 5.63
N VAL A 40 5.74 1.19 6.04
CA VAL A 40 4.66 2.05 5.56
C VAL A 40 3.88 2.66 6.71
N VAL A 41 3.54 3.93 6.57
CA VAL A 41 2.74 4.61 7.58
C VAL A 41 1.32 4.74 7.07
N LEU A 42 0.46 3.79 7.44
CA LEU A 42 -0.93 3.77 7.00
C LEU A 42 -1.57 5.15 7.03
N SER A 43 -1.02 6.05 7.84
CA SER A 43 -1.53 7.41 7.93
C SER A 43 -1.05 8.21 6.73
N THR A 44 0.25 8.13 6.45
CA THR A 44 0.82 8.82 5.32
C THR A 44 0.25 8.24 4.03
N ILE A 45 -0.15 6.97 4.08
CA ILE A 45 -0.72 6.30 2.92
C ILE A 45 -1.94 7.09 2.41
N ASP A 46 -1.78 7.71 1.24
CA ASP A 46 -2.86 8.49 0.64
C ASP A 46 -4.12 7.65 0.45
N LYS A 47 -3.94 6.35 0.23
CA LYS A 47 -5.08 5.45 0.03
C LYS A 47 -4.63 4.00 -0.01
N LEU A 48 -5.59 3.09 0.04
CA LEU A 48 -5.30 1.67 0.02
C LEU A 48 -5.72 1.02 -1.30
N GLN A 49 -4.75 0.50 -2.04
CA GLN A 49 -5.04 -0.15 -3.32
C GLN A 49 -4.81 -1.65 -3.21
N ALA A 50 -5.69 -2.44 -3.79
CA ALA A 50 -5.55 -3.89 -3.74
C ALA A 50 -6.28 -4.56 -4.89
N THR A 51 -5.68 -5.62 -5.44
CA THR A 51 -6.29 -6.34 -6.56
C THR A 51 -7.74 -6.70 -6.25
N PRO A 52 -8.66 -6.54 -7.23
CA PRO A 52 -10.08 -6.84 -7.05
C PRO A 52 -10.35 -8.34 -6.97
N ALA A 53 -11.53 -8.69 -6.47
CA ALA A 53 -11.92 -10.09 -6.35
C ALA A 53 -12.10 -10.73 -7.72
N SER A 54 -12.53 -9.93 -8.70
CA SER A 54 -12.73 -10.43 -10.05
C SER A 54 -11.40 -10.74 -10.73
N SER A 55 -10.33 -10.13 -10.23
CA SER A 55 -8.99 -10.34 -10.77
C SER A 55 -8.30 -11.48 -10.05
N GLU A 56 -7.99 -12.54 -10.79
CA GLU A 56 -7.31 -13.69 -10.23
C GLU A 56 -6.00 -13.27 -9.55
N LYS A 57 -5.52 -12.08 -9.91
CA LYS A 57 -4.28 -11.56 -9.34
C LYS A 57 -4.51 -11.08 -7.91
N MET A 58 -3.65 -11.51 -6.99
CA MET A 58 -3.75 -11.12 -5.58
C MET A 58 -2.58 -10.23 -5.19
N MET A 59 -2.83 -8.94 -5.10
CA MET A 59 -1.79 -7.98 -4.73
C MET A 59 -2.37 -6.78 -3.99
N LEU A 60 -1.59 -6.23 -3.07
CA LEU A 60 -2.02 -5.07 -2.29
C LEU A 60 -1.05 -3.91 -2.48
N ARG A 61 -1.54 -2.70 -2.33
CA ARG A 61 -0.71 -1.50 -2.49
C ARG A 61 -1.22 -0.34 -1.66
N LEU A 62 -0.30 0.47 -1.15
CA LEU A 62 -0.67 1.65 -0.36
C LEU A 62 -0.11 2.90 -1.04
N ILE A 63 -0.99 3.80 -1.44
CA ILE A 63 -0.57 5.03 -2.10
C ILE A 63 -0.01 6.03 -1.09
N GLY A 64 0.83 6.94 -1.57
CA GLY A 64 1.41 7.94 -0.68
C GLY A 64 0.92 9.35 -0.99
N LYS A 65 0.71 10.13 0.05
CA LYS A 65 0.24 11.51 -0.11
C LYS A 65 1.35 12.39 -0.69
N VAL A 66 1.11 12.91 -1.89
CA VAL A 66 2.08 13.77 -2.56
C VAL A 66 1.74 15.24 -2.33
N ASP A 67 2.72 16.11 -2.57
CA ASP A 67 2.54 17.54 -2.41
C ASP A 67 3.08 18.29 -3.62
N GLU A 68 2.46 18.06 -4.78
CA GLU A 68 2.90 18.70 -6.02
C GLU A 68 2.67 20.22 -5.96
N SER A 69 1.88 20.67 -5.00
CA SER A 69 1.59 22.10 -4.86
C SER A 69 2.30 22.67 -3.63
N LYS A 70 3.49 22.17 -3.34
CA LYS A 70 4.26 22.64 -2.20
C LYS A 70 5.63 23.15 -2.63
N LYS A 71 6.47 22.23 -3.12
CA LYS A 71 7.81 22.59 -3.56
C LYS A 71 8.65 23.03 -2.38
N ARG A 72 9.44 22.11 -1.84
CA ARG A 72 10.29 22.41 -0.69
C ARG A 72 11.78 22.33 -1.07
N LYS A 73 12.53 23.34 -0.67
CA LYS A 73 13.96 23.38 -0.97
C LYS A 73 14.76 22.56 0.05
N ASP A 74 15.97 22.18 -0.33
CA ASP A 74 16.83 21.39 0.55
C ASP A 74 18.04 22.20 1.01
N ASN A 75 18.95 21.54 1.71
CA ASN A 75 20.16 22.20 2.21
C ASN A 75 20.98 22.78 1.06
N GLU A 76 20.77 22.27 -0.14
CA GLU A 76 21.49 22.74 -1.32
C GLU A 76 20.65 23.70 -2.14
N GLY A 77 19.68 24.34 -1.49
CA GLY A 77 18.82 25.29 -2.18
C GLY A 77 18.12 24.67 -3.38
N ASN A 78 18.00 23.35 -3.39
CA ASN A 78 17.35 22.65 -4.48
C ASN A 78 15.86 22.50 -4.22
N GLU A 79 15.04 23.11 -5.07
CA GLU A 79 13.58 23.05 -4.92
C GLU A 79 13.07 21.65 -5.24
N VAL A 80 12.65 20.94 -4.20
CA VAL A 80 12.14 19.58 -4.36
C VAL A 80 10.65 19.50 -4.10
N VAL A 81 9.90 19.09 -5.10
CA VAL A 81 8.46 18.95 -4.98
C VAL A 81 8.10 17.48 -4.74
N PRO A 82 7.83 17.10 -3.48
CA PRO A 82 7.50 15.72 -3.12
C PRO A 82 6.62 15.03 -4.16
N LYS A 83 6.85 13.74 -4.36
CA LYS A 83 6.09 12.96 -5.32
C LYS A 83 5.23 11.92 -4.62
N PRO A 84 4.27 11.33 -5.36
CA PRO A 84 3.35 10.33 -4.83
C PRO A 84 3.97 8.95 -4.75
N GLN A 85 4.54 8.63 -3.59
CA GLN A 85 5.19 7.33 -3.38
C GLN A 85 4.17 6.27 -3.00
N ARG A 86 3.99 5.28 -3.86
CA ARG A 86 3.04 4.21 -3.62
C ARG A 86 3.77 2.90 -3.32
N HIS A 87 3.33 2.20 -2.27
CA HIS A 87 3.95 0.93 -1.89
C HIS A 87 3.12 -0.24 -2.40
N MET A 88 3.66 -0.98 -3.37
CA MET A 88 2.97 -2.12 -3.94
C MET A 88 3.56 -3.43 -3.44
N PHE A 89 2.69 -4.38 -3.14
CA PHE A 89 3.12 -5.69 -2.65
C PHE A 89 2.29 -6.81 -3.27
N SER A 90 2.96 -7.72 -3.97
CA SER A 90 2.28 -8.84 -4.63
C SER A 90 2.18 -10.03 -3.68
N PHE A 91 0.95 -10.39 -3.33
CA PHE A 91 0.72 -11.53 -2.44
C PHE A 91 0.44 -12.80 -3.23
N ASN A 92 1.09 -13.89 -2.86
CA ASN A 92 0.90 -15.17 -3.53
C ASN A 92 -0.18 -15.99 -2.83
N ASN A 93 -1.27 -15.33 -2.49
CA ASN A 93 -2.39 -15.98 -1.81
C ASN A 93 -3.44 -14.95 -1.42
N ARG A 94 -4.62 -15.05 -2.02
CA ARG A 94 -5.71 -14.14 -1.73
C ARG A 94 -6.05 -14.16 -0.25
N THR A 95 -5.60 -15.20 0.46
CA THR A 95 -5.87 -15.31 1.88
C THR A 95 -5.01 -14.30 2.64
N VAL A 96 -3.76 -14.18 2.23
CA VAL A 96 -2.85 -13.24 2.86
C VAL A 96 -3.32 -11.83 2.59
N MET A 97 -3.51 -11.53 1.31
CA MET A 97 -3.98 -10.23 0.89
C MET A 97 -5.34 -9.92 1.52
N ASP A 98 -6.17 -10.95 1.66
CA ASP A 98 -7.48 -10.78 2.26
C ASP A 98 -7.36 -10.43 3.74
N ASN A 99 -6.31 -10.95 4.37
CA ASN A 99 -6.05 -10.69 5.77
C ASN A 99 -5.36 -9.34 5.95
N ILE A 100 -4.59 -8.96 4.94
CA ILE A 100 -3.87 -7.69 4.97
C ILE A 100 -4.77 -6.55 4.53
N LYS A 101 -5.27 -6.65 3.29
CA LYS A 101 -6.14 -5.63 2.74
C LYS A 101 -7.25 -5.27 3.73
N MET A 102 -7.73 -6.28 4.43
CA MET A 102 -8.80 -6.10 5.41
C MET A 102 -8.25 -5.56 6.72
N THR A 103 -6.97 -5.82 7.00
CA THR A 103 -6.37 -5.36 8.22
C THR A 103 -5.95 -3.89 8.09
N LEU A 104 -5.41 -3.55 6.92
CA LEU A 104 -5.00 -2.18 6.66
C LEU A 104 -6.18 -1.23 6.83
N GLN A 105 -7.28 -1.54 6.13
CA GLN A 105 -8.49 -0.73 6.20
C GLN A 105 -9.04 -0.67 7.62
N GLN A 106 -9.06 -1.82 8.29
CA GLN A 106 -9.59 -1.89 9.66
C GLN A 106 -9.00 -0.76 10.51
N ILE A 107 -7.73 -0.45 10.24
CA ILE A 107 -7.03 0.60 10.95
C ILE A 107 -7.30 1.95 10.28
N ILE A 108 -7.08 2.00 8.98
CA ILE A 108 -7.28 3.22 8.20
C ILE A 108 -8.56 3.93 8.60
N SER A 109 -9.67 3.23 8.44
CA SER A 109 -10.97 3.78 8.79
C SER A 109 -10.96 4.45 10.16
N ARG A 110 -10.04 4.00 11.01
CA ARG A 110 -9.90 4.56 12.35
C ARG A 110 -9.30 5.96 12.29
N TYR A 111 -8.54 6.23 11.24
CA TYR A 111 -7.91 7.54 11.08
C TYR A 111 -8.95 8.55 10.66
N LYS A 112 -9.88 8.11 9.83
CA LYS A 112 -10.96 8.96 9.35
C LYS A 112 -12.02 9.00 10.43
N ASP A 113 -12.28 7.82 10.98
CA ASP A 113 -13.24 7.68 12.05
C ASP A 113 -12.77 8.50 13.24
N ALA A 114 -11.45 8.62 13.37
CA ALA A 114 -10.87 9.41 14.44
C ALA A 114 -10.64 10.85 14.00
N ASP A 115 -10.61 11.06 12.68
CA ASP A 115 -10.41 12.41 12.13
C ASP A 115 -11.74 13.02 11.71
N ASP B 22 11.09 -12.00 -10.39
CA ASP B 22 10.35 -13.26 -10.59
C ASP B 22 8.88 -13.11 -10.20
N LEU B 23 8.07 -12.62 -11.14
CA LEU B 23 6.65 -12.43 -10.89
C LEU B 23 5.82 -13.44 -11.68
N GLU B 24 6.20 -13.68 -12.93
CA GLU B 24 5.49 -14.62 -13.78
C GLU B 24 4.06 -14.17 -14.02
N VAL B 25 3.85 -13.44 -15.11
CA VAL B 25 2.52 -12.94 -15.46
C VAL B 25 2.03 -11.92 -14.44
N LEU B 26 2.26 -10.65 -14.74
CA LEU B 26 1.84 -9.57 -13.86
C LEU B 26 0.73 -8.73 -14.49
N SER B 27 -0.13 -8.17 -13.66
CA SER B 27 -1.24 -7.34 -14.14
C SER B 27 -1.52 -6.20 -13.16
N GLU B 28 -0.72 -5.14 -13.26
CA GLU B 28 -0.90 -3.98 -12.38
C GLU B 28 -1.77 -2.91 -13.03
N GLU B 29 -2.52 -3.32 -14.03
CA GLU B 29 -3.41 -2.42 -14.76
C GLU B 29 -4.86 -2.60 -14.32
N LEU B 30 -5.15 -3.74 -13.70
CA LEU B 30 -6.50 -4.03 -13.23
C LEU B 30 -6.61 -3.87 -11.73
N PHE B 31 -5.67 -3.13 -11.14
CA PHE B 31 -5.67 -2.90 -9.70
C PHE B 31 -6.91 -2.13 -9.26
N GLU B 32 -7.55 -2.58 -8.19
CA GLU B 32 -8.74 -1.93 -7.68
C GLU B 32 -8.41 -1.08 -6.45
N ASP B 33 -9.34 -0.21 -6.08
CA ASP B 33 -9.15 0.66 -4.92
C ASP B 33 -10.01 0.21 -3.75
N VAL B 34 -9.37 -0.08 -2.62
CA VAL B 34 -10.08 -0.51 -1.42
C VAL B 34 -10.87 0.64 -0.80
N PRO B 35 -12.12 0.39 -0.39
CA PRO B 35 -12.96 1.43 0.21
C PRO B 35 -12.39 1.93 1.54
N THR B 36 -12.26 3.25 1.65
CA THR B 36 -11.72 3.86 2.86
C THR B 36 -12.60 5.03 3.31
N LYS B 37 -13.01 5.01 4.57
CA LYS B 37 -13.85 6.07 5.12
C LYS B 37 -13.23 7.45 4.87
N SER B 38 -14.05 8.49 4.98
CA SER B 38 -13.58 9.86 4.77
C SER B 38 -14.72 10.86 4.99
N GLN B 39 -14.43 12.13 4.74
CA GLN B 39 -15.43 13.18 4.92
C GLN B 39 -15.28 14.25 3.85
N ILE B 40 -16.23 14.30 2.93
CA ILE B 40 -16.21 15.28 1.85
C ILE B 40 -17.09 16.48 2.17
N SER B 41 -17.12 16.85 3.45
CA SER B 41 -17.92 17.99 3.90
C SER B 41 -19.40 17.75 3.61
N PRO A 1 -3.15 -14.00 12.75
CA PRO A 1 -2.38 -13.64 11.53
C PRO A 1 -3.09 -12.58 10.69
N SER A 2 -3.43 -11.46 11.33
CA SER A 2 -4.12 -10.37 10.65
C SER A 2 -3.17 -9.20 10.39
N HIS A 3 -2.29 -8.95 11.35
CA HIS A 3 -1.32 -7.87 11.24
C HIS A 3 -0.03 -8.35 10.58
N SER A 4 -0.12 -9.42 9.79
CA SER A 4 1.05 -9.96 9.10
C SER A 4 0.64 -10.76 7.87
N GLY A 5 1.44 -10.63 6.82
CA GLY A 5 1.17 -11.33 5.57
C GLY A 5 2.29 -11.10 4.58
N ALA A 6 2.66 -12.14 3.85
CA ALA A 6 3.75 -12.03 2.89
C ALA A 6 3.31 -11.42 1.57
N ALA A 7 4.17 -10.55 1.02
CA ALA A 7 3.90 -9.87 -0.24
C ALA A 7 5.19 -9.59 -1.00
N ILE A 8 5.06 -9.13 -2.25
CA ILE A 8 6.21 -8.83 -3.09
C ILE A 8 6.49 -7.34 -3.17
N PHE A 9 7.74 -6.95 -2.90
CA PHE A 9 8.12 -5.55 -2.99
C PHE A 9 9.38 -5.38 -3.83
N GLU A 10 9.21 -4.78 -5.01
CA GLU A 10 10.32 -4.52 -5.93
C GLU A 10 10.90 -5.82 -6.50
N LYS A 11 10.02 -6.70 -6.97
CA LYS A 11 10.44 -7.97 -7.57
C LYS A 11 10.94 -8.95 -6.52
N VAL A 12 11.06 -8.51 -5.27
CA VAL A 12 11.53 -9.38 -4.20
C VAL A 12 10.37 -9.91 -3.40
N SER A 13 10.53 -11.11 -2.88
CA SER A 13 9.48 -11.74 -2.10
C SER A 13 9.89 -11.85 -0.63
N GLY A 14 9.18 -11.12 0.21
CA GLY A 14 9.47 -11.15 1.63
C GLY A 14 8.22 -11.32 2.46
N ILE A 15 8.08 -10.52 3.51
CA ILE A 15 6.94 -10.59 4.38
C ILE A 15 6.43 -9.20 4.71
N ILE A 16 5.12 -9.03 4.65
CA ILE A 16 4.50 -7.78 5.02
C ILE A 16 3.97 -7.96 6.42
N ALA A 17 4.11 -6.96 7.25
CA ALA A 17 3.64 -7.10 8.62
C ALA A 17 3.20 -5.76 9.19
N ILE A 18 1.93 -5.72 9.55
CA ILE A 18 1.30 -4.52 10.09
C ILE A 18 1.59 -4.36 11.57
N ASN A 19 1.78 -3.12 11.99
CA ASN A 19 2.04 -2.80 13.39
C ASN A 19 0.95 -1.88 13.93
N GLU A 20 -0.08 -2.46 14.51
CA GLU A 20 -1.18 -1.68 15.06
C GLU A 20 -0.86 -1.16 16.46
N ASP A 21 0.33 -1.49 16.95
CA ASP A 21 0.75 -1.05 18.28
C ASP A 21 1.32 0.37 18.24
N VAL A 22 1.31 0.97 17.05
CA VAL A 22 1.83 2.33 16.90
C VAL A 22 0.68 3.34 16.80
N SER A 23 0.99 4.53 16.30
CA SER A 23 0.00 5.58 16.16
C SER A 23 0.60 6.79 15.44
N PRO A 24 0.33 6.94 14.12
CA PRO A 24 -0.52 6.01 13.36
C PRO A 24 0.15 4.67 13.10
N ALA A 25 -0.65 3.69 12.68
CA ALA A 25 -0.15 2.35 12.40
C ALA A 25 0.93 2.38 11.34
N GLU A 26 1.52 1.21 11.08
CA GLU A 26 2.55 1.10 10.07
C GLU A 26 2.78 -0.36 9.68
N LEU A 27 2.96 -0.61 8.39
CA LEU A 27 3.21 -1.95 7.90
C LEU A 27 4.66 -2.07 7.47
N THR A 28 5.27 -3.23 7.69
CA THR A 28 6.69 -3.41 7.35
C THR A 28 6.91 -4.64 6.48
N TRP A 29 7.32 -4.42 5.24
CA TRP A 29 7.62 -5.50 4.31
C TRP A 29 9.10 -5.87 4.42
N ARG A 30 9.38 -7.03 4.96
CA ARG A 30 10.76 -7.49 5.10
C ARG A 30 11.05 -8.66 4.18
N SER A 31 12.15 -8.57 3.43
CA SER A 31 12.53 -9.63 2.50
C SER A 31 12.49 -10.99 3.21
N THR A 32 12.37 -12.05 2.43
CA THR A 32 12.33 -13.40 2.98
C THR A 32 13.71 -13.80 3.45
N ASP A 33 14.71 -13.39 2.69
CA ASP A 33 16.09 -13.68 3.00
C ASP A 33 16.65 -12.67 4.00
N GLY A 34 15.97 -11.54 4.15
CA GLY A 34 16.41 -10.52 5.08
C GLY A 34 17.41 -9.56 4.44
N ASP A 35 17.22 -9.29 3.15
CA ASP A 35 18.10 -8.39 2.41
C ASP A 35 17.68 -6.94 2.59
N LYS A 36 16.40 -6.72 2.85
CA LYS A 36 15.88 -5.37 3.03
C LYS A 36 14.41 -5.39 3.44
N VAL A 37 13.96 -4.26 3.94
CA VAL A 37 12.59 -4.12 4.40
C VAL A 37 12.05 -2.71 4.12
N HIS A 38 10.75 -2.63 3.83
CA HIS A 38 10.11 -1.35 3.56
C HIS A 38 8.99 -1.08 4.55
N THR A 39 9.10 0.02 5.29
CA THR A 39 8.10 0.38 6.28
C THR A 39 7.09 1.38 5.71
N VAL A 40 5.82 1.16 6.01
CA VAL A 40 4.76 2.03 5.53
C VAL A 40 3.89 2.54 6.68
N VAL A 41 3.53 3.80 6.61
CA VAL A 41 2.66 4.40 7.62
C VAL A 41 1.26 4.54 7.05
N LEU A 42 0.40 3.55 7.35
CA LEU A 42 -0.97 3.55 6.86
C LEU A 42 -1.62 4.93 6.91
N SER A 43 -1.14 5.78 7.82
CA SER A 43 -1.66 7.13 7.95
C SER A 43 -1.15 8.00 6.82
N THR A 44 0.16 7.95 6.59
CA THR A 44 0.76 8.70 5.52
C THR A 44 0.23 8.18 4.19
N ILE A 45 -0.15 6.90 4.18
CA ILE A 45 -0.70 6.29 2.98
C ILE A 45 -1.93 7.07 2.50
N ASP A 46 -1.77 7.80 1.40
CA ASP A 46 -2.87 8.59 0.84
C ASP A 46 -4.14 7.76 0.75
N LYS A 47 -3.97 6.47 0.47
CA LYS A 47 -5.11 5.55 0.36
C LYS A 47 -4.64 4.11 0.23
N LEU A 48 -5.54 3.17 0.45
CA LEU A 48 -5.21 1.75 0.36
C LEU A 48 -5.84 1.13 -0.89
N GLN A 49 -5.01 0.53 -1.73
CA GLN A 49 -5.49 -0.10 -2.96
C GLN A 49 -5.16 -1.58 -2.95
N ALA A 50 -6.01 -2.39 -3.59
CA ALA A 50 -5.78 -3.82 -3.65
C ALA A 50 -6.51 -4.44 -4.85
N THR A 51 -5.95 -5.51 -5.41
CA THR A 51 -6.55 -6.17 -6.56
C THR A 51 -7.97 -6.65 -6.22
N PRO A 52 -8.92 -6.49 -7.16
CA PRO A 52 -10.30 -6.90 -6.95
C PRO A 52 -10.49 -8.41 -7.09
N ALA A 53 -11.61 -8.91 -6.59
CA ALA A 53 -11.91 -10.34 -6.65
C ALA A 53 -11.98 -10.83 -8.10
N SER A 54 -12.35 -9.92 -9.00
CA SER A 54 -12.45 -10.26 -10.41
C SER A 54 -11.08 -10.48 -11.03
N SER A 55 -10.05 -10.00 -10.36
CA SER A 55 -8.68 -10.15 -10.85
C SER A 55 -7.96 -11.28 -10.12
N GLU A 56 -7.63 -12.33 -10.86
CA GLU A 56 -6.94 -13.48 -10.28
C GLU A 56 -5.61 -13.05 -9.67
N LYS A 57 -5.14 -11.86 -10.04
CA LYS A 57 -3.87 -11.35 -9.52
C LYS A 57 -4.08 -10.74 -8.13
N MET A 58 -3.65 -11.46 -7.10
CA MET A 58 -3.78 -11.00 -5.73
C MET A 58 -2.64 -10.05 -5.37
N MET A 59 -2.96 -8.77 -5.23
CA MET A 59 -1.95 -7.77 -4.90
C MET A 59 -2.56 -6.61 -4.10
N LEU A 60 -1.79 -6.11 -3.15
CA LEU A 60 -2.23 -4.98 -2.32
C LEU A 60 -1.27 -3.80 -2.48
N ARG A 61 -1.81 -2.59 -2.44
CA ARG A 61 -0.99 -1.39 -2.61
C ARG A 61 -1.45 -0.26 -1.68
N LEU A 62 -0.50 0.60 -1.30
CA LEU A 62 -0.80 1.74 -0.45
C LEU A 62 -0.25 3.01 -1.09
N ILE A 63 -1.15 3.94 -1.42
CA ILE A 63 -0.75 5.20 -2.04
C ILE A 63 -0.13 6.15 -1.03
N GLY A 64 0.67 7.08 -1.52
CA GLY A 64 1.31 8.05 -0.64
C GLY A 64 0.86 9.47 -0.90
N LYS A 65 1.17 10.37 0.01
CA LYS A 65 0.78 11.77 -0.13
C LYS A 65 1.65 12.47 -1.18
N VAL A 66 1.02 12.88 -2.26
CA VAL A 66 1.72 13.56 -3.34
C VAL A 66 1.39 15.05 -3.38
N ASP A 67 2.24 15.84 -4.02
CA ASP A 67 2.03 17.27 -4.13
C ASP A 67 1.74 17.68 -5.58
N GLU A 68 0.97 16.85 -6.27
CA GLU A 68 0.62 17.11 -7.67
C GLU A 68 -0.18 18.40 -7.79
N SER A 69 -0.81 18.82 -6.70
CA SER A 69 -1.61 20.04 -6.70
C SER A 69 -0.72 21.28 -6.57
N LYS A 70 0.49 21.09 -6.06
CA LYS A 70 1.43 22.18 -5.88
C LYS A 70 2.12 22.53 -7.19
N LYS A 71 2.96 21.62 -7.67
CA LYS A 71 3.68 21.84 -8.93
C LYS A 71 4.55 23.08 -8.84
N ARG A 72 5.79 22.90 -8.40
CA ARG A 72 6.73 24.01 -8.26
C ARG A 72 7.64 24.10 -9.48
N LYS A 73 8.59 25.03 -9.43
CA LYS A 73 9.53 25.22 -10.53
C LYS A 73 10.95 25.36 -10.00
N ASP A 74 11.86 25.79 -10.87
CA ASP A 74 13.26 25.97 -10.49
C ASP A 74 13.81 27.27 -11.03
N ASN A 75 15.08 27.54 -10.76
CA ASN A 75 15.73 28.76 -11.21
C ASN A 75 15.65 28.90 -12.74
N GLU A 76 15.46 27.78 -13.42
CA GLU A 76 15.36 27.77 -14.87
C GLU A 76 13.92 27.52 -15.32
N GLY A 77 12.97 28.01 -14.54
CA GLY A 77 11.56 27.81 -14.87
C GLY A 77 11.21 26.35 -15.06
N ASN A 78 11.96 25.47 -14.41
CA ASN A 78 11.73 24.04 -14.51
C ASN A 78 10.39 23.65 -13.86
N GLU A 79 10.17 22.36 -13.69
CA GLU A 79 8.95 21.86 -13.09
C GLU A 79 9.25 20.76 -12.08
N VAL A 80 8.88 20.99 -10.83
CA VAL A 80 9.11 20.03 -9.77
C VAL A 80 7.95 19.04 -9.64
N VAL A 81 6.79 19.58 -9.28
CA VAL A 81 5.58 18.77 -9.11
C VAL A 81 5.90 17.38 -8.57
N PRO A 82 6.11 17.27 -7.24
CA PRO A 82 6.42 16.00 -6.59
C PRO A 82 5.52 14.86 -7.06
N LYS A 83 6.14 13.78 -7.54
CA LYS A 83 5.40 12.62 -8.02
C LYS A 83 4.78 11.86 -6.86
N PRO A 84 3.79 11.01 -7.17
CA PRO A 84 3.07 10.21 -6.18
C PRO A 84 3.81 8.92 -5.82
N GLN A 85 4.00 8.70 -4.53
CA GLN A 85 4.69 7.50 -4.05
C GLN A 85 3.69 6.48 -3.53
N ARG A 86 3.62 5.33 -4.20
CA ARG A 86 2.71 4.26 -3.80
C ARG A 86 3.49 2.98 -3.51
N HIS A 87 3.04 2.23 -2.52
CA HIS A 87 3.70 0.97 -2.16
C HIS A 87 2.96 -0.21 -2.77
N MET A 88 3.59 -0.87 -3.74
CA MET A 88 2.98 -2.01 -4.40
C MET A 88 3.43 -3.32 -3.76
N PHE A 89 2.46 -4.08 -3.26
CA PHE A 89 2.74 -5.36 -2.63
C PHE A 89 1.98 -6.48 -3.33
N SER A 90 2.72 -7.42 -3.92
CA SER A 90 2.11 -8.54 -4.63
C SER A 90 2.04 -9.77 -3.73
N PHE A 91 0.82 -10.19 -3.40
CA PHE A 91 0.62 -11.35 -2.55
C PHE A 91 0.40 -12.62 -3.37
N ASN A 92 1.05 -13.71 -2.97
CA ASN A 92 0.93 -14.98 -3.66
C ASN A 92 -0.12 -15.87 -3.00
N ASN A 93 -1.22 -15.25 -2.57
CA ASN A 93 -2.29 -15.99 -1.90
C ASN A 93 -3.41 -15.04 -1.50
N ARG A 94 -4.56 -15.16 -2.17
CA ARG A 94 -5.71 -14.32 -1.88
C ARG A 94 -6.05 -14.36 -0.40
N THR A 95 -5.62 -15.42 0.28
CA THR A 95 -5.87 -15.58 1.68
C THR A 95 -5.10 -14.56 2.50
N VAL A 96 -3.82 -14.41 2.18
CA VAL A 96 -2.98 -13.44 2.88
C VAL A 96 -3.46 -12.04 2.57
N MET A 97 -3.69 -11.79 1.28
CA MET A 97 -4.17 -10.49 0.83
C MET A 97 -5.56 -10.21 1.40
N ASP A 98 -6.39 -11.26 1.47
CA ASP A 98 -7.74 -11.11 2.00
C ASP A 98 -7.67 -10.82 3.50
N ASN A 99 -6.69 -11.42 4.14
CA ASN A 99 -6.48 -11.23 5.58
C ASN A 99 -5.74 -9.92 5.85
N ILE A 100 -4.95 -9.49 4.87
CA ILE A 100 -4.18 -8.26 4.99
C ILE A 100 -5.00 -7.06 4.56
N LYS A 101 -5.45 -7.08 3.31
CA LYS A 101 -6.24 -5.99 2.74
C LYS A 101 -7.31 -5.52 3.72
N MET A 102 -7.81 -6.44 4.55
CA MET A 102 -8.83 -6.12 5.52
C MET A 102 -8.22 -5.45 6.74
N THR A 103 -7.04 -5.92 7.14
CA THR A 103 -6.33 -5.36 8.27
C THR A 103 -6.06 -3.88 8.06
N LEU A 104 -5.37 -3.56 6.98
CA LEU A 104 -5.05 -2.17 6.65
C LEU A 104 -6.30 -1.31 6.77
N GLN A 105 -7.34 -1.70 6.03
CA GLN A 105 -8.60 -0.99 6.05
C GLN A 105 -9.16 -0.89 7.48
N GLN A 106 -9.12 -2.01 8.20
CA GLN A 106 -9.61 -2.05 9.57
C GLN A 106 -8.99 -0.93 10.39
N ILE A 107 -7.74 -0.62 10.09
CA ILE A 107 -7.01 0.44 10.77
C ILE A 107 -7.30 1.78 10.11
N ILE A 108 -7.12 1.83 8.79
CA ILE A 108 -7.36 3.04 8.02
C ILE A 108 -8.64 3.75 8.47
N SER A 109 -9.73 3.02 8.41
CA SER A 109 -11.03 3.56 8.81
C SER A 109 -10.93 4.28 10.16
N ARG A 110 -9.96 3.88 10.96
CA ARG A 110 -9.76 4.49 12.28
C ARG A 110 -9.14 5.88 12.16
N TYR A 111 -8.43 6.12 11.05
CA TYR A 111 -7.79 7.42 10.83
C TYR A 111 -8.85 8.43 10.41
N LYS A 112 -9.84 7.95 9.66
CA LYS A 112 -10.93 8.80 9.21
C LYS A 112 -11.92 8.92 10.33
N ASP A 113 -12.18 7.78 10.94
CA ASP A 113 -13.08 7.70 12.07
C ASP A 113 -12.54 8.55 13.20
N ALA A 114 -11.22 8.64 13.27
CA ALA A 114 -10.55 9.43 14.27
C ALA A 114 -10.26 10.83 13.75
N ASP A 115 -10.28 10.98 12.42
CA ASP A 115 -10.03 12.27 11.79
C ASP A 115 -10.92 13.37 12.40
N ASP B 22 8.38 1.00 -22.28
CA ASP B 22 8.02 -0.36 -22.74
C ASP B 22 8.77 -1.43 -21.94
N LEU B 23 8.21 -1.77 -20.78
CA LEU B 23 8.82 -2.78 -19.91
C LEU B 23 7.87 -3.18 -18.79
N GLU B 24 6.99 -4.14 -19.07
CA GLU B 24 6.02 -4.62 -18.10
C GLU B 24 5.09 -3.49 -17.66
N VAL B 25 3.95 -3.37 -18.34
CA VAL B 25 2.98 -2.33 -18.02
C VAL B 25 1.88 -2.88 -17.11
N LEU B 26 2.29 -3.70 -16.14
CA LEU B 26 1.34 -4.28 -15.20
C LEU B 26 1.54 -3.71 -13.79
N SER B 27 0.46 -3.22 -13.20
CA SER B 27 0.52 -2.64 -11.86
C SER B 27 -0.86 -2.14 -11.42
N GLU B 28 -1.18 -0.92 -11.81
CA GLU B 28 -2.45 -0.30 -11.46
C GLU B 28 -3.48 -0.50 -12.55
N GLU B 29 -3.24 -1.47 -13.40
CA GLU B 29 -4.15 -1.78 -14.52
C GLU B 29 -5.24 -2.74 -14.07
N LEU B 30 -4.92 -3.62 -13.13
CA LEU B 30 -5.88 -4.59 -12.62
C LEU B 30 -6.10 -4.42 -11.12
N PHE B 31 -5.76 -3.24 -10.60
CA PHE B 31 -5.92 -2.96 -9.18
C PHE B 31 -7.26 -2.30 -8.89
N GLU B 32 -7.60 -2.23 -7.60
CA GLU B 32 -8.85 -1.62 -7.18
C GLU B 32 -8.70 -0.96 -5.82
N ASP B 33 -9.08 0.31 -5.73
CA ASP B 33 -8.97 1.05 -4.48
C ASP B 33 -10.00 0.57 -3.47
N VAL B 34 -9.57 -0.28 -2.54
CA VAL B 34 -10.46 -0.81 -1.53
C VAL B 34 -11.05 0.31 -0.68
N PRO B 35 -12.40 0.44 -0.65
CA PRO B 35 -13.08 1.49 0.12
C PRO B 35 -12.56 1.61 1.55
N THR B 36 -12.46 2.84 2.03
CA THR B 36 -11.99 3.10 3.39
C THR B 36 -12.82 4.20 4.04
N LYS B 37 -13.52 3.85 5.12
CA LYS B 37 -14.35 4.81 5.84
C LYS B 37 -15.03 4.14 7.03
N SER B 38 -15.59 4.96 7.93
CA SER B 38 -16.27 4.45 9.10
C SER B 38 -17.67 5.03 9.21
N GLN B 39 -18.57 4.29 9.87
CA GLN B 39 -19.96 4.72 10.05
C GLN B 39 -20.55 5.26 8.74
N ILE B 40 -21.70 5.90 8.84
CA ILE B 40 -22.38 6.46 7.68
C ILE B 40 -22.68 5.38 6.64
N SER B 41 -23.83 4.74 6.79
CA SER B 41 -24.25 3.68 5.87
C SER B 41 -25.12 4.24 4.76
N PRO A 1 -3.52 -14.87 10.43
CA PRO A 1 -2.61 -13.69 10.55
C PRO A 1 -3.18 -12.46 9.83
N SER A 2 -3.73 -11.53 10.61
CA SER A 2 -4.32 -10.32 10.05
C SER A 2 -3.28 -9.19 10.03
N HIS A 3 -2.45 -9.13 11.07
CA HIS A 3 -1.42 -8.11 11.17
C HIS A 3 -0.14 -8.53 10.45
N SER A 4 -0.21 -9.60 9.67
CA SER A 4 0.95 -10.08 8.93
C SER A 4 0.54 -10.79 7.65
N GLY A 5 1.46 -10.81 6.69
CA GLY A 5 1.20 -11.45 5.41
C GLY A 5 2.33 -11.19 4.45
N ALA A 6 2.72 -12.21 3.70
CA ALA A 6 3.83 -12.07 2.77
C ALA A 6 3.41 -11.45 1.44
N ALA A 7 4.20 -10.48 0.98
CA ALA A 7 3.92 -9.77 -0.26
C ALA A 7 5.21 -9.47 -1.02
N ILE A 8 5.08 -8.99 -2.27
CA ILE A 8 6.24 -8.67 -3.10
C ILE A 8 6.51 -7.18 -3.16
N PHE A 9 7.75 -6.79 -2.86
CA PHE A 9 8.14 -5.38 -2.92
C PHE A 9 9.40 -5.20 -3.74
N GLU A 10 9.26 -4.57 -4.90
CA GLU A 10 10.37 -4.30 -5.81
C GLU A 10 10.95 -5.58 -6.39
N LYS A 11 10.08 -6.43 -6.92
CA LYS A 11 10.49 -7.69 -7.54
C LYS A 11 11.01 -8.69 -6.52
N VAL A 12 11.11 -8.28 -5.25
CA VAL A 12 11.57 -9.17 -4.20
C VAL A 12 10.40 -9.72 -3.42
N SER A 13 10.56 -10.94 -2.94
CA SER A 13 9.51 -11.58 -2.17
C SER A 13 9.93 -11.75 -0.72
N GLY A 14 9.24 -11.03 0.16
CA GLY A 14 9.55 -11.11 1.57
C GLY A 14 8.31 -11.32 2.40
N ILE A 15 8.12 -10.49 3.42
CA ILE A 15 6.97 -10.59 4.29
C ILE A 15 6.42 -9.22 4.62
N ILE A 16 5.10 -9.08 4.55
CA ILE A 16 4.46 -7.85 4.92
C ILE A 16 3.91 -8.06 6.31
N ALA A 17 4.00 -7.04 7.14
CA ALA A 17 3.52 -7.19 8.49
C ALA A 17 3.05 -5.86 9.07
N ILE A 18 1.76 -5.82 9.37
CA ILE A 18 1.13 -4.63 9.90
C ILE A 18 1.28 -4.53 11.41
N ASN A 19 1.58 -3.34 11.89
CA ASN A 19 1.74 -3.09 13.32
C ASN A 19 0.67 -2.13 13.81
N GLU A 20 -0.43 -2.67 14.31
CA GLU A 20 -1.52 -1.85 14.82
C GLU A 20 -1.24 -1.36 16.24
N ASP A 21 -0.08 -1.72 16.77
CA ASP A 21 0.30 -1.31 18.12
C ASP A 21 0.89 0.11 18.12
N VAL A 22 0.97 0.72 16.94
CA VAL A 22 1.53 2.06 16.82
C VAL A 22 0.42 3.10 16.70
N SER A 23 0.77 4.28 16.22
CA SER A 23 -0.19 5.36 16.05
C SER A 23 0.48 6.58 15.39
N PRO A 24 0.29 6.77 14.07
CA PRO A 24 -0.54 5.88 13.24
C PRO A 24 0.11 4.52 12.99
N ALA A 25 -0.71 3.55 12.62
CA ALA A 25 -0.23 2.20 12.34
C ALA A 25 0.90 2.20 11.34
N GLU A 26 1.46 1.02 11.07
CA GLU A 26 2.54 0.91 10.11
C GLU A 26 2.74 -0.54 9.68
N LEU A 27 2.91 -0.75 8.37
CA LEU A 27 3.13 -2.08 7.83
C LEU A 27 4.59 -2.19 7.38
N THR A 28 5.25 -3.26 7.80
CA THR A 28 6.67 -3.45 7.45
C THR A 28 6.89 -4.66 6.56
N TRP A 29 7.31 -4.41 5.32
CA TRP A 29 7.61 -5.47 4.38
C TRP A 29 9.08 -5.84 4.48
N ARG A 30 9.35 -7.03 4.99
CA ARG A 30 10.74 -7.49 5.15
C ARG A 30 11.03 -8.64 4.19
N SER A 31 12.14 -8.54 3.48
CA SER A 31 12.55 -9.58 2.53
C SER A 31 12.49 -10.95 3.20
N THR A 32 12.44 -12.01 2.39
CA THR A 32 12.39 -13.36 2.92
C THR A 32 13.76 -13.77 3.42
N ASP A 33 14.77 -13.33 2.69
CA ASP A 33 16.15 -13.63 3.03
C ASP A 33 16.70 -12.62 4.04
N GLY A 34 15.99 -11.51 4.21
CA GLY A 34 16.43 -10.49 5.14
C GLY A 34 17.41 -9.53 4.52
N ASP A 35 17.24 -9.24 3.23
CA ASP A 35 18.11 -8.33 2.52
C ASP A 35 17.69 -6.88 2.70
N LYS A 36 16.40 -6.68 2.97
CA LYS A 36 15.88 -5.33 3.16
C LYS A 36 14.41 -5.36 3.56
N VAL A 37 13.96 -4.25 4.10
CA VAL A 37 12.58 -4.13 4.56
C VAL A 37 12.06 -2.71 4.34
N HIS A 38 10.77 -2.60 4.04
CA HIS A 38 10.14 -1.31 3.81
C HIS A 38 9.00 -1.07 4.80
N THR A 39 9.11 0.00 5.57
CA THR A 39 8.09 0.33 6.57
C THR A 39 7.11 1.36 6.00
N VAL A 40 5.82 1.05 6.10
CA VAL A 40 4.78 1.94 5.61
C VAL A 40 3.93 2.49 6.73
N VAL A 41 3.57 3.76 6.62
CA VAL A 41 2.71 4.40 7.61
C VAL A 41 1.32 4.54 7.03
N LEU A 42 0.44 3.59 7.35
CA LEU A 42 -0.93 3.58 6.85
C LEU A 42 -1.55 4.99 6.89
N SER A 43 -1.05 5.84 7.78
CA SER A 43 -1.55 7.20 7.91
C SER A 43 -1.05 8.04 6.75
N THR A 44 0.25 7.94 6.47
CA THR A 44 0.84 8.66 5.37
C THR A 44 0.26 8.14 4.07
N ILE A 45 -0.17 6.86 4.09
CA ILE A 45 -0.77 6.25 2.91
C ILE A 45 -1.98 7.05 2.44
N ASP A 46 -1.82 7.74 1.32
CA ASP A 46 -2.91 8.56 0.76
C ASP A 46 -4.18 7.74 0.55
N LYS A 47 -4.00 6.44 0.33
CA LYS A 47 -5.15 5.55 0.11
C LYS A 47 -4.69 4.09 0.06
N LEU A 48 -5.64 3.18 0.25
CA LEU A 48 -5.34 1.75 0.22
C LEU A 48 -5.91 1.09 -1.03
N GLN A 49 -5.03 0.52 -1.85
CA GLN A 49 -5.45 -0.15 -3.07
C GLN A 49 -5.10 -1.63 -3.04
N ALA A 50 -5.95 -2.46 -3.64
CA ALA A 50 -5.71 -3.90 -3.66
C ALA A 50 -6.45 -4.55 -4.83
N THR A 51 -5.85 -5.59 -5.41
CA THR A 51 -6.47 -6.29 -6.53
C THR A 51 -7.90 -6.70 -6.20
N PRO A 52 -8.83 -6.56 -7.16
CA PRO A 52 -10.24 -6.91 -6.97
C PRO A 52 -10.45 -8.42 -6.90
N ALA A 53 -11.61 -8.82 -6.38
CA ALA A 53 -11.94 -10.24 -6.25
C ALA A 53 -12.10 -10.89 -7.62
N SER A 54 -12.58 -10.10 -8.59
CA SER A 54 -12.77 -10.61 -9.94
C SER A 54 -11.43 -10.85 -10.64
N SER A 55 -10.39 -10.20 -10.13
CA SER A 55 -9.06 -10.34 -10.70
C SER A 55 -8.31 -11.50 -10.05
N GLU A 56 -7.97 -12.51 -10.85
CA GLU A 56 -7.24 -13.67 -10.34
C GLU A 56 -5.94 -13.24 -9.69
N LYS A 57 -5.50 -12.01 -9.97
CA LYS A 57 -4.27 -11.48 -9.41
C LYS A 57 -4.51 -10.98 -7.98
N MET A 58 -3.69 -11.45 -7.05
CA MET A 58 -3.81 -11.05 -5.64
C MET A 58 -2.65 -10.14 -5.26
N MET A 59 -2.93 -8.84 -5.15
CA MET A 59 -1.91 -7.86 -4.79
C MET A 59 -2.50 -6.68 -4.03
N LEU A 60 -1.73 -6.14 -3.12
CA LEU A 60 -2.16 -4.99 -2.33
C LEU A 60 -1.21 -3.81 -2.55
N ARG A 61 -1.76 -2.60 -2.46
CA ARG A 61 -0.96 -1.39 -2.65
C ARG A 61 -1.42 -0.27 -1.74
N LEU A 62 -0.48 0.57 -1.32
CA LEU A 62 -0.79 1.72 -0.47
C LEU A 62 -0.19 2.98 -1.07
N ILE A 63 -1.05 3.90 -1.50
CA ILE A 63 -0.58 5.14 -2.11
C ILE A 63 -0.07 6.11 -1.05
N GLY A 64 0.80 7.03 -1.47
CA GLY A 64 1.34 8.00 -0.54
C GLY A 64 0.95 9.42 -0.91
N LYS A 65 1.41 10.38 -0.10
CA LYS A 65 1.11 11.79 -0.33
C LYS A 65 2.20 12.45 -1.16
N VAL A 66 1.80 13.10 -2.25
CA VAL A 66 2.75 13.78 -3.13
C VAL A 66 2.82 15.27 -2.82
N ASP A 67 3.90 15.90 -3.26
CA ASP A 67 4.09 17.34 -3.04
C ASP A 67 3.51 18.13 -4.21
N GLU A 68 2.19 18.20 -4.26
CA GLU A 68 1.50 18.92 -5.34
C GLU A 68 2.01 20.35 -5.46
N SER A 69 2.60 20.87 -4.38
CA SER A 69 3.12 22.23 -4.38
C SER A 69 3.98 22.52 -5.61
N LYS A 70 4.57 21.46 -6.16
CA LYS A 70 5.40 21.59 -7.35
C LYS A 70 4.57 21.98 -8.56
N LYS A 71 3.68 21.08 -8.97
CA LYS A 71 2.82 21.32 -10.12
C LYS A 71 3.64 21.54 -11.39
N ARG A 72 3.87 20.46 -12.14
CA ARG A 72 4.64 20.54 -13.37
C ARG A 72 3.73 20.86 -14.55
N LYS A 73 4.04 21.92 -15.27
CA LYS A 73 3.25 22.33 -16.43
C LYS A 73 3.54 21.43 -17.63
N ASP A 74 2.70 21.53 -18.66
CA ASP A 74 2.86 20.72 -19.86
C ASP A 74 3.43 21.55 -21.00
N ASN A 75 2.81 22.69 -21.24
CA ASN A 75 3.24 23.59 -22.31
C ASN A 75 2.27 24.76 -22.47
N GLU A 76 1.00 24.52 -22.18
CA GLU A 76 -0.02 25.54 -22.29
C GLU A 76 -0.23 26.25 -20.96
N GLY A 77 0.86 26.52 -20.25
CA GLY A 77 0.76 27.19 -18.96
C GLY A 77 -0.09 26.41 -17.97
N ASN A 78 -0.29 25.13 -18.22
CA ASN A 78 -1.09 24.29 -17.34
C ASN A 78 -0.27 23.83 -16.15
N GLU A 79 -0.92 23.16 -15.21
CA GLU A 79 -0.26 22.67 -14.01
C GLU A 79 -0.64 21.22 -13.73
N VAL A 80 0.34 20.32 -13.88
CA VAL A 80 0.11 18.90 -13.65
C VAL A 80 0.68 18.45 -12.31
N VAL A 81 -0.04 17.57 -11.63
CA VAL A 81 0.40 17.06 -10.34
C VAL A 81 0.78 15.59 -10.45
N PRO A 82 2.06 15.30 -10.74
CA PRO A 82 2.56 13.93 -10.87
C PRO A 82 2.05 13.01 -9.77
N LYS A 83 1.82 11.75 -10.12
CA LYS A 83 1.32 10.77 -9.16
C LYS A 83 2.22 10.70 -7.93
N PRO A 84 1.66 10.28 -6.79
CA PRO A 84 2.37 10.18 -5.52
C PRO A 84 3.15 8.87 -5.40
N GLN A 85 3.77 8.66 -4.24
CA GLN A 85 4.54 7.45 -4.00
C GLN A 85 3.66 6.37 -3.40
N ARG A 86 3.45 5.30 -4.15
CA ARG A 86 2.61 4.18 -3.71
C ARG A 86 3.43 2.91 -3.56
N HIS A 87 3.11 2.11 -2.54
CA HIS A 87 3.81 0.86 -2.30
C HIS A 87 3.07 -0.30 -2.96
N MET A 88 3.70 -0.95 -3.93
CA MET A 88 3.08 -2.06 -4.63
C MET A 88 3.47 -3.38 -4.00
N PHE A 89 2.51 -4.04 -3.37
CA PHE A 89 2.73 -5.33 -2.73
C PHE A 89 2.00 -6.43 -3.48
N SER A 90 2.76 -7.37 -4.04
CA SER A 90 2.18 -8.47 -4.78
C SER A 90 2.13 -9.74 -3.93
N PHE A 91 0.93 -10.19 -3.61
CA PHE A 91 0.76 -11.38 -2.79
C PHE A 91 0.60 -12.63 -3.66
N ASN A 92 1.02 -13.76 -3.12
CA ASN A 92 0.94 -15.04 -3.82
C ASN A 92 -0.15 -15.91 -3.21
N ASN A 93 -1.19 -15.27 -2.67
CA ASN A 93 -2.30 -15.97 -2.03
C ASN A 93 -3.37 -14.99 -1.62
N ARG A 94 -4.54 -15.10 -2.25
CA ARG A 94 -5.66 -14.21 -1.93
C ARG A 94 -6.01 -14.30 -0.45
N THR A 95 -5.57 -15.37 0.20
CA THR A 95 -5.84 -15.57 1.60
C THR A 95 -5.04 -14.60 2.45
N VAL A 96 -3.75 -14.45 2.11
CA VAL A 96 -2.89 -13.53 2.84
C VAL A 96 -3.34 -12.10 2.56
N MET A 97 -3.54 -11.80 1.29
CA MET A 97 -3.98 -10.47 0.89
C MET A 97 -5.35 -10.19 1.49
N ASP A 98 -6.18 -11.23 1.58
CA ASP A 98 -7.51 -11.09 2.16
C ASP A 98 -7.41 -10.64 3.61
N ASN A 99 -6.34 -11.05 4.28
CA ASN A 99 -6.11 -10.69 5.66
C ASN A 99 -5.49 -9.30 5.75
N ILE A 100 -4.41 -9.09 5.01
CA ILE A 100 -3.72 -7.81 4.99
C ILE A 100 -4.67 -6.70 4.55
N LYS A 101 -5.20 -6.83 3.34
CA LYS A 101 -6.13 -5.86 2.80
C LYS A 101 -7.26 -5.56 3.78
N MET A 102 -7.63 -6.57 4.56
CA MET A 102 -8.70 -6.44 5.54
C MET A 102 -8.20 -5.82 6.84
N THR A 103 -6.94 -6.08 7.18
CA THR A 103 -6.38 -5.53 8.41
C THR A 103 -5.92 -4.09 8.20
N LEU A 104 -5.55 -3.76 6.97
CA LEU A 104 -5.10 -2.41 6.66
C LEU A 104 -6.27 -1.43 6.80
N GLN A 105 -7.42 -1.85 6.31
CA GLN A 105 -8.63 -1.02 6.36
C GLN A 105 -9.13 -0.77 7.78
N GLN A 106 -9.23 -1.84 8.57
CA GLN A 106 -9.73 -1.71 9.95
C GLN A 106 -9.03 -0.56 10.67
N ILE A 107 -7.77 -0.35 10.32
CA ILE A 107 -6.99 0.73 10.90
C ILE A 107 -7.28 2.05 10.21
N ILE A 108 -7.14 2.05 8.88
CA ILE A 108 -7.40 3.24 8.07
C ILE A 108 -8.64 3.97 8.54
N SER A 109 -9.75 3.26 8.54
CA SER A 109 -11.02 3.82 8.97
C SER A 109 -10.88 4.60 10.28
N ARG A 110 -9.89 4.21 11.07
CA ARG A 110 -9.63 4.86 12.35
C ARG A 110 -8.98 6.23 12.15
N TYR A 111 -8.31 6.41 11.02
CA TYR A 111 -7.67 7.68 10.73
C TYR A 111 -8.70 8.70 10.30
N LYS A 112 -9.72 8.22 9.58
CA LYS A 112 -10.81 9.08 9.13
C LYS A 112 -11.75 9.27 10.28
N ASP A 113 -12.02 8.15 10.94
CA ASP A 113 -12.88 8.15 12.11
C ASP A 113 -12.27 9.04 13.18
N ALA A 114 -10.95 9.09 13.19
CA ALA A 114 -10.22 9.90 14.14
C ALA A 114 -9.93 11.28 13.56
N ASP A 115 -10.00 11.39 12.23
CA ASP A 115 -9.75 12.65 11.55
C ASP A 115 -10.62 13.77 12.12
N ASP B 22 4.52 -9.79 -17.11
CA ASP B 22 4.66 -8.38 -16.66
C ASP B 22 5.28 -7.52 -17.75
N LEU B 23 4.85 -7.73 -18.99
CA LEU B 23 5.36 -6.96 -20.12
C LEU B 23 4.35 -5.93 -20.58
N GLU B 24 3.07 -6.27 -20.46
CA GLU B 24 2.00 -5.37 -20.86
C GLU B 24 1.62 -4.42 -19.73
N VAL B 25 2.62 -3.72 -19.20
CA VAL B 25 2.42 -2.77 -18.11
C VAL B 25 1.48 -3.33 -17.04
N LEU B 26 1.64 -4.62 -16.74
CA LEU B 26 0.81 -5.28 -15.74
C LEU B 26 1.22 -4.86 -14.33
N SER B 27 0.34 -4.15 -13.65
CA SER B 27 0.61 -3.69 -12.29
C SER B 27 -0.60 -2.95 -11.71
N GLU B 28 -0.67 -1.66 -11.99
CA GLU B 28 -1.78 -0.83 -11.50
C GLU B 28 -2.90 -0.74 -12.52
N GLU B 29 -2.91 -1.67 -13.46
CA GLU B 29 -3.93 -1.70 -14.50
C GLU B 29 -5.17 -2.45 -14.03
N LEU B 30 -5.00 -3.34 -13.07
CA LEU B 30 -6.11 -4.11 -12.53
C LEU B 30 -6.28 -3.87 -11.03
N PHE B 31 -5.73 -2.76 -10.55
CA PHE B 31 -5.83 -2.42 -9.13
C PHE B 31 -7.04 -1.53 -8.87
N GLU B 32 -7.49 -1.51 -7.61
CA GLU B 32 -8.64 -0.69 -7.22
C GLU B 32 -8.53 -0.27 -5.76
N ASP B 33 -8.88 0.98 -5.49
CA ASP B 33 -8.83 1.50 -4.13
C ASP B 33 -9.89 0.85 -3.25
N VAL B 34 -9.45 -0.01 -2.34
CA VAL B 34 -10.37 -0.69 -1.44
C VAL B 34 -11.15 0.30 -0.59
N PRO B 35 -12.45 0.03 -0.33
CA PRO B 35 -13.30 0.90 0.47
C PRO B 35 -12.71 1.22 1.84
N THR B 36 -12.79 2.49 2.22
CA THR B 36 -12.27 2.93 3.51
C THR B 36 -13.34 3.68 4.30
N LYS B 37 -13.72 3.12 5.44
CA LYS B 37 -14.75 3.73 6.28
C LYS B 37 -14.32 5.11 6.76
N SER B 38 -14.97 6.14 6.24
CA SER B 38 -14.66 7.52 6.62
C SER B 38 -15.92 8.36 6.69
N GLN B 39 -15.73 9.68 6.81
CA GLN B 39 -16.87 10.60 6.88
C GLN B 39 -16.65 11.80 5.96
N ILE B 40 -17.57 11.99 5.02
CA ILE B 40 -17.47 13.10 4.08
C ILE B 40 -18.82 13.80 3.92
N SER B 41 -19.19 14.59 4.93
CA SER B 41 -20.45 15.31 4.91
C SER B 41 -20.27 16.75 5.41
N PRO A 1 -1.56 -12.76 12.93
CA PRO A 1 -2.55 -13.24 11.92
C PRO A 1 -3.27 -12.08 11.23
N SER A 2 -3.79 -11.18 12.05
CA SER A 2 -4.52 -10.02 11.55
C SER A 2 -3.61 -8.78 11.51
N HIS A 3 -2.31 -9.01 11.47
CA HIS A 3 -1.34 -7.92 11.43
C HIS A 3 -0.06 -8.34 10.71
N SER A 4 -0.16 -9.38 9.88
CA SER A 4 1.00 -9.87 9.14
C SER A 4 0.58 -10.61 7.88
N GLY A 5 1.49 -10.69 6.91
CA GLY A 5 1.21 -11.36 5.66
C GLY A 5 2.32 -11.13 4.66
N ALA A 6 2.69 -12.16 3.92
CA ALA A 6 3.78 -12.04 2.95
C ALA A 6 3.31 -11.44 1.63
N ALA A 7 4.18 -10.64 1.02
CA ALA A 7 3.89 -9.98 -0.25
C ALA A 7 5.17 -9.70 -1.04
N ILE A 8 5.03 -9.26 -2.28
CA ILE A 8 6.18 -8.96 -3.14
C ILE A 8 6.45 -7.47 -3.23
N PHE A 9 7.67 -7.07 -2.91
CA PHE A 9 8.05 -5.65 -2.98
C PHE A 9 9.28 -5.47 -3.86
N GLU A 10 9.08 -4.87 -5.03
CA GLU A 10 10.15 -4.60 -5.98
C GLU A 10 10.75 -5.89 -6.55
N LYS A 11 9.88 -6.79 -7.00
CA LYS A 11 10.32 -8.05 -7.60
C LYS A 11 10.84 -9.03 -6.55
N VAL A 12 10.96 -8.59 -5.30
CA VAL A 12 11.44 -9.45 -4.23
C VAL A 12 10.28 -9.98 -3.42
N SER A 13 10.46 -11.18 -2.91
CA SER A 13 9.42 -11.80 -2.10
C SER A 13 9.84 -11.89 -0.65
N GLY A 14 9.15 -11.15 0.20
CA GLY A 14 9.46 -11.16 1.62
C GLY A 14 8.22 -11.34 2.46
N ILE A 15 8.10 -10.52 3.50
CA ILE A 15 6.96 -10.58 4.39
C ILE A 15 6.43 -9.19 4.70
N ILE A 16 5.11 -9.05 4.66
CA ILE A 16 4.49 -7.80 5.02
C ILE A 16 3.97 -7.96 6.43
N ALA A 17 4.11 -6.95 7.24
CA ALA A 17 3.65 -7.07 8.60
C ALA A 17 3.19 -5.73 9.16
N ILE A 18 1.92 -5.69 9.50
CA ILE A 18 1.28 -4.50 10.03
C ILE A 18 1.47 -4.37 11.53
N ASN A 19 1.67 -3.14 11.98
CA ASN A 19 1.86 -2.86 13.40
C ASN A 19 0.79 -1.90 13.90
N GLU A 20 -0.30 -2.46 14.42
CA GLU A 20 -1.41 -1.65 14.93
C GLU A 20 -1.12 -1.15 16.35
N ASP A 21 0.06 -1.50 16.89
CA ASP A 21 0.44 -1.07 18.23
C ASP A 21 1.02 0.34 18.22
N VAL A 22 1.08 0.96 17.04
CA VAL A 22 1.61 2.31 16.92
C VAL A 22 0.49 3.33 16.79
N SER A 23 0.83 4.53 16.31
CA SER A 23 -0.14 5.58 16.13
C SER A 23 0.50 6.79 15.45
N PRO A 24 0.28 6.96 14.13
CA PRO A 24 -0.56 6.05 13.33
C PRO A 24 0.10 4.69 13.11
N ALA A 25 -0.70 3.72 12.65
CA ALA A 25 -0.19 2.38 12.40
C ALA A 25 0.94 2.40 11.39
N GLU A 26 1.51 1.23 11.14
CA GLU A 26 2.60 1.10 10.18
C GLU A 26 2.81 -0.35 9.77
N LEU A 27 2.99 -0.57 8.48
CA LEU A 27 3.23 -1.91 7.96
C LEU A 27 4.69 -2.01 7.52
N THR A 28 5.28 -3.19 7.66
CA THR A 28 6.69 -3.38 7.29
C THR A 28 6.91 -4.62 6.44
N TRP A 29 7.32 -4.40 5.19
CA TRP A 29 7.60 -5.50 4.28
C TRP A 29 9.07 -5.85 4.37
N ARG A 30 9.37 -7.01 4.93
CA ARG A 30 10.76 -7.46 5.06
C ARG A 30 11.04 -8.63 4.14
N SER A 31 12.14 -8.55 3.39
CA SER A 31 12.51 -9.62 2.47
C SER A 31 12.48 -10.97 3.18
N THR A 32 12.38 -12.05 2.41
CA THR A 32 12.35 -13.39 2.98
C THR A 32 13.74 -13.78 3.44
N ASP A 33 14.73 -13.37 2.66
CA ASP A 33 16.12 -13.65 2.97
C ASP A 33 16.69 -12.63 3.95
N GLY A 34 15.99 -11.51 4.11
CA GLY A 34 16.44 -10.47 5.01
C GLY A 34 17.42 -9.52 4.35
N ASP A 35 17.21 -9.26 3.06
CA ASP A 35 18.08 -8.37 2.31
C ASP A 35 17.65 -6.90 2.46
N LYS A 36 16.37 -6.70 2.76
CA LYS A 36 15.85 -5.35 2.92
C LYS A 36 14.39 -5.38 3.34
N VAL A 37 13.92 -4.24 3.84
CA VAL A 37 12.56 -4.11 4.32
C VAL A 37 12.02 -2.71 4.03
N HIS A 38 10.72 -2.63 3.77
CA HIS A 38 10.07 -1.35 3.49
C HIS A 38 8.96 -1.08 4.50
N THR A 39 9.09 0.02 5.24
CA THR A 39 8.10 0.38 6.25
C THR A 39 7.09 1.38 5.68
N VAL A 40 5.82 1.22 6.05
CA VAL A 40 4.76 2.10 5.57
C VAL A 40 3.92 2.62 6.72
N VAL A 41 3.55 3.89 6.64
CA VAL A 41 2.70 4.51 7.64
C VAL A 41 1.29 4.64 7.08
N LEU A 42 0.44 3.67 7.41
CA LEU A 42 -0.94 3.64 6.94
C LEU A 42 -1.59 5.03 6.97
N SER A 43 -1.08 5.90 7.84
CA SER A 43 -1.61 7.26 7.96
C SER A 43 -1.11 8.11 6.81
N THR A 44 0.19 8.06 6.57
CA THR A 44 0.79 8.80 5.49
C THR A 44 0.25 8.27 4.17
N ILE A 45 -0.13 7.00 4.17
CA ILE A 45 -0.69 6.37 2.99
C ILE A 45 -1.90 7.15 2.49
N ASP A 46 -1.78 7.77 1.32
CA ASP A 46 -2.87 8.54 0.74
C ASP A 46 -4.15 7.71 0.68
N LYS A 47 -4.00 6.42 0.42
CA LYS A 47 -5.13 5.51 0.34
C LYS A 47 -4.67 4.06 0.23
N LEU A 48 -5.60 3.13 0.40
CA LEU A 48 -5.28 1.71 0.33
C LEU A 48 -5.87 1.09 -0.93
N GLN A 49 -5.00 0.55 -1.79
CA GLN A 49 -5.43 -0.08 -3.03
C GLN A 49 -5.13 -1.57 -3.00
N ALA A 50 -5.99 -2.37 -3.62
CA ALA A 50 -5.79 -3.81 -3.65
C ALA A 50 -6.54 -4.44 -4.83
N THR A 51 -6.01 -5.55 -5.33
CA THR A 51 -6.63 -6.24 -6.46
C THR A 51 -8.09 -6.60 -6.17
N PRO A 52 -8.99 -6.37 -7.15
CA PRO A 52 -10.41 -6.68 -6.98
C PRO A 52 -10.70 -8.18 -6.99
N ALA A 53 -11.88 -8.56 -6.52
CA ALA A 53 -12.27 -9.95 -6.47
C ALA A 53 -12.20 -10.61 -7.85
N SER A 54 -12.31 -9.80 -8.89
CA SER A 54 -12.26 -10.30 -10.26
C SER A 54 -10.82 -10.24 -10.81
N SER A 55 -9.85 -10.14 -9.91
CA SER A 55 -8.45 -10.08 -10.30
C SER A 55 -7.86 -11.47 -10.43
N GLU A 56 -7.32 -11.76 -11.61
CA GLU A 56 -6.69 -13.05 -11.86
C GLU A 56 -5.55 -13.29 -10.88
N LYS A 57 -5.08 -12.21 -10.26
CA LYS A 57 -4.00 -12.29 -9.28
C LYS A 57 -4.33 -11.45 -8.05
N MET A 58 -3.56 -11.65 -6.98
CA MET A 58 -3.77 -10.93 -5.74
C MET A 58 -2.63 -9.96 -5.46
N MET A 59 -2.97 -8.69 -5.27
CA MET A 59 -1.97 -7.66 -5.01
C MET A 59 -2.54 -6.54 -4.14
N LEU A 60 -1.74 -6.08 -3.18
CA LEU A 60 -2.15 -4.99 -2.31
C LEU A 60 -1.22 -3.80 -2.49
N ARG A 61 -1.76 -2.59 -2.41
CA ARG A 61 -0.96 -1.39 -2.58
C ARG A 61 -1.43 -0.25 -1.68
N LEU A 62 -0.49 0.61 -1.29
CA LEU A 62 -0.81 1.77 -0.46
C LEU A 62 -0.23 3.03 -1.10
N ILE A 63 -1.10 3.96 -1.44
CA ILE A 63 -0.66 5.21 -2.07
C ILE A 63 -0.05 6.16 -1.04
N GLY A 64 0.79 7.06 -1.50
CA GLY A 64 1.42 8.02 -0.60
C GLY A 64 1.05 9.45 -0.91
N LYS A 65 1.06 10.30 0.11
CA LYS A 65 0.73 11.70 -0.06
C LYS A 65 1.88 12.47 -0.71
N VAL A 66 1.64 12.98 -1.91
CA VAL A 66 2.66 13.73 -2.64
C VAL A 66 2.61 15.22 -2.28
N ASP A 67 3.70 15.92 -2.55
CA ASP A 67 3.78 17.35 -2.27
C ASP A 67 3.57 18.17 -3.53
N GLU A 68 2.33 18.21 -4.00
CA GLU A 68 1.99 18.97 -5.21
C GLU A 68 2.44 20.42 -5.10
N SER A 69 2.58 20.89 -3.87
CA SER A 69 3.00 22.27 -3.62
C SER A 69 4.42 22.50 -4.14
N LYS A 70 5.17 21.43 -4.29
CA LYS A 70 6.54 21.52 -4.79
C LYS A 70 6.56 22.06 -6.21
N LYS A 71 5.97 21.32 -7.14
CA LYS A 71 5.92 21.73 -8.54
C LYS A 71 7.33 21.81 -9.12
N ARG A 72 7.76 20.72 -9.76
CA ARG A 72 9.08 20.66 -10.37
C ARG A 72 9.00 20.95 -11.87
N LYS A 73 9.83 21.88 -12.33
CA LYS A 73 9.85 22.24 -13.75
C LYS A 73 10.57 21.17 -14.56
N ASP A 74 10.22 21.08 -15.84
CA ASP A 74 10.82 20.10 -16.73
C ASP A 74 11.92 20.74 -17.58
N ASN A 75 11.63 21.94 -18.07
CA ASN A 75 12.58 22.67 -18.91
C ASN A 75 11.91 23.86 -19.58
N GLU A 76 10.61 23.73 -19.85
CA GLU A 76 9.86 24.80 -20.50
C GLU A 76 9.02 25.58 -19.50
N GLY A 77 9.40 25.50 -18.22
CA GLY A 77 8.66 26.21 -17.19
C GLY A 77 7.19 25.88 -17.19
N ASN A 78 6.86 24.63 -17.50
CA ASN A 78 5.46 24.19 -17.54
C ASN A 78 4.99 23.67 -16.18
N GLU A 79 5.88 23.70 -15.20
CA GLU A 79 5.56 23.24 -13.86
C GLU A 79 5.02 21.81 -13.87
N VAL A 80 5.80 20.88 -13.35
CA VAL A 80 5.39 19.48 -13.30
C VAL A 80 5.17 19.01 -11.87
N VAL A 81 4.06 18.32 -11.64
CA VAL A 81 3.73 17.80 -10.31
C VAL A 81 3.94 16.29 -10.26
N PRO A 82 5.18 15.83 -9.98
CA PRO A 82 5.50 14.41 -9.92
C PRO A 82 4.46 13.60 -9.15
N LYS A 83 4.15 12.41 -9.66
CA LYS A 83 3.17 11.54 -9.03
C LYS A 83 3.57 11.20 -7.60
N PRO A 84 2.61 10.67 -6.82
CA PRO A 84 2.82 10.30 -5.43
C PRO A 84 3.49 8.95 -5.27
N GLN A 85 4.11 8.72 -4.12
CA GLN A 85 4.79 7.47 -3.85
C GLN A 85 3.82 6.41 -3.34
N ARG A 86 3.67 5.34 -4.09
CA ARG A 86 2.77 4.25 -3.71
C ARG A 86 3.54 2.97 -3.44
N HIS A 87 3.12 2.22 -2.42
CA HIS A 87 3.78 0.98 -2.07
C HIS A 87 3.02 -0.21 -2.65
N MET A 88 3.63 -0.88 -3.62
CA MET A 88 3.01 -2.01 -4.27
C MET A 88 3.44 -3.33 -3.63
N PHE A 89 2.46 -4.20 -3.40
CA PHE A 89 2.74 -5.50 -2.80
C PHE A 89 1.96 -6.60 -3.53
N SER A 90 2.70 -7.52 -4.14
CA SER A 90 2.08 -8.62 -4.87
C SER A 90 1.90 -9.83 -3.97
N PHE A 91 0.65 -10.19 -3.71
CA PHE A 91 0.34 -11.32 -2.86
C PHE A 91 0.25 -12.62 -3.64
N ASN A 92 0.84 -13.68 -3.09
CA ASN A 92 0.81 -14.98 -3.72
C ASN A 92 -0.23 -15.88 -3.05
N ASN A 93 -1.26 -15.24 -2.50
CA ASN A 93 -2.32 -15.96 -1.81
C ASN A 93 -3.43 -15.00 -1.38
N ARG A 94 -4.60 -15.14 -1.99
CA ARG A 94 -5.73 -14.28 -1.66
C ARG A 94 -6.06 -14.35 -0.18
N THR A 95 -5.58 -15.40 0.48
CA THR A 95 -5.81 -15.58 1.88
C THR A 95 -5.02 -14.56 2.70
N VAL A 96 -3.74 -14.42 2.38
CA VAL A 96 -2.90 -13.46 3.07
C VAL A 96 -3.37 -12.04 2.75
N MET A 97 -3.63 -11.80 1.47
CA MET A 97 -4.10 -10.50 1.02
C MET A 97 -5.46 -10.21 1.64
N ASP A 98 -6.29 -11.25 1.76
CA ASP A 98 -7.61 -11.11 2.35
C ASP A 98 -7.48 -10.63 3.79
N ASN A 99 -6.40 -11.05 4.44
CA ASN A 99 -6.12 -10.67 5.82
C ASN A 99 -5.49 -9.28 5.87
N ILE A 100 -4.38 -9.12 5.14
CA ILE A 100 -3.68 -7.85 5.09
C ILE A 100 -4.60 -6.73 4.63
N LYS A 101 -5.13 -6.87 3.42
CA LYS A 101 -6.03 -5.88 2.84
C LYS A 101 -7.16 -5.54 3.81
N MET A 102 -7.65 -6.54 4.53
CA MET A 102 -8.74 -6.34 5.48
C MET A 102 -8.22 -5.78 6.80
N THR A 103 -6.97 -6.08 7.12
CA THR A 103 -6.40 -5.60 8.36
C THR A 103 -5.91 -4.16 8.18
N LEU A 104 -5.48 -3.83 6.97
CA LEU A 104 -5.01 -2.49 6.66
C LEU A 104 -6.16 -1.50 6.79
N GLN A 105 -7.25 -1.75 6.07
CA GLN A 105 -8.42 -0.88 6.11
C GLN A 105 -9.02 -0.86 7.51
N GLN A 106 -8.98 -2.00 8.20
CA GLN A 106 -9.53 -2.08 9.55
C GLN A 106 -8.96 -0.95 10.41
N ILE A 107 -7.69 -0.64 10.16
CA ILE A 107 -7.01 0.43 10.87
C ILE A 107 -7.27 1.76 10.18
N ILE A 108 -7.02 1.79 8.87
CA ILE A 108 -7.23 3.00 8.06
C ILE A 108 -8.55 3.67 8.43
N SER A 109 -9.62 2.93 8.30
CA SER A 109 -10.96 3.43 8.62
C SER A 109 -10.96 4.15 9.97
N ARG A 110 -10.04 3.77 10.84
CA ARG A 110 -9.93 4.38 12.15
C ARG A 110 -9.33 5.78 12.08
N TYR A 111 -8.57 6.04 11.02
CA TYR A 111 -7.95 7.36 10.83
C TYR A 111 -8.99 8.34 10.36
N LYS A 112 -9.93 7.85 9.56
CA LYS A 112 -11.02 8.66 9.04
C LYS A 112 -12.08 8.75 10.11
N ASP A 113 -12.33 7.59 10.70
CA ASP A 113 -13.29 7.48 11.78
C ASP A 113 -12.82 8.35 12.94
N ALA A 114 -11.51 8.46 13.08
CA ALA A 114 -10.92 9.27 14.12
C ALA A 114 -10.65 10.69 13.62
N ASP A 115 -10.61 10.85 12.29
CA ASP A 115 -10.36 12.15 11.69
C ASP A 115 -11.32 13.21 12.25
N ASP B 22 12.25 -9.33 -13.91
CA ASP B 22 10.95 -10.04 -13.95
C ASP B 22 9.87 -9.17 -14.58
N LEU B 23 9.60 -9.38 -15.87
CA LEU B 23 8.59 -8.62 -16.58
C LEU B 23 7.56 -9.54 -17.22
N GLU B 24 6.75 -10.18 -16.39
CA GLU B 24 5.72 -11.09 -16.87
C GLU B 24 4.44 -10.35 -17.20
N VAL B 25 4.55 -9.31 -18.03
CA VAL B 25 3.40 -8.50 -18.43
C VAL B 25 2.48 -8.20 -17.24
N LEU B 26 3.02 -7.52 -16.25
CA LEU B 26 2.26 -7.16 -15.06
C LEU B 26 1.03 -6.32 -15.43
N SER B 27 -0.01 -6.43 -14.61
CA SER B 27 -1.25 -5.69 -14.85
C SER B 27 -1.57 -4.81 -13.65
N GLU B 28 -0.78 -3.76 -13.46
CA GLU B 28 -0.98 -2.84 -12.34
C GLU B 28 -1.87 -1.67 -12.73
N GLU B 29 -2.61 -1.86 -13.81
CA GLU B 29 -3.53 -0.82 -14.30
C GLU B 29 -4.98 -1.18 -13.99
N LEU B 30 -5.18 -2.27 -13.25
CA LEU B 30 -6.53 -2.70 -12.89
C LEU B 30 -6.71 -2.73 -11.37
N PHE B 31 -5.86 -2.01 -10.65
CA PHE B 31 -5.92 -1.96 -9.20
C PHE B 31 -7.18 -1.24 -8.74
N GLU B 32 -7.90 -1.85 -7.80
CA GLU B 32 -9.13 -1.26 -7.27
C GLU B 32 -8.91 -0.75 -5.85
N ASP B 33 -9.25 0.51 -5.63
CA ASP B 33 -9.09 1.13 -4.32
C ASP B 33 -10.12 0.58 -3.33
N VAL B 34 -9.64 -0.16 -2.33
CA VAL B 34 -10.52 -0.74 -1.32
C VAL B 34 -11.30 0.35 -0.59
N PRO B 35 -12.53 0.04 -0.15
CA PRO B 35 -13.38 1.00 0.58
C PRO B 35 -12.85 1.30 1.97
N THR B 36 -12.84 2.59 2.32
CA THR B 36 -12.38 3.01 3.63
C THR B 36 -13.39 3.94 4.30
N LYS B 37 -13.94 3.50 5.44
CA LYS B 37 -14.91 4.29 6.17
C LYS B 37 -15.38 3.55 7.41
N SER B 38 -14.99 4.06 8.58
CA SER B 38 -15.37 3.45 9.85
C SER B 38 -14.85 2.01 9.95
N GLN B 39 -14.60 1.56 11.17
CA GLN B 39 -14.11 0.22 11.41
C GLN B 39 -15.27 -0.77 11.59
N ILE B 40 -15.88 -1.17 10.48
CA ILE B 40 -17.01 -2.10 10.52
C ILE B 40 -16.60 -3.47 9.98
N SER B 41 -15.52 -3.50 9.20
CA SER B 41 -15.03 -4.76 8.63
C SER B 41 -13.57 -4.63 8.22
N PRO A 1 -3.57 -14.47 12.01
CA PRO A 1 -2.56 -13.57 11.37
C PRO A 1 -3.23 -12.50 10.51
N SER A 2 -3.53 -11.37 11.12
CA SER A 2 -4.17 -10.27 10.41
C SER A 2 -3.18 -9.13 10.17
N HIS A 3 -2.30 -8.89 11.15
CA HIS A 3 -1.29 -7.84 11.05
C HIS A 3 0.01 -8.39 10.46
N SER A 4 -0.10 -9.46 9.68
CA SER A 4 1.08 -10.06 9.06
C SER A 4 0.70 -10.89 7.84
N GLY A 5 1.44 -10.69 6.76
CA GLY A 5 1.20 -11.40 5.51
C GLY A 5 2.32 -11.16 4.53
N ALA A 6 2.73 -12.21 3.83
CA ALA A 6 3.83 -12.09 2.88
C ALA A 6 3.39 -11.49 1.55
N ALA A 7 4.26 -10.66 0.98
CA ALA A 7 3.98 -10.00 -0.29
C ALA A 7 5.27 -9.63 -1.02
N ILE A 8 5.13 -9.19 -2.27
CA ILE A 8 6.29 -8.81 -3.08
C ILE A 8 6.50 -7.30 -3.09
N PHE A 9 7.72 -6.87 -2.76
CA PHE A 9 8.04 -5.45 -2.75
C PHE A 9 9.27 -5.15 -3.59
N GLU A 10 9.05 -4.52 -4.75
CA GLU A 10 10.13 -4.14 -5.66
C GLU A 10 10.79 -5.38 -6.27
N LYS A 11 9.97 -6.24 -6.88
CA LYS A 11 10.46 -7.46 -7.51
C LYS A 11 11.01 -8.45 -6.48
N VAL A 12 10.99 -8.09 -5.20
CA VAL A 12 11.49 -8.98 -4.16
C VAL A 12 10.34 -9.59 -3.40
N SER A 13 10.58 -10.77 -2.87
CA SER A 13 9.55 -11.48 -2.11
C SER A 13 9.96 -11.61 -0.65
N GLY A 14 9.18 -10.98 0.22
CA GLY A 14 9.46 -11.04 1.64
C GLY A 14 8.19 -11.21 2.45
N ILE A 15 8.12 -10.51 3.57
CA ILE A 15 6.96 -10.58 4.44
C ILE A 15 6.44 -9.21 4.77
N ILE A 16 5.13 -9.05 4.70
CA ILE A 16 4.51 -7.80 5.05
C ILE A 16 3.95 -7.99 6.45
N ALA A 17 4.06 -6.99 7.28
CA ALA A 17 3.58 -7.14 8.64
C ALA A 17 3.15 -5.80 9.22
N ILE A 18 1.87 -5.75 9.54
CA ILE A 18 1.25 -4.55 10.09
C ILE A 18 1.52 -4.39 11.58
N ASN A 19 1.72 -3.15 11.99
CA ASN A 19 1.96 -2.83 13.40
C ASN A 19 0.87 -1.91 13.92
N GLU A 20 -0.18 -2.51 14.49
CA GLU A 20 -1.29 -1.74 15.04
C GLU A 20 -0.97 -1.21 16.44
N ASP A 21 0.21 -1.53 16.94
CA ASP A 21 0.63 -1.09 18.27
C ASP A 21 1.20 0.33 18.23
N VAL A 22 1.21 0.93 17.03
CA VAL A 22 1.73 2.28 16.87
C VAL A 22 0.59 3.29 16.74
N SER A 23 0.91 4.47 16.25
CA SER A 23 -0.09 5.53 16.07
C SER A 23 0.54 6.72 15.36
N PRO A 24 0.28 6.87 14.04
CA PRO A 24 -0.55 5.94 13.26
C PRO A 24 0.11 4.59 13.03
N ALA A 25 -0.68 3.61 12.61
CA ALA A 25 -0.17 2.27 12.34
C ALA A 25 0.94 2.29 11.30
N GLU A 26 1.51 1.12 11.04
CA GLU A 26 2.58 0.99 10.06
C GLU A 26 2.79 -0.45 9.65
N LEU A 27 2.97 -0.68 8.35
CA LEU A 27 3.21 -2.03 7.85
C LEU A 27 4.66 -2.15 7.41
N THR A 28 5.34 -3.19 7.89
CA THR A 28 6.76 -3.40 7.56
C THR A 28 6.97 -4.61 6.67
N TRP A 29 7.41 -4.38 5.44
CA TRP A 29 7.68 -5.44 4.50
C TRP A 29 9.15 -5.85 4.59
N ARG A 30 9.40 -7.04 5.11
CA ARG A 30 10.77 -7.53 5.26
C ARG A 30 11.06 -8.63 4.26
N SER A 31 12.13 -8.47 3.48
CA SER A 31 12.50 -9.48 2.49
C SER A 31 12.52 -10.87 3.12
N THR A 32 12.37 -11.90 2.29
CA THR A 32 12.37 -13.27 2.78
C THR A 32 13.77 -13.65 3.20
N ASP A 33 14.73 -13.18 2.41
CA ASP A 33 16.13 -13.44 2.67
C ASP A 33 16.67 -12.54 3.78
N GLY A 34 15.87 -11.55 4.17
CA GLY A 34 16.30 -10.63 5.21
C GLY A 34 17.42 -9.72 4.76
N ASP A 35 17.30 -9.21 3.53
CA ASP A 35 18.31 -8.33 2.98
C ASP A 35 17.87 -6.87 3.04
N LYS A 36 16.56 -6.65 3.11
CA LYS A 36 16.02 -5.31 3.17
C LYS A 36 14.54 -5.31 3.53
N VAL A 37 14.10 -4.21 4.11
CA VAL A 37 12.72 -4.06 4.55
C VAL A 37 12.21 -2.64 4.29
N HIS A 38 10.89 -2.52 4.16
CA HIS A 38 10.28 -1.22 3.91
C HIS A 38 9.12 -0.99 4.88
N THR A 39 9.19 0.08 5.65
CA THR A 39 8.14 0.40 6.61
C THR A 39 7.16 1.41 6.03
N VAL A 40 5.88 1.07 6.09
CA VAL A 40 4.83 1.94 5.57
C VAL A 40 3.95 2.47 6.70
N VAL A 41 3.59 3.75 6.60
CA VAL A 41 2.72 4.36 7.59
C VAL A 41 1.32 4.51 6.99
N LEU A 42 0.45 3.54 7.30
CA LEU A 42 -0.91 3.52 6.78
C LEU A 42 -1.55 4.92 6.82
N SER A 43 -1.07 5.77 7.72
CA SER A 43 -1.58 7.12 7.85
C SER A 43 -1.06 7.99 6.71
N THR A 44 0.26 7.92 6.50
CA THR A 44 0.87 8.66 5.43
C THR A 44 0.36 8.14 4.10
N ILE A 45 -0.03 6.86 4.09
CA ILE A 45 -0.57 6.24 2.89
C ILE A 45 -1.78 7.02 2.39
N ASP A 46 -1.61 7.73 1.27
CA ASP A 46 -2.70 8.52 0.69
C ASP A 46 -3.98 7.70 0.59
N LYS A 47 -3.83 6.41 0.33
CA LYS A 47 -4.98 5.51 0.20
C LYS A 47 -4.53 4.06 0.10
N LEU A 48 -5.47 3.14 0.29
CA LEU A 48 -5.17 1.71 0.22
C LEU A 48 -5.78 1.09 -1.03
N GLN A 49 -4.94 0.55 -1.90
CA GLN A 49 -5.40 -0.09 -3.13
C GLN A 49 -5.09 -1.59 -3.10
N ALA A 50 -5.95 -2.38 -3.72
CA ALA A 50 -5.75 -3.82 -3.76
C ALA A 50 -6.49 -4.44 -4.94
N THR A 51 -5.95 -5.54 -5.49
CA THR A 51 -6.59 -6.21 -6.62
C THR A 51 -8.04 -6.55 -6.30
N PRO A 52 -8.95 -6.36 -7.27
CA PRO A 52 -10.38 -6.65 -7.07
C PRO A 52 -10.67 -8.14 -6.96
N ALA A 53 -11.84 -8.47 -6.44
CA ALA A 53 -12.24 -9.87 -6.26
C ALA A 53 -12.43 -10.56 -7.61
N SER A 54 -12.85 -9.80 -8.61
CA SER A 54 -13.06 -10.34 -9.95
C SER A 54 -11.74 -10.67 -10.62
N SER A 55 -10.66 -10.06 -10.13
CA SER A 55 -9.33 -10.29 -10.67
C SER A 55 -8.61 -11.38 -9.88
N GLU A 56 -8.32 -12.49 -10.55
CA GLU A 56 -7.62 -13.60 -9.92
C GLU A 56 -6.30 -13.13 -9.32
N LYS A 57 -5.82 -11.98 -9.76
CA LYS A 57 -4.57 -11.43 -9.27
C LYS A 57 -4.71 -10.99 -7.81
N MET A 58 -3.78 -11.46 -6.97
CA MET A 58 -3.80 -11.13 -5.55
C MET A 58 -2.65 -10.17 -5.22
N MET A 59 -2.97 -8.88 -5.13
CA MET A 59 -1.96 -7.87 -4.83
C MET A 59 -2.55 -6.69 -4.07
N LEU A 60 -1.78 -6.15 -3.13
CA LEU A 60 -2.21 -5.00 -2.35
C LEU A 60 -1.23 -3.85 -2.52
N ARG A 61 -1.75 -2.63 -2.53
CA ARG A 61 -0.92 -1.44 -2.70
C ARG A 61 -1.36 -0.30 -1.78
N LEU A 62 -0.41 0.54 -1.39
CA LEU A 62 -0.69 1.69 -0.54
C LEU A 62 -0.12 2.96 -1.17
N ILE A 63 -1.00 3.90 -1.50
CA ILE A 63 -0.57 5.15 -2.11
C ILE A 63 0.04 6.08 -1.08
N GLY A 64 0.88 7.01 -1.54
CA GLY A 64 1.52 7.94 -0.63
C GLY A 64 1.16 9.38 -0.93
N LYS A 65 0.93 10.16 0.13
CA LYS A 65 0.58 11.57 -0.02
C LYS A 65 1.67 12.33 -0.76
N VAL A 66 1.31 12.97 -1.87
CA VAL A 66 2.26 13.72 -2.67
C VAL A 66 2.14 15.22 -2.39
N ASP A 67 3.19 15.96 -2.72
CA ASP A 67 3.21 17.41 -2.52
C ASP A 67 2.85 18.14 -3.81
N GLU A 68 1.78 17.71 -4.45
CA GLU A 68 1.33 18.32 -5.70
C GLU A 68 1.02 19.81 -5.50
N SER A 69 0.78 20.20 -4.25
CA SER A 69 0.47 21.58 -3.92
C SER A 69 1.60 22.52 -4.34
N LYS A 70 2.79 21.96 -4.51
CA LYS A 70 3.96 22.73 -4.91
C LYS A 70 3.86 23.12 -6.39
N LYS A 71 3.95 22.13 -7.26
CA LYS A 71 3.88 22.37 -8.70
C LYS A 71 5.03 23.25 -9.16
N ARG A 72 6.11 22.63 -9.62
CA ARG A 72 7.27 23.36 -10.09
C ARG A 72 7.28 23.48 -11.61
N LYS A 73 8.18 24.30 -12.14
CA LYS A 73 8.28 24.50 -13.58
C LYS A 73 9.73 24.40 -14.03
N ASP A 74 9.99 24.83 -15.26
CA ASP A 74 11.34 24.79 -15.82
C ASP A 74 11.65 26.07 -16.59
N ASN A 75 12.76 26.07 -17.31
CA ASN A 75 13.18 27.22 -18.09
C ASN A 75 12.12 27.59 -19.12
N GLU A 76 11.26 26.64 -19.47
CA GLU A 76 10.21 26.88 -20.44
C GLU A 76 8.83 26.89 -19.77
N GLY A 77 8.80 27.28 -18.51
CA GLY A 77 7.55 27.34 -17.77
C GLY A 77 6.81 26.02 -17.79
N ASN A 78 7.56 24.92 -17.95
CA ASN A 78 6.96 23.59 -17.98
C ASN A 78 6.28 23.26 -16.66
N GLU A 79 5.99 21.99 -16.45
CA GLU A 79 5.34 21.54 -15.22
C GLU A 79 6.05 20.32 -14.65
N VAL A 80 6.62 20.48 -13.46
CA VAL A 80 7.34 19.39 -12.81
C VAL A 80 6.40 18.53 -11.98
N VAL A 81 5.77 19.15 -10.98
CA VAL A 81 4.84 18.45 -10.10
C VAL A 81 5.37 17.06 -9.72
N PRO A 82 6.03 16.94 -8.57
CA PRO A 82 6.59 15.66 -8.11
C PRO A 82 5.57 14.54 -8.12
N LYS A 83 6.00 13.35 -8.55
CA LYS A 83 5.11 12.20 -8.61
C LYS A 83 4.74 11.71 -7.21
N PRO A 84 3.60 11.02 -7.09
CA PRO A 84 3.10 10.51 -5.82
C PRO A 84 3.70 9.15 -5.46
N GLN A 85 3.76 8.86 -4.16
CA GLN A 85 4.31 7.60 -3.69
C GLN A 85 3.27 6.48 -3.80
N ARG A 86 3.74 5.25 -3.88
CA ARG A 86 2.86 4.09 -3.98
C ARG A 86 3.61 2.80 -3.66
N HIS A 87 3.15 2.09 -2.63
CA HIS A 87 3.79 0.85 -2.24
C HIS A 87 3.08 -0.33 -2.90
N MET A 88 3.76 -0.99 -3.83
CA MET A 88 3.17 -2.11 -4.55
C MET A 88 3.54 -3.42 -3.89
N PHE A 89 2.55 -4.08 -3.30
CA PHE A 89 2.76 -5.36 -2.63
C PHE A 89 2.00 -6.47 -3.34
N SER A 90 2.72 -7.43 -3.90
CA SER A 90 2.11 -8.55 -4.60
C SER A 90 2.08 -9.78 -3.73
N PHE A 91 0.89 -10.23 -3.36
CA PHE A 91 0.73 -11.40 -2.52
C PHE A 91 0.51 -12.66 -3.36
N ASN A 92 1.18 -13.74 -2.97
CA ASN A 92 1.07 -15.01 -3.69
C ASN A 92 -0.01 -15.89 -3.06
N ASN A 93 -1.12 -15.28 -2.68
CA ASN A 93 -2.23 -15.99 -2.05
C ASN A 93 -3.34 -15.02 -1.67
N ARG A 94 -4.49 -15.19 -2.32
CA ARG A 94 -5.63 -14.32 -2.05
C ARG A 94 -6.03 -14.39 -0.58
N THR A 95 -5.55 -15.41 0.12
CA THR A 95 -5.84 -15.56 1.54
C THR A 95 -5.09 -14.53 2.35
N VAL A 96 -3.80 -14.38 2.04
CA VAL A 96 -2.95 -13.41 2.72
C VAL A 96 -3.45 -12.01 2.43
N MET A 97 -3.65 -11.73 1.14
CA MET A 97 -4.14 -10.43 0.71
C MET A 97 -5.53 -10.17 1.28
N ASP A 98 -6.34 -11.23 1.36
CA ASP A 98 -7.69 -11.10 1.89
C ASP A 98 -7.64 -10.84 3.39
N ASN A 99 -6.67 -11.44 4.04
CA ASN A 99 -6.49 -11.29 5.48
C ASN A 99 -5.74 -9.99 5.78
N ILE A 100 -4.92 -9.56 4.83
CA ILE A 100 -4.14 -8.34 4.97
C ILE A 100 -4.95 -7.12 4.54
N LYS A 101 -5.37 -7.13 3.29
CA LYS A 101 -6.16 -6.02 2.73
C LYS A 101 -7.22 -5.55 3.70
N MET A 102 -7.73 -6.49 4.50
CA MET A 102 -8.77 -6.17 5.48
C MET A 102 -8.16 -5.48 6.69
N THR A 103 -6.98 -5.96 7.10
CA THR A 103 -6.29 -5.40 8.24
C THR A 103 -5.97 -3.93 8.00
N LEU A 104 -5.33 -3.65 6.87
CA LEU A 104 -4.98 -2.28 6.52
C LEU A 104 -6.20 -1.37 6.63
N GLN A 105 -7.24 -1.68 5.86
CA GLN A 105 -8.46 -0.89 5.89
C GLN A 105 -9.09 -0.89 7.28
N GLN A 106 -8.95 -2.01 7.99
CA GLN A 106 -9.50 -2.11 9.34
C GLN A 106 -8.94 -1.00 10.21
N ILE A 107 -7.68 -0.67 9.96
CA ILE A 107 -7.00 0.38 10.70
C ILE A 107 -7.26 1.74 10.04
N ILE A 108 -7.05 1.80 8.73
CA ILE A 108 -7.27 3.02 7.96
C ILE A 108 -8.55 3.72 8.38
N SER A 109 -9.64 2.99 8.30
CA SER A 109 -10.96 3.53 8.67
C SER A 109 -10.88 4.27 10.01
N ARG A 110 -9.95 3.86 10.84
CA ARG A 110 -9.76 4.48 12.15
C ARG A 110 -9.14 5.86 12.02
N TYR A 111 -8.40 6.10 10.94
CA TYR A 111 -7.76 7.38 10.71
C TYR A 111 -8.80 8.40 10.26
N LYS A 112 -9.77 7.92 9.49
CA LYS A 112 -10.84 8.78 9.00
C LYS A 112 -11.86 8.91 10.09
N ASP A 113 -12.15 7.78 10.71
CA ASP A 113 -13.07 7.72 11.82
C ASP A 113 -12.54 8.57 12.96
N ALA A 114 -11.23 8.63 13.05
CA ALA A 114 -10.57 9.43 14.08
C ALA A 114 -10.26 10.82 13.57
N ASP A 115 -10.24 10.99 12.24
CA ASP A 115 -9.96 12.28 11.64
C ASP A 115 -10.92 13.34 12.15
N ASP B 22 0.41 -4.19 -20.62
CA ASP B 22 -0.67 -4.75 -21.46
C ASP B 22 -0.35 -6.19 -21.87
N LEU B 23 -0.57 -7.13 -20.96
CA LEU B 23 -0.30 -8.54 -21.25
C LEU B 23 1.17 -8.75 -21.58
N GLU B 24 2.04 -8.48 -20.60
CA GLU B 24 3.47 -8.65 -20.78
C GLU B 24 4.23 -8.36 -19.49
N VAL B 25 4.53 -9.41 -18.73
CA VAL B 25 5.24 -9.26 -17.46
C VAL B 25 4.40 -8.52 -16.44
N LEU B 26 3.70 -9.27 -15.60
CA LEU B 26 2.86 -8.67 -14.56
C LEU B 26 1.72 -7.86 -15.19
N SER B 27 0.58 -7.83 -14.51
CA SER B 27 -0.58 -7.10 -15.00
C SER B 27 -1.21 -6.27 -13.89
N GLU B 28 -0.55 -5.16 -13.55
CA GLU B 28 -1.03 -4.28 -12.50
C GLU B 28 -1.87 -3.14 -13.07
N GLU B 29 -2.34 -3.34 -14.29
CA GLU B 29 -3.17 -2.34 -14.96
C GLU B 29 -4.63 -2.44 -14.54
N LEU B 30 -4.93 -3.36 -13.64
CA LEU B 30 -6.30 -3.55 -13.16
C LEU B 30 -6.37 -3.35 -11.65
N PHE B 31 -5.39 -2.67 -11.08
CA PHE B 31 -5.36 -2.41 -9.65
C PHE B 31 -6.54 -1.55 -9.23
N GLU B 32 -7.34 -2.06 -8.30
CA GLU B 32 -8.50 -1.33 -7.81
C GLU B 32 -8.22 -0.70 -6.46
N ASP B 33 -9.15 0.14 -5.99
CA ASP B 33 -8.99 0.82 -4.71
C ASP B 33 -10.06 0.35 -3.72
N VAL B 34 -9.63 -0.35 -2.68
CA VAL B 34 -10.55 -0.85 -1.65
C VAL B 34 -11.19 0.30 -0.89
N PRO B 35 -12.44 0.10 -0.41
CA PRO B 35 -13.17 1.13 0.34
C PRO B 35 -12.61 1.34 1.74
N THR B 36 -12.84 2.53 2.29
CA THR B 36 -12.36 2.87 3.63
C THR B 36 -13.42 3.64 4.41
N LYS B 37 -13.90 3.06 5.49
CA LYS B 37 -14.91 3.69 6.33
C LYS B 37 -14.46 5.07 6.80
N SER B 38 -15.24 6.10 6.45
CA SER B 38 -14.91 7.46 6.85
C SER B 38 -16.17 8.30 7.02
N GLN B 39 -17.08 8.15 6.08
CA GLN B 39 -18.35 8.88 6.12
C GLN B 39 -19.54 7.93 6.10
N ILE B 40 -20.71 8.44 6.47
CA ILE B 40 -21.92 7.63 6.49
C ILE B 40 -22.55 7.53 5.12
N SER B 41 -22.21 8.47 4.24
CA SER B 41 -22.75 8.48 2.89
C SER B 41 -24.27 8.62 2.91
N PRO A 1 -3.49 -14.10 12.55
CA PRO A 1 -2.76 -13.45 11.42
C PRO A 1 -3.52 -12.24 10.88
N SER A 2 -3.85 -11.31 11.78
CA SER A 2 -4.57 -10.10 11.40
C SER A 2 -3.65 -8.88 11.40
N HIS A 3 -2.35 -9.13 11.26
CA HIS A 3 -1.36 -8.06 11.24
C HIS A 3 -0.08 -8.50 10.54
N SER A 4 -0.21 -9.49 9.66
CA SER A 4 0.96 -9.99 8.93
C SER A 4 0.54 -10.70 7.64
N GLY A 5 1.46 -10.75 6.70
CA GLY A 5 1.20 -11.39 5.42
C GLY A 5 2.34 -11.16 4.45
N ALA A 6 2.70 -12.17 3.70
CA ALA A 6 3.81 -12.06 2.76
C ALA A 6 3.40 -11.44 1.44
N ALA A 7 4.29 -10.62 0.87
CA ALA A 7 4.05 -9.95 -0.39
C ALA A 7 5.36 -9.67 -1.13
N ILE A 8 5.25 -9.21 -2.38
CA ILE A 8 6.44 -8.91 -3.19
C ILE A 8 6.70 -7.41 -3.26
N PHE A 9 7.92 -7.01 -2.91
CA PHE A 9 8.30 -5.61 -2.98
C PHE A 9 9.58 -5.42 -3.80
N GLU A 10 9.42 -4.82 -4.98
CA GLU A 10 10.55 -4.56 -5.87
C GLU A 10 11.15 -5.84 -6.44
N LYS A 11 10.29 -6.70 -6.98
CA LYS A 11 10.72 -7.96 -7.56
C LYS A 11 11.23 -8.95 -6.51
N VAL A 12 11.27 -8.53 -5.25
CA VAL A 12 11.73 -9.39 -4.17
C VAL A 12 10.56 -9.95 -3.40
N SER A 13 10.72 -11.15 -2.88
CA SER A 13 9.67 -11.79 -2.12
C SER A 13 10.06 -11.90 -0.65
N GLY A 14 9.32 -11.19 0.19
CA GLY A 14 9.57 -11.22 1.61
C GLY A 14 8.31 -11.39 2.41
N ILE A 15 8.15 -10.58 3.45
CA ILE A 15 6.98 -10.64 4.30
C ILE A 15 6.46 -9.26 4.63
N ILE A 16 5.15 -9.10 4.56
CA ILE A 16 4.53 -7.85 4.93
C ILE A 16 3.98 -8.04 6.32
N ALA A 17 4.08 -7.02 7.15
CA ALA A 17 3.60 -7.16 8.50
C ALA A 17 3.14 -5.83 9.07
N ILE A 18 1.86 -5.78 9.40
CA ILE A 18 1.25 -4.57 9.93
C ILE A 18 1.43 -4.47 11.44
N ASN A 19 1.63 -3.25 11.91
CA ASN A 19 1.81 -2.98 13.33
C ASN A 19 0.75 -2.00 13.83
N GLU A 20 -0.34 -2.53 14.34
CA GLU A 20 -1.43 -1.72 14.84
C GLU A 20 -1.15 -1.22 16.27
N ASP A 21 0.01 -1.58 16.80
CA ASP A 21 0.39 -1.17 18.14
C ASP A 21 0.97 0.25 18.14
N VAL A 22 1.01 0.86 16.97
CA VAL A 22 1.54 2.23 16.85
C VAL A 22 0.40 3.23 16.74
N SER A 23 0.73 4.43 16.26
CA SER A 23 -0.25 5.49 16.08
C SER A 23 0.38 6.70 15.41
N PRO A 24 0.16 6.88 14.10
CA PRO A 24 -0.66 5.97 13.28
C PRO A 24 0.00 4.61 13.07
N ALA A 25 -0.78 3.64 12.60
CA ALA A 25 -0.26 2.31 12.35
C ALA A 25 0.85 2.33 11.32
N GLU A 26 1.43 1.16 11.06
CA GLU A 26 2.51 1.05 10.09
C GLU A 26 2.72 -0.40 9.68
N LEU A 27 2.93 -0.62 8.38
CA LEU A 27 3.19 -1.96 7.88
C LEU A 27 4.66 -2.08 7.49
N THR A 28 5.23 -3.27 7.61
CA THR A 28 6.63 -3.45 7.29
C THR A 28 6.89 -4.69 6.43
N TRP A 29 7.32 -4.46 5.19
CA TRP A 29 7.63 -5.54 4.28
C TRP A 29 9.11 -5.88 4.38
N ARG A 30 9.41 -7.05 4.93
CA ARG A 30 10.80 -7.48 5.08
C ARG A 30 11.09 -8.66 4.16
N SER A 31 12.22 -8.60 3.46
CA SER A 31 12.60 -9.68 2.55
C SER A 31 12.52 -11.03 3.26
N THR A 32 12.47 -12.11 2.49
CA THR A 32 12.39 -13.44 3.05
C THR A 32 13.75 -13.83 3.60
N ASP A 33 14.78 -13.42 2.90
CA ASP A 33 16.15 -13.71 3.30
C ASP A 33 16.65 -12.69 4.31
N GLY A 34 15.96 -11.55 4.40
CA GLY A 34 16.35 -10.51 5.33
C GLY A 34 17.36 -9.56 4.73
N ASP A 35 17.25 -9.31 3.43
CA ASP A 35 18.16 -8.41 2.74
C ASP A 35 17.73 -6.96 2.89
N LYS A 36 16.44 -6.75 3.06
CA LYS A 36 15.90 -5.41 3.21
C LYS A 36 14.42 -5.44 3.58
N VAL A 37 13.96 -4.31 4.11
CA VAL A 37 12.58 -4.19 4.55
C VAL A 37 12.05 -2.78 4.31
N HIS A 38 10.80 -2.67 3.88
CA HIS A 38 10.17 -1.39 3.62
C HIS A 38 9.03 -1.14 4.59
N THR A 39 9.13 -0.05 5.35
CA THR A 39 8.10 0.31 6.33
C THR A 39 7.13 1.32 5.74
N VAL A 40 5.85 1.16 6.06
CA VAL A 40 4.81 2.05 5.56
C VAL A 40 3.96 2.58 6.71
N VAL A 41 3.60 3.85 6.60
CA VAL A 41 2.75 4.49 7.60
C VAL A 41 1.34 4.63 7.04
N LEU A 42 0.48 3.67 7.36
CA LEU A 42 -0.90 3.66 6.87
C LEU A 42 -1.54 5.05 6.92
N SER A 43 -1.02 5.92 7.80
CA SER A 43 -1.53 7.28 7.93
C SER A 43 -1.03 8.12 6.77
N THR A 44 0.28 8.05 6.51
CA THR A 44 0.88 8.78 5.42
C THR A 44 0.30 8.26 4.11
N ILE A 45 -0.10 6.99 4.12
CA ILE A 45 -0.69 6.37 2.94
C ILE A 45 -1.92 7.15 2.48
N ASP A 46 -1.79 7.86 1.36
CA ASP A 46 -2.89 8.65 0.82
C ASP A 46 -4.16 7.79 0.69
N LYS A 47 -3.98 6.51 0.41
CA LYS A 47 -5.09 5.59 0.26
C LYS A 47 -4.60 4.16 0.14
N LEU A 48 -5.50 3.20 0.31
CA LEU A 48 -5.15 1.79 0.22
C LEU A 48 -5.73 1.16 -1.04
N GLN A 49 -4.86 0.58 -1.87
CA GLN A 49 -5.30 -0.05 -3.10
C GLN A 49 -5.00 -1.55 -3.06
N ALA A 50 -5.91 -2.35 -3.60
CA ALA A 50 -5.74 -3.79 -3.61
C ALA A 50 -6.56 -4.43 -4.71
N THR A 51 -5.99 -5.45 -5.36
CA THR A 51 -6.69 -6.15 -6.45
C THR A 51 -8.08 -6.60 -6.01
N PRO A 52 -9.08 -6.54 -6.91
CA PRO A 52 -10.45 -6.95 -6.60
C PRO A 52 -10.59 -8.47 -6.50
N ALA A 53 -11.69 -8.91 -5.89
CA ALA A 53 -11.95 -10.33 -5.72
C ALA A 53 -12.23 -11.01 -7.07
N SER A 54 -12.82 -10.26 -7.99
CA SER A 54 -13.14 -10.79 -9.31
C SER A 54 -11.87 -11.00 -10.13
N SER A 55 -10.80 -10.31 -9.76
CA SER A 55 -9.52 -10.43 -10.45
C SER A 55 -8.61 -11.41 -9.75
N GLU A 56 -8.26 -12.48 -10.45
CA GLU A 56 -7.37 -13.50 -9.88
C GLU A 56 -6.07 -12.86 -9.42
N LYS A 57 -5.78 -11.67 -9.94
CA LYS A 57 -4.56 -10.95 -9.58
C LYS A 57 -4.54 -10.64 -8.10
N MET A 58 -3.51 -11.12 -7.40
CA MET A 58 -3.38 -10.89 -5.97
C MET A 58 -2.30 -9.86 -5.67
N MET A 59 -2.70 -8.62 -5.44
CA MET A 59 -1.76 -7.54 -5.16
C MET A 59 -2.35 -6.47 -4.25
N LEU A 60 -1.54 -6.01 -3.30
CA LEU A 60 -1.97 -4.96 -2.37
C LEU A 60 -1.05 -3.75 -2.51
N ARG A 61 -1.61 -2.55 -2.45
CA ARG A 61 -0.82 -1.34 -2.60
C ARG A 61 -1.32 -0.22 -1.69
N LEU A 62 -0.40 0.66 -1.31
CA LEU A 62 -0.73 1.81 -0.47
C LEU A 62 -0.19 3.08 -1.10
N ILE A 63 -1.09 4.00 -1.45
CA ILE A 63 -0.69 5.26 -2.06
C ILE A 63 -0.12 6.21 -1.03
N GLY A 64 0.71 7.15 -1.47
CA GLY A 64 1.31 8.11 -0.56
C GLY A 64 0.89 9.54 -0.86
N LYS A 65 1.35 10.48 -0.03
CA LYS A 65 1.01 11.88 -0.22
C LYS A 65 2.17 12.64 -0.87
N VAL A 66 1.90 13.23 -2.03
CA VAL A 66 2.92 13.98 -2.75
C VAL A 66 3.02 15.41 -2.22
N ASP A 67 4.14 16.08 -2.49
CA ASP A 67 4.34 17.44 -2.03
C ASP A 67 4.86 18.34 -3.15
N GLU A 68 4.36 18.11 -4.36
CA GLU A 68 4.77 18.90 -5.52
C GLU A 68 6.28 19.13 -5.53
N SER A 69 7.02 18.19 -4.98
CA SER A 69 8.48 18.29 -4.93
C SER A 69 9.12 17.57 -6.12
N LYS A 70 8.43 16.55 -6.61
CA LYS A 70 8.93 15.78 -7.75
C LYS A 70 9.18 16.69 -8.94
N LYS A 71 8.12 17.04 -9.67
CA LYS A 71 8.23 17.91 -10.83
C LYS A 71 9.22 17.34 -11.84
N ARG A 72 8.73 16.51 -12.76
CA ARG A 72 9.58 15.92 -13.79
C ARG A 72 9.15 16.40 -15.18
N LYS A 73 10.07 17.02 -15.90
CA LYS A 73 9.78 17.53 -17.23
C LYS A 73 9.71 16.39 -18.24
N ASP A 74 8.91 16.57 -19.28
CA ASP A 74 8.77 15.56 -20.32
C ASP A 74 9.66 15.87 -21.52
N ASN A 75 9.40 15.21 -22.64
CA ASN A 75 10.18 15.40 -23.85
C ASN A 75 9.98 16.81 -24.40
N GLU A 76 8.94 17.50 -23.94
CA GLU A 76 8.65 18.85 -24.41
C GLU A 76 8.85 19.87 -23.29
N GLY A 77 9.51 19.47 -22.21
CA GLY A 77 9.74 20.37 -21.10
C GLY A 77 8.46 20.99 -20.57
N ASN A 78 7.41 20.18 -20.49
CA ASN A 78 6.11 20.65 -20.01
C ASN A 78 6.03 20.60 -18.49
N GLU A 79 7.12 20.22 -17.85
CA GLU A 79 7.19 20.14 -16.39
C GLU A 79 5.92 19.53 -15.79
N VAL A 80 5.98 18.23 -15.51
CA VAL A 80 4.84 17.52 -14.94
C VAL A 80 5.09 17.13 -13.49
N VAL A 81 4.00 16.91 -12.76
CA VAL A 81 4.09 16.52 -11.35
C VAL A 81 3.59 15.08 -11.18
N PRO A 82 4.47 14.09 -11.45
CA PRO A 82 4.13 12.67 -11.33
C PRO A 82 3.31 12.36 -10.09
N LYS A 83 2.47 11.34 -10.18
CA LYS A 83 1.62 10.93 -9.08
C LYS A 83 2.40 10.84 -7.77
N PRO A 84 1.67 10.70 -6.65
CA PRO A 84 2.27 10.62 -5.32
C PRO A 84 2.87 9.25 -5.02
N GLN A 85 3.43 9.10 -3.83
CA GLN A 85 4.05 7.84 -3.42
C GLN A 85 3.09 6.67 -3.64
N ARG A 86 3.64 5.46 -3.66
CA ARG A 86 2.83 4.27 -3.86
C ARG A 86 3.61 3.01 -3.51
N HIS A 87 3.14 2.28 -2.50
CA HIS A 87 3.80 1.05 -2.09
C HIS A 87 3.12 -0.15 -2.74
N MET A 88 3.83 -0.80 -3.67
CA MET A 88 3.27 -1.94 -4.38
C MET A 88 3.70 -3.26 -3.74
N PHE A 89 2.72 -4.10 -3.46
CA PHE A 89 2.97 -5.41 -2.85
C PHE A 89 2.22 -6.50 -3.60
N SER A 90 2.95 -7.42 -4.21
CA SER A 90 2.33 -8.51 -4.96
C SER A 90 2.13 -9.72 -4.06
N PHE A 91 0.86 -10.06 -3.83
CA PHE A 91 0.52 -11.20 -2.98
C PHE A 91 0.39 -12.48 -3.80
N ASN A 92 0.92 -13.57 -3.26
CA ASN A 92 0.86 -14.86 -3.93
C ASN A 92 -0.22 -15.74 -3.32
N ASN A 93 -1.31 -15.11 -2.89
CA ASN A 93 -2.42 -15.84 -2.28
C ASN A 93 -3.53 -14.88 -1.86
N ARG A 94 -4.73 -15.13 -2.37
CA ARG A 94 -5.88 -14.30 -2.04
C ARG A 94 -6.17 -14.37 -0.54
N THR A 95 -5.58 -15.35 0.13
CA THR A 95 -5.76 -15.52 1.56
C THR A 95 -5.04 -14.41 2.32
N VAL A 96 -3.76 -14.22 2.00
CA VAL A 96 -2.96 -13.19 2.65
C VAL A 96 -3.63 -11.84 2.46
N MET A 97 -4.06 -11.57 1.23
CA MET A 97 -4.75 -10.31 0.93
C MET A 97 -5.95 -10.16 1.83
N ASP A 98 -6.76 -11.22 1.90
CA ASP A 98 -7.95 -11.20 2.73
C ASP A 98 -7.60 -10.79 4.17
N ASN A 99 -6.40 -11.18 4.58
CA ASN A 99 -5.91 -10.86 5.92
C ASN A 99 -5.32 -9.45 5.97
N ILE A 100 -4.33 -9.21 5.11
CA ILE A 100 -3.67 -7.90 5.05
C ILE A 100 -4.61 -6.79 4.60
N LYS A 101 -5.15 -6.94 3.40
CA LYS A 101 -6.04 -5.94 2.82
C LYS A 101 -7.16 -5.58 3.80
N MET A 102 -7.65 -6.57 4.53
CA MET A 102 -8.72 -6.35 5.49
C MET A 102 -8.19 -5.76 6.78
N THR A 103 -6.93 -6.05 7.09
CA THR A 103 -6.33 -5.54 8.31
C THR A 103 -5.85 -4.11 8.08
N LEU A 104 -5.44 -3.81 6.84
CA LEU A 104 -4.98 -2.47 6.50
C LEU A 104 -6.13 -1.49 6.62
N GLN A 105 -7.21 -1.75 5.88
CA GLN A 105 -8.38 -0.88 5.92
C GLN A 105 -9.01 -0.87 7.31
N GLN A 106 -8.95 -2.01 8.00
CA GLN A 106 -9.52 -2.10 9.35
C GLN A 106 -8.97 -0.98 10.21
N ILE A 107 -7.70 -0.66 9.99
CA ILE A 107 -7.02 0.41 10.72
C ILE A 107 -7.28 1.75 10.03
N ILE A 108 -7.02 1.79 8.73
CA ILE A 108 -7.23 2.99 7.93
C ILE A 108 -8.54 3.66 8.29
N SER A 109 -9.62 2.92 8.15
CA SER A 109 -10.96 3.42 8.47
C SER A 109 -10.98 4.14 9.82
N ARG A 110 -10.05 3.75 10.69
CA ARG A 110 -9.95 4.35 12.01
C ARG A 110 -9.36 5.75 11.94
N TYR A 111 -8.58 6.02 10.90
CA TYR A 111 -7.97 7.33 10.73
C TYR A 111 -9.03 8.33 10.26
N LYS A 112 -9.95 7.83 9.44
CA LYS A 112 -11.04 8.65 8.94
C LYS A 112 -12.12 8.71 10.00
N ASP A 113 -12.36 7.54 10.57
CA ASP A 113 -13.33 7.41 11.64
C ASP A 113 -12.90 8.26 12.82
N ALA A 114 -11.59 8.39 12.97
CA ALA A 114 -11.02 9.19 14.03
C ALA A 114 -10.75 10.62 13.54
N ASP A 115 -10.67 10.79 12.23
CA ASP A 115 -10.42 12.09 11.64
C ASP A 115 -11.42 12.39 10.52
N ASP B 22 8.00 -17.86 -11.91
CA ASP B 22 7.22 -17.33 -13.05
C ASP B 22 6.21 -16.29 -12.59
N LEU B 23 6.58 -15.02 -12.73
CA LEU B 23 5.71 -13.92 -12.33
C LEU B 23 5.37 -13.03 -13.52
N GLU B 24 5.34 -13.62 -14.71
CA GLU B 24 5.04 -12.89 -15.92
C GLU B 24 3.53 -12.81 -16.17
N VAL B 25 2.80 -12.34 -15.15
CA VAL B 25 1.35 -12.21 -15.25
C VAL B 25 0.86 -10.96 -14.54
N LEU B 26 1.61 -9.86 -14.69
CA LEU B 26 1.25 -8.60 -14.06
C LEU B 26 0.11 -7.93 -14.82
N SER B 27 -0.55 -6.98 -14.15
CA SER B 27 -1.67 -6.26 -14.75
C SER B 27 -2.18 -5.17 -13.82
N GLU B 28 -1.71 -3.95 -14.02
CA GLU B 28 -2.12 -2.82 -13.20
C GLU B 28 -3.28 -2.06 -13.82
N GLU B 29 -3.97 -2.73 -14.73
CA GLU B 29 -5.11 -2.14 -15.42
C GLU B 29 -6.42 -2.48 -14.70
N LEU B 30 -6.36 -3.39 -13.73
CA LEU B 30 -7.54 -3.79 -12.98
C LEU B 30 -7.37 -3.52 -11.49
N PHE B 31 -6.43 -2.63 -11.15
CA PHE B 31 -6.18 -2.29 -9.76
C PHE B 31 -7.27 -1.37 -9.22
N GLU B 32 -7.94 -1.81 -8.15
CA GLU B 32 -9.00 -1.02 -7.54
C GLU B 32 -8.58 -0.52 -6.15
N ASP B 33 -9.34 0.41 -5.62
CA ASP B 33 -9.05 0.97 -4.30
C ASP B 33 -10.06 0.49 -3.27
N VAL B 34 -9.59 -0.33 -2.32
CA VAL B 34 -10.45 -0.85 -1.27
C VAL B 34 -11.08 0.29 -0.46
N PRO B 35 -12.42 0.39 -0.46
CA PRO B 35 -13.13 1.44 0.28
C PRO B 35 -12.64 1.59 1.71
N THR B 36 -12.47 2.83 2.15
CA THR B 36 -12.01 3.11 3.50
C THR B 36 -13.01 4.00 4.24
N LYS B 37 -13.58 3.46 5.31
CA LYS B 37 -14.56 4.20 6.11
C LYS B 37 -15.05 3.34 7.28
N SER B 38 -15.71 3.99 8.24
CA SER B 38 -16.24 3.29 9.40
C SER B 38 -17.20 4.19 10.18
N GLN B 39 -18.43 4.31 9.67
CA GLN B 39 -19.44 5.13 10.32
C GLN B 39 -19.94 4.48 11.62
N ILE B 40 -20.96 5.06 12.21
CA ILE B 40 -21.52 4.54 13.45
C ILE B 40 -22.91 3.95 13.23
N SER B 41 -23.56 4.35 12.13
CA SER B 41 -24.89 3.86 11.81
C SER B 41 -24.82 2.46 11.21
N PRO A 1 -2.69 -13.08 12.35
CA PRO A 1 -2.79 -13.46 10.92
C PRO A 1 -3.12 -12.27 10.03
N SER A 2 -3.85 -11.32 10.59
CA SER A 2 -4.25 -10.12 9.86
C SER A 2 -3.15 -9.04 9.96
N HIS A 3 -2.54 -8.95 11.13
CA HIS A 3 -1.47 -7.97 11.37
C HIS A 3 -0.19 -8.34 10.60
N SER A 4 -0.19 -9.50 9.96
CA SER A 4 0.98 -9.94 9.20
C SER A 4 0.57 -10.68 7.93
N GLY A 5 1.48 -10.73 6.97
CA GLY A 5 1.20 -11.40 5.71
C GLY A 5 2.32 -11.15 4.72
N ALA A 6 2.66 -12.17 3.93
CA ALA A 6 3.74 -12.03 2.97
C ALA A 6 3.27 -11.42 1.65
N ALA A 7 4.17 -10.66 1.02
CA ALA A 7 3.87 -10.00 -0.24
C ALA A 7 5.15 -9.71 -1.03
N ILE A 8 5.00 -9.27 -2.28
CA ILE A 8 6.15 -8.96 -3.13
C ILE A 8 6.40 -7.45 -3.21
N PHE A 9 7.61 -7.03 -2.86
CA PHE A 9 7.98 -5.62 -2.93
C PHE A 9 9.20 -5.42 -3.82
N GLU A 10 8.97 -4.84 -4.99
CA GLU A 10 10.04 -4.56 -5.94
C GLU A 10 10.64 -5.83 -6.53
N LYS A 11 9.77 -6.74 -6.98
CA LYS A 11 10.22 -7.99 -7.59
C LYS A 11 10.75 -8.97 -6.54
N VAL A 12 10.85 -8.54 -5.29
CA VAL A 12 11.33 -9.40 -4.22
C VAL A 12 10.18 -9.95 -3.41
N SER A 13 10.36 -11.14 -2.89
CA SER A 13 9.33 -11.77 -2.08
C SER A 13 9.77 -11.89 -0.64
N GLY A 14 9.10 -11.15 0.22
CA GLY A 14 9.41 -11.18 1.63
C GLY A 14 8.19 -11.35 2.49
N ILE A 15 8.07 -10.52 3.52
CA ILE A 15 6.92 -10.58 4.42
C ILE A 15 6.41 -9.21 4.74
N ILE A 16 5.10 -9.05 4.72
CA ILE A 16 4.48 -7.80 5.08
C ILE A 16 3.98 -7.97 6.50
N ALA A 17 4.11 -6.94 7.30
CA ALA A 17 3.68 -7.06 8.69
C ALA A 17 3.25 -5.72 9.25
N ILE A 18 1.98 -5.66 9.63
CA ILE A 18 1.38 -4.47 10.17
C ILE A 18 1.63 -4.32 11.68
N ASN A 19 1.85 -3.09 12.10
CA ASN A 19 2.08 -2.78 13.50
C ASN A 19 0.98 -1.86 14.01
N GLU A 20 -0.07 -2.45 14.57
CA GLU A 20 -1.20 -1.69 15.09
C GLU A 20 -0.93 -1.17 16.51
N ASP A 21 0.25 -1.46 17.03
CA ASP A 21 0.63 -1.02 18.37
C ASP A 21 1.14 0.43 18.34
N VAL A 22 1.14 1.03 17.16
CA VAL A 22 1.61 2.41 17.00
C VAL A 22 0.44 3.36 16.80
N SER A 23 0.74 4.55 16.31
CA SER A 23 -0.29 5.56 16.06
C SER A 23 0.33 6.79 15.39
N PRO A 24 0.13 6.94 14.06
CA PRO A 24 -0.65 6.00 13.24
C PRO A 24 0.07 4.67 13.06
N ALA A 25 -0.69 3.66 12.65
CA ALA A 25 -0.14 2.32 12.42
C ALA A 25 0.98 2.35 11.40
N GLU A 26 1.55 1.19 11.12
CA GLU A 26 2.62 1.08 10.15
C GLU A 26 2.83 -0.37 9.73
N LEU A 27 2.98 -0.60 8.43
CA LEU A 27 3.22 -1.94 7.90
C LEU A 27 4.67 -2.05 7.44
N THR A 28 5.30 -3.18 7.74
CA THR A 28 6.71 -3.36 7.37
C THR A 28 6.93 -4.60 6.51
N TRP A 29 7.31 -4.38 5.25
CA TRP A 29 7.58 -5.47 4.33
C TRP A 29 9.05 -5.82 4.39
N ARG A 30 9.37 -6.98 4.94
CA ARG A 30 10.76 -7.42 5.03
C ARG A 30 11.02 -8.62 4.13
N SER A 31 12.12 -8.56 3.37
CA SER A 31 12.46 -9.65 2.47
C SER A 31 12.43 -10.99 3.19
N THR A 32 12.36 -12.07 2.43
CA THR A 32 12.32 -13.40 3.01
C THR A 32 13.71 -13.78 3.50
N ASP A 33 14.71 -13.38 2.73
CA ASP A 33 16.09 -13.67 3.06
C ASP A 33 16.64 -12.63 4.05
N GLY A 34 15.92 -11.51 4.19
CA GLY A 34 16.37 -10.48 5.10
C GLY A 34 17.34 -9.51 4.46
N ASP A 35 17.16 -9.27 3.17
CA ASP A 35 18.04 -8.36 2.43
C ASP A 35 17.60 -6.91 2.57
N LYS A 36 16.32 -6.71 2.83
CA LYS A 36 15.78 -5.36 2.98
C LYS A 36 14.33 -5.39 3.45
N VAL A 37 13.88 -4.26 3.97
CA VAL A 37 12.54 -4.12 4.48
C VAL A 37 11.99 -2.71 4.24
N HIS A 38 10.72 -2.63 3.87
CA HIS A 38 10.09 -1.34 3.61
C HIS A 38 8.97 -1.07 4.61
N THR A 39 9.09 0.03 5.35
CA THR A 39 8.10 0.39 6.35
C THR A 39 7.11 1.41 5.78
N VAL A 40 5.82 1.18 6.04
CA VAL A 40 4.78 2.06 5.55
C VAL A 40 3.94 2.62 6.69
N VAL A 41 3.57 3.88 6.58
CA VAL A 41 2.73 4.52 7.58
C VAL A 41 1.31 4.64 7.03
N LEU A 42 0.46 3.68 7.37
CA LEU A 42 -0.92 3.66 6.89
C LEU A 42 -1.57 5.05 6.94
N SER A 43 -1.05 5.92 7.78
CA SER A 43 -1.58 7.28 7.90
C SER A 43 -1.09 8.12 6.73
N THR A 44 0.22 8.05 6.47
CA THR A 44 0.80 8.78 5.37
C THR A 44 0.24 8.23 4.07
N ILE A 45 -0.17 6.97 4.08
CA ILE A 45 -0.74 6.33 2.91
C ILE A 45 -1.95 7.12 2.41
N ASP A 46 -1.80 7.79 1.28
CA ASP A 46 -2.88 8.58 0.70
C ASP A 46 -4.15 7.73 0.54
N LYS A 47 -3.97 6.44 0.31
CA LYS A 47 -5.09 5.53 0.14
C LYS A 47 -4.61 4.08 0.07
N LEU A 48 -5.54 3.16 0.27
CA LEU A 48 -5.22 1.73 0.24
C LEU A 48 -5.81 1.08 -1.02
N GLN A 49 -4.95 0.57 -1.89
CA GLN A 49 -5.40 -0.07 -3.12
C GLN A 49 -5.10 -1.57 -3.08
N ALA A 50 -5.98 -2.36 -3.70
CA ALA A 50 -5.80 -3.79 -3.71
C ALA A 50 -6.54 -4.43 -4.89
N THR A 51 -6.00 -5.53 -5.42
CA THR A 51 -6.62 -6.21 -6.55
C THR A 51 -8.03 -6.69 -6.19
N PRO A 52 -9.01 -6.47 -7.10
CA PRO A 52 -10.39 -6.88 -6.88
C PRO A 52 -10.58 -8.39 -7.04
N ALA A 53 -11.69 -8.90 -6.53
CA ALA A 53 -11.99 -10.32 -6.62
C ALA A 53 -11.96 -10.82 -8.06
N SER A 54 -12.30 -9.92 -8.99
CA SER A 54 -12.31 -10.26 -10.41
C SER A 54 -10.88 -10.44 -10.94
N SER A 55 -9.90 -9.96 -10.18
CA SER A 55 -8.51 -10.07 -10.58
C SER A 55 -8.02 -11.51 -10.49
N GLU A 56 -7.54 -12.03 -11.61
CA GLU A 56 -7.02 -13.40 -11.65
C GLU A 56 -5.85 -13.55 -10.69
N LYS A 57 -5.30 -12.42 -10.23
CA LYS A 57 -4.18 -12.43 -9.31
C LYS A 57 -4.54 -11.72 -8.01
N MET A 58 -3.56 -11.61 -7.11
CA MET A 58 -3.79 -10.95 -5.81
C MET A 58 -2.65 -9.98 -5.48
N MET A 59 -2.99 -8.72 -5.31
CA MET A 59 -2.00 -7.70 -4.98
C MET A 59 -2.58 -6.58 -4.15
N LEU A 60 -1.79 -6.09 -3.20
CA LEU A 60 -2.21 -4.99 -2.33
C LEU A 60 -1.23 -3.82 -2.46
N ARG A 61 -1.76 -2.59 -2.40
CA ARG A 61 -0.92 -1.41 -2.54
C ARG A 61 -1.40 -0.26 -1.64
N LEU A 62 -0.46 0.60 -1.26
CA LEU A 62 -0.76 1.76 -0.43
C LEU A 62 -0.20 3.01 -1.08
N ILE A 63 -1.09 3.93 -1.48
CA ILE A 63 -0.66 5.18 -2.12
C ILE A 63 -0.09 6.15 -1.11
N GLY A 64 0.74 7.08 -1.61
CA GLY A 64 1.35 8.07 -0.73
C GLY A 64 1.04 9.48 -1.17
N LYS A 65 0.58 10.31 -0.24
CA LYS A 65 0.24 11.70 -0.54
C LYS A 65 1.48 12.49 -0.93
N VAL A 66 1.42 13.12 -2.10
CA VAL A 66 2.55 13.93 -2.60
C VAL A 66 2.32 15.41 -2.33
N ASP A 67 3.40 16.19 -2.38
CA ASP A 67 3.33 17.62 -2.16
C ASP A 67 3.46 18.39 -3.47
N GLU A 68 2.47 18.23 -4.33
CA GLU A 68 2.48 18.90 -5.64
C GLU A 68 2.42 20.42 -5.47
N SER A 69 2.05 20.88 -4.29
CA SER A 69 1.94 22.31 -4.02
C SER A 69 3.17 22.80 -3.24
N LYS A 70 4.30 22.14 -3.45
CA LYS A 70 5.53 22.50 -2.77
C LYS A 70 6.58 23.00 -3.77
N LYS A 71 6.99 22.12 -4.67
CA LYS A 71 7.98 22.47 -5.68
C LYS A 71 9.30 22.85 -5.02
N ARG A 72 10.21 21.89 -4.91
CA ARG A 72 11.51 22.13 -4.28
C ARG A 72 12.60 22.31 -5.34
N LYS A 73 13.30 23.43 -5.26
CA LYS A 73 14.38 23.72 -6.21
C LYS A 73 15.66 22.98 -5.83
N ASP A 74 16.63 23.00 -6.72
CA ASP A 74 17.90 22.34 -6.48
C ASP A 74 19.07 23.32 -6.58
N ASN A 75 20.29 22.80 -6.53
CA ASN A 75 21.48 23.63 -6.61
C ASN A 75 21.62 24.26 -8.00
N GLU A 76 20.97 23.66 -8.99
CA GLU A 76 21.02 24.16 -10.35
C GLU A 76 19.76 24.95 -10.70
N GLY A 77 19.13 25.54 -9.68
CA GLY A 77 17.93 26.31 -9.89
C GLY A 77 16.83 25.51 -10.58
N ASN A 78 16.87 24.18 -10.40
CA ASN A 78 15.88 23.31 -11.01
C ASN A 78 14.72 23.04 -10.04
N GLU A 79 13.54 23.51 -10.41
CA GLU A 79 12.35 23.32 -9.59
C GLU A 79 11.83 21.89 -9.70
N VAL A 80 11.89 21.16 -8.59
CA VAL A 80 11.44 19.78 -8.58
C VAL A 80 10.23 19.60 -7.67
N VAL A 81 9.13 19.14 -8.25
CA VAL A 81 7.92 18.89 -7.49
C VAL A 81 7.76 17.40 -7.21
N PRO A 82 8.18 16.94 -6.02
CA PRO A 82 8.12 15.54 -5.62
C PRO A 82 6.88 14.82 -6.15
N LYS A 83 7.01 13.51 -6.36
CA LYS A 83 5.91 12.71 -6.87
C LYS A 83 5.30 11.86 -5.76
N PRO A 84 4.14 11.24 -6.05
CA PRO A 84 3.40 10.41 -5.09
C PRO A 84 4.00 9.01 -4.98
N GLN A 85 4.52 8.69 -3.80
CA GLN A 85 5.12 7.38 -3.55
C GLN A 85 4.06 6.37 -3.15
N ARG A 86 3.88 5.36 -4.00
CA ARG A 86 2.90 4.30 -3.74
C ARG A 86 3.60 2.99 -3.44
N HIS A 87 3.20 2.34 -2.35
CA HIS A 87 3.80 1.06 -1.97
C HIS A 87 2.97 -0.10 -2.52
N MET A 88 3.53 -0.81 -3.48
CA MET A 88 2.84 -1.95 -4.09
C MET A 88 3.35 -3.27 -3.54
N PHE A 89 2.43 -4.21 -3.36
CA PHE A 89 2.79 -5.53 -2.84
C PHE A 89 1.98 -6.62 -3.53
N SER A 90 2.69 -7.50 -4.24
CA SER A 90 2.04 -8.60 -4.96
C SER A 90 1.88 -9.80 -4.03
N PHE A 91 0.63 -10.15 -3.75
CA PHE A 91 0.33 -11.27 -2.88
C PHE A 91 0.24 -12.58 -3.66
N ASN A 92 0.87 -13.63 -3.12
CA ASN A 92 0.85 -14.94 -3.76
C ASN A 92 -0.19 -15.83 -3.10
N ASN A 93 -1.24 -15.21 -2.57
CA ASN A 93 -2.32 -15.95 -1.91
C ASN A 93 -3.43 -14.99 -1.50
N ARG A 94 -4.60 -15.16 -2.12
CA ARG A 94 -5.75 -14.33 -1.82
C ARG A 94 -6.09 -14.38 -0.33
N THR A 95 -5.58 -15.39 0.36
CA THR A 95 -5.83 -15.54 1.78
C THR A 95 -5.06 -14.48 2.56
N VAL A 96 -3.77 -14.37 2.29
CA VAL A 96 -2.92 -13.39 2.96
C VAL A 96 -3.37 -12.00 2.58
N MET A 97 -3.66 -11.82 1.30
CA MET A 97 -4.12 -10.52 0.80
C MET A 97 -5.48 -10.18 1.39
N ASP A 98 -6.33 -11.21 1.52
CA ASP A 98 -7.66 -11.01 2.09
C ASP A 98 -7.54 -10.53 3.53
N ASN A 99 -6.46 -10.95 4.18
CA ASN A 99 -6.21 -10.55 5.56
C ASN A 99 -5.58 -9.16 5.61
N ILE A 100 -4.37 -9.04 5.09
CA ILE A 100 -3.66 -7.75 5.06
C ILE A 100 -4.58 -6.64 4.58
N LYS A 101 -5.13 -6.84 3.39
CA LYS A 101 -6.03 -5.86 2.79
C LYS A 101 -7.09 -5.41 3.79
N MET A 102 -7.64 -6.37 4.54
CA MET A 102 -8.65 -6.08 5.54
C MET A 102 -8.02 -5.43 6.77
N THR A 103 -6.85 -5.91 7.14
CA THR A 103 -6.15 -5.38 8.29
C THR A 103 -5.84 -3.90 8.10
N LEU A 104 -5.26 -3.57 6.95
CA LEU A 104 -4.91 -2.19 6.64
C LEU A 104 -6.15 -1.31 6.79
N GLN A 105 -7.19 -1.61 6.02
CA GLN A 105 -8.43 -0.85 6.08
C GLN A 105 -9.03 -0.90 7.48
N GLN A 106 -8.85 -2.03 8.17
CA GLN A 106 -9.36 -2.17 9.53
C GLN A 106 -8.80 -1.06 10.40
N ILE A 107 -7.55 -0.71 10.13
CA ILE A 107 -6.86 0.35 10.85
C ILE A 107 -7.17 1.70 10.21
N ILE A 108 -6.97 1.78 8.89
CA ILE A 108 -7.24 2.99 8.13
C ILE A 108 -8.55 3.64 8.57
N SER A 109 -9.61 2.87 8.48
CA SER A 109 -10.94 3.34 8.85
C SER A 109 -10.90 4.04 10.21
N ARG A 110 -9.93 3.66 11.03
CA ARG A 110 -9.77 4.25 12.36
C ARG A 110 -9.20 5.66 12.28
N TYR A 111 -8.49 5.95 11.19
CA TYR A 111 -7.90 7.28 11.00
C TYR A 111 -8.99 8.25 10.59
N LYS A 112 -9.94 7.76 9.81
CA LYS A 112 -11.05 8.58 9.36
C LYS A 112 -12.06 8.64 10.46
N ASP A 113 -12.29 7.48 11.06
CA ASP A 113 -13.20 7.35 12.18
C ASP A 113 -12.70 8.20 13.33
N ALA A 114 -11.38 8.33 13.40
CA ALA A 114 -10.74 9.13 14.44
C ALA A 114 -10.50 10.55 13.94
N ASP A 115 -10.52 10.72 12.62
CA ASP A 115 -10.30 12.04 12.02
C ASP A 115 -11.24 13.07 12.63
N ASP B 22 2.69 -15.62 -10.08
CA ASP B 22 3.06 -14.51 -11.02
C ASP B 22 4.53 -14.13 -10.86
N LEU B 23 5.37 -14.65 -11.73
CA LEU B 23 6.80 -14.36 -11.69
C LEU B 23 7.14 -13.17 -12.59
N GLU B 24 6.35 -13.00 -13.65
CA GLU B 24 6.57 -11.90 -14.58
C GLU B 24 5.47 -11.85 -15.64
N VAL B 25 4.24 -12.13 -15.21
CA VAL B 25 3.09 -12.13 -16.12
C VAL B 25 1.79 -11.97 -15.34
N LEU B 26 1.40 -10.71 -15.10
CA LEU B 26 0.17 -10.43 -14.37
C LEU B 26 -0.57 -9.26 -15.00
N SER B 27 -1.55 -8.72 -14.28
CA SER B 27 -2.34 -7.60 -14.77
C SER B 27 -2.59 -6.59 -13.66
N GLU B 28 -1.59 -5.77 -13.38
CA GLU B 28 -1.69 -4.76 -12.33
C GLU B 28 -2.25 -3.45 -12.85
N GLU B 29 -2.91 -3.52 -14.00
CA GLU B 29 -3.51 -2.34 -14.61
C GLU B 29 -4.98 -2.20 -14.21
N LEU B 30 -5.42 -3.04 -13.27
CA LEU B 30 -6.80 -3.00 -12.80
C LEU B 30 -6.86 -2.72 -11.30
N PHE B 31 -5.77 -2.18 -10.75
CA PHE B 31 -5.71 -1.88 -9.32
C PHE B 31 -6.85 -0.96 -8.90
N GLU B 32 -7.63 -1.40 -7.92
CA GLU B 32 -8.75 -0.62 -7.43
C GLU B 32 -8.48 -0.14 -6.00
N ASP B 33 -9.35 0.74 -5.51
CA ASP B 33 -9.20 1.28 -4.16
C ASP B 33 -10.24 0.67 -3.22
N VAL B 34 -9.78 -0.18 -2.31
CA VAL B 34 -10.67 -0.82 -1.34
C VAL B 34 -11.42 0.22 -0.52
N PRO B 35 -12.61 -0.14 0.00
CA PRO B 35 -13.43 0.77 0.81
C PRO B 35 -12.79 1.06 2.17
N THR B 36 -12.86 2.33 2.58
CA THR B 36 -12.29 2.75 3.86
C THR B 36 -13.31 3.55 4.65
N LYS B 37 -13.71 3.02 5.81
CA LYS B 37 -14.67 3.70 6.67
C LYS B 37 -14.95 2.88 7.92
N SER B 38 -15.58 3.50 8.91
CA SER B 38 -15.89 2.83 10.17
C SER B 38 -17.32 3.14 10.60
N GLN B 39 -18.27 2.34 10.15
CA GLN B 39 -19.67 2.53 10.49
C GLN B 39 -20.31 1.21 10.89
N ILE B 40 -20.09 0.79 12.13
CA ILE B 40 -20.65 -0.45 12.64
C ILE B 40 -22.15 -0.31 12.94
N SER B 41 -22.59 0.93 13.12
CA SER B 41 -23.99 1.20 13.42
C SER B 41 -24.50 2.39 12.61
#